data_5F98
#
_entry.id   5F98
#
_cell.length_a   111.180
_cell.length_b   174.570
_cell.length_c   309.260
_cell.angle_alpha   90.00
_cell.angle_beta   90.00
_cell.angle_gamma   90.00
#
_symmetry.space_group_name_H-M   'P 21 21 21'
#
loop_
_entity.id
_entity.type
_entity.pdbx_description
1 polymer 'Probable ATP-dependent RNA helicase DDX58'
2 polymer "RNA (5'-R(P*GP*AP*AP*UP*AP*UP*AP*AP*UP*AP*GP*UP*GP*AP*UP*AP*UP*UP*AP*UP*AP*UP*UP*C)-3')"
3 non-polymer 'ZINC ION'
4 non-polymer 'MAGNESIUM ION'
5 non-polymer "7N-METHYL-8-HYDROGUANOSINE-5'-DIPHOSPHATE"
#
loop_
_entity_poly.entity_id
_entity_poly.type
_entity_poly.pdbx_seq_one_letter_code
_entity_poly.pdbx_strand_id
1 'polypeptide(L)'
;SVSDTNLYSPFKPRNYQLELALPAMKGKNTIICAPTGCGKTFVSLLICEHHLKKFPQGQKGKVVFFANQIPVYEQQKSVF
SKYFERHGYRVTGISGATAENVPVEQIVENNDIIILTPQILVNNLKKGTIPSLSIFTLMIFDECHNTSKQHPYNMIMFNY
LDQKLGGSSGPLPQVIGLTASVGVGDAKNTDEALDYICKLCASLDASVIATVKHNLEELEQVVYKPQKFFRKVESRISDK
FKYIIAQLMRDTESLAKRICKDLENLSQIQNREFGTQKYEQWIVTVQKACMVFQMPDKDEESRICKALFLYTSHLRKYND
ALIISEHARMKDALDYLKDFFSNVRAAGFDEIEQDLTQRFEEKLQELESVSRDPSNENPKLEDLCFILQEEYHLNPETIT
ILFVKTRALVDALKNWIEGNPKLSFLKPGILTGRGKTNQNTGMTLPAQKCILDAFKASGDHNILIATSVADEGIDIAQCN
LVILYEYVGNVIKMIQTRGRGRARGSKCFLLTSNAGVIEKEQINMYKEKMMNDSILRLQTWDEAVFREKILHIQTHEKFI
RDSQEKPKPVPDKENKKLLCRKCKALACYTADVRVIEECHYTVLGDAFKECFVSRPHPKPKQFSSFEKRAKIFCARQNCS
HDWGIHVKYKTFEIPVIKIESFVVEDIATGVQTLYSKWKDFHFEKIPFDPAEMSK
;
A,C,E,G,I,K
2 'polyribonucleotide' GAAUAUAAUAGUGAUAUUAUAUUC B,D,F,H,J,L
#
# COMPACT_ATOMS: atom_id res chain seq x y z
N PRO A 10 -13.10 11.23 -9.14
CA PRO A 10 -12.75 9.99 -9.83
C PRO A 10 -11.24 9.80 -9.89
N PHE A 11 -10.51 10.91 -10.02
CA PHE A 11 -9.10 10.88 -10.40
C PHE A 11 -8.09 11.78 -9.66
N LYS A 12 -6.81 11.44 -9.85
CA LYS A 12 -5.68 12.18 -9.29
C LYS A 12 -5.76 12.37 -7.78
N PRO A 13 -5.64 11.26 -7.02
CA PRO A 13 -5.56 11.42 -5.56
C PRO A 13 -4.16 11.84 -5.14
N ARG A 14 -4.06 12.74 -4.17
CA ARG A 14 -2.76 13.13 -3.64
C ARG A 14 -2.12 11.94 -2.93
N ASN A 15 -0.80 11.86 -2.99
CA ASN A 15 -0.08 10.75 -2.37
C ASN A 15 -0.20 10.76 -0.84
N TYR A 16 -0.35 11.95 -0.27
CA TYR A 16 -0.52 12.06 1.18
C TYR A 16 -1.92 11.61 1.59
N GLN A 17 -2.87 11.71 0.66
CA GLN A 17 -4.21 11.22 0.90
C GLN A 17 -4.19 9.69 0.99
N LEU A 18 -3.48 9.07 0.07
CA LEU A 18 -3.29 7.63 0.10
C LEU A 18 -2.55 7.22 1.38
N GLU A 19 -1.55 8.02 1.74
CA GLU A 19 -0.78 7.79 2.95
C GLU A 19 -1.65 7.85 4.20
N LEU A 20 -2.63 8.75 4.20
CA LEU A 20 -3.53 8.91 5.34
C LEU A 20 -4.59 7.83 5.39
N ALA A 21 -5.05 7.40 4.22
CA ALA A 21 -6.09 6.39 4.14
C ALA A 21 -5.52 4.99 4.31
N LEU A 22 -4.19 4.89 4.24
CA LEU A 22 -3.51 3.59 4.29
C LEU A 22 -3.78 2.77 5.55
N PRO A 23 -3.67 3.37 6.76
CA PRO A 23 -3.92 2.53 7.94
C PRO A 23 -5.39 2.10 8.05
N ALA A 24 -6.29 2.94 7.55
CA ALA A 24 -7.72 2.67 7.64
C ALA A 24 -8.16 1.64 6.58
N MET A 25 -7.33 1.46 5.55
CA MET A 25 -7.62 0.48 4.52
C MET A 25 -7.07 -0.90 4.90
N LYS A 26 -6.70 -1.04 6.16
CA LYS A 26 -6.23 -2.33 6.68
C LYS A 26 -7.09 -2.78 7.84
N GLY A 27 -8.23 -2.14 8.02
CA GLY A 27 -9.18 -2.53 9.05
C GLY A 27 -8.84 -1.98 10.42
N LYS A 28 -7.70 -1.31 10.52
CA LYS A 28 -7.26 -0.76 11.79
C LYS A 28 -8.08 0.47 12.16
N ASN A 29 -8.62 0.47 13.38
CA ASN A 29 -9.32 1.64 13.89
C ASN A 29 -8.36 2.81 14.01
N THR A 30 -8.64 3.87 13.26
CA THR A 30 -7.63 4.92 13.03
C THR A 30 -8.16 6.33 13.24
N ILE A 31 -7.38 7.16 13.93
CA ILE A 31 -7.65 8.59 14.00
C ILE A 31 -6.75 9.30 12.99
N ILE A 32 -7.34 10.08 12.09
CA ILE A 32 -6.59 10.78 11.06
C ILE A 32 -6.41 12.26 11.42
N CYS A 33 -5.16 12.69 11.51
CA CYS A 33 -4.86 14.07 11.88
C CYS A 33 -4.12 14.79 10.77
N ALA A 34 -4.82 15.71 10.10
CA ALA A 34 -4.25 16.46 8.98
C ALA A 34 -4.82 17.87 8.93
N PRO A 35 -4.00 18.85 8.49
CA PRO A 35 -4.42 20.25 8.42
C PRO A 35 -5.72 20.46 7.65
N THR A 36 -6.46 21.49 8.04
CA THR A 36 -7.76 21.78 7.44
C THR A 36 -7.64 22.20 5.98
N GLY A 37 -8.32 21.48 5.10
CA GLY A 37 -8.34 21.82 3.69
C GLY A 37 -7.52 20.89 2.81
N CYS A 38 -6.89 19.90 3.42
CA CYS A 38 -6.06 18.95 2.68
C CYS A 38 -6.91 18.02 1.82
N GLY A 39 -8.20 17.94 2.14
CA GLY A 39 -9.12 17.11 1.38
C GLY A 39 -9.47 15.82 2.11
N LYS A 40 -10.12 15.96 3.26
CA LYS A 40 -10.51 14.81 4.07
C LYS A 40 -11.67 14.05 3.45
N THR A 41 -12.42 14.73 2.60
CA THR A 41 -13.59 14.14 1.95
C THR A 41 -13.18 13.00 1.02
N PHE A 42 -12.13 13.22 0.24
CA PHE A 42 -11.67 12.20 -0.69
C PHE A 42 -11.01 11.04 0.06
N VAL A 43 -10.43 11.35 1.20
CA VAL A 43 -9.88 10.32 2.09
C VAL A 43 -11.02 9.42 2.57
N SER A 44 -12.10 10.04 3.03
CA SER A 44 -13.29 9.33 3.46
C SER A 44 -13.85 8.48 2.34
N LEU A 45 -13.89 9.04 1.13
CA LEU A 45 -14.39 8.33 -0.04
C LEU A 45 -13.55 7.11 -0.37
N LEU A 46 -12.23 7.25 -0.26
CA LEU A 46 -11.32 6.15 -0.54
C LEU A 46 -11.44 5.03 0.49
N ILE A 47 -11.38 5.41 1.77
CA ILE A 47 -11.51 4.45 2.85
C ILE A 47 -12.84 3.69 2.75
N CYS A 48 -13.92 4.44 2.57
CA CYS A 48 -15.25 3.86 2.47
C CYS A 48 -15.37 2.93 1.26
N GLU A 49 -14.92 3.41 0.11
CA GLU A 49 -14.95 2.62 -1.12
C GLU A 49 -14.23 1.30 -0.92
N HIS A 50 -12.95 1.38 -0.56
CA HIS A 50 -12.14 0.19 -0.34
C HIS A 50 -12.77 -0.74 0.70
N HIS A 51 -13.41 -0.15 1.71
CA HIS A 51 -14.09 -0.94 2.73
C HIS A 51 -15.28 -1.69 2.13
N LEU A 52 -15.91 -1.10 1.13
CA LEU A 52 -17.07 -1.71 0.49
C LEU A 52 -16.67 -2.80 -0.50
N LYS A 53 -15.62 -2.56 -1.29
CA LYS A 53 -15.18 -3.54 -2.28
C LYS A 53 -14.39 -4.70 -1.67
N LYS A 54 -14.18 -4.65 -0.36
CA LYS A 54 -13.38 -5.68 0.31
C LYS A 54 -14.21 -6.90 0.64
N PHE A 55 -15.53 -6.70 0.78
CA PHE A 55 -16.43 -7.80 1.13
C PHE A 55 -16.71 -8.69 -0.07
N PRO A 56 -16.76 -10.01 0.16
CA PRO A 56 -17.06 -10.99 -0.89
C PRO A 56 -18.50 -10.88 -1.39
N GLN A 57 -18.91 -11.84 -2.21
CA GLN A 57 -20.24 -11.80 -2.82
C GLN A 57 -21.36 -12.09 -1.82
N GLY A 58 -21.15 -13.11 -0.98
CA GLY A 58 -22.16 -13.53 -0.02
C GLY A 58 -22.33 -12.59 1.15
N GLN A 59 -21.43 -11.61 1.26
CA GLN A 59 -21.48 -10.65 2.34
C GLN A 59 -21.57 -9.23 1.82
N LYS A 60 -22.03 -8.32 2.67
CA LYS A 60 -22.08 -6.91 2.30
C LYS A 60 -21.70 -6.03 3.49
N GLY A 61 -21.22 -4.83 3.21
CA GLY A 61 -20.83 -3.89 4.24
C GLY A 61 -21.87 -2.80 4.47
N LYS A 62 -21.71 -2.06 5.55
CA LYS A 62 -22.63 -0.98 5.87
C LYS A 62 -21.91 0.15 6.60
N VAL A 63 -21.54 1.18 5.85
CA VAL A 63 -20.78 2.31 6.39
C VAL A 63 -21.71 3.41 6.91
N VAL A 64 -21.36 3.98 8.04
CA VAL A 64 -22.11 5.11 8.60
C VAL A 64 -21.22 6.32 8.85
N PHE A 65 -21.63 7.47 8.33
CA PHE A 65 -20.86 8.71 8.47
C PHE A 65 -21.52 9.62 9.49
N PHE A 66 -20.71 10.18 10.38
CA PHE A 66 -21.21 11.05 11.44
C PHE A 66 -20.84 12.50 11.21
N ALA A 67 -21.84 13.30 10.86
CA ALA A 67 -21.67 14.74 10.70
C ALA A 67 -22.26 15.48 11.89
N ASN A 68 -21.56 16.49 12.37
CA ASN A 68 -21.99 17.23 13.55
C ASN A 68 -22.96 18.34 13.20
N GLN A 69 -22.88 18.82 11.96
CA GLN A 69 -23.68 19.95 11.51
C GLN A 69 -24.51 19.60 10.27
N ILE A 70 -25.62 20.30 10.08
CA ILE A 70 -26.50 20.06 8.93
C ILE A 70 -25.84 20.36 7.57
N PRO A 71 -25.11 21.49 7.42
CA PRO A 71 -24.47 21.70 6.11
C PRO A 71 -23.49 20.59 5.74
N VAL A 72 -22.72 20.13 6.72
CA VAL A 72 -21.80 19.03 6.51
C VAL A 72 -22.56 17.76 6.17
N TYR A 73 -23.68 17.55 6.85
CA TYR A 73 -24.56 16.42 6.59
C TYR A 73 -25.01 16.39 5.13
N GLU A 74 -25.60 17.49 4.67
CA GLU A 74 -26.12 17.59 3.31
C GLU A 74 -25.01 17.44 2.29
N GLN A 75 -23.87 18.09 2.55
CA GLN A 75 -22.74 18.03 1.64
C GLN A 75 -22.24 16.60 1.49
N GLN A 76 -21.98 15.95 2.61
CA GLN A 76 -21.46 14.59 2.60
C GLN A 76 -22.44 13.61 1.96
N LYS A 77 -23.72 13.75 2.31
CA LYS A 77 -24.75 12.90 1.72
C LYS A 77 -24.77 13.07 0.21
N SER A 78 -24.64 14.32 -0.24
CA SER A 78 -24.61 14.64 -1.66
C SER A 78 -23.43 13.98 -2.37
N VAL A 79 -22.24 14.16 -1.81
CA VAL A 79 -21.02 13.62 -2.41
C VAL A 79 -21.05 12.09 -2.47
N PHE A 80 -21.37 11.47 -1.32
CA PHE A 80 -21.42 10.02 -1.23
C PHE A 80 -22.48 9.43 -2.16
N SER A 81 -23.63 10.10 -2.26
CA SER A 81 -24.68 9.66 -3.16
C SER A 81 -24.22 9.74 -4.61
N LYS A 82 -23.63 10.87 -4.98
CA LYS A 82 -23.18 11.08 -6.35
C LYS A 82 -22.06 10.12 -6.75
N TYR A 83 -21.24 9.73 -5.77
CA TYR A 83 -20.07 8.91 -6.04
C TYR A 83 -20.36 7.40 -6.03
N PHE A 84 -21.20 6.96 -5.10
CA PHE A 84 -21.42 5.53 -4.91
C PHE A 84 -22.72 5.01 -5.55
N GLU A 85 -23.48 5.90 -6.17
CA GLU A 85 -24.68 5.47 -6.88
C GLU A 85 -24.32 4.66 -8.10
N ARG A 86 -23.27 5.10 -8.80
CA ARG A 86 -22.82 4.46 -10.02
C ARG A 86 -22.34 3.03 -9.76
N HIS A 87 -21.72 2.83 -8.61
CA HIS A 87 -21.11 1.54 -8.27
C HIS A 87 -22.17 0.54 -7.83
N GLY A 88 -23.25 1.03 -7.23
CA GLY A 88 -24.34 0.17 -6.81
C GLY A 88 -24.55 0.12 -5.32
N TYR A 89 -24.30 1.24 -4.65
CA TYR A 89 -24.50 1.33 -3.22
C TYR A 89 -25.57 2.36 -2.87
N ARG A 90 -26.60 1.92 -2.15
CA ARG A 90 -27.67 2.82 -1.74
C ARG A 90 -27.22 3.74 -0.62
N VAL A 91 -27.15 5.04 -0.92
CA VAL A 91 -26.73 6.03 0.06
C VAL A 91 -27.92 6.84 0.56
N THR A 92 -28.06 6.93 1.87
CA THR A 92 -29.16 7.70 2.47
C THR A 92 -28.68 8.49 3.67
N GLY A 93 -29.58 9.24 4.27
CA GLY A 93 -29.26 10.04 5.44
C GLY A 93 -30.46 10.29 6.34
N ILE A 94 -30.19 10.47 7.62
CA ILE A 94 -31.25 10.79 8.57
C ILE A 94 -30.85 11.94 9.50
N SER A 95 -31.55 13.06 9.40
CA SER A 95 -31.32 14.18 10.30
C SER A 95 -32.52 14.37 11.22
N GLY A 96 -32.49 15.43 12.01
CA GLY A 96 -33.56 15.70 12.97
C GLY A 96 -34.87 16.08 12.30
N ALA A 97 -34.79 16.49 11.04
CA ALA A 97 -35.97 16.90 10.29
C ALA A 97 -36.70 15.69 9.70
N THR A 98 -35.96 14.61 9.47
CA THR A 98 -36.53 13.40 8.89
C THR A 98 -36.33 12.19 9.79
N ALA A 99 -36.55 12.37 11.09
CA ALA A 99 -36.29 11.32 12.06
C ALA A 99 -37.56 10.78 12.69
N GLU A 100 -38.63 11.55 12.61
CA GLU A 100 -39.88 11.17 13.26
C GLU A 100 -40.77 10.33 12.35
N ASN A 101 -41.43 9.34 12.94
CA ASN A 101 -42.36 8.46 12.24
C ASN A 101 -41.73 7.73 11.05
N VAL A 102 -40.49 7.29 11.22
CA VAL A 102 -39.80 6.54 10.18
C VAL A 102 -39.12 5.30 10.78
N PRO A 103 -39.22 4.16 10.07
CA PRO A 103 -38.58 2.91 10.50
C PRO A 103 -37.06 2.95 10.33
N VAL A 104 -36.36 3.40 11.37
CA VAL A 104 -34.92 3.57 11.31
C VAL A 104 -34.18 2.26 11.07
N GLU A 105 -34.72 1.15 11.58
CA GLU A 105 -34.12 -0.15 11.34
C GLU A 105 -34.16 -0.46 9.85
N GLN A 106 -35.27 -0.08 9.23
CA GLN A 106 -35.53 -0.40 7.84
C GLN A 106 -34.69 0.49 6.94
N ILE A 107 -34.59 1.77 7.32
CA ILE A 107 -33.77 2.72 6.57
C ILE A 107 -32.30 2.35 6.67
N VAL A 108 -31.86 1.94 7.86
CA VAL A 108 -30.48 1.54 8.06
C VAL A 108 -30.12 0.28 7.26
N GLU A 109 -30.96 -0.76 7.34
CA GLU A 109 -30.64 -2.02 6.65
C GLU A 109 -30.64 -1.78 5.15
N ASN A 110 -31.78 -1.35 4.61
CA ASN A 110 -31.97 -1.24 3.17
C ASN A 110 -30.99 -0.32 2.45
N ASN A 111 -30.07 0.30 3.18
CA ASN A 111 -29.05 1.14 2.57
C ASN A 111 -27.63 0.68 2.94
N ASP A 112 -26.68 0.97 2.06
CA ASP A 112 -25.30 0.55 2.28
C ASP A 112 -24.51 1.63 3.00
N ILE A 113 -24.79 2.89 2.70
CA ILE A 113 -24.13 4.00 3.36
C ILE A 113 -25.15 4.94 3.99
N ILE A 114 -24.98 5.24 5.27
CA ILE A 114 -25.94 6.05 6.00
C ILE A 114 -25.28 7.24 6.68
N ILE A 115 -25.71 8.45 6.34
CA ILE A 115 -25.17 9.66 6.96
C ILE A 115 -26.10 10.15 8.05
N LEU A 116 -25.57 10.29 9.26
CA LEU A 116 -26.37 10.64 10.42
C LEU A 116 -25.78 11.81 11.21
N THR A 117 -26.66 12.51 11.92
CA THR A 117 -26.21 13.35 13.02
C THR A 117 -26.22 12.44 14.25
N PRO A 118 -25.16 12.52 15.07
CA PRO A 118 -24.93 11.54 16.14
C PRO A 118 -26.09 11.43 17.13
N GLN A 119 -26.78 12.54 17.39
CA GLN A 119 -27.89 12.55 18.34
C GLN A 119 -29.00 11.60 17.88
N ILE A 120 -29.15 11.45 16.58
CA ILE A 120 -30.11 10.51 16.02
C ILE A 120 -29.79 9.09 16.45
N LEU A 121 -28.54 8.69 16.28
CA LEU A 121 -28.11 7.35 16.65
C LEU A 121 -28.21 7.14 18.16
N VAL A 122 -27.86 8.17 18.93
CA VAL A 122 -27.97 8.10 20.38
C VAL A 122 -29.41 7.82 20.81
N ASN A 123 -30.33 8.65 20.29
CA ASN A 123 -31.75 8.51 20.60
C ASN A 123 -32.31 7.15 20.18
N ASN A 124 -32.00 6.74 18.96
CA ASN A 124 -32.53 5.48 18.44
C ASN A 124 -31.91 4.25 19.10
N LEU A 125 -30.72 4.41 19.66
CA LEU A 125 -30.09 3.34 20.44
C LEU A 125 -30.76 3.25 21.81
N LYS A 126 -30.99 4.40 22.42
CA LYS A 126 -31.64 4.45 23.72
C LYS A 126 -33.07 3.90 23.65
N LYS A 127 -33.77 4.22 22.57
CA LYS A 127 -35.15 3.77 22.38
C LYS A 127 -35.22 2.28 22.16
N GLY A 128 -34.13 1.70 21.63
CA GLY A 128 -34.07 0.27 21.38
C GLY A 128 -34.45 -0.09 19.97
N THR A 129 -34.74 0.92 19.15
CA THR A 129 -35.07 0.71 17.75
C THR A 129 -33.88 0.10 17.01
N ILE A 130 -32.69 0.54 17.40
CA ILE A 130 -31.46 -0.07 16.92
C ILE A 130 -30.84 -0.90 18.04
N PRO A 131 -30.92 -2.23 17.92
CA PRO A 131 -30.45 -3.16 18.95
C PRO A 131 -28.97 -2.95 19.30
N SER A 132 -28.09 -3.11 18.31
CA SER A 132 -26.66 -2.96 18.54
C SER A 132 -25.97 -2.31 17.35
N LEU A 133 -24.73 -1.90 17.54
CA LEU A 133 -23.94 -1.29 16.49
C LEU A 133 -23.33 -2.35 15.58
N SER A 134 -23.67 -3.61 15.85
CA SER A 134 -23.14 -4.73 15.10
C SER A 134 -23.62 -4.71 13.64
N ILE A 135 -24.71 -4.00 13.38
CA ILE A 135 -25.25 -3.89 12.04
C ILE A 135 -24.28 -3.13 11.12
N PHE A 136 -23.49 -2.25 11.72
CA PHE A 136 -22.49 -1.49 10.96
C PHE A 136 -21.20 -2.28 10.79
N THR A 137 -20.46 -1.95 9.73
CA THR A 137 -19.16 -2.57 9.52
C THR A 137 -18.06 -1.52 9.54
N LEU A 138 -18.45 -0.26 9.38
CA LEU A 138 -17.51 0.86 9.44
C LEU A 138 -18.20 2.13 9.90
N MET A 139 -17.64 2.75 10.93
CA MET A 139 -18.14 4.03 11.43
C MET A 139 -17.08 5.12 11.23
N ILE A 140 -17.49 6.23 10.61
CA ILE A 140 -16.59 7.36 10.44
C ILE A 140 -17.12 8.55 11.22
N PHE A 141 -16.24 9.21 11.96
CA PHE A 141 -16.61 10.38 12.74
C PHE A 141 -15.97 11.64 12.16
N ASP A 142 -16.78 12.63 11.82
CA ASP A 142 -16.23 13.91 11.41
C ASP A 142 -16.00 14.78 12.65
N GLU A 143 -14.85 15.43 12.69
CA GLU A 143 -14.43 16.23 13.86
C GLU A 143 -14.44 15.35 15.11
N CYS A 144 -13.62 14.30 15.11
CA CYS A 144 -13.65 13.28 16.14
C CYS A 144 -13.06 13.75 17.48
N HIS A 145 -12.57 14.98 17.52
CA HIS A 145 -12.04 15.54 18.76
C HIS A 145 -13.18 15.92 19.72
N ASN A 146 -14.40 15.87 19.22
CA ASN A 146 -15.58 16.12 20.04
C ASN A 146 -15.93 14.90 20.90
N THR A 147 -15.28 13.79 20.62
CA THR A 147 -15.49 12.56 21.39
C THR A 147 -14.94 12.73 22.80
N SER A 148 -15.65 13.48 23.63
CA SER A 148 -15.25 13.72 25.00
C SER A 148 -16.45 14.09 25.84
N LYS A 149 -16.29 14.04 27.16
CA LYS A 149 -17.37 14.31 28.10
C LYS A 149 -18.61 13.50 27.76
N GLN A 150 -19.71 14.17 27.45
CA GLN A 150 -20.92 13.48 27.05
C GLN A 150 -21.53 14.10 25.80
N HIS A 151 -20.66 14.49 24.88
CA HIS A 151 -21.05 14.81 23.51
C HIS A 151 -21.52 13.53 22.85
N PRO A 152 -22.57 13.60 22.02
CA PRO A 152 -23.20 12.45 21.35
C PRO A 152 -22.22 11.39 20.82
N TYR A 153 -21.12 11.84 20.22
CA TYR A 153 -20.05 10.94 19.79
C TYR A 153 -19.60 10.04 20.93
N ASN A 154 -19.32 10.66 22.08
CA ASN A 154 -18.82 9.95 23.23
C ASN A 154 -19.85 8.97 23.79
N MET A 155 -21.13 9.28 23.61
CA MET A 155 -22.21 8.39 24.04
C MET A 155 -22.27 7.15 23.13
N ILE A 156 -22.19 7.40 21.83
CA ILE A 156 -22.12 6.32 20.85
C ILE A 156 -20.96 5.39 21.17
N MET A 157 -19.80 5.98 21.43
CA MET A 157 -18.62 5.20 21.78
C MET A 157 -18.76 4.55 23.14
N PHE A 158 -19.61 5.10 24.00
CA PHE A 158 -19.91 4.48 25.28
C PHE A 158 -20.65 3.17 25.03
N ASN A 159 -21.62 3.20 24.12
CA ASN A 159 -22.33 1.98 23.74
C ASN A 159 -21.38 0.97 23.10
N TYR A 160 -20.54 1.47 22.19
CA TYR A 160 -19.53 0.65 21.52
C TYR A 160 -18.65 -0.10 22.51
N LEU A 161 -18.08 0.64 23.47
CA LEU A 161 -17.21 0.04 24.47
C LEU A 161 -17.97 -0.90 25.40
N ASP A 162 -19.15 -0.48 25.84
CA ASP A 162 -19.97 -1.29 26.74
C ASP A 162 -20.36 -2.62 26.10
N GLN A 163 -20.43 -2.64 24.78
CA GLN A 163 -20.65 -3.91 24.08
C GLN A 163 -19.34 -4.67 23.92
N LYS A 164 -18.25 -3.92 23.75
CA LYS A 164 -16.93 -4.52 23.55
C LYS A 164 -16.43 -5.24 24.80
N LEU A 165 -16.31 -4.50 25.90
CA LEU A 165 -15.66 -4.99 27.10
C LEU A 165 -16.53 -5.98 27.88
N GLY A 166 -17.84 -5.96 27.61
CA GLY A 166 -18.76 -6.85 28.29
C GLY A 166 -18.72 -8.26 27.75
N GLY A 167 -19.65 -9.09 28.17
CA GLY A 167 -19.74 -10.46 27.70
C GLY A 167 -20.24 -10.54 26.27
N SER A 168 -20.78 -9.43 25.77
CA SER A 168 -21.26 -9.35 24.40
C SER A 168 -20.12 -9.57 23.41
N SER A 169 -20.29 -10.55 22.53
CA SER A 169 -19.26 -10.88 21.54
C SER A 169 -19.72 -10.50 20.15
N GLY A 170 -20.64 -9.54 20.06
CA GLY A 170 -21.13 -9.06 18.78
C GLY A 170 -20.04 -8.39 17.97
N PRO A 171 -19.97 -8.68 16.67
CA PRO A 171 -18.95 -8.12 15.79
C PRO A 171 -19.03 -6.60 15.68
N LEU A 172 -18.10 -5.90 16.30
CA LEU A 172 -18.09 -4.44 16.29
C LEU A 172 -17.44 -3.90 15.02
N PRO A 173 -17.95 -2.76 14.52
CA PRO A 173 -17.45 -2.14 13.29
C PRO A 173 -16.13 -1.40 13.49
N GLN A 174 -15.35 -1.28 12.42
CA GLN A 174 -14.12 -0.48 12.43
C GLN A 174 -14.45 0.97 12.73
N VAL A 175 -13.57 1.66 13.45
CA VAL A 175 -13.83 3.06 13.80
C VAL A 175 -12.74 4.00 13.28
N ILE A 176 -13.16 4.96 12.47
CA ILE A 176 -12.25 5.97 11.93
C ILE A 176 -12.68 7.35 12.39
N GLY A 177 -11.71 8.18 12.75
CA GLY A 177 -11.97 9.56 13.16
C GLY A 177 -11.26 10.53 12.24
N LEU A 178 -11.84 11.70 12.06
CA LEU A 178 -11.25 12.71 11.19
C LEU A 178 -11.09 14.04 11.91
N THR A 179 -9.85 14.52 12.00
CA THR A 179 -9.59 15.78 12.69
C THR A 179 -8.33 16.48 12.22
N ALA A 180 -8.20 17.75 12.59
CA ALA A 180 -7.00 18.52 12.29
C ALA A 180 -6.20 18.74 13.57
N SER A 181 -6.81 18.40 14.70
CA SER A 181 -6.19 18.57 16.00
C SER A 181 -6.94 17.77 17.07
N VAL A 182 -6.25 16.79 17.65
CA VAL A 182 -6.86 15.96 18.68
C VAL A 182 -6.98 16.72 20.01
N GLY A 183 -6.20 17.78 20.14
CA GLY A 183 -6.21 18.59 21.34
C GLY A 183 -5.31 18.03 22.43
N VAL A 184 -5.12 18.81 23.49
CA VAL A 184 -4.27 18.39 24.61
C VAL A 184 -5.00 18.57 25.94
N GLY A 185 -6.09 19.32 25.91
CA GLY A 185 -6.84 19.59 27.12
C GLY A 185 -6.12 20.58 28.02
N ASP A 186 -6.14 20.30 29.33
CA ASP A 186 -5.50 21.16 30.30
C ASP A 186 -4.08 20.67 30.60
N ALA A 187 -3.40 20.21 29.57
CA ALA A 187 -2.04 19.71 29.69
C ALA A 187 -1.04 20.86 29.83
N LYS A 188 0.01 20.62 30.60
CA LYS A 188 1.04 21.64 30.82
C LYS A 188 2.41 21.18 30.35
N ASN A 189 2.50 19.91 29.95
CA ASN A 189 3.76 19.35 29.46
C ASN A 189 3.52 18.19 28.50
N THR A 190 4.62 17.60 28.02
CA THR A 190 4.56 16.58 26.98
C THR A 190 3.75 15.34 27.37
N ASP A 191 4.19 14.64 28.42
CA ASP A 191 3.57 13.38 28.79
C ASP A 191 2.18 13.55 29.42
N GLU A 192 1.75 14.80 29.58
CA GLU A 192 0.36 15.07 29.93
C GLU A 192 -0.49 15.10 28.66
N ALA A 193 0.02 15.79 27.65
CA ALA A 193 -0.62 15.85 26.35
C ALA A 193 -0.74 14.46 25.75
N LEU A 194 0.33 13.67 25.90
CA LEU A 194 0.36 12.31 25.39
C LEU A 194 -0.71 11.45 26.05
N ASP A 195 -0.87 11.63 27.36
CA ASP A 195 -1.86 10.87 28.11
C ASP A 195 -3.28 11.29 27.73
N TYR A 196 -3.45 12.58 27.45
CA TYR A 196 -4.73 13.08 26.97
C TYR A 196 -5.08 12.45 25.63
N ILE A 197 -4.12 12.49 24.71
CA ILE A 197 -4.30 11.92 23.38
C ILE A 197 -4.62 10.44 23.46
N CYS A 198 -3.92 9.73 24.36
CA CYS A 198 -4.19 8.31 24.56
C CYS A 198 -5.58 8.08 25.12
N LYS A 199 -6.05 9.00 25.97
CA LYS A 199 -7.39 8.92 26.52
C LYS A 199 -8.43 9.09 25.41
N LEU A 200 -8.15 10.01 24.48
CA LEU A 200 -9.04 10.24 23.35
C LEU A 200 -9.07 9.05 22.40
N CYS A 201 -7.90 8.48 22.13
CA CYS A 201 -7.81 7.29 21.29
C CYS A 201 -8.56 6.13 21.93
N ALA A 202 -8.49 6.05 23.25
CA ALA A 202 -9.21 5.02 23.99
C ALA A 202 -10.71 5.28 23.92
N SER A 203 -11.09 6.55 23.86
CA SER A 203 -12.50 6.92 23.73
C SER A 203 -13.04 6.55 22.36
N LEU A 204 -12.15 6.40 21.40
CA LEU A 204 -12.54 6.07 20.03
C LEU A 204 -12.10 4.68 19.61
N ASP A 205 -11.55 3.93 20.56
CA ASP A 205 -11.05 2.58 20.32
C ASP A 205 -10.02 2.56 19.18
N ALA A 206 -9.22 3.62 19.10
CA ALA A 206 -8.24 3.75 18.05
C ALA A 206 -6.89 3.16 18.48
N SER A 207 -6.15 2.63 17.51
CA SER A 207 -4.84 2.05 17.79
C SER A 207 -3.78 2.65 16.87
N VAL A 208 -4.23 3.47 15.91
CA VAL A 208 -3.34 4.09 14.95
C VAL A 208 -3.67 5.57 14.77
N ILE A 209 -2.66 6.42 14.86
CA ILE A 209 -2.82 7.84 14.56
C ILE A 209 -2.11 8.18 13.25
N ALA A 210 -2.89 8.33 12.19
CA ALA A 210 -2.34 8.59 10.86
C ALA A 210 -2.07 10.06 10.63
N THR A 211 -0.82 10.38 10.31
CA THR A 211 -0.41 11.73 9.94
C THR A 211 0.53 11.66 8.74
N VAL A 212 0.79 12.81 8.14
CA VAL A 212 1.69 12.86 6.99
C VAL A 212 3.15 12.89 7.45
N LYS A 213 3.96 12.00 6.88
CA LYS A 213 5.37 11.94 7.23
C LYS A 213 6.27 11.84 6.00
N HIS A 214 5.85 11.04 5.03
CA HIS A 214 6.66 10.80 3.84
C HIS A 214 6.36 11.81 2.74
N ASN A 215 5.10 12.20 2.64
CA ASN A 215 4.67 13.14 1.60
C ASN A 215 4.43 14.54 2.14
N LEU A 216 5.32 14.99 3.02
CA LEU A 216 5.22 16.33 3.59
C LEU A 216 5.41 17.41 2.53
N GLU A 217 6.36 17.17 1.63
CA GLU A 217 6.68 18.14 0.59
C GLU A 217 5.52 18.37 -0.37
N GLU A 218 4.66 17.37 -0.52
CA GLU A 218 3.48 17.51 -1.36
C GLU A 218 2.40 18.32 -0.63
N LEU A 219 2.19 18.00 0.63
CA LEU A 219 1.16 18.63 1.45
C LEU A 219 1.46 20.11 1.69
N GLU A 220 2.72 20.43 1.92
CA GLU A 220 3.12 21.80 2.27
C GLU A 220 3.07 22.74 1.06
N GLN A 221 2.71 22.19 -0.10
CA GLN A 221 2.56 22.99 -1.30
C GLN A 221 1.08 23.10 -1.70
N VAL A 222 0.24 22.40 -0.95
CA VAL A 222 -1.20 22.44 -1.17
C VAL A 222 -1.89 23.20 -0.03
N VAL A 223 -1.44 22.93 1.19
CA VAL A 223 -1.98 23.62 2.36
C VAL A 223 -0.90 24.48 3.01
N TYR A 224 -1.03 25.79 2.87
CA TYR A 224 -0.04 26.71 3.42
C TYR A 224 -0.44 27.23 4.79
N LYS A 225 0.52 27.29 5.70
CA LYS A 225 0.28 27.85 7.02
C LYS A 225 0.39 29.37 6.98
N PRO A 226 -0.73 30.06 7.26
CA PRO A 226 -0.76 31.52 7.21
C PRO A 226 0.10 32.17 8.28
N GLN A 227 0.80 33.24 7.92
CA GLN A 227 1.62 33.97 8.86
C GLN A 227 0.76 34.69 9.89
N LYS A 228 1.10 34.55 11.17
CA LYS A 228 0.30 35.13 12.24
C LYS A 228 0.94 36.42 12.77
N PHE A 229 0.11 37.29 13.33
CA PHE A 229 0.56 38.57 13.85
C PHE A 229 -0.18 38.94 15.12
N PHE A 230 0.45 39.75 15.96
CA PHE A 230 -0.16 40.20 17.21
C PHE A 230 -0.12 41.72 17.32
N ARG A 231 -1.30 42.34 17.36
CA ARG A 231 -1.40 43.78 17.50
C ARG A 231 -1.93 44.15 18.88
N LYS A 232 -1.02 44.57 19.76
CA LYS A 232 -1.38 44.97 21.11
C LYS A 232 -1.49 46.49 21.22
N VAL A 233 -2.72 46.98 21.35
CA VAL A 233 -2.97 48.41 21.46
C VAL A 233 -3.60 48.77 22.80
N GLU A 234 -4.29 49.89 22.85
CA GLU A 234 -4.90 50.38 24.09
C GLU A 234 -6.34 50.83 23.80
N SER A 235 -7.15 50.94 24.85
CA SER A 235 -8.49 51.49 24.75
C SER A 235 -8.46 53.01 24.74
N ARG A 236 -9.60 53.64 25.03
CA ARG A 236 -9.69 55.09 25.08
C ARG A 236 -8.93 55.66 26.27
N ILE A 237 -8.15 56.72 26.03
CA ILE A 237 -7.39 57.36 27.09
C ILE A 237 -8.31 57.92 28.17
N SER A 238 -9.23 58.78 27.76
CA SER A 238 -10.23 59.34 28.66
C SER A 238 -11.60 59.33 28.01
N ASP A 239 -12.57 58.70 28.68
CA ASP A 239 -13.89 58.51 28.12
C ASP A 239 -14.95 59.34 28.85
N LYS A 240 -15.70 60.13 28.10
CA LYS A 240 -16.79 60.92 28.67
C LYS A 240 -18.08 60.12 28.67
N PHE A 241 -18.22 59.25 27.68
CA PHE A 241 -19.36 58.35 27.56
C PHE A 241 -19.49 57.47 28.81
N LYS A 242 -18.37 56.87 29.19
CA LYS A 242 -18.32 55.99 30.35
C LYS A 242 -18.71 56.73 31.63
N TYR A 243 -18.38 58.01 31.70
CA TYR A 243 -18.72 58.84 32.86
C TYR A 243 -20.23 59.04 32.98
N ILE A 244 -20.83 59.50 31.89
CA ILE A 244 -22.28 59.72 31.83
C ILE A 244 -23.04 58.43 32.15
N ILE A 245 -22.66 57.35 31.48
CA ILE A 245 -23.32 56.07 31.70
C ILE A 245 -23.11 55.58 33.14
N ALA A 246 -21.94 55.87 33.71
CA ALA A 246 -21.66 55.49 35.09
C ALA A 246 -22.55 56.24 36.06
N GLN A 247 -22.79 57.52 35.78
CA GLN A 247 -23.64 58.32 36.66
C GLN A 247 -25.11 57.90 36.51
N LEU A 248 -25.51 57.53 35.30
CA LEU A 248 -26.83 56.97 35.08
C LEU A 248 -26.99 55.67 35.88
N MET A 249 -25.93 54.87 35.88
CA MET A 249 -25.88 53.62 36.63
C MET A 249 -26.02 53.86 38.12
N ARG A 250 -25.32 54.89 38.61
CA ARG A 250 -25.40 55.25 40.03
C ARG A 250 -26.81 55.69 40.37
N ASP A 251 -27.45 56.42 39.45
CA ASP A 251 -28.82 56.88 39.64
C ASP A 251 -29.80 55.72 39.74
N THR A 252 -29.74 54.81 38.78
CA THR A 252 -30.64 53.66 38.75
C THR A 252 -30.40 52.74 39.94
N GLU A 253 -29.13 52.54 40.27
CA GLU A 253 -28.74 51.70 41.40
C GLU A 253 -29.24 52.32 42.70
N SER A 254 -29.28 53.65 42.76
CA SER A 254 -29.83 54.35 43.90
C SER A 254 -31.34 54.17 43.96
N LEU A 255 -31.97 54.20 42.79
CA LEU A 255 -33.42 54.00 42.68
C LEU A 255 -33.82 52.60 43.14
N ALA A 256 -32.93 51.64 42.91
CA ALA A 256 -33.18 50.25 43.32
C ALA A 256 -32.84 50.04 44.78
N LYS A 257 -31.83 50.76 45.27
CA LYS A 257 -31.40 50.64 46.65
C LYS A 257 -32.39 51.28 47.62
N ARG A 258 -33.38 51.98 47.06
CA ARG A 258 -34.43 52.62 47.86
C ARG A 258 -35.32 51.59 48.54
N ILE A 259 -35.46 50.43 47.90
CA ILE A 259 -36.34 49.38 48.43
C ILE A 259 -35.59 48.44 49.37
N CYS A 260 -34.44 47.95 48.93
CA CYS A 260 -33.64 47.04 49.75
C CYS A 260 -32.17 47.47 49.79
N LYS A 261 -31.47 47.05 50.86
CA LYS A 261 -30.06 47.37 51.00
C LYS A 261 -29.18 46.22 50.51
N ASP A 262 -28.44 46.47 49.44
CA ASP A 262 -27.59 45.45 48.84
C ASP A 262 -26.38 45.14 49.73
N LEU A 263 -26.47 44.01 50.44
CA LEU A 263 -25.38 43.59 51.33
C LEU A 263 -24.19 43.08 50.54
N ARG A 272 -15.99 45.69 42.96
CA ARG A 272 -16.96 45.87 41.89
C ARG A 272 -16.61 47.09 41.04
N GLU A 273 -16.94 47.02 39.75
CA GLU A 273 -16.66 48.12 38.82
C GLU A 273 -17.64 48.12 37.65
N PHE A 274 -18.01 49.32 37.21
CA PHE A 274 -18.92 49.46 36.08
C PHE A 274 -18.28 49.03 34.77
N GLY A 275 -19.09 48.46 33.87
CA GLY A 275 -18.63 48.08 32.54
C GLY A 275 -17.87 46.77 32.48
N THR A 276 -17.77 46.08 33.61
CA THR A 276 -17.05 44.81 33.68
C THR A 276 -18.02 43.63 33.60
N GLN A 277 -17.47 42.43 33.57
CA GLN A 277 -18.27 41.21 33.54
C GLN A 277 -18.70 40.83 34.96
N LYS A 278 -17.88 41.22 35.92
CA LYS A 278 -18.18 40.98 37.33
C LYS A 278 -19.45 41.71 37.74
N TYR A 279 -19.66 42.90 37.19
CA TYR A 279 -20.87 43.66 37.47
C TYR A 279 -22.08 43.04 36.80
N GLU A 280 -21.84 42.37 35.67
CA GLU A 280 -22.90 41.65 34.97
C GLU A 280 -23.35 40.47 35.82
N GLN A 281 -22.37 39.71 36.30
CA GLN A 281 -22.65 38.58 37.19
C GLN A 281 -23.36 39.07 38.45
N TRP A 282 -22.92 40.21 38.96
CA TRP A 282 -23.50 40.80 40.16
C TRP A 282 -24.96 41.17 39.95
N ILE A 283 -25.25 41.88 38.86
CA ILE A 283 -26.61 42.33 38.59
C ILE A 283 -27.51 41.14 38.25
N VAL A 284 -26.91 40.06 37.75
CA VAL A 284 -27.66 38.83 37.52
C VAL A 284 -28.05 38.20 38.86
N THR A 285 -27.09 38.10 39.77
CA THR A 285 -27.36 37.55 41.11
C THR A 285 -28.40 38.39 41.86
N VAL A 286 -28.28 39.70 41.75
CA VAL A 286 -29.21 40.62 42.40
C VAL A 286 -30.61 40.47 41.81
N GLN A 287 -30.69 40.48 40.49
CA GLN A 287 -31.96 40.27 39.79
C GLN A 287 -32.61 38.95 40.21
N LYS A 288 -31.77 37.94 40.43
CA LYS A 288 -32.24 36.64 40.88
C LYS A 288 -32.78 36.71 42.30
N ALA A 289 -32.08 37.43 43.17
CA ALA A 289 -32.44 37.50 44.58
C ALA A 289 -33.61 38.44 44.85
N CYS A 290 -33.96 39.27 43.86
CA CYS A 290 -35.08 40.20 44.01
C CYS A 290 -36.40 39.53 43.64
N MET A 291 -36.34 38.31 43.15
CA MET A 291 -37.53 37.60 42.72
C MET A 291 -37.97 36.57 43.76
N VAL A 292 -37.25 36.53 44.88
CA VAL A 292 -37.62 35.67 46.01
C VAL A 292 -37.92 36.53 47.23
N PHE A 293 -38.34 37.76 46.98
CA PHE A 293 -38.73 38.71 48.01
C PHE A 293 -40.25 38.73 48.09
N GLN A 294 -40.81 38.06 49.09
CA GLN A 294 -42.25 37.91 49.19
C GLN A 294 -42.87 38.92 50.14
N MET A 295 -44.13 39.25 49.89
CA MET A 295 -44.89 40.17 50.72
C MET A 295 -46.32 39.66 50.91
N PRO A 296 -46.90 39.88 52.10
CA PRO A 296 -48.26 39.41 52.39
C PRO A 296 -49.33 40.15 51.62
N ASP A 297 -49.00 41.32 51.08
CA ASP A 297 -49.97 42.14 50.35
C ASP A 297 -50.27 41.52 48.99
N LYS A 298 -49.24 40.94 48.36
CA LYS A 298 -49.33 40.32 47.03
C LYS A 298 -49.65 41.33 45.93
N ASP A 299 -49.81 42.59 46.30
CA ASP A 299 -49.98 43.68 45.34
C ASP A 299 -48.83 44.67 45.48
N GLU A 300 -48.23 44.70 46.66
CA GLU A 300 -47.00 45.45 46.86
C GLU A 300 -45.85 44.60 46.35
N GLU A 301 -45.98 43.28 46.52
CA GLU A 301 -45.03 42.32 45.99
C GLU A 301 -44.92 42.46 44.47
N SER A 302 -46.08 42.43 43.81
CA SER A 302 -46.18 42.48 42.36
C SER A 302 -45.81 43.84 41.78
N ARG A 303 -45.72 44.85 42.64
CA ARG A 303 -45.39 46.20 42.19
C ARG A 303 -43.94 46.54 42.49
N ILE A 304 -43.37 45.92 43.51
CA ILE A 304 -41.98 46.14 43.89
C ILE A 304 -41.05 45.25 43.08
N CYS A 305 -41.39 43.97 43.00
CA CYS A 305 -40.55 43.03 42.26
C CYS A 305 -40.50 43.37 40.77
N LYS A 306 -41.64 43.81 40.23
CA LYS A 306 -41.73 44.19 38.82
C LYS A 306 -40.91 45.44 38.52
N ALA A 307 -40.70 46.26 39.54
CA ALA A 307 -39.90 47.47 39.38
C ALA A 307 -38.41 47.15 39.51
N LEU A 308 -38.08 46.29 40.48
CA LEU A 308 -36.71 45.86 40.69
C LEU A 308 -36.18 45.12 39.47
N PHE A 309 -37.05 44.33 38.84
CA PHE A 309 -36.72 43.62 37.61
C PHE A 309 -36.31 44.61 36.53
N LEU A 310 -37.11 45.66 36.37
CA LEU A 310 -36.84 46.71 35.39
C LEU A 310 -35.53 47.42 35.68
N TYR A 311 -35.29 47.73 36.95
CA TYR A 311 -34.07 48.42 37.36
C TYR A 311 -32.83 47.59 37.02
N THR A 312 -32.83 46.32 37.46
CA THR A 312 -31.71 45.42 37.19
C THR A 312 -31.50 45.21 35.71
N SER A 313 -32.60 45.12 34.96
CA SER A 313 -32.53 44.93 33.51
C SER A 313 -31.89 46.14 32.83
N HIS A 314 -32.31 47.34 33.22
CA HIS A 314 -31.76 48.56 32.64
C HIS A 314 -30.28 48.73 33.00
N LEU A 315 -29.92 48.35 34.22
CA LEU A 315 -28.52 48.37 34.63
C LEU A 315 -27.71 47.43 33.76
N ARG A 316 -28.27 46.24 33.53
CA ARG A 316 -27.64 45.24 32.66
C ARG A 316 -27.40 45.79 31.25
N LYS A 317 -28.43 46.42 30.69
CA LYS A 317 -28.34 47.00 29.35
C LYS A 317 -27.30 48.11 29.30
N TYR A 318 -27.24 48.92 30.35
CA TYR A 318 -26.21 49.95 30.45
C TYR A 318 -24.83 49.33 30.46
N ASN A 319 -24.69 48.19 31.14
CA ASN A 319 -23.42 47.48 31.20
C ASN A 319 -23.00 46.96 29.82
N ASP A 320 -23.95 46.31 29.13
CA ASP A 320 -23.71 45.83 27.78
C ASP A 320 -23.31 46.98 26.87
N ALA A 321 -23.93 48.14 27.08
CA ALA A 321 -23.58 49.34 26.33
C ALA A 321 -22.14 49.77 26.60
N LEU A 322 -21.75 49.74 27.87
CA LEU A 322 -20.38 50.10 28.25
C LEU A 322 -19.36 49.17 27.62
N ILE A 323 -19.69 47.88 27.56
CA ILE A 323 -18.80 46.91 26.92
C ILE A 323 -18.71 47.16 25.41
N ILE A 324 -19.86 47.36 24.78
CA ILE A 324 -19.92 47.66 23.35
C ILE A 324 -19.07 48.88 23.01
N SER A 325 -19.25 49.95 23.76
CA SER A 325 -18.50 51.18 23.56
C SER A 325 -17.02 50.94 23.83
N GLU A 326 -16.73 50.05 24.78
CA GLU A 326 -15.36 49.68 25.09
C GLU A 326 -14.69 49.04 23.88
N HIS A 327 -15.44 48.21 23.17
CA HIS A 327 -14.88 47.49 22.02
C HIS A 327 -15.11 48.19 20.68
N ALA A 328 -16.17 48.99 20.59
CA ALA A 328 -16.49 49.65 19.32
C ALA A 328 -16.67 51.16 19.51
N ARG A 329 -17.51 51.75 18.66
CA ARG A 329 -17.78 53.18 18.74
C ARG A 329 -18.75 53.50 19.87
N MET A 330 -18.87 54.79 20.20
CA MET A 330 -19.85 55.23 21.18
C MET A 330 -21.23 55.25 20.54
N LYS A 331 -21.26 55.46 19.23
CA LYS A 331 -22.51 55.48 18.47
C LYS A 331 -23.19 54.12 18.51
N ASP A 332 -22.40 53.06 18.59
CA ASP A 332 -22.93 51.71 18.62
C ASP A 332 -23.64 51.42 19.94
N ALA A 333 -23.02 51.83 21.05
CA ALA A 333 -23.63 51.70 22.36
C ALA A 333 -24.85 52.60 22.49
N LEU A 334 -24.76 53.78 21.89
CA LEU A 334 -25.86 54.74 21.88
C LEU A 334 -27.07 54.18 21.16
N ASP A 335 -26.85 53.58 19.99
CA ASP A 335 -27.92 52.99 19.21
C ASP A 335 -28.44 51.71 19.87
N TYR A 336 -27.56 51.03 20.61
CA TYR A 336 -27.94 49.85 21.36
C TYR A 336 -28.95 50.23 22.44
N LEU A 337 -28.57 51.18 23.28
CA LEU A 337 -29.45 51.69 24.33
C LEU A 337 -30.74 52.25 23.74
N LYS A 338 -30.61 53.04 22.68
CA LYS A 338 -31.76 53.66 22.03
C LYS A 338 -32.74 52.62 21.52
N ASP A 339 -32.22 51.54 20.95
CA ASP A 339 -33.06 50.45 20.45
C ASP A 339 -33.71 49.70 21.61
N PHE A 340 -33.00 49.59 22.72
CA PHE A 340 -33.56 48.97 23.91
C PHE A 340 -34.76 49.77 24.44
N PHE A 341 -34.53 51.06 24.67
CA PHE A 341 -35.57 51.95 25.18
C PHE A 341 -36.74 52.04 24.21
N SER A 342 -36.46 52.03 22.92
CA SER A 342 -37.52 52.07 21.92
C SER A 342 -38.31 50.76 21.94
N ASN A 343 -37.63 49.66 22.23
CA ASN A 343 -38.29 48.36 22.33
C ASN A 343 -39.22 48.29 23.53
N VAL A 344 -38.75 48.72 24.69
CA VAL A 344 -39.58 48.68 25.88
C VAL A 344 -40.66 49.75 25.82
N ARG A 345 -40.44 50.78 25.01
CA ARG A 345 -41.45 51.81 24.80
C ARG A 345 -42.55 51.29 23.89
N ALA A 346 -42.17 50.47 22.91
CA ALA A 346 -43.13 49.87 21.99
C ALA A 346 -43.88 48.73 22.67
N ALA A 347 -43.38 48.29 23.83
CA ALA A 347 -44.01 47.22 24.58
C ALA A 347 -45.18 47.72 25.41
N GLY A 348 -45.17 49.02 25.69
CA GLY A 348 -46.19 49.64 26.53
C GLY A 348 -45.56 50.23 27.78
N PHE A 349 -45.65 51.55 27.91
CA PHE A 349 -45.01 52.26 29.01
C PHE A 349 -45.52 51.84 30.39
N ASP A 350 -44.59 51.47 31.26
CA ASP A 350 -44.92 51.12 32.63
C ASP A 350 -44.66 52.30 33.55
N GLU A 351 -45.21 52.26 34.75
CA GLU A 351 -45.08 53.36 35.70
C GLU A 351 -43.68 53.43 36.29
N ILE A 352 -43.02 52.27 36.41
CA ILE A 352 -41.70 52.19 37.00
C ILE A 352 -40.60 52.28 35.94
N GLU A 353 -41.00 52.44 34.68
CA GLU A 353 -40.05 52.52 33.59
C GLU A 353 -40.21 53.82 32.81
N GLN A 354 -41.33 54.52 33.04
CA GLN A 354 -41.60 55.78 32.37
C GLN A 354 -40.59 56.86 32.78
N ASP A 355 -40.12 56.76 34.03
CA ASP A 355 -39.15 57.72 34.54
C ASP A 355 -37.76 57.43 33.99
N LEU A 356 -37.46 56.16 33.77
CA LEU A 356 -36.14 55.75 33.28
C LEU A 356 -35.85 56.30 31.89
N THR A 357 -36.84 56.20 31.01
CA THR A 357 -36.69 56.70 29.64
C THR A 357 -36.45 58.20 29.62
N GLN A 358 -37.13 58.91 30.52
CA GLN A 358 -36.96 60.36 30.64
C GLN A 358 -35.57 60.69 31.20
N ARG A 359 -35.12 59.89 32.16
CA ARG A 359 -33.80 60.07 32.76
C ARG A 359 -32.72 59.86 31.71
N PHE A 360 -32.96 58.95 30.79
CA PHE A 360 -32.02 58.67 29.71
C PHE A 360 -32.03 59.76 28.66
N GLU A 361 -33.24 60.21 28.29
CA GLU A 361 -33.39 61.26 27.29
C GLU A 361 -32.88 62.61 27.81
N GLU A 362 -32.79 62.74 29.13
CA GLU A 362 -32.28 63.96 29.74
C GLU A 362 -30.79 64.15 29.45
N LYS A 363 -30.09 63.03 29.30
CA LYS A 363 -28.66 63.07 29.05
C LYS A 363 -28.34 62.59 27.64
N LEU A 364 -29.39 62.38 26.84
CA LEU A 364 -29.24 61.90 25.47
C LEU A 364 -28.53 62.93 24.60
N GLN A 365 -28.73 64.20 24.92
CA GLN A 365 -28.06 65.28 24.19
C GLN A 365 -26.55 65.21 24.37
N GLU A 366 -26.13 65.06 25.62
CA GLU A 366 -24.72 64.92 25.95
C GLU A 366 -24.11 63.70 25.26
N LEU A 367 -24.78 62.56 25.41
CA LEU A 367 -24.31 61.31 24.82
C LEU A 367 -24.19 61.40 23.30
N GLU A 368 -25.18 62.01 22.66
CA GLU A 368 -25.17 62.12 21.21
C GLU A 368 -24.13 63.12 20.71
N SER A 369 -23.91 64.20 21.47
CA SER A 369 -22.91 65.18 21.07
C SER A 369 -21.49 64.64 21.30
N VAL A 370 -21.36 63.74 22.26
CA VAL A 370 -20.08 63.12 22.55
C VAL A 370 -19.80 61.98 21.55
N SER A 371 -20.87 61.31 21.12
CA SER A 371 -20.73 60.19 20.19
C SER A 371 -20.35 60.62 18.78
N ARG A 372 -20.33 61.93 18.53
CA ARG A 372 -19.98 62.46 17.22
C ARG A 372 -18.59 63.10 17.22
N ASP A 373 -18.09 63.44 18.41
CA ASP A 373 -16.78 64.06 18.54
C ASP A 373 -15.67 63.11 18.08
N PRO A 374 -14.96 63.49 17.01
CA PRO A 374 -13.96 62.63 16.36
C PRO A 374 -12.68 62.41 17.19
N SER A 375 -12.46 63.24 18.20
CA SER A 375 -11.19 63.21 18.94
C SER A 375 -11.11 62.06 19.96
N ASN A 376 -12.25 61.71 20.54
CA ASN A 376 -12.29 60.55 21.43
C ASN A 376 -12.92 59.34 20.74
N GLU A 377 -12.15 58.75 19.83
CA GLU A 377 -12.60 57.59 19.07
C GLU A 377 -11.75 56.37 19.44
N ASN A 378 -12.33 55.18 19.32
CA ASN A 378 -11.64 53.95 19.69
C ASN A 378 -10.40 53.70 18.84
N PRO A 379 -9.22 53.72 19.48
CA PRO A 379 -7.93 53.54 18.80
C PRO A 379 -7.75 52.12 18.25
N LYS A 380 -8.47 51.16 18.83
CA LYS A 380 -8.47 49.80 18.33
C LYS A 380 -9.05 49.77 16.92
N LEU A 381 -10.11 50.54 16.71
CA LEU A 381 -10.74 50.66 15.41
C LEU A 381 -9.83 51.39 14.43
N GLU A 382 -9.01 52.28 14.94
CA GLU A 382 -8.07 53.02 14.10
C GLU A 382 -6.93 52.12 13.64
N ASP A 383 -6.51 51.21 14.53
CA ASP A 383 -5.48 50.25 14.19
C ASP A 383 -6.02 49.21 13.20
N LEU A 384 -7.26 48.79 13.43
CA LEU A 384 -7.93 47.86 12.51
C LEU A 384 -8.10 48.48 11.13
N CYS A 385 -8.54 49.73 11.11
CA CYS A 385 -8.68 50.47 9.86
C CYS A 385 -7.34 50.63 9.17
N PHE A 386 -6.29 50.80 9.99
CA PHE A 386 -4.94 50.90 9.46
C PHE A 386 -4.54 49.61 8.75
N ILE A 387 -4.77 48.49 9.41
CA ILE A 387 -4.49 47.18 8.84
C ILE A 387 -5.24 46.97 7.53
N LEU A 388 -6.55 47.19 7.57
CA LEU A 388 -7.40 47.03 6.39
C LEU A 388 -6.92 47.89 5.22
N GLN A 389 -6.68 49.17 5.50
CA GLN A 389 -6.18 50.09 4.49
C GLN A 389 -4.88 49.63 3.88
N GLU A 390 -3.89 49.35 4.73
CA GLU A 390 -2.56 48.99 4.26
C GLU A 390 -2.53 47.62 3.58
N GLU A 391 -3.54 46.80 3.83
CA GLU A 391 -3.59 45.47 3.21
C GLU A 391 -4.33 45.50 1.87
N TYR A 392 -5.37 46.31 1.77
CA TYR A 392 -6.11 46.42 0.53
C TYR A 392 -5.40 47.36 -0.45
N HIS A 393 -4.47 48.16 0.07
CA HIS A 393 -3.65 49.02 -0.78
C HIS A 393 -2.63 48.20 -1.55
N LEU A 394 -2.20 47.10 -0.95
CA LEU A 394 -1.23 46.20 -1.57
C LEU A 394 -1.93 45.18 -2.44
N ASN A 395 -3.18 44.87 -2.08
CA ASN A 395 -3.98 43.92 -2.84
C ASN A 395 -5.47 44.21 -2.69
N PRO A 396 -6.04 44.94 -3.67
CA PRO A 396 -7.43 45.39 -3.64
C PRO A 396 -8.43 44.24 -3.74
N GLU A 397 -8.00 43.10 -4.28
CA GLU A 397 -8.88 41.94 -4.42
C GLU A 397 -8.82 41.04 -3.20
N THR A 398 -8.45 41.62 -2.07
CA THR A 398 -8.36 40.88 -0.81
C THR A 398 -9.73 40.47 -0.29
N ILE A 399 -9.86 39.21 0.10
CA ILE A 399 -11.05 38.73 0.78
C ILE A 399 -10.73 38.54 2.26
N THR A 400 -11.38 39.33 3.12
CA THR A 400 -11.08 39.33 4.54
C THR A 400 -12.16 38.61 5.33
N ILE A 401 -11.79 38.00 6.45
CA ILE A 401 -12.76 37.43 7.36
C ILE A 401 -12.47 37.93 8.79
N LEU A 402 -13.51 38.44 9.45
CA LEU A 402 -13.34 39.12 10.72
C LEU A 402 -14.10 38.43 11.85
N PHE A 403 -13.37 37.97 12.87
CA PHE A 403 -13.99 37.25 13.98
C PHE A 403 -14.10 38.10 15.25
N VAL A 404 -15.33 38.21 15.75
CA VAL A 404 -15.58 38.90 17.00
C VAL A 404 -16.40 38.02 17.94
N LYS A 405 -16.51 38.43 19.20
CA LYS A 405 -17.17 37.60 20.21
C LYS A 405 -18.68 37.61 20.05
N THR A 406 -19.31 38.75 20.36
CA THR A 406 -20.76 38.85 20.34
C THR A 406 -21.29 39.38 19.01
N ARG A 407 -22.56 39.10 18.73
CA ARG A 407 -23.20 39.55 17.49
C ARG A 407 -23.44 41.06 17.51
N ALA A 408 -23.50 41.62 18.71
CA ALA A 408 -23.61 43.06 18.87
C ALA A 408 -22.41 43.74 18.25
N LEU A 409 -21.23 43.11 18.41
CA LEU A 409 -20.01 43.61 17.80
C LEU A 409 -20.02 43.40 16.29
N VAL A 410 -20.71 42.35 15.84
CA VAL A 410 -20.88 42.11 14.41
C VAL A 410 -21.62 43.27 13.78
N ASP A 411 -22.80 43.57 14.31
CA ASP A 411 -23.60 44.68 13.84
C ASP A 411 -22.83 46.01 13.95
N ALA A 412 -22.18 46.19 15.10
CA ALA A 412 -21.44 47.42 15.37
C ALA A 412 -20.34 47.67 14.35
N LEU A 413 -19.60 46.61 14.02
CA LEU A 413 -18.49 46.72 13.09
C LEU A 413 -18.97 46.81 11.64
N LYS A 414 -20.13 46.24 11.35
CA LYS A 414 -20.71 46.41 10.02
C LYS A 414 -21.11 47.87 9.83
N ASN A 415 -21.75 48.44 10.86
CA ASN A 415 -22.15 49.84 10.82
C ASN A 415 -20.93 50.76 10.77
N TRP A 416 -19.86 50.35 11.44
CA TRP A 416 -18.63 51.12 11.46
C TRP A 416 -17.93 51.12 10.11
N ILE A 417 -17.88 49.96 9.47
CA ILE A 417 -17.28 49.84 8.15
C ILE A 417 -18.09 50.60 7.11
N GLU A 418 -19.41 50.39 7.13
CA GLU A 418 -20.30 51.09 6.19
C GLU A 418 -20.33 52.60 6.48
N GLY A 419 -20.11 52.95 7.75
CA GLY A 419 -20.13 54.35 8.15
C GLY A 419 -18.75 54.93 8.34
N ASN A 420 -17.91 54.82 7.31
CA ASN A 420 -16.56 55.36 7.37
C ASN A 420 -15.98 55.59 5.97
N PRO A 421 -15.64 56.85 5.67
CA PRO A 421 -15.10 57.25 4.35
C PRO A 421 -13.77 56.58 4.02
N LYS A 422 -12.95 56.31 5.03
CA LYS A 422 -11.65 55.72 4.81
C LYS A 422 -11.76 54.27 4.35
N LEU A 423 -12.83 53.60 4.75
CA LEU A 423 -13.06 52.21 4.38
C LEU A 423 -14.14 52.08 3.31
N SER A 424 -14.20 53.06 2.41
CA SER A 424 -15.23 53.10 1.39
C SER A 424 -15.00 52.08 0.28
N PHE A 425 -14.00 51.24 0.45
CA PHE A 425 -13.68 50.20 -0.53
C PHE A 425 -14.19 48.84 -0.08
N LEU A 426 -14.78 48.79 1.10
CA LEU A 426 -15.23 47.53 1.68
C LEU A 426 -16.72 47.26 1.47
N LYS A 427 -17.07 45.99 1.38
CA LYS A 427 -18.46 45.56 1.27
C LYS A 427 -18.73 44.45 2.28
N PRO A 428 -19.01 44.82 3.55
CA PRO A 428 -19.13 43.88 4.65
C PRO A 428 -20.34 42.96 4.58
N GLY A 429 -20.21 41.76 5.15
CA GLY A 429 -21.29 40.79 5.19
C GLY A 429 -21.44 40.19 6.58
N ILE A 430 -22.58 39.56 6.82
CA ILE A 430 -22.88 39.00 8.15
C ILE A 430 -22.86 37.48 8.12
N LEU A 431 -22.31 36.87 9.16
CA LEU A 431 -22.29 35.42 9.29
C LEU A 431 -22.37 35.00 10.75
N THR A 432 -23.58 34.97 11.30
CA THR A 432 -23.78 34.62 12.70
C THR A 432 -24.55 33.30 12.84
N GLY A 433 -25.13 33.09 14.03
CA GLY A 433 -25.87 31.87 14.30
C GLY A 433 -27.37 32.05 14.16
N ARG A 434 -28.09 30.95 14.01
CA ARG A 434 -29.54 30.98 13.86
C ARG A 434 -30.23 31.05 15.22
N ASP A 460 -19.32 40.37 -4.92
CA ASP A 460 -20.09 39.87 -3.78
C ASP A 460 -19.78 40.68 -2.53
N HIS A 461 -18.82 40.22 -1.74
CA HIS A 461 -18.44 40.91 -0.52
C HIS A 461 -16.92 40.87 -0.29
N ASN A 462 -16.35 42.01 0.07
CA ASN A 462 -14.93 42.10 0.39
C ASN A 462 -14.62 41.40 1.71
N ILE A 463 -15.14 41.95 2.78
CA ILE A 463 -14.90 41.42 4.12
C ILE A 463 -16.15 40.76 4.68
N LEU A 464 -15.97 39.66 5.41
CA LEU A 464 -17.08 38.91 5.99
C LEU A 464 -16.96 38.90 7.52
N ILE A 465 -17.90 39.56 8.18
CA ILE A 465 -17.89 39.61 9.64
C ILE A 465 -18.68 38.45 10.23
N ALA A 466 -18.11 37.81 11.25
CA ALA A 466 -18.71 36.61 11.82
C ALA A 466 -18.38 36.45 13.30
N THR A 467 -19.27 35.80 14.04
CA THR A 467 -19.05 35.52 15.45
C THR A 467 -18.05 34.39 15.62
N SER A 468 -18.52 33.16 15.42
CA SER A 468 -17.66 31.99 15.53
C SER A 468 -18.21 30.85 14.69
N VAL A 469 -17.32 29.95 14.27
CA VAL A 469 -17.73 28.78 13.50
C VAL A 469 -17.32 27.50 14.22
N ALA A 470 -18.31 26.65 14.51
CA ALA A 470 -18.05 25.38 15.17
C ALA A 470 -17.17 24.49 14.30
N ASP A 471 -16.01 24.12 14.83
CA ASP A 471 -15.06 23.27 14.12
C ASP A 471 -14.65 23.87 12.79
N GLU A 472 -14.46 23.01 11.79
CA GLU A 472 -14.08 23.48 10.45
C GLU A 472 -15.30 24.06 9.73
N GLY A 473 -16.44 23.39 9.87
CA GLY A 473 -17.66 23.85 9.25
C GLY A 473 -17.64 23.66 7.74
N ILE A 474 -18.64 24.24 7.07
CA ILE A 474 -18.70 24.17 5.61
C ILE A 474 -17.61 25.03 5.00
N ASP A 475 -17.26 24.75 3.75
CA ASP A 475 -16.16 25.46 3.10
C ASP A 475 -16.65 26.70 2.36
N ILE A 476 -16.21 27.87 2.82
CA ILE A 476 -16.50 29.12 2.14
C ILE A 476 -15.30 29.59 1.33
N ALA A 477 -15.41 30.76 0.72
CA ALA A 477 -14.34 31.29 -0.12
C ALA A 477 -13.06 31.53 0.68
N GLN A 478 -11.92 31.41 0.01
CA GLN A 478 -10.63 31.59 0.66
C GLN A 478 -10.44 33.02 1.14
N CYS A 479 -9.82 33.15 2.31
CA CYS A 479 -9.58 34.46 2.90
C CYS A 479 -8.10 34.67 3.17
N ASN A 480 -7.45 35.47 2.34
CA ASN A 480 -6.02 35.73 2.52
C ASN A 480 -5.76 36.75 3.62
N LEU A 481 -6.81 37.07 4.38
CA LEU A 481 -6.68 37.95 5.53
C LEU A 481 -7.70 37.57 6.61
N VAL A 482 -7.20 37.02 7.71
CA VAL A 482 -8.06 36.59 8.81
C VAL A 482 -7.80 37.43 10.05
N ILE A 483 -8.70 38.36 10.35
CA ILE A 483 -8.50 39.25 11.48
C ILE A 483 -9.33 38.83 12.70
N LEU A 484 -8.66 38.71 13.84
CA LEU A 484 -9.29 38.34 15.08
C LEU A 484 -9.40 39.55 16.01
N TYR A 485 -10.62 40.05 16.17
CA TYR A 485 -10.86 41.25 16.96
C TYR A 485 -11.31 40.88 18.37
N GLU A 486 -10.35 40.85 19.30
CA GLU A 486 -10.60 40.41 20.67
C GLU A 486 -11.26 39.04 20.67
N TYR A 487 -10.59 38.07 20.06
CA TYR A 487 -11.19 36.76 19.85
C TYR A 487 -10.16 35.62 19.95
N VAL A 488 -10.30 34.80 20.97
CA VAL A 488 -9.46 33.62 21.13
C VAL A 488 -10.26 32.42 21.61
N GLY A 489 -9.86 31.23 21.18
CA GLY A 489 -10.51 30.00 21.58
C GLY A 489 -9.50 28.92 21.89
N ASN A 490 -9.93 27.66 21.81
CA ASN A 490 -9.04 26.53 22.04
C ASN A 490 -8.03 26.36 20.91
N VAL A 491 -7.03 25.53 21.14
CA VAL A 491 -5.96 25.31 20.16
C VAL A 491 -6.51 24.66 18.89
N ILE A 492 -7.55 23.83 19.06
CA ILE A 492 -8.20 23.19 17.93
C ILE A 492 -8.76 24.22 16.97
N LYS A 493 -9.46 25.22 17.50
CA LYS A 493 -10.01 26.29 16.69
C LYS A 493 -8.90 27.11 16.04
N MET A 494 -7.79 27.27 16.76
CA MET A 494 -6.66 28.00 16.24
C MET A 494 -6.10 27.32 15.00
N ILE A 495 -6.03 25.99 15.04
CA ILE A 495 -5.51 25.23 13.91
C ILE A 495 -6.52 25.19 12.77
N GLN A 496 -7.80 25.06 13.12
CA GLN A 496 -8.87 24.97 12.12
C GLN A 496 -9.09 26.28 11.38
N THR A 497 -8.79 27.39 12.04
CA THR A 497 -9.00 28.71 11.45
C THR A 497 -8.02 28.97 10.31
N ARG A 498 -6.88 28.30 10.36
CA ARG A 498 -5.88 28.44 9.31
C ARG A 498 -6.37 27.87 7.99
N GLY A 499 -7.47 27.13 8.03
CA GLY A 499 -8.07 26.58 6.83
C GLY A 499 -8.74 27.66 6.00
N ARG A 500 -9.09 28.76 6.65
CA ARG A 500 -9.74 29.88 5.97
C ARG A 500 -8.80 30.51 4.95
N GLY A 501 -7.51 30.54 5.29
CA GLY A 501 -6.49 31.08 4.39
C GLY A 501 -5.35 30.10 4.19
N ARG A 502 -5.62 29.05 3.44
CA ARG A 502 -4.61 28.00 3.21
C ARG A 502 -3.83 28.26 1.92
N ALA A 503 -3.88 29.51 1.44
CA ALA A 503 -3.13 29.89 0.25
C ALA A 503 -1.83 30.57 0.64
N ARG A 504 -0.89 30.63 -0.29
CA ARG A 504 0.40 31.26 -0.05
C ARG A 504 0.25 32.78 0.11
N GLY A 505 0.82 33.31 1.19
CA GLY A 505 0.77 34.74 1.44
C GLY A 505 -0.40 35.16 2.31
N SER A 506 -1.28 34.21 2.60
CA SER A 506 -2.43 34.47 3.46
C SER A 506 -1.98 34.90 4.85
N LYS A 507 -2.59 35.96 5.36
CA LYS A 507 -2.18 36.54 6.63
C LYS A 507 -3.25 36.39 7.71
N CYS A 508 -2.83 36.48 8.96
CA CYS A 508 -3.75 36.42 10.09
C CYS A 508 -3.31 37.40 11.16
N PHE A 509 -4.23 38.25 11.60
CA PHE A 509 -3.92 39.25 12.62
C PHE A 509 -4.69 38.96 13.91
N LEU A 510 -4.09 39.34 15.05
CA LEU A 510 -4.77 39.23 16.33
C LEU A 510 -4.75 40.59 17.02
N LEU A 511 -5.81 41.37 16.80
CA LEU A 511 -5.89 42.71 17.36
C LEU A 511 -6.55 42.68 18.73
N THR A 512 -5.89 43.28 19.72
CA THR A 512 -6.45 43.29 21.07
C THR A 512 -5.88 44.40 21.95
N SER A 513 -6.62 44.76 22.98
CA SER A 513 -6.18 45.75 23.96
C SER A 513 -5.83 45.06 25.27
N ASN A 514 -6.02 43.74 25.30
CA ASN A 514 -5.72 42.93 26.47
C ASN A 514 -4.56 41.96 26.20
N ALA A 515 -3.68 41.81 27.18
CA ALA A 515 -2.48 40.98 27.01
C ALA A 515 -2.77 39.50 27.21
N GLY A 516 -3.76 39.19 28.04
CA GLY A 516 -4.14 37.81 28.30
C GLY A 516 -4.59 37.09 27.05
N VAL A 517 -5.11 37.85 26.09
CA VAL A 517 -5.50 37.31 24.79
C VAL A 517 -4.29 36.73 24.07
N ILE A 518 -3.29 37.59 23.87
CA ILE A 518 -2.04 37.19 23.23
C ILE A 518 -1.41 36.02 23.97
N GLU A 519 -1.34 36.15 25.30
CA GLU A 519 -0.87 35.07 26.16
C GLU A 519 -1.53 33.73 25.83
N LYS A 520 -2.85 33.75 25.79
CA LYS A 520 -3.63 32.57 25.45
C LYS A 520 -3.26 32.03 24.07
N GLU A 521 -3.01 32.93 23.13
CA GLU A 521 -2.66 32.50 21.78
C GLU A 521 -1.31 31.79 21.73
N GLN A 522 -0.31 32.36 22.39
CA GLN A 522 1.02 31.74 22.36
C GLN A 522 1.08 30.45 23.17
N ILE A 523 0.34 30.39 24.28
CA ILE A 523 0.29 29.13 25.02
C ILE A 523 -0.50 28.10 24.21
N ASN A 524 -1.40 28.57 23.36
CA ASN A 524 -2.09 27.69 22.42
C ASN A 524 -1.11 27.11 21.41
N MET A 525 -0.22 27.95 20.90
CA MET A 525 0.81 27.49 19.97
C MET A 525 1.72 26.46 20.63
N TYR A 526 2.13 26.73 21.86
CA TYR A 526 2.95 25.78 22.61
C TYR A 526 2.19 24.46 22.80
N LYS A 527 0.88 24.57 23.05
CA LYS A 527 0.03 23.40 23.16
C LYS A 527 0.02 22.59 21.87
N GLU A 528 0.04 23.29 20.73
CA GLU A 528 0.11 22.63 19.43
C GLU A 528 1.42 21.88 19.28
N LYS A 529 2.51 22.51 19.72
CA LYS A 529 3.81 21.84 19.72
C LYS A 529 3.74 20.55 20.53
N MET A 530 3.18 20.66 21.73
CA MET A 530 3.00 19.49 22.61
C MET A 530 2.19 18.40 21.95
N MET A 531 1.13 18.78 21.24
CA MET A 531 0.26 17.82 20.57
C MET A 531 1.02 17.08 19.48
N ASN A 532 1.65 17.83 18.58
CA ASN A 532 2.39 17.25 17.47
C ASN A 532 3.51 16.34 17.95
N ASP A 533 4.23 16.77 18.98
CA ASP A 533 5.32 15.96 19.52
C ASP A 533 4.82 14.70 20.21
N SER A 534 3.71 14.82 20.94
CA SER A 534 3.11 13.66 21.61
C SER A 534 2.66 12.63 20.59
N ILE A 535 2.03 13.10 19.52
CA ILE A 535 1.61 12.21 18.44
C ILE A 535 2.81 11.55 17.77
N LEU A 536 3.81 12.36 17.46
CA LEU A 536 5.02 11.89 16.79
C LEU A 536 5.75 10.86 17.64
N ARG A 537 5.61 10.96 18.96
CA ARG A 537 6.22 10.00 19.86
C ARG A 537 5.37 8.74 19.97
N LEU A 538 4.05 8.90 19.93
CA LEU A 538 3.13 7.77 19.99
C LEU A 538 3.24 6.89 18.74
N GLN A 539 3.57 7.50 17.62
CA GLN A 539 3.64 6.77 16.36
C GLN A 539 4.89 5.90 16.26
N THR A 540 5.76 5.99 17.27
CA THR A 540 6.98 5.19 17.31
C THR A 540 6.79 3.99 18.22
N TRP A 541 5.60 3.89 18.80
CA TRP A 541 5.31 2.82 19.77
C TRP A 541 4.93 1.53 19.07
N ASP A 542 4.79 0.48 19.87
CA ASP A 542 4.32 -0.80 19.35
C ASP A 542 2.80 -0.81 19.35
N GLU A 543 2.22 -1.23 18.24
CA GLU A 543 0.76 -1.20 18.07
C GLU A 543 0.05 -2.10 19.07
N ALA A 544 0.68 -3.21 19.43
CA ALA A 544 0.11 -4.13 20.42
C ALA A 544 0.13 -3.49 21.81
N VAL A 545 1.25 -2.87 22.15
CA VAL A 545 1.40 -2.18 23.42
C VAL A 545 0.40 -1.03 23.52
N PHE A 546 0.27 -0.28 22.44
CA PHE A 546 -0.67 0.83 22.37
C PHE A 546 -2.11 0.32 22.53
N ARG A 547 -2.41 -0.81 21.89
CA ARG A 547 -3.73 -1.42 22.02
C ARG A 547 -4.00 -1.85 23.45
N GLU A 548 -2.95 -2.32 24.13
CA GLU A 548 -3.07 -2.71 25.53
C GLU A 548 -3.43 -1.51 26.40
N LYS A 549 -2.67 -0.41 26.25
CA LYS A 549 -3.00 0.82 26.96
C LYS A 549 -4.40 1.31 26.72
N ILE A 550 -4.74 1.40 25.45
CA ILE A 550 -6.07 1.82 25.06
C ILE A 550 -7.09 0.97 25.78
N LEU A 551 -6.89 -0.34 25.76
CA LEU A 551 -7.82 -1.28 26.39
C LEU A 551 -7.95 -1.04 27.89
N HIS A 552 -6.82 -0.83 28.56
CA HIS A 552 -6.83 -0.70 30.01
C HIS A 552 -7.08 0.74 30.46
N ILE A 553 -7.30 1.62 29.49
CA ILE A 553 -7.87 2.93 29.77
C ILE A 553 -9.38 2.80 29.63
N GLN A 554 -9.78 2.04 28.60
CA GLN A 554 -11.18 1.80 28.28
C GLN A 554 -11.92 1.08 29.39
N THR A 555 -11.29 0.06 29.96
CA THR A 555 -11.90 -0.70 31.05
C THR A 555 -12.04 0.16 32.30
N HIS A 556 -10.94 0.81 32.66
CA HIS A 556 -10.90 1.70 33.82
C HIS A 556 -12.00 2.75 33.74
N GLU A 557 -12.11 3.38 32.58
CA GLU A 557 -13.16 4.38 32.36
C GLU A 557 -14.54 3.73 32.40
N LYS A 558 -14.64 2.52 31.84
CA LYS A 558 -15.92 1.82 31.78
C LYS A 558 -16.48 1.60 33.17
N PHE A 559 -15.65 1.15 34.10
CA PHE A 559 -16.14 1.08 35.47
C PHE A 559 -15.53 2.14 36.37
N ILE A 560 -15.39 3.35 35.84
CA ILE A 560 -15.42 4.55 36.68
C ILE A 560 -16.75 5.23 36.37
N ARG A 561 -17.29 4.92 35.20
CA ARG A 561 -18.63 5.36 34.83
C ARG A 561 -19.68 4.53 35.57
N ASP A 562 -19.27 3.36 36.04
CA ASP A 562 -20.18 2.43 36.71
C ASP A 562 -20.68 2.97 38.06
N SER A 563 -19.76 3.47 38.87
CA SER A 563 -20.05 3.88 40.23
C SER A 563 -20.57 5.31 40.26
N GLN A 564 -21.14 5.70 41.39
CA GLN A 564 -21.92 6.92 41.48
C GLN A 564 -22.96 6.90 40.37
N GLU A 565 -23.26 8.07 39.81
CA GLU A 565 -24.14 8.19 38.65
C GLU A 565 -25.49 7.49 38.82
N LYS A 566 -25.80 7.09 40.05
CA LYS A 566 -27.09 6.46 40.33
C LYS A 566 -27.78 7.06 41.56
N PRO A 567 -28.08 8.37 41.52
CA PRO A 567 -28.89 8.92 42.60
C PRO A 567 -30.35 8.97 42.21
N LYS A 568 -31.23 9.20 43.19
CA LYS A 568 -32.65 9.33 42.91
C LYS A 568 -33.34 10.18 43.96
N PRO A 569 -33.16 11.51 43.89
CA PRO A 569 -33.81 12.44 44.81
C PRO A 569 -35.33 12.20 44.86
N VAL A 570 -35.83 11.89 46.04
CA VAL A 570 -37.26 11.61 46.21
C VAL A 570 -38.10 12.84 45.90
N PRO A 571 -39.04 12.71 44.95
CA PRO A 571 -39.91 13.82 44.57
C PRO A 571 -40.91 14.16 45.68
N ASP A 572 -40.84 15.37 46.22
CA ASP A 572 -41.81 15.80 47.21
C ASP A 572 -43.17 15.94 46.53
N LYS A 573 -44.18 15.28 47.10
CA LYS A 573 -45.50 15.22 46.49
C LYS A 573 -46.33 16.46 46.78
N GLU A 574 -45.76 17.38 47.55
CA GLU A 574 -46.48 18.60 47.91
C GLU A 574 -46.65 19.49 46.68
N ASN A 575 -47.86 19.99 46.50
CA ASN A 575 -48.17 20.85 45.35
C ASN A 575 -47.73 22.29 45.58
N LYS A 576 -46.86 22.78 44.70
CA LYS A 576 -46.33 24.14 44.83
C LYS A 576 -46.89 25.07 43.76
N LYS A 577 -47.01 26.35 44.09
CA LYS A 577 -47.46 27.35 43.12
C LYS A 577 -46.29 27.81 42.25
N LEU A 578 -46.63 28.37 41.10
CA LEU A 578 -45.61 28.88 40.18
C LEU A 578 -45.92 30.33 39.81
N LEU A 579 -45.09 31.24 40.28
CA LEU A 579 -45.29 32.66 40.02
C LEU A 579 -44.41 33.16 38.88
N CYS A 580 -44.86 34.19 38.19
CA CYS A 580 -44.07 34.84 37.16
C CYS A 580 -42.88 35.55 37.79
N ARG A 581 -41.68 35.33 37.26
CA ARG A 581 -40.48 35.91 37.84
C ARG A 581 -40.45 37.43 37.74
N LYS A 582 -41.29 37.98 36.87
CA LYS A 582 -41.33 39.43 36.68
C LYS A 582 -42.38 40.11 37.57
N CYS A 583 -43.62 39.64 37.48
CA CYS A 583 -44.72 40.32 38.17
C CYS A 583 -45.25 39.54 39.38
N LYS A 584 -44.64 38.39 39.66
CA LYS A 584 -44.99 37.57 40.83
C LYS A 584 -46.46 37.14 40.85
N ALA A 585 -47.09 37.12 39.69
CA ALA A 585 -48.49 36.70 39.60
C ALA A 585 -48.58 35.18 39.41
N LEU A 586 -49.70 34.61 39.84
CA LEU A 586 -49.89 33.17 39.78
C LEU A 586 -50.06 32.67 38.35
N ALA A 587 -49.37 31.59 38.02
CA ALA A 587 -49.48 30.97 36.71
C ALA A 587 -50.21 29.65 36.79
N CYS A 588 -49.65 28.71 37.56
CA CYS A 588 -50.25 27.39 37.73
C CYS A 588 -49.66 26.67 38.93
N TYR A 589 -50.18 25.48 39.22
CA TYR A 589 -49.65 24.66 40.30
C TYR A 589 -48.81 23.53 39.72
N THR A 590 -47.96 22.92 40.54
CA THR A 590 -47.15 21.78 40.10
C THR A 590 -48.04 20.58 39.78
N ALA A 591 -49.25 20.58 40.33
CA ALA A 591 -50.20 19.51 40.09
C ALA A 591 -50.76 19.58 38.68
N ASP A 592 -50.81 20.79 38.12
CA ASP A 592 -51.31 20.98 36.77
C ASP A 592 -50.22 20.76 35.73
N VAL A 593 -48.98 20.66 36.19
CA VAL A 593 -47.83 20.51 35.29
C VAL A 593 -47.58 19.05 34.92
N ARG A 594 -47.66 18.76 33.63
CA ARG A 594 -47.40 17.42 33.12
C ARG A 594 -46.07 17.39 32.36
N VAL A 595 -45.34 16.30 32.51
CA VAL A 595 -44.05 16.14 31.84
C VAL A 595 -44.21 15.30 30.57
N ILE A 596 -43.68 15.81 29.47
CA ILE A 596 -43.75 15.14 28.18
C ILE A 596 -42.36 14.68 27.72
N GLU A 597 -42.26 13.40 27.40
CA GLU A 597 -41.02 12.79 26.90
C GLU A 597 -39.85 13.01 27.84
N GLU A 598 -40.14 13.07 29.14
CA GLU A 598 -39.14 13.21 30.20
C GLU A 598 -38.23 14.43 30.01
N CYS A 599 -38.72 15.43 29.28
CA CYS A 599 -37.92 16.61 28.99
C CYS A 599 -38.73 17.89 29.05
N HIS A 600 -39.89 17.88 28.38
CA HIS A 600 -40.69 19.09 28.25
C HIS A 600 -41.80 19.14 29.29
N TYR A 601 -42.40 20.31 29.48
CA TYR A 601 -43.39 20.47 30.54
C TYR A 601 -44.54 21.38 30.10
N THR A 602 -45.77 20.88 30.26
CA THR A 602 -46.95 21.62 29.88
C THR A 602 -47.91 21.81 31.05
N VAL A 603 -48.94 22.62 30.84
CA VAL A 603 -49.93 22.91 31.88
C VAL A 603 -51.34 22.52 31.44
N LEU A 604 -52.16 22.07 32.38
CA LEU A 604 -53.52 21.65 32.08
C LEU A 604 -54.56 22.68 32.52
N GLY A 605 -55.83 22.34 32.30
CA GLY A 605 -56.93 23.17 32.75
C GLY A 605 -57.15 24.43 31.94
N ASP A 606 -58.38 24.93 31.95
CA ASP A 606 -58.71 26.18 31.28
C ASP A 606 -58.45 27.35 32.23
N ALA A 607 -57.83 27.06 33.36
CA ALA A 607 -57.49 28.09 34.33
C ALA A 607 -56.19 28.78 33.96
N PHE A 608 -55.22 28.00 33.51
CA PHE A 608 -53.92 28.52 33.08
C PHE A 608 -54.06 29.30 31.78
N LYS A 609 -55.05 28.93 30.97
CA LYS A 609 -55.28 29.56 29.67
C LYS A 609 -55.47 31.06 29.78
N GLU A 610 -56.14 31.49 30.85
CA GLU A 610 -56.41 32.92 31.03
C GLU A 610 -55.30 33.60 31.82
N CYS A 611 -54.11 33.00 31.81
CA CYS A 611 -52.96 33.58 32.51
C CYS A 611 -51.91 34.07 31.53
N PHE A 612 -52.12 33.81 30.24
CA PHE A 612 -51.13 34.16 29.23
C PHE A 612 -51.74 34.66 27.93
N VAL A 613 -50.92 35.36 27.14
CA VAL A 613 -51.23 35.69 25.76
C VAL A 613 -50.10 35.15 24.90
N SER A 614 -50.23 35.29 23.57
CA SER A 614 -49.23 34.73 22.68
C SER A 614 -48.93 35.62 21.48
N ARG A 615 -47.69 35.52 20.99
CA ARG A 615 -47.26 36.20 19.77
C ARG A 615 -46.76 35.17 18.77
N PRO A 616 -47.08 35.37 17.48
CA PRO A 616 -46.55 34.49 16.43
C PRO A 616 -45.02 34.39 16.50
N HIS A 617 -44.51 33.17 16.70
CA HIS A 617 -43.09 32.95 16.93
C HIS A 617 -42.22 33.45 15.76
N PRO A 618 -41.16 34.19 16.07
CA PRO A 618 -40.26 34.76 15.06
C PRO A 618 -39.53 33.71 14.24
N LYS A 619 -39.19 32.59 14.87
CA LYS A 619 -38.50 31.50 14.17
C LYS A 619 -39.10 30.15 14.51
N PRO A 620 -40.23 29.81 13.88
CA PRO A 620 -40.91 28.52 14.11
C PRO A 620 -40.08 27.34 13.64
N LYS A 621 -39.97 26.31 14.46
CA LYS A 621 -39.18 25.13 14.13
C LYS A 621 -40.00 23.85 14.29
N GLN A 622 -39.33 22.72 14.14
CA GLN A 622 -39.95 21.43 14.40
C GLN A 622 -38.95 20.50 15.08
N PHE A 623 -38.91 20.55 16.41
CA PHE A 623 -38.00 19.71 17.18
C PHE A 623 -38.73 18.48 17.69
N SER A 624 -38.10 17.32 17.52
CA SER A 624 -38.68 16.03 17.91
C SER A 624 -40.10 15.87 17.36
N SER A 625 -41.03 15.54 18.25
CA SER A 625 -42.42 15.36 17.86
C SER A 625 -43.23 16.64 18.07
N PHE A 626 -42.54 17.78 18.07
CA PHE A 626 -43.19 19.06 18.33
C PHE A 626 -43.14 19.98 17.11
N GLU A 627 -43.84 21.09 17.21
CA GLU A 627 -43.88 22.08 16.13
C GLU A 627 -44.24 23.46 16.69
N LYS A 628 -43.24 24.34 16.76
CA LYS A 628 -43.45 25.68 17.31
C LYS A 628 -44.44 26.48 16.46
N ARG A 629 -45.47 27.01 17.11
CA ARG A 629 -46.45 27.82 16.41
C ARG A 629 -46.45 29.25 16.92
N ALA A 630 -46.14 29.42 18.20
CA ALA A 630 -46.14 30.74 18.81
C ALA A 630 -45.34 30.77 20.11
N LYS A 631 -44.99 31.97 20.56
CA LYS A 631 -44.32 32.17 21.83
C LYS A 631 -45.31 32.75 22.84
N ILE A 632 -45.14 32.39 24.11
CA ILE A 632 -46.14 32.71 25.13
C ILE A 632 -45.63 33.67 26.20
N PHE A 633 -46.41 34.72 26.46
CA PHE A 633 -46.05 35.74 27.45
C PHE A 633 -47.15 35.89 28.50
N CYS A 634 -46.82 36.59 29.59
CA CYS A 634 -47.78 36.83 30.66
C CYS A 634 -48.86 37.83 30.23
N ALA A 635 -49.81 38.09 31.12
CA ALA A 635 -50.95 38.95 30.76
C ALA A 635 -51.21 40.04 31.80
N ARG A 636 -50.48 40.04 32.90
CA ARG A 636 -50.68 41.03 33.95
C ARG A 636 -50.15 42.40 33.55
N GLN A 637 -51.00 43.17 32.86
CA GLN A 637 -50.73 44.57 32.54
C GLN A 637 -49.39 44.81 31.84
N ASN A 638 -48.51 45.55 32.51
CA ASN A 638 -47.26 46.01 31.92
C ASN A 638 -46.14 44.99 31.97
N CYS A 639 -46.49 43.72 32.18
CA CYS A 639 -45.48 42.68 32.34
C CYS A 639 -44.96 42.18 31.00
N SER A 640 -45.74 41.32 30.34
CA SER A 640 -45.37 40.72 29.07
C SER A 640 -44.01 40.01 29.15
N HIS A 641 -43.84 39.19 30.19
CA HIS A 641 -42.58 38.48 30.40
C HIS A 641 -42.58 37.14 29.66
N ASP A 642 -41.39 36.74 29.22
CA ASP A 642 -41.22 35.47 28.51
C ASP A 642 -41.50 34.27 29.40
N TRP A 643 -42.55 33.53 29.09
CA TRP A 643 -42.89 32.31 29.82
C TRP A 643 -42.41 31.06 29.11
N GLY A 644 -42.97 30.81 27.94
CA GLY A 644 -42.59 29.65 27.14
C GLY A 644 -43.05 29.80 25.71
N ILE A 645 -43.58 28.71 25.13
CA ILE A 645 -44.06 28.73 23.75
C ILE A 645 -45.35 27.93 23.59
N HIS A 646 -45.95 28.04 22.42
CA HIS A 646 -47.16 27.27 22.10
C HIS A 646 -46.88 26.36 20.91
N VAL A 647 -46.95 25.06 21.15
CA VAL A 647 -46.59 24.08 20.12
C VAL A 647 -47.72 23.10 19.82
N LYS A 648 -47.55 22.35 18.74
CA LYS A 648 -48.50 21.33 18.35
C LYS A 648 -47.86 19.95 18.49
N TYR A 649 -48.12 19.29 19.62
CA TYR A 649 -47.58 17.96 19.87
C TYR A 649 -48.61 16.89 19.51
N LYS A 650 -48.29 16.11 18.48
CA LYS A 650 -49.20 15.11 17.92
C LYS A 650 -50.50 15.76 17.45
N THR A 651 -51.60 15.48 18.14
CA THR A 651 -52.89 16.05 17.79
C THR A 651 -53.33 17.11 18.80
N PHE A 652 -52.41 17.47 19.70
CA PHE A 652 -52.70 18.44 20.75
C PHE A 652 -52.06 19.80 20.49
N GLU A 653 -52.77 20.85 20.88
CA GLU A 653 -52.23 22.21 20.88
C GLU A 653 -51.94 22.63 22.31
N ILE A 654 -50.68 22.65 22.69
CA ILE A 654 -50.32 22.82 24.09
C ILE A 654 -49.25 23.88 24.34
N PRO A 655 -49.30 24.53 25.51
CA PRO A 655 -48.24 25.43 25.97
C PRO A 655 -47.10 24.71 26.68
N VAL A 656 -45.88 24.90 26.19
CA VAL A 656 -44.70 24.35 26.84
C VAL A 656 -43.90 25.44 27.53
N ILE A 657 -43.73 25.32 28.84
CA ILE A 657 -43.10 26.35 29.65
C ILE A 657 -41.72 25.92 30.16
N LYS A 658 -40.96 26.89 30.63
CA LYS A 658 -39.65 26.63 31.22
C LYS A 658 -39.60 27.13 32.67
N ILE A 659 -39.04 26.32 33.56
CA ILE A 659 -38.94 26.69 34.96
C ILE A 659 -37.95 27.83 35.13
N GLU A 660 -37.13 28.07 34.10
CA GLU A 660 -36.16 29.15 34.10
C GLU A 660 -36.82 30.51 34.19
N SER A 661 -38.09 30.57 33.83
CA SER A 661 -38.82 31.84 33.80
C SER A 661 -39.86 31.94 34.90
N PHE A 662 -39.93 30.92 35.77
CA PHE A 662 -40.89 30.93 36.86
C PHE A 662 -40.22 30.75 38.22
N VAL A 663 -40.78 31.38 39.24
CA VAL A 663 -40.31 31.22 40.61
C VAL A 663 -41.29 30.34 41.39
N VAL A 664 -40.78 29.30 42.04
CA VAL A 664 -41.62 28.33 42.72
C VAL A 664 -41.97 28.79 44.14
N GLU A 665 -43.21 28.60 44.54
CA GLU A 665 -43.64 28.96 45.89
C GLU A 665 -44.30 27.78 46.61
N ASP A 666 -43.60 27.23 47.59
CA ASP A 666 -44.17 26.18 48.43
C ASP A 666 -45.36 26.75 49.19
N ILE A 667 -46.49 26.04 49.14
CA ILE A 667 -47.70 26.47 49.82
C ILE A 667 -47.58 26.20 51.32
N ALA A 668 -46.95 25.08 51.66
CA ALA A 668 -46.79 24.68 53.06
C ALA A 668 -45.85 25.63 53.81
N THR A 669 -44.57 25.58 53.47
CA THR A 669 -43.56 26.39 54.16
C THR A 669 -43.71 27.88 53.87
N GLY A 670 -44.17 28.19 52.66
CA GLY A 670 -44.33 29.58 52.25
C GLY A 670 -43.06 30.16 51.68
N VAL A 671 -42.03 29.32 51.57
CA VAL A 671 -40.73 29.76 51.07
C VAL A 671 -40.67 29.72 49.55
N GLN A 672 -40.11 30.76 48.95
CA GLN A 672 -39.96 30.83 47.50
C GLN A 672 -38.57 30.38 47.06
N THR A 673 -38.53 29.48 46.08
CA THR A 673 -37.28 28.94 45.57
C THR A 673 -37.15 29.18 44.06
N LEU A 674 -35.92 29.42 43.62
CA LEU A 674 -35.63 29.69 42.21
C LEU A 674 -34.95 28.50 41.54
N TYR A 675 -35.45 28.12 40.38
CA TYR A 675 -34.86 27.02 39.62
C TYR A 675 -34.61 27.42 38.17
N SER A 676 -33.51 26.93 37.59
CA SER A 676 -33.15 27.24 36.21
C SER A 676 -33.49 26.07 35.28
N LYS A 677 -33.01 24.89 35.62
CA LYS A 677 -33.29 23.69 34.83
C LYS A 677 -34.41 22.87 35.45
N TRP A 678 -35.26 22.31 34.61
CA TRP A 678 -36.41 21.53 35.07
C TRP A 678 -36.01 20.29 35.86
N LYS A 679 -34.86 19.71 35.52
CA LYS A 679 -34.39 18.50 36.19
C LYS A 679 -33.76 18.80 37.54
N ASP A 680 -33.70 20.09 37.88
CA ASP A 680 -33.23 20.51 39.19
C ASP A 680 -34.40 20.75 40.13
N PHE A 681 -35.60 20.81 39.55
CA PHE A 681 -36.83 20.92 40.32
C PHE A 681 -37.43 19.53 40.49
N HIS A 682 -36.98 18.82 41.52
CA HIS A 682 -37.37 17.43 41.72
C HIS A 682 -38.72 17.29 42.41
N PHE A 683 -39.74 17.95 41.86
CA PHE A 683 -41.11 17.73 42.33
C PHE A 683 -41.62 16.46 41.65
N GLU A 684 -42.81 16.01 42.05
CA GLU A 684 -43.35 14.77 41.50
C GLU A 684 -43.65 14.91 40.02
N LYS A 685 -42.96 14.12 39.20
CA LYS A 685 -43.24 14.08 37.78
C LYS A 685 -44.58 13.42 37.53
N ILE A 686 -45.39 14.03 36.68
CA ILE A 686 -46.65 13.43 36.27
C ILE A 686 -46.67 13.26 34.76
N PRO A 687 -46.28 12.06 34.29
CA PRO A 687 -46.16 11.71 32.87
C PRO A 687 -47.38 12.14 32.04
N PHE A 688 -47.13 12.55 30.81
CA PHE A 688 -48.20 13.02 29.94
C PHE A 688 -49.04 11.86 29.42
N ASP A 689 -50.34 12.07 29.36
CA ASP A 689 -51.28 11.06 28.90
C ASP A 689 -52.36 11.72 28.04
N PRO A 690 -52.77 11.06 26.94
CA PRO A 690 -53.79 11.59 26.04
C PRO A 690 -55.12 11.91 26.72
N ALA A 691 -55.33 11.40 27.93
CA ALA A 691 -56.54 11.69 28.69
C ALA A 691 -56.51 13.11 29.25
N GLU A 692 -57.42 13.39 30.18
CA GLU A 692 -57.52 14.69 30.84
C GLU A 692 -57.69 15.83 29.85
N PRO C 10 -34.41 29.45 0.00
CA PRO C 10 -35.14 29.53 -1.27
C PRO C 10 -34.61 30.62 -2.18
N PHE C 11 -35.33 30.91 -3.25
CA PHE C 11 -34.94 31.95 -4.19
C PHE C 11 -36.16 32.54 -4.89
N LYS C 12 -36.12 33.85 -5.14
CA LYS C 12 -37.24 34.54 -5.79
C LYS C 12 -37.49 34.00 -7.19
N PRO C 13 -38.66 33.36 -7.40
CA PRO C 13 -39.01 32.75 -8.67
C PRO C 13 -39.48 33.73 -9.72
N ARG C 14 -39.64 33.26 -10.95
CA ARG C 14 -40.24 34.06 -12.01
C ARG C 14 -41.75 33.96 -11.90
N ASN C 15 -42.46 34.89 -12.53
CA ASN C 15 -43.91 34.89 -12.47
C ASN C 15 -44.52 33.81 -13.37
N TYR C 16 -43.90 33.60 -14.53
CA TYR C 16 -44.40 32.60 -15.47
C TYR C 16 -44.22 31.19 -14.92
N GLN C 17 -43.33 31.05 -13.93
CA GLN C 17 -43.15 29.77 -13.27
C GLN C 17 -44.35 29.45 -12.39
N LEU C 18 -44.79 30.46 -11.64
CA LEU C 18 -45.99 30.36 -10.84
C LEU C 18 -47.20 30.11 -11.74
N GLU C 19 -47.21 30.79 -12.88
CA GLU C 19 -48.28 30.65 -13.87
C GLU C 19 -48.34 29.24 -14.44
N LEU C 20 -47.17 28.65 -14.69
CA LEU C 20 -47.09 27.30 -15.24
C LEU C 20 -47.43 26.25 -14.20
N ALA C 21 -47.09 26.53 -12.94
CA ALA C 21 -47.31 25.58 -11.87
C ALA C 21 -48.70 25.70 -11.26
N LEU C 22 -49.43 26.74 -11.65
CA LEU C 22 -50.74 27.01 -11.07
C LEU C 22 -51.79 25.92 -11.35
N PRO C 23 -51.93 25.45 -12.60
CA PRO C 23 -52.92 24.39 -12.81
C PRO C 23 -52.58 23.10 -12.06
N ALA C 24 -51.29 22.84 -11.88
CA ALA C 24 -50.84 21.63 -11.20
C ALA C 24 -51.14 21.71 -9.71
N MET C 25 -50.98 22.89 -9.13
CA MET C 25 -51.23 23.09 -7.71
C MET C 25 -52.73 23.04 -7.40
N LYS C 26 -53.55 23.20 -8.44
CA LYS C 26 -54.99 23.11 -8.27
C LYS C 26 -55.45 21.66 -8.29
N GLY C 27 -54.51 20.75 -8.46
CA GLY C 27 -54.79 19.32 -8.38
C GLY C 27 -55.18 18.68 -9.69
N LYS C 28 -54.99 19.39 -10.79
CA LYS C 28 -55.38 18.88 -12.10
C LYS C 28 -54.21 18.21 -12.81
N ASN C 29 -54.49 17.05 -13.42
CA ASN C 29 -53.51 16.39 -14.27
C ASN C 29 -53.17 17.27 -15.46
N THR C 30 -51.94 17.77 -15.51
CA THR C 30 -51.60 18.78 -16.52
C THR C 30 -50.25 18.56 -17.21
N ILE C 31 -50.21 18.91 -18.49
CA ILE C 31 -48.98 18.88 -19.27
C ILE C 31 -48.40 20.28 -19.39
N ILE C 32 -47.20 20.47 -18.84
CA ILE C 32 -46.55 21.77 -18.88
C ILE C 32 -45.63 21.89 -20.09
N CYS C 33 -45.93 22.87 -20.94
CA CYS C 33 -45.16 23.11 -22.15
C CYS C 33 -44.47 24.47 -22.08
N ALA C 34 -43.18 24.47 -21.76
CA ALA C 34 -42.40 25.69 -21.64
C ALA C 34 -41.07 25.56 -22.37
N PRO C 35 -40.58 26.66 -22.96
CA PRO C 35 -39.30 26.68 -23.69
C PRO C 35 -38.15 26.08 -22.89
N THR C 36 -37.22 25.44 -23.59
CA THR C 36 -36.12 24.73 -22.94
C THR C 36 -35.21 25.66 -22.16
N GLY C 37 -35.02 25.38 -20.88
CA GLY C 37 -34.06 26.08 -20.06
C GLY C 37 -34.60 27.31 -19.36
N CYS C 38 -35.92 27.37 -19.18
CA CYS C 38 -36.53 28.49 -18.47
C CYS C 38 -36.68 28.14 -16.98
N GLY C 39 -36.19 26.96 -16.61
CA GLY C 39 -36.21 26.52 -15.23
C GLY C 39 -37.44 25.71 -14.87
N LYS C 40 -37.52 24.50 -15.40
CA LYS C 40 -38.62 23.61 -15.10
C LYS C 40 -38.42 22.93 -13.75
N THR C 41 -37.16 22.92 -13.30
CA THR C 41 -36.81 22.30 -12.02
C THR C 41 -37.51 23.00 -10.87
N PHE C 42 -37.48 24.33 -10.89
CA PHE C 42 -38.14 25.10 -9.84
C PHE C 42 -39.65 24.88 -9.87
N VAL C 43 -40.18 24.71 -11.07
CA VAL C 43 -41.60 24.40 -11.24
C VAL C 43 -41.93 23.08 -10.56
N SER C 44 -41.09 22.08 -10.81
CA SER C 44 -41.24 20.77 -10.18
C SER C 44 -41.17 20.87 -8.66
N LEU C 45 -40.20 21.62 -8.16
CA LEU C 45 -40.01 21.79 -6.72
C LEU C 45 -41.21 22.48 -6.08
N LEU C 46 -41.77 23.46 -6.77
CA LEU C 46 -42.91 24.21 -6.27
C LEU C 46 -44.15 23.32 -6.22
N ILE C 47 -44.41 22.64 -7.34
CA ILE C 47 -45.53 21.71 -7.42
C ILE C 47 -45.45 20.64 -6.33
N CYS C 48 -44.26 20.07 -6.16
CA CYS C 48 -44.05 19.04 -5.15
C CYS C 48 -44.23 19.58 -3.74
N GLU C 49 -43.71 20.78 -3.49
CA GLU C 49 -43.81 21.40 -2.18
C GLU C 49 -45.28 21.64 -1.81
N HIS C 50 -46.02 22.24 -2.74
CA HIS C 50 -47.44 22.51 -2.50
C HIS C 50 -48.22 21.21 -2.31
N HIS C 51 -47.98 20.24 -3.19
CA HIS C 51 -48.67 18.96 -3.15
C HIS C 51 -48.43 18.23 -1.84
N LEU C 52 -47.20 18.28 -1.35
CA LEU C 52 -46.85 17.59 -0.11
C LEU C 52 -47.42 18.32 1.10
N LYS C 53 -47.36 19.65 1.07
CA LYS C 53 -47.80 20.43 2.21
C LYS C 53 -49.27 20.85 2.09
N LYS C 54 -50.01 20.17 1.22
CA LYS C 54 -51.45 20.39 1.13
C LYS C 54 -52.20 19.39 2.01
N PHE C 55 -51.56 18.26 2.29
CA PHE C 55 -52.20 17.17 3.01
C PHE C 55 -52.39 17.47 4.50
N PRO C 56 -53.39 16.83 5.13
CA PRO C 56 -53.62 16.97 6.57
C PRO C 56 -52.58 16.20 7.40
N GLN C 57 -52.89 15.95 8.67
CA GLN C 57 -51.94 15.32 9.57
C GLN C 57 -52.12 13.81 9.62
N GLY C 58 -53.36 13.35 9.43
CA GLY C 58 -53.65 11.93 9.46
C GLY C 58 -53.37 11.24 8.13
N GLN C 59 -52.96 12.02 7.14
CA GLN C 59 -52.66 11.51 5.82
C GLN C 59 -51.34 12.07 5.31
N LYS C 60 -50.67 11.30 4.45
CA LYS C 60 -49.37 11.72 3.92
C LYS C 60 -49.28 11.46 2.42
N GLY C 61 -48.59 12.36 1.72
CA GLY C 61 -48.44 12.25 0.28
C GLY C 61 -47.15 11.56 -0.12
N LYS C 62 -47.10 11.10 -1.37
CA LYS C 62 -45.93 10.40 -1.89
C LYS C 62 -45.73 10.70 -3.37
N VAL C 63 -44.68 11.46 -3.67
CA VAL C 63 -44.40 11.90 -5.03
C VAL C 63 -43.35 11.03 -5.71
N VAL C 64 -43.56 10.74 -7.00
CA VAL C 64 -42.58 10.00 -7.78
C VAL C 64 -42.18 10.80 -9.02
N PHE C 65 -40.87 10.91 -9.25
CA PHE C 65 -40.34 11.65 -10.39
C PHE C 65 -39.78 10.66 -11.42
N PHE C 66 -39.92 11.01 -12.69
CA PHE C 66 -39.48 10.12 -13.76
C PHE C 66 -38.48 10.80 -14.68
N ALA C 67 -37.20 10.53 -14.44
CA ALA C 67 -36.14 10.96 -15.34
C ALA C 67 -35.79 9.82 -16.28
N ASN C 68 -35.60 10.14 -17.56
CA ASN C 68 -35.37 9.11 -18.56
C ASN C 68 -33.92 8.64 -18.61
N GLN C 69 -33.00 9.48 -18.14
CA GLN C 69 -31.58 9.13 -18.18
C GLN C 69 -30.87 9.44 -16.87
N ILE C 70 -29.75 8.76 -16.64
CA ILE C 70 -29.01 8.83 -15.38
C ILE C 70 -28.54 10.23 -14.96
N PRO C 71 -28.03 11.06 -15.89
CA PRO C 71 -27.63 12.40 -15.45
C PRO C 71 -28.77 13.19 -14.81
N VAL C 72 -29.92 13.21 -15.48
CA VAL C 72 -31.09 13.89 -14.95
C VAL C 72 -31.52 13.26 -13.63
N TYR C 73 -31.42 11.93 -13.56
CA TYR C 73 -31.70 11.20 -12.33
C TYR C 73 -30.88 11.75 -11.17
N GLU C 74 -29.57 11.80 -11.35
CA GLU C 74 -28.64 12.25 -10.32
C GLU C 74 -28.91 13.71 -9.93
N GLN C 75 -28.99 14.58 -10.94
CA GLN C 75 -29.22 16.00 -10.72
C GLN C 75 -30.50 16.24 -9.92
N GLN C 76 -31.61 15.75 -10.45
CA GLN C 76 -32.91 15.94 -9.81
C GLN C 76 -32.94 15.34 -8.42
N LYS C 77 -32.31 14.18 -8.24
CA LYS C 77 -32.27 13.54 -6.93
C LYS C 77 -31.56 14.43 -5.93
N SER C 78 -30.40 14.95 -6.32
CA SER C 78 -29.60 15.80 -5.45
C SER C 78 -30.35 17.09 -5.09
N VAL C 79 -30.94 17.73 -6.09
CA VAL C 79 -31.67 18.97 -5.85
C VAL C 79 -32.88 18.76 -4.95
N PHE C 80 -33.70 17.77 -5.28
CA PHE C 80 -34.88 17.44 -4.48
C PHE C 80 -34.51 17.10 -3.03
N SER C 81 -33.47 16.29 -2.86
CA SER C 81 -33.04 15.89 -1.52
C SER C 81 -32.51 17.08 -0.72
N LYS C 82 -31.76 17.95 -1.40
CA LYS C 82 -31.17 19.10 -0.73
C LYS C 82 -32.22 20.15 -0.38
N TYR C 83 -33.29 20.20 -1.15
CA TYR C 83 -34.31 21.23 -0.96
C TYR C 83 -35.43 20.80 -0.01
N PHE C 84 -35.80 19.52 -0.06
CA PHE C 84 -36.99 19.05 0.66
C PHE C 84 -36.71 18.44 2.02
N GLU C 85 -35.46 18.11 2.30
CA GLU C 85 -35.11 17.53 3.59
C GLU C 85 -35.38 18.53 4.72
N ARG C 86 -34.99 19.78 4.49
CA ARG C 86 -35.19 20.84 5.47
C ARG C 86 -36.65 20.96 5.87
N HIS C 87 -37.54 20.63 4.94
CA HIS C 87 -38.98 20.70 5.17
C HIS C 87 -39.48 19.46 5.90
N GLY C 88 -38.61 18.46 6.06
CA GLY C 88 -38.95 17.26 6.80
C GLY C 88 -39.48 16.13 5.93
N TYR C 89 -39.08 16.14 4.66
CA TYR C 89 -39.49 15.10 3.72
C TYR C 89 -38.29 14.28 3.27
N ARG C 90 -38.49 12.97 3.18
CA ARG C 90 -37.40 12.07 2.81
C ARG C 90 -37.38 11.82 1.31
N VAL C 91 -36.24 12.10 0.68
CA VAL C 91 -36.09 11.93 -0.76
C VAL C 91 -35.06 10.85 -1.09
N THR C 92 -35.43 9.93 -1.96
CA THR C 92 -34.53 8.87 -2.39
C THR C 92 -34.63 8.66 -3.90
N GLY C 93 -33.85 7.70 -4.41
CA GLY C 93 -33.87 7.39 -5.82
C GLY C 93 -33.50 5.95 -6.09
N ILE C 94 -34.08 5.38 -7.15
CA ILE C 94 -33.73 4.02 -7.55
C ILE C 94 -33.45 3.93 -9.04
N SER C 95 -32.19 3.62 -9.38
CA SER C 95 -31.81 3.39 -10.76
C SER C 95 -31.40 1.94 -10.94
N GLY C 96 -31.02 1.59 -12.17
CA GLY C 96 -30.69 0.21 -12.50
C GLY C 96 -29.52 -0.34 -11.72
N ALA C 97 -28.62 0.54 -11.29
CA ALA C 97 -27.43 0.12 -10.56
C ALA C 97 -27.78 -0.33 -9.15
N THR C 98 -28.74 0.35 -8.53
CA THR C 98 -29.11 0.06 -7.14
C THR C 98 -30.53 -0.48 -7.03
N ALA C 99 -30.96 -1.26 -8.02
CA ALA C 99 -32.31 -1.80 -8.03
C ALA C 99 -32.33 -3.27 -7.64
N GLU C 100 -31.18 -3.92 -7.75
CA GLU C 100 -31.10 -5.36 -7.51
C GLU C 100 -30.90 -5.70 -6.04
N ASN C 101 -31.56 -6.78 -5.61
CA ASN C 101 -31.43 -7.30 -4.25
C ASN C 101 -31.81 -6.30 -3.17
N VAL C 102 -32.81 -5.46 -3.46
CA VAL C 102 -33.34 -4.51 -2.48
C VAL C 102 -34.86 -4.44 -2.56
N PRO C 103 -35.53 -4.51 -1.41
CA PRO C 103 -36.99 -4.42 -1.37
C PRO C 103 -37.49 -3.03 -1.76
N VAL C 104 -37.86 -2.88 -3.03
CA VAL C 104 -38.23 -1.57 -3.56
C VAL C 104 -39.54 -1.03 -2.96
N GLU C 105 -40.41 -1.92 -2.51
CA GLU C 105 -41.69 -1.51 -1.95
C GLU C 105 -41.48 -0.79 -0.62
N GLN C 106 -40.50 -1.24 0.14
CA GLN C 106 -40.18 -0.64 1.42
C GLN C 106 -39.44 0.67 1.22
N ILE C 107 -38.64 0.73 0.16
CA ILE C 107 -37.94 1.95 -0.21
C ILE C 107 -38.94 3.03 -0.64
N VAL C 108 -39.95 2.62 -1.38
CA VAL C 108 -41.00 3.53 -1.83
C VAL C 108 -41.86 3.99 -0.65
N GLU C 109 -42.25 3.04 0.20
CA GLU C 109 -43.13 3.37 1.33
C GLU C 109 -42.43 4.27 2.35
N ASN C 110 -41.17 3.99 2.65
CA ASN C 110 -40.45 4.73 3.67
C ASN C 110 -39.90 6.08 3.18
N ASN C 111 -40.35 6.52 2.02
CA ASN C 111 -39.93 7.80 1.47
C ASN C 111 -41.08 8.63 0.94
N ASP C 112 -40.86 9.93 0.82
CA ASP C 112 -41.90 10.85 0.38
C ASP C 112 -41.72 11.26 -1.08
N ILE C 113 -40.46 11.30 -1.53
CA ILE C 113 -40.16 11.61 -2.92
C ILE C 113 -39.21 10.57 -3.48
N ILE C 114 -39.60 9.92 -4.57
CA ILE C 114 -38.79 8.87 -5.16
C ILE C 114 -38.45 9.18 -6.62
N ILE C 115 -37.18 9.41 -6.89
CA ILE C 115 -36.74 9.65 -8.27
C ILE C 115 -36.38 8.33 -8.94
N LEU C 116 -37.01 8.07 -10.08
CA LEU C 116 -36.89 6.78 -10.75
C LEU C 116 -36.56 6.91 -12.23
N THR C 117 -35.90 5.89 -12.76
CA THR C 117 -35.91 5.67 -14.19
C THR C 117 -37.14 4.79 -14.44
N PRO C 118 -37.91 5.10 -15.49
CA PRO C 118 -39.23 4.49 -15.70
C PRO C 118 -39.19 2.96 -15.77
N GLN C 119 -38.11 2.41 -16.34
CA GLN C 119 -37.97 0.97 -16.50
C GLN C 119 -38.04 0.24 -15.16
N ILE C 120 -37.55 0.89 -14.11
CA ILE C 120 -37.61 0.33 -12.76
C ILE C 120 -39.05 0.08 -12.35
N LEU C 121 -39.87 1.13 -12.43
CA LEU C 121 -41.27 1.04 -12.05
C LEU C 121 -42.01 0.05 -12.95
N VAL C 122 -41.69 0.06 -14.24
CA VAL C 122 -42.29 -0.89 -15.17
C VAL C 122 -42.03 -2.33 -14.73
N ASN C 123 -40.76 -2.66 -14.52
CA ASN C 123 -40.37 -4.00 -14.10
C ASN C 123 -40.96 -4.40 -12.77
N ASN C 124 -41.02 -3.47 -11.82
CA ASN C 124 -41.55 -3.76 -10.50
C ASN C 124 -43.06 -3.94 -10.50
N LEU C 125 -43.75 -3.21 -11.37
CA LEU C 125 -45.18 -3.37 -11.53
C LEU C 125 -45.50 -4.70 -12.18
N LYS C 126 -44.75 -5.04 -13.23
CA LYS C 126 -44.96 -6.30 -13.94
C LYS C 126 -44.67 -7.50 -13.04
N LYS C 127 -43.60 -7.40 -12.26
CA LYS C 127 -43.19 -8.48 -11.37
C LYS C 127 -44.24 -8.69 -10.27
N GLY C 128 -44.65 -7.60 -9.62
CA GLY C 128 -45.66 -7.67 -8.59
C GLY C 128 -45.21 -7.08 -7.26
N THR C 129 -43.96 -6.63 -7.20
CA THR C 129 -43.42 -6.06 -5.97
C THR C 129 -44.16 -4.80 -5.58
N ILE C 130 -44.64 -4.07 -6.58
CA ILE C 130 -45.51 -2.92 -6.35
C ILE C 130 -46.91 -3.23 -6.87
N PRO C 131 -47.87 -3.37 -5.95
CA PRO C 131 -49.24 -3.79 -6.26
C PRO C 131 -49.93 -2.89 -7.28
N SER C 132 -50.02 -1.59 -6.97
CA SER C 132 -50.68 -0.65 -7.86
C SER C 132 -50.04 0.74 -7.77
N LEU C 133 -50.48 1.64 -8.65
CA LEU C 133 -49.99 3.01 -8.65
C LEU C 133 -50.71 3.84 -7.62
N SER C 134 -51.58 3.20 -6.84
CA SER C 134 -52.36 3.88 -5.80
C SER C 134 -51.46 4.33 -4.66
N ILE C 135 -50.26 3.76 -4.59
CA ILE C 135 -49.30 4.09 -3.55
C ILE C 135 -48.89 5.56 -3.62
N PHE C 136 -48.69 6.05 -4.85
CA PHE C 136 -48.30 7.44 -5.06
C PHE C 136 -49.51 8.37 -5.05
N THR C 137 -49.25 9.64 -4.77
CA THR C 137 -50.29 10.67 -4.83
C THR C 137 -49.98 11.66 -5.93
N LEU C 138 -48.79 11.54 -6.51
CA LEU C 138 -48.35 12.43 -7.58
C LEU C 138 -47.25 11.79 -8.43
N MET C 139 -47.44 11.79 -9.74
CA MET C 139 -46.44 11.31 -10.68
C MET C 139 -46.01 12.42 -11.62
N ILE C 140 -44.70 12.62 -11.74
CA ILE C 140 -44.20 13.65 -12.65
C ILE C 140 -43.32 13.04 -13.73
N PHE C 141 -43.64 13.30 -14.99
CA PHE C 141 -42.87 12.78 -16.10
C PHE C 141 -41.96 13.85 -16.69
N ASP C 142 -40.65 13.62 -16.63
CA ASP C 142 -39.71 14.52 -17.29
C ASP C 142 -39.63 14.14 -18.76
N GLU C 143 -39.71 15.14 -19.64
CA GLU C 143 -39.79 14.93 -21.08
C GLU C 143 -40.97 14.00 -21.40
N CYS C 144 -42.17 14.45 -21.05
CA CYS C 144 -43.37 13.64 -21.13
C CYS C 144 -43.84 13.39 -22.56
N HIS C 145 -43.11 13.93 -23.53
CA HIS C 145 -43.43 13.71 -24.93
C HIS C 145 -43.09 12.28 -25.34
N ASN C 146 -42.34 11.59 -24.50
CA ASN C 146 -41.97 10.20 -24.75
C ASN C 146 -43.09 9.24 -24.38
N THR C 147 -44.13 9.77 -23.73
CA THR C 147 -45.27 8.94 -23.34
C THR C 147 -46.06 8.53 -24.57
N SER C 148 -45.53 7.56 -25.31
CA SER C 148 -46.17 7.04 -26.51
C SER C 148 -45.54 5.72 -26.93
N LYS C 149 -46.28 4.95 -27.70
CA LYS C 149 -45.82 3.65 -28.20
C LYS C 149 -45.43 2.71 -27.06
N GLN C 150 -44.28 2.07 -27.20
CA GLN C 150 -43.84 1.07 -26.22
C GLN C 150 -42.80 1.63 -25.25
N HIS C 151 -42.72 2.95 -25.16
CA HIS C 151 -41.81 3.60 -24.21
C HIS C 151 -42.30 3.37 -22.79
N PRO C 152 -41.36 3.09 -21.86
CA PRO C 152 -41.64 2.80 -20.45
C PRO C 152 -42.64 3.77 -19.80
N TYR C 153 -42.60 5.04 -20.17
CA TYR C 153 -43.59 6.00 -19.71
C TYR C 153 -45.01 5.53 -20.03
N ASN C 154 -45.25 5.25 -21.31
CA ASN C 154 -46.55 4.80 -21.77
C ASN C 154 -46.88 3.42 -21.21
N MET C 155 -45.84 2.64 -20.90
CA MET C 155 -46.03 1.34 -20.26
C MET C 155 -46.59 1.52 -18.86
N ILE C 156 -46.15 2.59 -18.19
CA ILE C 156 -46.67 2.93 -16.87
C ILE C 156 -48.11 3.45 -16.98
N MET C 157 -48.31 4.36 -17.93
CA MET C 157 -49.62 4.98 -18.11
C MET C 157 -50.65 3.96 -18.57
N PHE C 158 -50.20 2.87 -19.16
CA PHE C 158 -51.09 1.77 -19.52
C PHE C 158 -51.65 1.14 -18.26
N ASN C 159 -50.80 0.98 -17.26
CA ASN C 159 -51.23 0.48 -15.96
C ASN C 159 -52.18 1.46 -15.29
N TYR C 160 -51.78 2.73 -15.28
CA TYR C 160 -52.61 3.80 -14.72
C TYR C 160 -54.02 3.79 -15.29
N LEU C 161 -54.11 3.82 -16.62
CA LEU C 161 -55.40 3.85 -17.30
C LEU C 161 -56.19 2.57 -17.11
N ASP C 162 -55.50 1.43 -17.19
CA ASP C 162 -56.14 0.13 -16.99
C ASP C 162 -56.80 0.04 -15.62
N GLN C 163 -56.17 0.65 -14.62
CA GLN C 163 -56.79 0.72 -13.31
C GLN C 163 -57.93 1.74 -13.32
N LYS C 164 -57.72 2.86 -14.01
CA LYS C 164 -58.73 3.91 -14.10
C LYS C 164 -59.96 3.43 -14.85
N LEU C 165 -59.74 2.85 -16.04
CA LEU C 165 -60.82 2.35 -16.86
C LEU C 165 -61.20 0.93 -16.46
N GLY C 166 -61.63 0.77 -15.21
CA GLY C 166 -62.02 -0.53 -14.70
C GLY C 166 -62.86 -0.42 -13.45
N GLY C 167 -63.56 -1.49 -13.11
CA GLY C 167 -64.38 -1.53 -11.91
C GLY C 167 -63.55 -1.35 -10.66
N SER C 168 -62.32 -1.87 -10.69
CA SER C 168 -61.39 -1.71 -9.58
C SER C 168 -61.01 -0.24 -9.41
N SER C 169 -61.48 0.35 -8.31
CA SER C 169 -61.26 1.77 -8.07
C SER C 169 -60.27 2.02 -6.93
N GLY C 170 -59.14 2.63 -7.27
CA GLY C 170 -58.17 3.02 -6.27
C GLY C 170 -57.77 4.48 -6.49
N PRO C 171 -57.42 5.18 -5.40
CA PRO C 171 -57.00 6.58 -5.48
C PRO C 171 -55.80 6.78 -6.39
N LEU C 172 -56.05 7.24 -7.62
CA LEU C 172 -54.99 7.43 -8.59
C LEU C 172 -54.30 8.79 -8.43
N PRO C 173 -52.97 8.79 -8.54
CA PRO C 173 -52.14 9.99 -8.35
C PRO C 173 -52.34 11.03 -9.44
N GLN C 174 -52.17 12.31 -9.08
CA GLN C 174 -52.19 13.40 -10.04
C GLN C 174 -51.05 13.24 -11.02
N VAL C 175 -51.28 13.52 -12.30
CA VAL C 175 -50.24 13.33 -13.30
C VAL C 175 -49.77 14.65 -13.91
N ILE C 176 -48.49 14.95 -13.71
CA ILE C 176 -47.88 16.14 -14.28
C ILE C 176 -46.88 15.74 -15.37
N GLY C 177 -46.91 16.45 -16.48
CA GLY C 177 -45.97 16.22 -17.56
C GLY C 177 -45.08 17.44 -17.73
N LEU C 178 -43.85 17.23 -18.15
CA LEU C 178 -42.92 18.33 -18.36
C LEU C 178 -42.28 18.22 -19.73
N THR C 179 -42.43 19.26 -20.55
CA THR C 179 -41.81 19.25 -21.87
C THR C 179 -41.70 20.64 -22.48
N ALA C 180 -40.98 20.72 -23.60
CA ALA C 180 -40.87 21.96 -24.35
C ALA C 180 -41.64 21.84 -25.65
N SER C 181 -42.16 20.65 -25.92
CA SER C 181 -42.92 20.37 -27.13
C SER C 181 -43.66 19.05 -27.01
N VAL C 182 -44.95 19.06 -27.32
CA VAL C 182 -45.77 17.85 -27.25
C VAL C 182 -45.74 17.08 -28.56
N GLY C 183 -45.36 17.76 -29.64
CA GLY C 183 -45.28 17.14 -30.95
C GLY C 183 -46.60 17.21 -31.69
N VAL C 184 -46.58 16.86 -32.98
CA VAL C 184 -47.78 16.87 -33.80
C VAL C 184 -47.88 15.61 -34.64
N GLY C 185 -46.86 14.76 -34.57
CA GLY C 185 -46.84 13.55 -35.37
C GLY C 185 -46.69 13.86 -36.85
N ASP C 186 -47.37 13.06 -37.68
CA ASP C 186 -47.32 13.26 -39.12
C ASP C 186 -48.52 14.06 -39.61
N ALA C 187 -48.92 15.06 -38.83
CA ALA C 187 -50.07 15.89 -39.16
C ALA C 187 -49.80 16.80 -40.34
N LYS C 188 -50.70 16.79 -41.32
CA LYS C 188 -50.57 17.64 -42.50
C LYS C 188 -51.28 18.98 -42.30
N ASN C 189 -52.16 19.04 -41.30
CA ASN C 189 -52.89 20.25 -40.99
C ASN C 189 -53.08 20.44 -39.49
N THR C 190 -53.80 21.50 -39.12
CA THR C 190 -54.00 21.83 -37.72
C THR C 190 -54.95 20.88 -37.00
N ASP C 191 -56.01 20.46 -37.68
CA ASP C 191 -57.02 19.61 -37.07
C ASP C 191 -56.50 18.19 -36.82
N GLU C 192 -55.41 17.83 -37.49
CA GLU C 192 -54.77 16.53 -37.25
C GLU C 192 -53.81 16.63 -36.07
N ALA C 193 -53.08 17.73 -36.01
CA ALA C 193 -52.19 18.01 -34.89
C ALA C 193 -52.97 18.09 -33.60
N LEU C 194 -54.17 18.66 -33.69
CA LEU C 194 -55.09 18.73 -32.56
C LEU C 194 -55.40 17.33 -32.04
N ASP C 195 -55.66 16.41 -32.98
CA ASP C 195 -55.96 15.04 -32.64
C ASP C 195 -54.76 14.34 -32.03
N TYR C 196 -53.56 14.66 -32.51
CA TYR C 196 -52.34 14.10 -31.96
C TYR C 196 -52.16 14.54 -30.50
N ILE C 197 -52.30 15.84 -30.27
CA ILE C 197 -52.14 16.39 -28.93
C ILE C 197 -53.19 15.83 -27.98
N CYS C 198 -54.42 15.69 -28.47
CA CYS C 198 -55.48 15.09 -27.67
C CYS C 198 -55.14 13.64 -27.34
N LYS C 199 -54.53 12.94 -28.30
CA LYS C 199 -54.13 11.55 -28.09
C LYS C 199 -53.03 11.45 -27.03
N LEU C 200 -52.10 12.39 -27.04
CA LEU C 200 -51.04 12.42 -26.06
C LEU C 200 -51.59 12.74 -24.67
N CYS C 201 -52.48 13.71 -24.60
CA CYS C 201 -53.13 14.06 -23.34
C CYS C 201 -53.95 12.89 -22.82
N ALA C 202 -54.46 12.08 -23.74
CA ALA C 202 -55.15 10.86 -23.38
C ALA C 202 -54.19 9.84 -22.81
N SER C 203 -52.99 9.77 -23.38
CA SER C 203 -51.96 8.85 -22.91
C SER C 203 -51.43 9.25 -21.55
N LEU C 204 -51.54 10.53 -21.21
CA LEU C 204 -51.07 11.04 -19.93
C LEU C 204 -52.22 11.38 -18.99
N ASP C 205 -53.44 11.16 -19.45
CA ASP C 205 -54.65 11.47 -18.69
C ASP C 205 -54.65 12.92 -18.22
N ALA C 206 -54.24 13.82 -19.11
CA ALA C 206 -54.16 15.24 -18.79
C ALA C 206 -55.44 15.96 -19.17
N SER C 207 -55.85 16.91 -18.33
CA SER C 207 -57.05 17.70 -18.60
C SER C 207 -56.69 19.16 -18.87
N VAL C 208 -55.44 19.51 -18.56
CA VAL C 208 -54.97 20.88 -18.74
C VAL C 208 -53.63 20.90 -19.48
N ILE C 209 -53.46 21.87 -20.37
CA ILE C 209 -52.17 22.10 -21.00
C ILE C 209 -51.66 23.49 -20.62
N ALA C 210 -50.68 23.53 -19.72
CA ALA C 210 -50.19 24.79 -19.18
C ALA C 210 -49.07 25.38 -20.04
N THR C 211 -49.29 26.62 -20.49
CA THR C 211 -48.27 27.37 -21.21
C THR C 211 -48.20 28.79 -20.65
N VAL C 212 -47.15 29.52 -20.99
CA VAL C 212 -47.00 30.90 -20.54
C VAL C 212 -47.84 31.84 -21.40
N LYS C 213 -48.60 32.71 -20.77
CA LYS C 213 -49.45 33.65 -21.48
C LYS C 213 -49.41 35.05 -20.89
N HIS C 214 -49.78 35.16 -19.61
CA HIS C 214 -49.90 36.46 -18.96
C HIS C 214 -48.56 36.99 -18.48
N ASN C 215 -47.49 36.24 -18.72
CA ASN C 215 -46.15 36.66 -18.34
C ASN C 215 -45.12 36.37 -19.43
N LEU C 216 -45.58 36.32 -20.68
CA LEU C 216 -44.71 36.07 -21.82
C LEU C 216 -43.62 37.13 -21.93
N GLU C 217 -43.97 38.35 -21.53
CA GLU C 217 -43.04 39.47 -21.61
C GLU C 217 -41.86 39.27 -20.66
N GLU C 218 -42.09 38.52 -19.58
CA GLU C 218 -41.02 38.18 -18.65
C GLU C 218 -40.20 37.01 -19.18
N LEU C 219 -40.89 35.99 -19.69
CA LEU C 219 -40.26 34.79 -20.20
C LEU C 219 -39.33 35.07 -21.37
N GLU C 220 -39.75 35.96 -22.26
CA GLU C 220 -39.01 36.24 -23.48
C GLU C 220 -37.80 37.14 -23.24
N GLN C 221 -37.58 37.52 -21.99
CA GLN C 221 -36.39 38.26 -21.59
C GLN C 221 -35.38 37.34 -20.92
N VAL C 222 -35.73 36.06 -20.84
CA VAL C 222 -34.88 35.06 -20.22
C VAL C 222 -34.42 34.03 -21.24
N VAL C 223 -35.36 33.51 -22.02
CA VAL C 223 -35.04 32.53 -23.06
C VAL C 223 -35.17 33.17 -24.45
N TYR C 224 -34.03 33.40 -25.09
CA TYR C 224 -34.01 34.05 -26.39
C TYR C 224 -33.90 33.03 -27.53
N LYS C 225 -34.82 33.11 -28.48
CA LYS C 225 -34.81 32.24 -29.64
C LYS C 225 -33.66 32.60 -30.58
N PRO C 226 -32.74 31.67 -30.81
CA PRO C 226 -31.60 31.91 -31.70
C PRO C 226 -32.03 31.99 -33.16
N GLN C 227 -31.44 32.92 -33.91
CA GLN C 227 -31.77 33.07 -35.33
C GLN C 227 -31.23 31.88 -36.11
N LYS C 228 -32.04 31.38 -37.03
CA LYS C 228 -31.72 30.14 -37.73
C LYS C 228 -31.38 30.38 -39.20
N PHE C 229 -30.09 30.39 -39.51
CA PHE C 229 -29.63 30.58 -40.88
C PHE C 229 -29.54 29.26 -41.62
N PHE C 230 -29.95 29.27 -42.89
CA PHE C 230 -29.93 28.06 -43.71
C PHE C 230 -28.81 28.13 -44.75
N ARG C 231 -27.83 27.23 -44.62
CA ARG C 231 -26.69 27.23 -45.53
C ARG C 231 -26.72 26.01 -46.46
N LYS C 232 -27.18 26.25 -47.68
CA LYS C 232 -27.16 25.24 -48.73
C LYS C 232 -25.92 25.41 -49.59
N VAL C 233 -25.09 24.37 -49.67
CA VAL C 233 -23.84 24.45 -50.42
C VAL C 233 -23.85 23.50 -51.61
N GLU C 234 -22.86 23.67 -52.48
CA GLU C 234 -22.71 22.80 -53.64
C GLU C 234 -21.87 21.58 -53.28
N SER C 235 -22.11 20.48 -53.98
CA SER C 235 -21.39 19.23 -53.71
C SER C 235 -19.97 19.27 -54.26
N ARG C 236 -19.26 18.16 -54.13
CA ARG C 236 -17.89 18.06 -54.61
C ARG C 236 -17.86 17.84 -56.12
N ILE C 237 -17.01 18.59 -56.81
CA ILE C 237 -16.89 18.47 -58.26
C ILE C 237 -15.44 18.69 -58.71
N ASP C 239 -14.66 14.79 -57.60
CA ASP C 239 -14.69 13.35 -57.87
C ASP C 239 -13.27 12.78 -57.91
N LYS C 240 -12.44 13.21 -56.97
CA LYS C 240 -11.06 12.76 -56.88
C LYS C 240 -10.97 11.41 -56.17
N PHE C 241 -12.08 10.99 -55.55
CA PHE C 241 -12.15 9.69 -54.88
C PHE C 241 -13.30 8.83 -55.38
N LYS C 242 -13.82 9.14 -56.57
CA LYS C 242 -14.98 8.43 -57.10
C LYS C 242 -14.62 7.44 -58.22
N TYR C 243 -13.67 7.83 -59.07
CA TYR C 243 -13.27 7.00 -60.21
C TYR C 243 -12.06 6.14 -59.87
N ILE C 244 -11.98 5.69 -58.62
CA ILE C 244 -10.83 4.94 -58.14
C ILE C 244 -11.27 3.69 -57.37
N ILE C 245 -12.21 3.89 -56.45
CA ILE C 245 -12.75 2.80 -55.66
C ILE C 245 -13.95 2.18 -56.39
N ALA C 246 -14.26 2.76 -57.56
CA ALA C 246 -15.38 2.30 -58.37
C ALA C 246 -15.15 0.88 -58.89
N GLN C 247 -14.03 0.67 -59.59
CA GLN C 247 -13.69 -0.67 -60.08
C GLN C 247 -13.43 -1.63 -58.92
N LEU C 248 -12.85 -1.08 -57.84
CA LEU C 248 -12.60 -1.82 -56.61
C LEU C 248 -13.89 -2.46 -56.11
N MET C 249 -14.94 -1.66 -56.04
CA MET C 249 -16.26 -2.15 -55.69
C MET C 249 -16.79 -3.10 -56.74
N ARG C 250 -16.59 -2.74 -58.00
CA ARG C 250 -17.13 -3.47 -59.13
C ARG C 250 -16.76 -4.97 -59.01
N ASP C 251 -15.46 -5.27 -59.03
CA ASP C 251 -15.14 -6.70 -58.99
C ASP C 251 -15.13 -7.21 -57.54
N THR C 252 -14.90 -6.39 -56.51
CA THR C 252 -15.00 -6.96 -55.16
C THR C 252 -16.41 -7.49 -54.93
N GLU C 253 -17.34 -6.96 -55.71
CA GLU C 253 -18.64 -7.60 -55.87
C GLU C 253 -18.55 -8.83 -56.79
N SER C 254 -17.86 -8.70 -57.92
CA SER C 254 -17.87 -9.80 -58.90
C SER C 254 -16.97 -11.04 -58.62
N LEU C 255 -15.96 -10.96 -57.74
CA LEU C 255 -15.22 -12.16 -57.35
C LEU C 255 -16.04 -12.88 -56.31
N ALA C 256 -17.01 -12.17 -55.77
CA ALA C 256 -18.07 -12.82 -55.00
C ALA C 256 -19.07 -13.42 -55.98
N LYS C 257 -19.20 -12.78 -57.15
CA LYS C 257 -20.02 -13.37 -58.22
C LYS C 257 -19.30 -14.52 -58.92
N ARG C 258 -17.99 -14.63 -58.69
CA ARG C 258 -17.21 -15.75 -59.23
C ARG C 258 -17.69 -17.07 -58.63
N ILE C 259 -18.15 -17.02 -57.39
CA ILE C 259 -18.62 -18.20 -56.70
C ILE C 259 -20.00 -18.62 -57.21
N CYS C 260 -20.93 -17.67 -57.25
CA CYS C 260 -22.29 -17.95 -57.71
C CYS C 260 -22.97 -16.69 -58.21
N LYS C 261 -23.92 -16.86 -59.13
CA LYS C 261 -24.65 -15.75 -59.71
C LYS C 261 -25.75 -15.26 -58.77
N ASP C 262 -25.89 -13.94 -58.67
CA ASP C 262 -26.91 -13.35 -57.80
C ASP C 262 -27.70 -12.26 -58.53
N LEU C 263 -29.01 -12.48 -58.67
CA LEU C 263 -29.89 -11.55 -59.35
C LEU C 263 -29.96 -10.21 -58.61
N ARG C 272 -29.70 0.07 -58.93
CA ARG C 272 -28.85 -0.05 -57.74
C ARG C 272 -27.54 0.72 -57.92
N GLU C 273 -27.58 2.02 -57.68
CA GLU C 273 -26.39 2.85 -57.81
C GLU C 273 -25.42 2.62 -56.65
N PHE C 274 -24.14 2.89 -56.89
CA PHE C 274 -23.11 2.67 -55.88
C PHE C 274 -22.78 3.97 -55.13
N GLY C 275 -22.44 3.84 -53.87
CA GLY C 275 -22.09 5.00 -53.05
C GLY C 275 -23.27 5.55 -52.27
N THR C 276 -24.34 4.77 -52.18
CA THR C 276 -25.57 5.21 -51.53
C THR C 276 -25.95 4.33 -50.35
N GLN C 277 -27.11 4.61 -49.77
CA GLN C 277 -27.65 3.82 -48.67
C GLN C 277 -28.36 2.59 -49.21
N LYS C 278 -28.90 2.70 -50.42
CA LYS C 278 -29.54 1.58 -51.09
C LYS C 278 -28.53 0.48 -51.37
N TYR C 279 -27.30 0.88 -51.69
CA TYR C 279 -26.21 -0.06 -51.91
C TYR C 279 -25.86 -0.77 -50.60
N GLU C 280 -25.96 -0.03 -49.50
CA GLU C 280 -25.75 -0.58 -48.17
C GLU C 280 -26.79 -1.66 -47.86
N GLN C 281 -28.07 -1.34 -48.07
CA GLN C 281 -29.15 -2.29 -47.84
C GLN C 281 -28.98 -3.52 -48.72
N TRP C 282 -28.55 -3.28 -49.97
CA TRP C 282 -28.33 -4.35 -50.93
C TRP C 282 -27.23 -5.30 -50.45
N ILE C 283 -26.09 -4.75 -50.08
CA ILE C 283 -24.97 -5.53 -49.59
C ILE C 283 -25.35 -6.30 -48.32
N VAL C 284 -26.15 -5.65 -47.46
CA VAL C 284 -26.57 -6.27 -46.22
C VAL C 284 -27.47 -7.48 -46.47
N THR C 285 -28.52 -7.30 -47.27
CA THR C 285 -29.46 -8.39 -47.54
C THR C 285 -28.79 -9.52 -48.33
N VAL C 286 -27.91 -9.16 -49.26
CA VAL C 286 -27.13 -10.16 -49.99
C VAL C 286 -26.30 -10.98 -49.01
N GLN C 287 -25.57 -10.28 -48.13
CA GLN C 287 -24.76 -10.93 -47.11
C GLN C 287 -25.60 -11.84 -46.22
N LYS C 288 -26.84 -11.43 -45.96
CA LYS C 288 -27.76 -12.22 -45.15
C LYS C 288 -28.48 -13.27 -45.99
N ALA C 289 -28.13 -13.35 -47.27
CA ALA C 289 -28.71 -14.35 -48.16
C ALA C 289 -27.64 -15.36 -48.58
N CYS C 290 -26.38 -15.04 -48.30
CA CYS C 290 -25.27 -15.91 -48.65
C CYS C 290 -25.00 -16.96 -47.58
N MET C 291 -25.39 -16.65 -46.34
CA MET C 291 -25.11 -17.53 -45.20
C MET C 291 -25.95 -18.81 -45.24
N VAL C 292 -26.98 -18.82 -46.06
CA VAL C 292 -27.92 -19.95 -46.11
C VAL C 292 -27.68 -20.85 -47.32
N PHE C 293 -26.51 -20.72 -47.93
CA PHE C 293 -26.18 -21.54 -49.10
C PHE C 293 -25.83 -22.98 -48.69
N GLN C 294 -26.85 -23.83 -48.63
CA GLN C 294 -26.66 -25.22 -48.26
C GLN C 294 -25.86 -25.98 -49.32
N MET C 295 -24.86 -26.72 -48.88
CA MET C 295 -23.98 -27.44 -49.80
C MET C 295 -23.62 -28.82 -49.23
N PRO C 296 -23.71 -29.86 -50.08
CA PRO C 296 -23.39 -31.23 -49.66
C PRO C 296 -21.94 -31.41 -49.23
N ASP C 297 -21.04 -30.60 -49.78
CA ASP C 297 -19.62 -30.68 -49.44
C ASP C 297 -19.40 -30.24 -48.00
N LYS C 298 -20.13 -29.22 -47.58
CA LYS C 298 -20.06 -28.67 -46.22
C LYS C 298 -18.69 -28.08 -45.88
N ASP C 299 -17.63 -28.81 -46.20
CA ASP C 299 -16.26 -28.34 -45.96
C ASP C 299 -15.98 -27.04 -46.71
N GLU C 300 -16.36 -27.00 -47.98
CA GLU C 300 -16.11 -25.81 -48.80
C GLU C 300 -17.28 -24.85 -48.75
N GLU C 301 -18.38 -25.27 -48.13
CA GLU C 301 -19.48 -24.36 -47.85
C GLU C 301 -18.99 -23.30 -46.88
N SER C 302 -18.20 -23.75 -45.91
CA SER C 302 -17.55 -22.88 -44.95
C SER C 302 -16.63 -21.88 -45.65
N ARG C 303 -15.87 -22.38 -46.63
CA ARG C 303 -14.95 -21.54 -47.39
C ARG C 303 -15.71 -20.48 -48.19
N ILE C 304 -16.77 -20.90 -48.87
CA ILE C 304 -17.59 -20.02 -49.67
C ILE C 304 -18.22 -18.91 -48.82
N CYS C 305 -18.87 -19.30 -47.73
CA CYS C 305 -19.52 -18.35 -46.85
C CYS C 305 -18.53 -17.40 -46.18
N LYS C 306 -17.40 -17.94 -45.73
CA LYS C 306 -16.37 -17.13 -45.09
C LYS C 306 -15.70 -16.19 -46.08
N ALA C 307 -15.74 -16.54 -47.36
CA ALA C 307 -15.23 -15.66 -48.40
C ALA C 307 -16.21 -14.53 -48.68
N LEU C 308 -17.44 -14.90 -49.00
CA LEU C 308 -18.48 -13.93 -49.33
C LEU C 308 -18.74 -12.94 -48.20
N PHE C 309 -18.68 -13.43 -46.97
CA PHE C 309 -18.82 -12.58 -45.80
C PHE C 309 -17.75 -11.50 -45.79
N LEU C 310 -16.51 -11.91 -46.04
CA LEU C 310 -15.38 -10.96 -46.10
C LEU C 310 -15.57 -9.96 -47.24
N TYR C 311 -16.00 -10.45 -48.39
CA TYR C 311 -16.22 -9.60 -49.56
C TYR C 311 -17.24 -8.50 -49.27
N THR C 312 -18.40 -8.90 -48.77
CA THR C 312 -19.46 -7.95 -48.44
C THR C 312 -19.04 -6.99 -47.32
N SER C 313 -18.35 -7.53 -46.32
CA SER C 313 -17.88 -6.74 -45.19
C SER C 313 -16.87 -5.68 -45.65
N HIS C 314 -16.14 -5.99 -46.71
CA HIS C 314 -15.23 -5.00 -47.29
C HIS C 314 -16.01 -3.99 -48.12
N LEU C 315 -16.98 -4.47 -48.89
CA LEU C 315 -17.80 -3.61 -49.74
C LEU C 315 -18.52 -2.51 -48.97
N ARG C 316 -19.18 -2.90 -47.87
CA ARG C 316 -19.98 -1.95 -47.10
C ARG C 316 -19.10 -0.90 -46.43
N LYS C 317 -17.91 -1.28 -45.98
CA LYS C 317 -17.01 -0.31 -45.37
C LYS C 317 -16.37 0.59 -46.44
N TYR C 318 -16.21 0.07 -47.65
CA TYR C 318 -15.82 0.89 -48.78
C TYR C 318 -16.90 1.96 -48.98
N ASN C 319 -18.16 1.53 -48.89
CA ASN C 319 -19.30 2.42 -49.00
C ASN C 319 -19.26 3.49 -47.91
N ASP C 320 -18.92 3.06 -46.70
CA ASP C 320 -18.77 3.97 -45.57
C ASP C 320 -17.71 5.03 -45.86
N ALA C 321 -16.60 4.59 -46.46
CA ALA C 321 -15.53 5.50 -46.84
C ALA C 321 -16.02 6.51 -47.88
N LEU C 322 -16.79 6.03 -48.84
CA LEU C 322 -17.35 6.89 -49.88
C LEU C 322 -18.25 7.97 -49.28
N ILE C 323 -19.12 7.56 -48.36
CA ILE C 323 -20.04 8.49 -47.70
C ILE C 323 -19.28 9.51 -46.85
N ILE C 324 -18.31 9.02 -46.08
CA ILE C 324 -17.49 9.90 -45.25
C ILE C 324 -16.77 10.94 -46.10
N SER C 325 -16.27 10.52 -47.26
CA SER C 325 -15.65 11.45 -48.20
C SER C 325 -16.69 12.45 -48.71
N GLU C 326 -17.91 11.96 -48.93
CA GLU C 326 -18.98 12.80 -49.46
C GLU C 326 -19.46 13.83 -48.44
N HIS C 327 -19.16 13.59 -47.16
CA HIS C 327 -19.60 14.52 -46.12
C HIS C 327 -18.44 15.19 -45.38
N ALA C 328 -17.23 14.68 -45.55
CA ALA C 328 -16.07 15.23 -44.86
C ALA C 328 -14.82 15.15 -45.71
N ARG C 329 -13.67 15.18 -45.06
CA ARG C 329 -12.39 15.09 -45.75
C ARG C 329 -12.22 13.76 -46.45
N MET C 330 -11.46 13.76 -47.53
CA MET C 330 -11.13 12.54 -48.25
C MET C 330 -10.03 11.80 -47.50
N LYS C 331 -9.22 12.57 -46.78
CA LYS C 331 -8.15 12.02 -45.96
C LYS C 331 -8.71 11.09 -44.88
N ASP C 332 -9.81 11.50 -44.26
CA ASP C 332 -10.47 10.68 -43.25
C ASP C 332 -11.14 9.48 -43.90
N ALA C 333 -11.60 9.65 -45.13
CA ALA C 333 -12.18 8.56 -45.90
C ALA C 333 -11.13 7.49 -46.17
N LEU C 334 -9.88 7.92 -46.31
CA LEU C 334 -8.77 6.98 -46.44
C LEU C 334 -8.41 6.34 -45.11
N ASP C 335 -8.21 7.17 -44.09
CA ASP C 335 -7.83 6.71 -42.76
C ASP C 335 -8.82 5.70 -42.19
N TYR C 336 -10.07 5.82 -42.63
CA TYR C 336 -11.11 4.87 -42.24
C TYR C 336 -10.78 3.47 -42.77
N LEU C 337 -10.53 3.39 -44.07
CA LEU C 337 -10.19 2.11 -44.70
C LEU C 337 -8.85 1.58 -44.18
N LYS C 338 -7.90 2.47 -43.95
CA LYS C 338 -6.60 2.09 -43.42
C LYS C 338 -6.75 1.46 -42.04
N ASP C 339 -7.60 2.07 -41.21
CA ASP C 339 -7.90 1.54 -39.89
C ASP C 339 -8.60 0.18 -40.01
N PHE C 340 -9.51 0.07 -40.96
CA PHE C 340 -10.25 -1.17 -41.18
C PHE C 340 -9.32 -2.33 -41.55
N PHE C 341 -8.47 -2.12 -42.56
CA PHE C 341 -7.54 -3.14 -42.98
C PHE C 341 -6.48 -3.41 -41.91
N SER C 342 -6.20 -2.41 -41.08
CA SER C 342 -5.30 -2.60 -39.95
C SER C 342 -5.92 -3.58 -38.96
N ASN C 343 -7.19 -3.38 -38.64
CA ASN C 343 -7.91 -4.27 -37.74
C ASN C 343 -8.07 -5.67 -38.34
N VAL C 344 -8.25 -5.73 -39.64
CA VAL C 344 -8.36 -7.01 -40.35
C VAL C 344 -7.04 -7.78 -40.25
N ARG C 345 -5.94 -7.07 -40.45
CA ARG C 345 -4.61 -7.68 -40.36
C ARG C 345 -4.28 -8.04 -38.92
N ALA C 346 -4.90 -7.36 -37.97
CA ALA C 346 -4.65 -7.61 -36.55
C ALA C 346 -5.48 -8.79 -36.03
N ALA C 347 -6.55 -9.12 -36.74
CA ALA C 347 -7.45 -10.19 -36.33
C ALA C 347 -7.04 -11.53 -36.93
N GLY C 348 -5.84 -11.58 -37.49
CA GLY C 348 -5.35 -12.79 -38.13
C GLY C 348 -5.38 -12.67 -39.64
N PHE C 349 -4.35 -13.20 -40.30
CA PHE C 349 -4.24 -13.09 -41.74
C PHE C 349 -4.90 -14.24 -42.47
N ASP C 350 -5.72 -13.92 -43.48
CA ASP C 350 -6.35 -14.91 -44.32
C ASP C 350 -5.90 -14.69 -45.76
N GLU C 351 -5.97 -15.74 -46.58
CA GLU C 351 -5.59 -15.63 -47.98
C GLU C 351 -6.48 -14.63 -48.71
N ILE C 352 -7.78 -14.75 -48.48
CA ILE C 352 -8.77 -13.85 -49.07
C ILE C 352 -8.58 -12.42 -48.55
N GLU C 353 -8.46 -12.29 -47.23
CA GLU C 353 -8.28 -11.00 -46.59
C GLU C 353 -7.00 -10.31 -47.07
N GLN C 354 -5.90 -11.06 -47.12
CA GLN C 354 -4.63 -10.52 -47.59
C GLN C 354 -4.66 -10.25 -49.08
N ASP C 355 -5.57 -10.91 -49.79
CA ASP C 355 -5.74 -10.66 -51.21
C ASP C 355 -6.43 -9.32 -51.45
N LEU C 356 -7.57 -9.12 -50.80
CA LEU C 356 -8.30 -7.86 -50.88
C LEU C 356 -7.44 -6.72 -50.36
N THR C 357 -6.66 -7.00 -49.32
CA THR C 357 -5.76 -6.02 -48.74
C THR C 357 -4.64 -5.69 -49.71
N GLN C 358 -4.19 -6.69 -50.47
CA GLN C 358 -3.16 -6.50 -51.49
C GLN C 358 -3.68 -5.61 -52.61
N ARG C 359 -4.91 -5.88 -53.05
CA ARG C 359 -5.54 -5.09 -54.09
C ARG C 359 -5.75 -3.65 -53.63
N PHE C 360 -6.10 -3.48 -52.36
CA PHE C 360 -6.31 -2.16 -51.78
C PHE C 360 -5.01 -1.38 -51.70
N GLU C 361 -3.96 -2.00 -51.18
CA GLU C 361 -2.67 -1.34 -51.01
C GLU C 361 -1.95 -1.14 -52.34
N GLU C 362 -2.37 -1.88 -53.35
CA GLU C 362 -1.82 -1.71 -54.70
C GLU C 362 -2.27 -0.38 -55.29
N LYS C 363 -3.50 0.01 -54.99
CA LYS C 363 -4.06 1.26 -55.49
C LYS C 363 -3.99 2.36 -54.43
N LEU C 364 -3.42 2.04 -53.28
CA LEU C 364 -3.31 3.00 -52.19
C LEU C 364 -2.26 4.07 -52.50
N GLN C 365 -1.27 3.69 -53.30
CA GLN C 365 -0.21 4.62 -53.69
C GLN C 365 -0.78 5.77 -54.52
N GLU C 366 -1.76 5.46 -55.37
CA GLU C 366 -2.45 6.47 -56.15
C GLU C 366 -3.18 7.43 -55.22
N LEU C 367 -3.78 6.88 -54.17
CA LEU C 367 -4.44 7.69 -53.14
C LEU C 367 -3.39 8.28 -52.20
N GLU C 368 -3.84 8.77 -51.05
CA GLU C 368 -2.98 9.47 -50.09
C GLU C 368 -2.37 10.74 -50.70
N SER C 369 -1.75 10.59 -51.86
CA SER C 369 -1.28 11.74 -52.63
C SER C 369 -2.47 12.60 -53.06
N VAL C 370 -3.58 11.94 -53.39
CA VAL C 370 -4.81 12.63 -53.76
C VAL C 370 -5.44 13.27 -52.53
N SER C 371 -5.26 12.64 -51.37
CA SER C 371 -5.73 13.22 -50.12
C SER C 371 -4.86 14.41 -49.71
N ARG C 372 -3.77 14.61 -50.44
CA ARG C 372 -2.81 15.65 -50.11
C ARG C 372 -2.94 16.89 -51.00
N ASP C 373 -3.89 16.89 -51.93
CA ASP C 373 -4.06 18.08 -52.76
C ASP C 373 -5.16 19.00 -52.20
N PRO C 374 -4.89 20.31 -52.22
CA PRO C 374 -5.92 21.30 -51.86
C PRO C 374 -6.88 21.53 -53.02
N SER C 375 -6.49 21.04 -54.21
CA SER C 375 -7.31 21.17 -55.42
C SER C 375 -8.67 20.50 -55.23
N ASN C 376 -8.66 19.34 -54.58
CA ASN C 376 -9.88 18.62 -54.28
C ASN C 376 -10.22 18.69 -52.79
N GLU C 377 -10.80 19.82 -52.38
CA GLU C 377 -11.23 20.00 -51.00
C GLU C 377 -12.74 20.21 -50.94
N ASN C 378 -13.38 19.56 -49.97
CA ASN C 378 -14.83 19.62 -49.82
C ASN C 378 -15.31 21.06 -49.59
N PRO C 379 -16.12 21.58 -50.53
CA PRO C 379 -16.66 22.94 -50.45
C PRO C 379 -17.52 23.15 -49.21
N LYS C 380 -18.12 22.08 -48.71
CA LYS C 380 -18.90 22.14 -47.47
C LYS C 380 -18.01 22.56 -46.30
N LEU C 381 -16.85 21.92 -46.20
CA LEU C 381 -15.90 22.22 -45.14
C LEU C 381 -15.32 23.61 -45.31
N GLU C 382 -15.26 24.09 -46.54
CA GLU C 382 -14.76 25.43 -46.81
C GLU C 382 -15.79 26.47 -46.36
N ASP C 383 -17.06 26.16 -46.59
CA ASP C 383 -18.14 27.02 -46.14
C ASP C 383 -18.17 27.05 -44.61
N LEU C 384 -17.96 25.89 -44.00
CA LEU C 384 -17.91 25.79 -42.54
C LEU C 384 -16.74 26.59 -41.99
N CYS C 385 -15.61 26.53 -42.68
CA CYS C 385 -14.43 27.29 -42.31
C CYS C 385 -14.72 28.78 -42.38
N PHE C 386 -15.44 29.17 -43.43
CA PHE C 386 -15.84 30.56 -43.62
C PHE C 386 -16.71 31.03 -42.46
N ILE C 387 -17.75 30.26 -42.16
CA ILE C 387 -18.66 30.60 -41.07
C ILE C 387 -17.94 30.73 -39.74
N LEU C 388 -17.16 29.71 -39.40
CA LEU C 388 -16.42 29.68 -38.14
C LEU C 388 -15.45 30.86 -38.02
N GLN C 389 -14.70 31.11 -39.09
CA GLN C 389 -13.76 32.23 -39.10
C GLN C 389 -14.47 33.56 -38.91
N GLU C 390 -15.62 33.72 -39.57
CA GLU C 390 -16.42 34.93 -39.43
C GLU C 390 -16.89 35.12 -38.00
N GLU C 391 -17.60 34.13 -37.47
CA GLU C 391 -18.19 34.24 -36.15
C GLU C 391 -17.17 34.34 -35.03
N TYR C 392 -15.97 33.79 -35.25
CA TYR C 392 -14.93 33.88 -34.24
C TYR C 392 -14.11 35.16 -34.42
N HIS C 393 -14.20 35.77 -35.60
CA HIS C 393 -13.60 37.08 -35.82
C HIS C 393 -14.45 38.14 -35.13
N LEU C 394 -15.76 38.06 -35.32
CA LEU C 394 -16.68 39.01 -34.71
C LEU C 394 -16.70 38.85 -33.20
N ASN C 395 -16.47 37.62 -32.74
CA ASN C 395 -16.43 37.32 -31.31
C ASN C 395 -15.51 36.13 -31.03
N PRO C 396 -14.30 36.42 -30.51
CA PRO C 396 -13.30 35.39 -30.23
C PRO C 396 -13.71 34.47 -29.07
N GLU C 397 -14.56 34.96 -28.17
CA GLU C 397 -14.99 34.18 -27.02
C GLU C 397 -16.21 33.31 -27.36
N THR C 398 -16.34 32.96 -28.63
CA THR C 398 -17.47 32.16 -29.10
C THR C 398 -17.36 30.71 -28.65
N ILE C 399 -18.47 30.17 -28.15
CA ILE C 399 -18.55 28.76 -27.79
C ILE C 399 -19.50 28.04 -28.75
N THR C 400 -18.95 27.20 -29.61
CA THR C 400 -19.73 26.57 -30.67
C THR C 400 -20.01 25.09 -30.37
N ILE C 401 -21.23 24.64 -30.66
CA ILE C 401 -21.55 23.22 -30.58
C ILE C 401 -21.98 22.70 -31.95
N LEU C 402 -21.41 21.56 -32.35
CA LEU C 402 -21.61 21.04 -33.69
C LEU C 402 -22.28 19.66 -33.65
N PHE C 403 -23.25 19.44 -34.54
CA PHE C 403 -23.97 18.18 -34.58
C PHE C 403 -23.78 17.46 -35.92
N VAL C 404 -23.36 16.20 -35.85
CA VAL C 404 -23.16 15.38 -37.04
C VAL C 404 -24.05 14.14 -37.00
N LYS C 405 -24.23 13.51 -38.15
CA LYS C 405 -25.14 12.37 -38.27
C LYS C 405 -24.60 11.13 -37.58
N THR C 406 -23.37 10.74 -37.92
CA THR C 406 -22.79 9.51 -37.40
C THR C 406 -21.60 9.77 -36.48
N ARG C 407 -21.19 8.75 -35.75
CA ARG C 407 -20.07 8.85 -34.83
C ARG C 407 -18.74 8.80 -35.58
N ALA C 408 -18.81 8.48 -36.87
CA ALA C 408 -17.63 8.41 -37.72
C ALA C 408 -17.16 9.82 -38.11
N LEU C 409 -18.12 10.71 -38.33
CA LEU C 409 -17.82 12.06 -38.78
C LEU C 409 -17.28 12.95 -37.64
N VAL C 410 -17.42 12.49 -36.41
CA VAL C 410 -17.01 13.28 -35.25
C VAL C 410 -15.52 13.59 -35.24
N ASP C 411 -14.70 12.57 -35.01
CA ASP C 411 -13.25 12.76 -34.99
C ASP C 411 -12.72 13.06 -36.38
N ALA C 412 -13.54 12.80 -37.40
CA ALA C 412 -13.20 13.20 -38.76
C ALA C 412 -13.15 14.72 -38.85
N LEU C 413 -14.22 15.37 -38.40
CA LEU C 413 -14.27 16.82 -38.38
C LEU C 413 -13.30 17.40 -37.35
N LYS C 414 -13.02 16.64 -36.31
CA LYS C 414 -12.04 17.05 -35.30
C LYS C 414 -10.65 17.17 -35.93
N ASN C 415 -10.20 16.08 -36.51
CA ASN C 415 -8.92 16.04 -37.21
C ASN C 415 -8.89 17.00 -38.39
N TRP C 416 -10.07 17.32 -38.92
CA TRP C 416 -10.19 18.36 -39.93
C TRP C 416 -9.91 19.72 -39.31
N ILE C 417 -10.34 19.92 -38.08
CA ILE C 417 -10.14 21.19 -37.39
C ILE C 417 -8.67 21.41 -37.05
N GLU C 418 -8.07 20.50 -36.30
CA GLU C 418 -6.66 20.70 -35.94
C GLU C 418 -5.74 20.43 -37.12
N GLY C 419 -6.26 19.76 -38.14
CA GLY C 419 -5.52 19.55 -39.37
C GLY C 419 -5.73 20.72 -40.31
N ASN C 420 -5.73 21.93 -39.75
CA ASN C 420 -5.97 23.15 -40.50
C ASN C 420 -5.49 24.37 -39.71
N PRO C 421 -4.47 25.08 -40.24
CA PRO C 421 -3.93 26.25 -39.57
C PRO C 421 -4.89 27.43 -39.58
N LYS C 422 -5.86 27.39 -40.50
CA LYS C 422 -6.87 28.45 -40.61
C LYS C 422 -7.77 28.47 -39.37
N LEU C 423 -7.92 27.31 -38.74
CA LEU C 423 -8.75 27.18 -37.55
C LEU C 423 -7.91 26.90 -36.31
N SER C 424 -6.78 27.61 -36.20
CA SER C 424 -5.85 27.40 -35.10
C SER C 424 -6.38 27.98 -33.79
N PHE C 425 -7.55 28.62 -33.86
CA PHE C 425 -8.17 29.23 -32.69
C PHE C 425 -9.28 28.34 -32.13
N LEU C 426 -9.25 27.07 -32.49
CA LEU C 426 -10.29 26.12 -32.07
C LEU C 426 -9.74 25.01 -31.19
N LYS C 427 -10.50 24.64 -30.16
CA LYS C 427 -10.11 23.57 -29.25
C LYS C 427 -11.24 22.54 -29.13
N PRO C 428 -11.35 21.65 -30.13
CA PRO C 428 -12.46 20.70 -30.24
C PRO C 428 -12.66 19.80 -29.03
N GLY C 429 -13.93 19.52 -28.72
CA GLY C 429 -14.31 18.59 -27.68
C GLY C 429 -15.28 17.57 -28.23
N ILE C 430 -15.42 16.44 -27.55
CA ILE C 430 -16.25 15.35 -28.04
C ILE C 430 -17.37 15.00 -27.06
N LEU C 431 -18.56 14.74 -27.60
CA LEU C 431 -19.70 14.32 -26.79
C LEU C 431 -20.55 13.31 -27.55
N THR C 432 -20.26 12.02 -27.34
CA THR C 432 -20.99 10.96 -28.02
C THR C 432 -21.68 10.01 -27.04
N GLY C 433 -21.07 8.85 -26.83
CA GLY C 433 -21.64 7.85 -25.93
C GLY C 433 -21.63 8.28 -24.48
N ASP C 460 -12.10 25.72 -21.24
CA ASP C 460 -11.59 24.39 -21.52
C ASP C 460 -11.52 24.12 -23.01
N HIS C 461 -12.69 24.15 -23.66
CA HIS C 461 -12.79 23.85 -25.08
C HIS C 461 -13.69 24.85 -25.81
N ASN C 462 -13.20 25.40 -26.92
CA ASN C 462 -13.99 26.34 -27.71
C ASN C 462 -15.20 25.67 -28.34
N ILE C 463 -14.94 24.66 -29.17
CA ILE C 463 -16.01 23.98 -29.89
C ILE C 463 -16.19 22.54 -29.39
N LEU C 464 -17.44 22.10 -29.33
CA LEU C 464 -17.75 20.72 -28.93
C LEU C 464 -18.45 19.98 -30.07
N ILE C 465 -17.82 18.94 -30.57
CA ILE C 465 -18.44 18.11 -31.61
C ILE C 465 -19.23 16.97 -30.97
N ALA C 466 -20.44 16.75 -31.47
CA ALA C 466 -21.34 15.76 -30.88
C ALA C 466 -22.21 15.09 -31.94
N THR C 467 -22.80 13.95 -31.57
CA THR C 467 -23.69 13.23 -32.46
C THR C 467 -25.12 13.74 -32.32
N SER C 468 -25.82 13.28 -31.29
CA SER C 468 -27.21 13.67 -31.05
C SER C 468 -27.64 13.38 -29.62
N VAL C 469 -27.84 14.43 -28.84
CA VAL C 469 -28.24 14.28 -27.45
C VAL C 469 -29.74 14.00 -27.33
N ALA C 470 -30.10 12.99 -26.55
CA ALA C 470 -31.50 12.67 -26.33
C ALA C 470 -32.14 13.69 -25.39
N ASP C 471 -33.23 14.30 -25.84
CA ASP C 471 -33.97 15.31 -25.08
C ASP C 471 -33.06 16.46 -24.66
N GLU C 472 -33.45 17.17 -23.61
CA GLU C 472 -32.68 18.30 -23.10
C GLU C 472 -31.42 17.83 -22.39
N GLY C 473 -31.56 16.80 -21.57
CA GLY C 473 -30.43 16.22 -20.86
C GLY C 473 -29.79 17.15 -19.85
N ILE C 474 -28.71 16.69 -19.23
CA ILE C 474 -27.97 17.49 -18.28
C ILE C 474 -27.42 18.74 -18.96
N ASP C 475 -27.68 19.90 -18.36
CA ASP C 475 -27.29 21.17 -18.97
C ASP C 475 -25.78 21.32 -19.04
N ILE C 476 -25.26 21.55 -20.24
CA ILE C 476 -23.83 21.78 -20.42
C ILE C 476 -23.55 23.28 -20.58
N ALA C 477 -22.37 23.60 -21.10
CA ALA C 477 -21.98 25.00 -21.30
C ALA C 477 -22.92 25.70 -22.27
N GLN C 478 -23.17 26.98 -22.01
CA GLN C 478 -24.04 27.77 -22.87
C GLN C 478 -23.31 28.18 -24.14
N CYS C 479 -23.92 27.89 -25.29
CA CYS C 479 -23.26 28.12 -26.58
C CYS C 479 -23.78 29.39 -27.26
N ASN C 480 -22.88 30.06 -27.97
CA ASN C 480 -23.23 31.24 -28.75
C ASN C 480 -23.47 30.89 -30.21
N LEU C 481 -23.08 29.67 -30.58
CA LEU C 481 -23.19 29.23 -31.97
C LEU C 481 -23.53 27.74 -32.04
N VAL C 482 -24.55 27.41 -32.83
CA VAL C 482 -24.95 26.03 -33.02
C VAL C 482 -24.92 25.66 -34.49
N ILE C 483 -24.09 24.68 -34.83
CA ILE C 483 -23.95 24.27 -36.23
C ILE C 483 -24.48 22.86 -36.46
N LEU C 484 -25.37 22.73 -37.44
CA LEU C 484 -25.95 21.44 -37.79
C LEU C 484 -25.40 20.96 -39.12
N TYR C 485 -24.45 20.03 -39.05
CA TYR C 485 -23.82 19.48 -40.24
C TYR C 485 -24.59 18.27 -40.75
N GLU C 486 -25.45 18.51 -41.74
CA GLU C 486 -26.29 17.47 -42.32
C GLU C 486 -27.12 16.75 -41.24
N TYR C 487 -27.54 17.51 -40.24
CA TYR C 487 -28.24 16.93 -39.10
C TYR C 487 -29.60 17.59 -38.86
N VAL C 488 -30.67 16.87 -39.20
CA VAL C 488 -32.03 17.35 -38.94
C VAL C 488 -32.92 16.21 -38.46
N GLY C 489 -33.57 16.42 -37.32
CA GLY C 489 -34.44 15.42 -36.74
C GLY C 489 -35.89 15.86 -36.70
N ASN C 490 -36.56 15.56 -35.60
CA ASN C 490 -37.96 15.91 -35.42
C ASN C 490 -38.14 17.33 -34.90
N VAL C 491 -39.39 17.78 -34.85
CA VAL C 491 -39.71 19.15 -34.42
C VAL C 491 -39.37 19.35 -32.94
N ILE C 492 -39.62 18.33 -32.12
CA ILE C 492 -39.33 18.40 -30.70
C ILE C 492 -37.84 18.60 -30.45
N LYS C 493 -37.02 17.92 -31.25
CA LYS C 493 -35.57 18.06 -31.16
C LYS C 493 -35.15 19.47 -31.54
N MET C 494 -35.82 20.03 -32.55
CA MET C 494 -35.54 21.39 -33.00
C MET C 494 -35.84 22.40 -31.91
N ILE C 495 -37.00 22.26 -31.28
CA ILE C 495 -37.40 23.18 -30.22
C ILE C 495 -36.50 23.03 -28.99
N GLN C 496 -36.11 21.80 -28.68
CA GLN C 496 -35.26 21.54 -27.52
C GLN C 496 -33.83 22.03 -27.73
N THR C 497 -33.38 22.03 -28.99
CA THR C 497 -32.01 22.43 -29.31
C THR C 497 -31.79 23.92 -29.07
N ARG C 498 -32.88 24.68 -29.04
CA ARG C 498 -32.81 26.12 -28.76
C ARG C 498 -32.27 26.39 -27.36
N GLY C 499 -32.33 25.39 -26.49
CA GLY C 499 -31.83 25.51 -25.14
C GLY C 499 -30.32 25.61 -25.07
N ARG C 500 -29.66 25.18 -26.13
CA ARG C 500 -28.20 25.26 -26.21
C ARG C 500 -27.75 26.71 -26.29
N GLY C 501 -28.58 27.56 -26.89
CA GLY C 501 -28.29 28.98 -26.99
C GLY C 501 -29.51 29.83 -26.69
N ARG C 502 -29.92 29.85 -25.43
CA ARG C 502 -31.11 30.59 -25.02
C ARG C 502 -30.75 32.01 -24.59
N ALA C 503 -29.50 32.41 -24.81
CA ALA C 503 -29.06 33.76 -24.49
C ALA C 503 -29.25 34.67 -25.70
N ARG C 504 -29.12 35.97 -25.50
CA ARG C 504 -29.26 36.93 -26.57
C ARG C 504 -28.08 36.89 -27.53
N GLY C 505 -28.35 36.90 -28.82
CA GLY C 505 -27.31 36.94 -29.83
C GLY C 505 -26.88 35.57 -30.32
N SER C 506 -27.44 34.53 -29.72
CA SER C 506 -27.13 33.16 -30.13
C SER C 506 -27.61 32.88 -31.54
N LYS C 507 -26.84 32.10 -32.29
CA LYS C 507 -27.15 31.81 -33.69
C LYS C 507 -27.11 30.32 -33.97
N CYS C 508 -27.77 29.91 -35.06
CA CYS C 508 -27.82 28.51 -35.45
C CYS C 508 -27.79 28.33 -36.96
N PHE C 509 -26.67 27.83 -37.48
CA PHE C 509 -26.53 27.57 -38.91
C PHE C 509 -26.82 26.11 -39.25
N LEU C 510 -27.62 25.90 -40.29
CA LEU C 510 -27.90 24.56 -40.79
C LEU C 510 -27.14 24.34 -42.10
N LEU C 511 -25.99 23.69 -42.01
CA LEU C 511 -25.12 23.51 -43.18
C LEU C 511 -25.39 22.16 -43.84
N THR C 512 -25.77 22.20 -45.12
CA THR C 512 -26.06 20.97 -45.84
C THR C 512 -25.83 21.10 -47.34
N SER C 513 -25.65 19.97 -48.00
CA SER C 513 -25.50 19.94 -49.46
C SER C 513 -26.72 19.27 -50.09
N ASN C 514 -27.83 19.27 -49.36
CA ASN C 514 -29.07 18.67 -49.83
C ASN C 514 -30.27 19.56 -49.52
N ALA C 515 -31.23 19.59 -50.45
CA ALA C 515 -32.43 20.42 -50.28
C ALA C 515 -33.45 19.73 -49.39
N GLY C 516 -33.47 18.41 -49.45
CA GLY C 516 -34.39 17.61 -48.64
C GLY C 516 -34.23 17.89 -47.16
N VAL C 517 -33.00 18.17 -46.74
CA VAL C 517 -32.71 18.55 -45.37
C VAL C 517 -33.39 19.89 -45.03
N ILE C 518 -33.19 20.87 -45.92
CA ILE C 518 -33.77 22.20 -45.76
C ILE C 518 -35.29 22.13 -45.61
N GLU C 519 -35.93 21.43 -46.53
CA GLU C 519 -37.38 21.28 -46.49
C GLU C 519 -37.81 20.50 -45.26
N LYS C 520 -36.97 19.55 -44.84
CA LYS C 520 -37.25 18.76 -43.65
C LYS C 520 -37.17 19.61 -42.39
N GLU C 521 -36.46 20.73 -42.47
CA GLU C 521 -36.41 21.66 -41.35
C GLU C 521 -37.57 22.65 -41.41
N GLN C 522 -37.90 23.10 -42.62
CA GLN C 522 -39.00 24.04 -42.82
C GLN C 522 -40.34 23.42 -42.39
N ILE C 523 -40.56 22.17 -42.75
CA ILE C 523 -41.77 21.47 -42.33
C ILE C 523 -41.85 21.38 -40.81
N ASN C 524 -40.69 21.31 -40.16
CA ASN C 524 -40.64 21.30 -38.70
C ASN C 524 -41.03 22.66 -38.15
N MET C 525 -40.50 23.72 -38.76
CA MET C 525 -40.83 25.07 -38.33
C MET C 525 -42.31 25.36 -38.51
N TYR C 526 -42.93 24.70 -39.48
CA TYR C 526 -44.37 24.81 -39.68
C TYR C 526 -45.12 23.98 -38.63
N LYS C 527 -44.57 22.82 -38.33
CA LYS C 527 -45.14 21.91 -37.34
C LYS C 527 -45.20 22.55 -35.96
N GLU C 528 -44.21 23.38 -35.66
CA GLU C 528 -44.19 24.10 -34.39
C GLU C 528 -45.38 25.06 -34.31
N LYS C 529 -45.63 25.76 -35.40
CA LYS C 529 -46.76 26.68 -35.48
C LYS C 529 -48.07 25.91 -35.31
N MET C 530 -48.18 24.79 -36.01
CA MET C 530 -49.34 23.92 -35.89
C MET C 530 -49.57 23.50 -34.44
N MET C 531 -48.47 23.15 -33.76
CA MET C 531 -48.54 22.71 -32.37
C MET C 531 -49.03 23.82 -31.45
N ASN C 532 -48.37 24.97 -31.49
CA ASN C 532 -48.73 26.10 -30.66
C ASN C 532 -50.17 26.55 -30.89
N ASP C 533 -50.57 26.58 -32.15
CA ASP C 533 -51.93 26.99 -32.50
C ASP C 533 -52.96 25.97 -31.99
N SER C 534 -52.65 24.68 -32.15
CA SER C 534 -53.54 23.64 -31.67
C SER C 534 -53.69 23.69 -30.15
N ILE C 535 -52.58 23.97 -29.46
CA ILE C 535 -52.58 24.09 -28.01
C ILE C 535 -53.44 25.27 -27.57
N LEU C 536 -53.20 26.43 -28.17
CA LEU C 536 -53.95 27.63 -27.84
C LEU C 536 -55.43 27.44 -28.14
N ARG C 537 -55.71 26.60 -29.13
CA ARG C 537 -57.09 26.27 -29.47
C ARG C 537 -57.72 25.37 -28.41
N LEU C 538 -56.95 24.42 -27.92
CA LEU C 538 -57.42 23.49 -26.90
C LEU C 538 -57.63 24.19 -25.56
N GLN C 539 -56.87 25.25 -25.33
CA GLN C 539 -56.97 26.00 -24.09
C GLN C 539 -58.22 26.86 -24.03
N THR C 540 -58.99 26.84 -25.12
CA THR C 540 -60.24 27.58 -25.18
C THR C 540 -61.42 26.64 -24.93
N TRP C 541 -61.17 25.34 -25.02
CA TRP C 541 -62.19 24.35 -24.76
C TRP C 541 -62.65 24.39 -23.31
N ASP C 542 -63.81 23.81 -23.04
CA ASP C 542 -64.26 23.63 -21.67
C ASP C 542 -63.57 22.40 -21.09
N GLU C 543 -63.23 22.45 -19.81
CA GLU C 543 -62.48 21.38 -19.16
C GLU C 543 -63.19 20.04 -19.27
N ALA C 544 -64.50 20.05 -19.04
CA ALA C 544 -65.30 18.82 -19.06
C ALA C 544 -65.26 18.15 -20.44
N VAL C 545 -65.62 18.91 -21.47
CA VAL C 545 -65.64 18.41 -22.84
C VAL C 545 -64.31 17.76 -23.22
N PHE C 546 -63.22 18.47 -22.91
CA PHE C 546 -61.88 17.97 -23.14
C PHE C 546 -61.66 16.66 -22.38
N ARG C 547 -62.10 16.64 -21.14
CA ARG C 547 -61.97 15.44 -20.30
C ARG C 547 -62.67 14.23 -20.93
N GLU C 548 -63.83 14.45 -21.55
CA GLU C 548 -64.58 13.33 -22.09
C GLU C 548 -64.04 12.92 -23.47
N LYS C 549 -63.43 13.86 -24.19
CA LYS C 549 -62.76 13.48 -25.43
C LYS C 549 -61.54 12.62 -25.08
N ILE C 550 -60.81 13.06 -24.06
CA ILE C 550 -59.67 12.31 -23.54
C ILE C 550 -60.10 10.90 -23.12
N LEU C 551 -61.15 10.83 -22.32
CA LEU C 551 -61.69 9.56 -21.86
C LEU C 551 -62.08 8.66 -23.04
N HIS C 552 -62.67 9.27 -24.05
CA HIS C 552 -63.05 8.57 -25.27
C HIS C 552 -61.83 7.92 -25.94
N ILE C 553 -60.81 8.74 -26.19
CA ILE C 553 -59.59 8.23 -26.81
C ILE C 553 -58.96 7.12 -25.98
N GLN C 554 -58.98 7.31 -24.66
CA GLN C 554 -58.43 6.33 -23.73
C GLN C 554 -59.14 4.98 -23.83
N THR C 555 -60.46 5.02 -23.85
CA THR C 555 -61.26 3.79 -23.96
C THR C 555 -61.00 3.11 -25.30
N HIS C 556 -60.89 3.93 -26.35
CA HIS C 556 -60.59 3.43 -27.69
C HIS C 556 -59.28 2.66 -27.70
N GLU C 557 -58.21 3.32 -27.26
CA GLU C 557 -56.87 2.74 -27.23
C GLU C 557 -56.82 1.51 -26.31
N LYS C 558 -57.58 1.55 -25.23
CA LYS C 558 -57.64 0.42 -24.31
C LYS C 558 -58.25 -0.80 -24.98
N PHE C 559 -59.36 -0.59 -25.70
CA PHE C 559 -59.98 -1.68 -26.44
C PHE C 559 -59.02 -2.23 -27.49
N ILE C 560 -58.34 -1.33 -28.20
CA ILE C 560 -57.35 -1.73 -29.19
C ILE C 560 -56.26 -2.62 -28.60
N ARG C 561 -55.68 -2.17 -27.49
CA ARG C 561 -54.61 -2.91 -26.82
C ARG C 561 -55.10 -4.25 -26.27
N ASP C 562 -56.31 -4.26 -25.74
CA ASP C 562 -56.89 -5.49 -25.20
C ASP C 562 -57.10 -6.53 -26.30
N SER C 563 -57.68 -6.11 -27.41
CA SER C 563 -57.92 -7.02 -28.53
C SER C 563 -56.64 -7.36 -29.28
N GLN C 564 -55.59 -6.57 -29.05
CA GLN C 564 -54.32 -6.75 -29.75
C GLN C 564 -53.62 -8.04 -29.36
N GLU C 565 -53.93 -8.56 -28.16
CA GLU C 565 -53.38 -9.82 -27.70
C GLU C 565 -53.78 -10.95 -28.65
N LYS C 566 -52.82 -11.81 -28.99
CA LYS C 566 -53.04 -12.81 -30.04
C LYS C 566 -52.32 -14.12 -29.77
N PRO C 567 -52.84 -15.22 -30.34
CA PRO C 567 -52.14 -16.51 -30.31
C PRO C 567 -50.87 -16.47 -31.15
N LYS C 568 -49.74 -16.18 -30.53
CA LYS C 568 -48.53 -15.90 -31.29
C LYS C 568 -47.69 -17.15 -31.61
N PRO C 569 -47.36 -17.99 -30.61
CA PRO C 569 -46.48 -19.07 -31.05
C PRO C 569 -47.02 -20.49 -30.88
N VAL C 570 -46.67 -21.36 -31.82
CA VAL C 570 -46.76 -22.79 -31.60
C VAL C 570 -45.34 -23.34 -31.60
N PRO C 571 -44.74 -23.45 -30.41
CA PRO C 571 -43.33 -23.81 -30.20
C PRO C 571 -42.92 -25.08 -30.94
N ASP C 572 -41.86 -24.98 -31.74
CA ASP C 572 -41.37 -26.12 -32.50
C ASP C 572 -40.46 -26.98 -31.63
N LYS C 573 -40.90 -28.20 -31.33
CA LYS C 573 -40.14 -29.10 -30.47
C LYS C 573 -38.98 -29.75 -31.20
N GLU C 574 -38.90 -29.51 -32.50
CA GLU C 574 -37.82 -30.07 -33.32
C GLU C 574 -36.47 -29.43 -32.97
N ASN C 575 -35.47 -30.26 -32.69
CA ASN C 575 -34.14 -29.78 -32.35
C ASN C 575 -33.44 -29.15 -33.55
N LYS C 576 -33.04 -27.90 -33.42
CA LYS C 576 -32.37 -27.18 -34.49
C LYS C 576 -30.89 -26.97 -34.18
N LYS C 577 -30.06 -27.05 -35.21
CA LYS C 577 -28.63 -26.83 -35.05
C LYS C 577 -28.26 -25.36 -35.29
N LEU C 578 -27.64 -24.74 -34.29
CA LEU C 578 -27.16 -23.37 -34.42
C LEU C 578 -25.73 -23.34 -34.92
N LEU C 579 -25.54 -22.82 -36.12
CA LEU C 579 -24.21 -22.67 -36.71
C LEU C 579 -23.70 -21.24 -36.62
N CYS C 580 -22.41 -21.06 -36.91
CA CYS C 580 -21.85 -19.73 -37.03
C CYS C 580 -22.32 -19.09 -38.33
N ARG C 581 -22.32 -17.76 -38.38
CA ARG C 581 -22.79 -17.05 -39.56
C ARG C 581 -21.67 -16.77 -40.55
N LYS C 582 -20.44 -16.72 -40.06
CA LYS C 582 -19.30 -16.41 -40.92
C LYS C 582 -18.69 -17.67 -41.52
N CYS C 583 -18.24 -18.58 -40.65
CA CYS C 583 -17.54 -19.78 -41.09
C CYS C 583 -18.45 -21.01 -41.11
N LYS C 584 -19.71 -20.82 -40.75
CA LYS C 584 -20.72 -21.89 -40.78
C LYS C 584 -20.36 -23.10 -39.94
N ALA C 585 -19.52 -22.90 -38.92
CA ALA C 585 -19.15 -23.98 -38.02
C ALA C 585 -20.25 -24.24 -36.99
N LEU C 586 -20.36 -25.47 -36.54
CA LEU C 586 -21.40 -25.85 -35.59
C LEU C 586 -21.16 -25.22 -34.22
N ALA C 587 -22.06 -24.33 -33.82
CA ALA C 587 -21.98 -23.70 -32.50
C ALA C 587 -22.63 -24.59 -31.45
N CYS C 588 -23.94 -24.82 -31.58
CA CYS C 588 -24.63 -25.64 -30.59
C CYS C 588 -25.95 -26.21 -31.09
N TYR C 589 -26.77 -26.71 -30.16
CA TYR C 589 -28.10 -27.20 -30.48
C TYR C 589 -29.14 -26.44 -29.65
N THR C 590 -30.39 -26.48 -30.07
CA THR C 590 -31.46 -25.80 -29.35
C THR C 590 -31.75 -26.48 -28.01
N ALA C 591 -31.41 -27.75 -27.91
CA ALA C 591 -31.63 -28.50 -26.68
C ALA C 591 -30.68 -28.05 -25.57
N ASP C 592 -29.54 -27.49 -25.98
CA ASP C 592 -28.54 -27.03 -25.04
C ASP C 592 -28.81 -25.61 -24.56
N VAL C 593 -29.60 -24.87 -25.34
CA VAL C 593 -29.88 -23.47 -25.04
C VAL C 593 -30.90 -23.30 -23.92
N ARG C 594 -30.53 -22.53 -22.91
CA ARG C 594 -31.45 -22.19 -21.81
C ARG C 594 -31.84 -20.72 -21.88
N VAL C 595 -33.06 -20.40 -21.44
CA VAL C 595 -33.51 -19.03 -21.44
C VAL C 595 -33.56 -18.47 -20.01
N ILE C 596 -33.00 -17.29 -19.83
CA ILE C 596 -32.94 -16.65 -18.53
C ILE C 596 -33.79 -15.38 -18.50
N GLU C 597 -34.68 -15.30 -17.51
CA GLU C 597 -35.56 -14.15 -17.30
C GLU C 597 -36.38 -13.83 -18.54
N GLU C 598 -36.67 -14.86 -19.34
CA GLU C 598 -37.45 -14.74 -20.56
C GLU C 598 -36.90 -13.67 -21.51
N CYS C 599 -35.58 -13.47 -21.47
CA CYS C 599 -34.96 -12.45 -22.29
C CYS C 599 -33.60 -12.88 -22.82
N HIS C 600 -32.77 -13.47 -21.96
CA HIS C 600 -31.41 -13.81 -22.34
C HIS C 600 -31.28 -15.30 -22.64
N TYR C 601 -30.20 -15.68 -23.31
CA TYR C 601 -30.04 -17.07 -23.76
C TYR C 601 -28.62 -17.59 -23.59
N THR C 602 -28.49 -18.63 -22.78
CA THR C 602 -27.19 -19.24 -22.51
C THR C 602 -27.10 -20.65 -23.09
N VAL C 603 -25.91 -21.25 -23.00
CA VAL C 603 -25.69 -22.60 -23.51
C VAL C 603 -25.10 -23.49 -22.41
N LEU C 604 -25.68 -24.68 -22.25
CA LEU C 604 -25.18 -25.63 -21.27
C LEU C 604 -24.29 -26.67 -21.94
N GLY C 605 -23.71 -27.56 -21.12
CA GLY C 605 -22.85 -28.61 -21.62
C GLY C 605 -21.41 -28.16 -21.79
N ASP C 606 -20.48 -29.10 -21.69
CA ASP C 606 -19.07 -28.79 -21.84
C ASP C 606 -18.65 -28.86 -23.31
N ALA C 607 -19.61 -29.19 -24.18
CA ALA C 607 -19.35 -29.31 -25.60
C ALA C 607 -19.16 -27.94 -26.24
N PHE C 608 -19.97 -26.98 -25.82
CA PHE C 608 -19.95 -25.64 -26.38
C PHE C 608 -18.71 -24.87 -25.94
N LYS C 609 -18.15 -25.26 -24.80
CA LYS C 609 -17.01 -24.55 -24.24
C LYS C 609 -15.76 -24.67 -25.11
N GLU C 610 -15.76 -25.65 -26.00
CA GLU C 610 -14.63 -25.83 -26.92
C GLU C 610 -14.92 -25.23 -28.28
N CYS C 611 -15.98 -24.43 -28.36
CA CYS C 611 -16.42 -23.86 -29.62
C CYS C 611 -16.16 -22.36 -29.73
N PHE C 612 -15.79 -21.73 -28.62
CA PHE C 612 -15.60 -20.28 -28.62
C PHE C 612 -14.33 -19.84 -27.91
N VAL C 613 -13.89 -18.62 -28.22
CA VAL C 613 -12.80 -17.97 -27.50
C VAL C 613 -13.33 -16.72 -26.82
N SER C 614 -12.54 -16.14 -25.91
CA SER C 614 -13.00 -14.97 -25.17
C SER C 614 -11.87 -13.97 -24.88
N ARG C 615 -12.18 -12.69 -25.03
CA ARG C 615 -11.28 -11.61 -24.68
C ARG C 615 -12.04 -10.62 -23.81
N PRO C 616 -11.42 -10.14 -22.70
CA PRO C 616 -12.02 -9.19 -21.77
C PRO C 616 -12.78 -8.05 -22.43
N HIS C 617 -14.01 -7.81 -21.96
CA HIS C 617 -14.92 -6.84 -22.56
C HIS C 617 -14.37 -5.42 -22.51
N PRO C 618 -14.48 -4.69 -23.63
CA PRO C 618 -14.00 -3.30 -23.72
C PRO C 618 -14.78 -2.35 -22.82
N LYS C 619 -16.10 -2.49 -22.77
CA LYS C 619 -16.93 -1.65 -21.91
C LYS C 619 -17.76 -2.50 -20.96
N PRO C 620 -17.13 -2.99 -19.89
CA PRO C 620 -17.78 -3.89 -18.92
C PRO C 620 -18.95 -3.22 -18.20
N LYS C 621 -20.16 -3.40 -18.73
CA LYS C 621 -21.35 -2.85 -18.11
C LYS C 621 -21.90 -3.77 -17.03
N GLN C 622 -23.00 -3.36 -16.42
CA GLN C 622 -23.71 -4.17 -15.45
C GLN C 622 -25.22 -4.02 -15.67
N PHE C 623 -25.80 -4.95 -16.41
CA PHE C 623 -27.22 -4.89 -16.72
C PHE C 623 -27.99 -5.93 -15.91
N SER C 624 -29.12 -5.50 -15.35
CA SER C 624 -29.97 -6.35 -14.51
C SER C 624 -29.15 -7.01 -13.40
N SER C 625 -29.31 -8.32 -13.24
CA SER C 625 -28.55 -9.07 -12.25
C SER C 625 -27.35 -9.74 -12.89
N PHE C 626 -26.94 -9.24 -14.06
CA PHE C 626 -25.79 -9.77 -14.77
C PHE C 626 -24.56 -8.88 -14.56
N GLU C 627 -23.47 -9.25 -15.21
CA GLU C 627 -22.25 -8.45 -15.19
C GLU C 627 -21.33 -8.87 -16.32
N LYS C 628 -21.15 -7.98 -17.30
CA LYS C 628 -20.32 -8.27 -18.46
C LYS C 628 -18.87 -8.51 -18.07
N ARG C 629 -18.45 -9.77 -18.10
CA ARG C 629 -17.07 -10.12 -17.74
C ARG C 629 -16.16 -10.05 -18.95
N ALA C 630 -16.61 -10.59 -20.08
CA ALA C 630 -15.81 -10.59 -21.30
C ALA C 630 -16.67 -10.78 -22.55
N LYS C 631 -16.00 -10.80 -23.70
CA LYS C 631 -16.67 -11.00 -24.98
C LYS C 631 -16.50 -12.45 -25.42
N ILE C 632 -17.27 -12.87 -26.43
CA ILE C 632 -17.20 -14.24 -26.93
C ILE C 632 -17.21 -14.31 -28.44
N PHE C 633 -16.17 -14.93 -29.00
CA PHE C 633 -16.02 -15.03 -30.45
C PHE C 633 -15.91 -16.49 -30.89
N CYS C 634 -15.98 -16.73 -32.19
CA CYS C 634 -15.86 -18.07 -32.74
C CYS C 634 -14.44 -18.60 -32.57
N ALA C 635 -14.26 -19.89 -32.83
CA ALA C 635 -12.96 -20.52 -32.62
C ALA C 635 -12.45 -21.26 -33.86
N ARG C 636 -13.34 -21.55 -34.79
CA ARG C 636 -12.96 -22.24 -36.03
C ARG C 636 -11.97 -21.40 -36.81
N GLN C 637 -10.71 -21.84 -36.80
CA GLN C 637 -9.59 -21.06 -37.36
C GLN C 637 -9.56 -19.68 -36.72
N ASN C 638 -9.11 -18.68 -37.47
CA ASN C 638 -9.14 -17.31 -36.98
C ASN C 638 -10.35 -16.57 -37.54
N CYS C 639 -11.49 -17.26 -37.58
CA CYS C 639 -12.76 -16.65 -37.97
C CYS C 639 -13.09 -15.50 -37.02
N SER C 640 -13.10 -15.79 -35.73
CA SER C 640 -13.27 -14.79 -34.68
C SER C 640 -14.54 -13.95 -34.85
N HIS C 641 -15.60 -14.57 -35.34
CA HIS C 641 -16.88 -13.88 -35.49
C HIS C 641 -17.55 -13.71 -34.13
N ASP C 642 -18.06 -12.51 -33.88
CA ASP C 642 -18.69 -12.20 -32.60
C ASP C 642 -19.96 -13.02 -32.38
N TRP C 643 -19.97 -13.80 -31.30
CA TRP C 643 -21.12 -14.64 -30.98
C TRP C 643 -21.97 -14.03 -29.86
N GLY C 644 -21.30 -13.52 -28.82
CA GLY C 644 -21.99 -12.93 -27.70
C GLY C 644 -21.04 -12.42 -26.64
N ILE C 645 -21.42 -12.57 -25.37
CA ILE C 645 -20.60 -12.13 -24.25
C ILE C 645 -20.53 -13.19 -23.17
N HIS C 646 -19.56 -13.06 -22.27
CA HIS C 646 -19.46 -13.96 -21.14
C HIS C 646 -19.77 -13.20 -19.85
N VAL C 647 -20.81 -13.63 -19.13
CA VAL C 647 -21.28 -12.88 -17.98
C VAL C 647 -21.20 -13.66 -16.67
N LYS C 648 -21.30 -12.93 -15.56
CA LYS C 648 -21.34 -13.51 -14.24
C LYS C 648 -22.73 -13.35 -13.63
N TYR C 649 -23.57 -14.36 -13.82
CA TYR C 649 -24.95 -14.32 -13.34
C TYR C 649 -25.07 -15.03 -11.99
N LYS C 650 -25.22 -14.24 -10.93
CA LYS C 650 -25.29 -14.75 -9.56
C LYS C 650 -24.03 -15.53 -9.19
N THR C 651 -24.17 -16.84 -9.05
CA THR C 651 -23.04 -17.70 -8.68
C THR C 651 -22.54 -18.49 -9.89
N PHE C 652 -23.07 -18.16 -11.06
CA PHE C 652 -22.67 -18.83 -12.29
C PHE C 652 -21.83 -17.92 -13.18
N GLU C 653 -20.91 -18.52 -13.92
CA GLU C 653 -20.11 -17.81 -14.91
C GLU C 653 -20.41 -18.38 -16.28
N ILE C 654 -21.38 -17.79 -16.98
CA ILE C 654 -21.95 -18.42 -18.16
C ILE C 654 -21.89 -17.57 -19.43
N PRO C 655 -21.85 -18.23 -20.59
CA PRO C 655 -21.92 -17.56 -21.89
C PRO C 655 -23.34 -17.18 -22.29
N VAL C 656 -23.53 -15.93 -22.71
CA VAL C 656 -24.81 -15.48 -23.24
C VAL C 656 -24.64 -15.06 -24.69
N ILE C 657 -25.49 -15.62 -25.57
CA ILE C 657 -25.33 -15.42 -27.01
C ILE C 657 -26.53 -14.70 -27.64
N LYS C 658 -26.29 -14.06 -28.78
CA LYS C 658 -27.35 -13.42 -29.55
C LYS C 658 -27.62 -14.21 -30.83
N ILE C 659 -28.88 -14.38 -31.15
CA ILE C 659 -29.29 -15.22 -32.28
C ILE C 659 -28.87 -14.62 -33.62
N GLU C 660 -28.61 -13.31 -33.63
CA GLU C 660 -28.23 -12.63 -34.87
C GLU C 660 -26.77 -12.88 -35.23
N SER C 661 -26.14 -13.82 -34.53
CA SER C 661 -24.77 -14.22 -34.83
C SER C 661 -24.73 -15.67 -35.31
N PHE C 662 -25.90 -16.28 -35.39
CA PHE C 662 -25.99 -17.70 -35.72
C PHE C 662 -27.02 -18.01 -36.80
N VAL C 663 -26.82 -19.11 -37.50
CA VAL C 663 -27.77 -19.60 -38.48
C VAL C 663 -28.53 -20.79 -37.91
N VAL C 664 -29.86 -20.73 -37.97
CA VAL C 664 -30.70 -21.78 -37.44
C VAL C 664 -31.00 -22.84 -38.50
N GLU C 665 -30.15 -23.86 -38.53
CA GLU C 665 -30.34 -25.02 -39.40
C GLU C 665 -31.32 -26.00 -38.77
N ASP C 666 -32.04 -26.74 -39.59
CA ASP C 666 -32.89 -27.81 -39.09
C ASP C 666 -32.17 -29.15 -39.22
N ILE C 667 -32.04 -29.87 -38.11
CA ILE C 667 -31.34 -31.15 -38.12
C ILE C 667 -32.05 -32.18 -38.99
N ALA C 668 -33.37 -32.01 -39.15
CA ALA C 668 -34.15 -32.92 -39.96
C ALA C 668 -34.12 -32.53 -41.43
N THR C 669 -34.81 -31.45 -41.78
CA THR C 669 -34.91 -31.01 -43.16
C THR C 669 -33.59 -30.45 -43.68
N GLY C 670 -33.10 -29.38 -43.05
CA GLY C 670 -31.88 -28.75 -43.46
C GLY C 670 -32.09 -27.31 -43.87
N VAL C 671 -33.33 -26.84 -43.74
CA VAL C 671 -33.67 -25.47 -44.09
C VAL C 671 -33.00 -24.48 -43.15
N GLN C 672 -31.98 -23.78 -43.65
CA GLN C 672 -31.24 -22.81 -42.86
C GLN C 672 -31.96 -21.46 -42.83
N THR C 673 -32.64 -21.20 -41.72
CA THR C 673 -33.38 -19.94 -41.57
C THR C 673 -32.65 -18.98 -40.63
N LEU C 674 -32.89 -17.68 -40.82
CA LEU C 674 -32.22 -16.65 -40.01
C LEU C 674 -33.21 -15.91 -39.11
N TYR C 675 -32.72 -15.48 -37.96
CA TYR C 675 -33.53 -14.71 -37.02
C TYR C 675 -32.71 -13.55 -36.46
N SER C 676 -33.27 -12.33 -36.55
CA SER C 676 -32.57 -11.14 -36.09
C SER C 676 -32.82 -10.87 -34.62
N LYS C 677 -33.92 -11.40 -34.11
CA LYS C 677 -34.26 -11.26 -32.70
C LYS C 677 -34.65 -12.60 -32.10
N TRP C 678 -34.33 -12.80 -30.83
CA TRP C 678 -34.60 -14.07 -30.16
C TRP C 678 -36.08 -14.38 -30.05
N LYS C 679 -36.91 -13.34 -29.94
CA LYS C 679 -38.35 -13.54 -29.78
C LYS C 679 -39.01 -13.92 -31.10
N ASP C 680 -38.31 -13.69 -32.21
CA ASP C 680 -38.82 -14.10 -33.52
C ASP C 680 -38.60 -15.58 -33.72
N PHE C 681 -37.61 -16.13 -33.01
CA PHE C 681 -37.28 -17.55 -33.06
C PHE C 681 -38.07 -18.30 -31.99
N HIS C 682 -39.20 -18.88 -32.39
CA HIS C 682 -40.02 -19.64 -31.47
C HIS C 682 -39.64 -21.12 -31.48
N PHE C 683 -39.12 -21.59 -30.35
CA PHE C 683 -38.77 -23.01 -30.20
C PHE C 683 -39.07 -23.45 -28.77
N GLU C 684 -38.76 -24.70 -28.47
CA GLU C 684 -38.96 -25.22 -27.12
C GLU C 684 -38.03 -24.51 -26.15
N LYS C 685 -38.52 -23.43 -25.54
CA LYS C 685 -37.72 -22.60 -24.67
C LYS C 685 -37.79 -23.08 -23.22
N ILE C 686 -36.69 -23.65 -22.74
CA ILE C 686 -36.61 -24.18 -21.40
C ILE C 686 -35.95 -23.18 -20.44
N PRO C 687 -36.70 -22.74 -19.42
CA PRO C 687 -36.19 -21.81 -18.41
C PRO C 687 -34.93 -22.34 -17.73
N PHE C 688 -33.94 -21.47 -17.53
CA PHE C 688 -32.69 -21.86 -16.91
C PHE C 688 -32.91 -22.38 -15.50
N ASP C 689 -32.46 -23.61 -15.25
CA ASP C 689 -32.59 -24.23 -13.94
C ASP C 689 -31.21 -24.55 -13.37
N PRO C 690 -30.92 -24.03 -12.17
CA PRO C 690 -29.62 -24.22 -11.51
C PRO C 690 -29.30 -25.70 -11.23
N ALA C 691 -30.31 -26.57 -11.30
CA ALA C 691 -30.12 -27.99 -11.06
C ALA C 691 -29.19 -28.62 -12.10
N GLU C 692 -29.37 -28.21 -13.36
CA GLU C 692 -28.59 -28.67 -14.51
C GLU C 692 -28.15 -30.14 -14.43
N LYS E 12 26.44 21.18 -9.36
CA LYS E 12 25.01 20.93 -9.31
C LYS E 12 24.27 22.14 -8.72
N PRO E 13 24.04 23.18 -9.55
CA PRO E 13 23.38 24.40 -9.09
C PRO E 13 21.88 24.23 -8.89
N ARG E 14 21.35 24.91 -7.88
CA ARG E 14 19.90 24.98 -7.67
C ARG E 14 19.29 25.96 -8.66
N ASN E 15 18.00 25.81 -8.93
CA ASN E 15 17.34 26.68 -9.90
C ASN E 15 17.14 28.09 -9.38
N TYR E 16 16.78 28.21 -8.10
CA TYR E 16 16.53 29.52 -7.51
C TYR E 16 17.82 30.32 -7.42
N GLN E 17 18.95 29.62 -7.37
CA GLN E 17 20.26 30.28 -7.37
C GLN E 17 20.53 30.93 -8.73
N LEU E 18 20.27 30.18 -9.79
CA LEU E 18 20.38 30.70 -11.15
C LEU E 18 19.43 31.87 -11.33
N GLU E 19 18.25 31.76 -10.73
CA GLU E 19 17.24 32.81 -10.80
C GLU E 19 17.72 34.08 -10.09
N LEU E 20 18.39 33.90 -8.96
CA LEU E 20 18.94 35.03 -8.21
C LEU E 20 20.12 35.67 -8.92
N ALA E 21 20.82 34.86 -9.71
CA ALA E 21 22.01 35.35 -10.41
C ALA E 21 21.67 35.94 -11.77
N LEU E 22 20.48 35.64 -12.28
CA LEU E 22 20.07 36.06 -13.62
C LEU E 22 20.09 37.58 -13.86
N PRO E 23 19.56 38.40 -12.91
CA PRO E 23 19.61 39.83 -13.19
C PRO E 23 21.02 40.41 -13.18
N ALA E 24 21.88 39.85 -12.32
CA ALA E 24 23.26 40.32 -12.20
C ALA E 24 24.10 39.89 -13.39
N MET E 25 23.73 38.76 -14.00
CA MET E 25 24.43 38.27 -15.19
C MET E 25 24.02 39.06 -16.43
N LYS E 26 23.11 40.01 -16.24
CA LYS E 26 22.73 40.93 -17.32
C LYS E 26 23.38 42.28 -17.09
N GLY E 27 24.42 42.29 -16.26
CA GLY E 27 25.23 43.49 -16.03
C GLY E 27 24.51 44.54 -15.22
N LYS E 28 23.49 44.13 -14.48
CA LYS E 28 22.66 45.06 -13.74
C LYS E 28 23.04 45.08 -12.25
N ASN E 29 23.22 46.28 -11.71
CA ASN E 29 23.52 46.44 -10.30
C ASN E 29 22.36 45.91 -9.45
N THR E 30 22.62 44.88 -8.66
CA THR E 30 21.54 44.11 -8.07
C THR E 30 21.71 43.79 -6.59
N ILE E 31 20.72 44.14 -5.79
CA ILE E 31 20.64 43.67 -4.41
C ILE E 31 19.92 42.34 -4.37
N ILE E 32 20.50 41.35 -3.70
CA ILE E 32 19.93 40.00 -3.70
C ILE E 32 19.43 39.59 -2.32
N CYS E 33 18.13 39.29 -2.25
CA CYS E 33 17.51 38.87 -0.99
C CYS E 33 17.14 37.39 -1.02
N ALA E 34 17.59 36.67 0.01
CA ALA E 34 17.33 35.25 0.15
C ALA E 34 17.68 34.80 1.56
N PRO E 35 16.88 33.90 2.14
CA PRO E 35 17.06 33.42 3.52
C PRO E 35 18.49 33.01 3.84
N THR E 36 18.91 33.25 5.08
CA THR E 36 20.27 32.94 5.52
C THR E 36 20.56 31.45 5.39
N GLY E 37 21.58 31.12 4.60
CA GLY E 37 22.00 29.75 4.42
C GLY E 37 21.28 29.03 3.30
N CYS E 38 21.25 29.66 2.12
CA CYS E 38 20.63 29.06 0.95
C CYS E 38 21.65 28.92 -0.17
N GLY E 39 22.92 29.13 0.17
CA GLY E 39 23.99 29.00 -0.80
C GLY E 39 24.22 30.27 -1.60
N LYS E 40 24.61 31.34 -0.90
CA LYS E 40 24.89 32.60 -1.57
C LYS E 40 26.28 32.57 -2.21
N THR E 41 27.15 31.72 -1.68
CA THR E 41 28.51 31.58 -2.20
C THR E 41 28.48 31.06 -3.63
N PHE E 42 27.60 30.10 -3.89
CA PHE E 42 27.43 29.52 -5.22
C PHE E 42 27.01 30.61 -6.21
N VAL E 43 26.06 31.44 -5.78
CA VAL E 43 25.58 32.53 -6.60
C VAL E 43 26.70 33.52 -6.88
N SER E 44 27.52 33.79 -5.86
CA SER E 44 28.67 34.68 -6.00
C SER E 44 29.63 34.15 -7.06
N LEU E 45 29.96 32.87 -6.95
CA LEU E 45 30.87 32.23 -7.89
C LEU E 45 30.32 32.24 -9.31
N LEU E 46 29.01 32.03 -9.43
CA LEU E 46 28.37 32.03 -10.73
C LEU E 46 28.42 33.40 -11.39
N ILE E 47 27.95 34.42 -10.66
CA ILE E 47 27.95 35.79 -11.13
C ILE E 47 29.36 36.24 -11.52
N CYS E 48 30.33 35.95 -10.66
CA CYS E 48 31.71 36.34 -10.90
C CYS E 48 32.27 35.63 -12.13
N GLU E 49 32.01 34.33 -12.23
CA GLU E 49 32.47 33.54 -13.36
C GLU E 49 31.94 34.08 -14.68
N HIS E 50 30.63 34.39 -14.70
CA HIS E 50 30.01 34.94 -15.90
C HIS E 50 30.54 36.33 -16.20
N HIS E 51 30.89 37.07 -15.16
CA HIS E 51 31.40 38.42 -15.32
C HIS E 51 32.81 38.43 -15.93
N LEU E 52 33.62 37.45 -15.53
CA LEU E 52 35.00 37.38 -15.99
C LEU E 52 35.13 36.88 -17.41
N LYS E 53 34.32 35.87 -17.76
CA LYS E 53 34.37 35.27 -19.09
C LYS E 53 33.68 36.12 -20.14
N LYS E 54 33.11 37.25 -19.73
CA LYS E 54 32.35 38.12 -20.62
C LYS E 54 33.26 39.00 -21.47
N PHE E 55 34.32 39.53 -20.85
CA PHE E 55 35.21 40.48 -21.51
C PHE E 55 35.93 39.88 -22.72
N PRO E 56 36.24 40.71 -23.72
CA PRO E 56 37.01 40.30 -24.89
C PRO E 56 38.49 40.12 -24.57
N GLN E 57 39.32 40.02 -25.61
CA GLN E 57 40.74 39.75 -25.44
C GLN E 57 41.52 40.99 -25.02
N GLY E 58 41.19 42.13 -25.64
CA GLY E 58 41.90 43.37 -25.37
C GLY E 58 41.56 43.98 -24.02
N GLN E 59 40.47 43.53 -23.42
CA GLN E 59 40.03 44.05 -22.14
C GLN E 59 40.21 43.00 -21.04
N LYS E 60 40.30 43.46 -19.80
CA LYS E 60 40.50 42.57 -18.67
C LYS E 60 39.43 42.79 -17.60
N GLY E 61 39.14 41.74 -16.84
CA GLY E 61 38.16 41.82 -15.77
C GLY E 61 38.80 41.86 -14.40
N LYS E 62 38.16 42.58 -13.47
CA LYS E 62 38.68 42.70 -12.11
C LYS E 62 37.53 42.80 -11.11
N VAL E 63 37.43 41.80 -10.25
CA VAL E 63 36.33 41.70 -9.29
C VAL E 63 36.83 41.82 -7.85
N VAL E 64 36.17 42.65 -7.05
CA VAL E 64 36.49 42.78 -5.64
C VAL E 64 35.33 42.29 -4.77
N PHE E 65 35.63 41.37 -3.85
CA PHE E 65 34.62 40.80 -2.97
C PHE E 65 34.87 41.25 -1.53
N PHE E 66 33.91 41.96 -0.96
CA PHE E 66 34.06 42.49 0.39
C PHE E 66 33.56 41.54 1.46
N ALA E 67 34.05 41.73 2.68
CA ALA E 67 33.65 40.93 3.83
C ALA E 67 33.97 41.67 5.11
N ASN E 68 32.97 41.84 5.97
CA ASN E 68 33.14 42.58 7.22
C ASN E 68 33.71 41.72 8.33
N GLN E 69 33.96 40.45 8.04
CA GLN E 69 34.49 39.53 9.03
C GLN E 69 35.64 38.70 8.47
N ILE E 70 36.75 38.71 9.19
CA ILE E 70 37.95 37.95 8.81
C ILE E 70 37.68 36.46 8.52
N PRO E 71 36.83 35.78 9.32
CA PRO E 71 36.51 34.39 8.95
C PRO E 71 35.80 34.26 7.62
N VAL E 72 34.83 35.14 7.37
CA VAL E 72 34.14 35.15 6.08
C VAL E 72 35.13 35.45 4.98
N TYR E 73 36.05 36.36 5.27
CA TYR E 73 37.14 36.72 4.37
C TYR E 73 37.93 35.48 3.95
N GLU E 74 38.37 34.69 4.92
CA GLU E 74 39.22 33.55 4.60
C GLU E 74 38.44 32.42 3.94
N GLN E 75 37.17 32.24 4.32
CA GLN E 75 36.33 31.24 3.67
C GLN E 75 36.15 31.57 2.19
N GLN E 76 35.67 32.78 1.93
CA GLN E 76 35.41 33.21 0.57
C GLN E 76 36.69 33.26 -0.27
N LYS E 77 37.79 33.66 0.35
CA LYS E 77 39.06 33.68 -0.36
C LYS E 77 39.47 32.27 -0.75
N SER E 78 39.32 31.33 0.19
CA SER E 78 39.66 29.94 -0.07
C SER E 78 38.82 29.36 -1.21
N VAL E 79 37.51 29.55 -1.12
CA VAL E 79 36.59 29.02 -2.12
C VAL E 79 36.84 29.62 -3.51
N PHE E 80 36.90 30.95 -3.58
CA PHE E 80 37.15 31.65 -4.83
C PHE E 80 38.48 31.25 -5.46
N SER E 81 39.52 31.13 -4.62
CA SER E 81 40.84 30.75 -5.11
C SER E 81 40.83 29.33 -5.66
N LYS E 82 40.23 28.41 -4.91
CA LYS E 82 40.18 27.01 -5.32
C LYS E 82 39.37 26.82 -6.60
N TYR E 83 38.33 27.65 -6.76
CA TYR E 83 37.43 27.53 -7.90
C TYR E 83 37.99 28.17 -9.17
N PHE E 84 38.56 29.36 -9.04
CA PHE E 84 38.96 30.14 -10.21
C PHE E 84 40.43 29.99 -10.60
N GLU E 85 41.18 29.19 -9.84
CA GLU E 85 42.58 28.95 -10.19
C GLU E 85 42.67 28.13 -11.47
N ARG E 86 41.74 27.19 -11.62
CA ARG E 86 41.72 26.30 -12.78
C ARG E 86 41.44 27.05 -14.07
N HIS E 87 40.47 27.95 -14.04
CA HIS E 87 40.06 28.69 -15.22
C HIS E 87 41.17 29.61 -15.75
N GLY E 88 42.05 30.04 -14.85
CA GLY E 88 43.16 30.89 -15.24
C GLY E 88 43.04 32.32 -14.75
N TYR E 89 42.52 32.48 -13.54
CA TYR E 89 42.39 33.80 -12.93
C TYR E 89 43.09 33.84 -11.58
N ARG E 90 43.85 34.89 -11.34
CA ARG E 90 44.61 35.01 -10.09
C ARG E 90 43.76 35.58 -8.97
N VAL E 91 43.59 34.80 -7.91
CA VAL E 91 42.78 35.21 -6.77
C VAL E 91 43.66 35.50 -5.55
N THR E 92 43.46 36.67 -4.95
CA THR E 92 44.21 37.05 -3.76
C THR E 92 43.31 37.74 -2.74
N GLY E 93 43.83 37.92 -1.53
CA GLY E 93 43.07 38.58 -0.47
C GLY E 93 43.94 39.52 0.35
N ILE E 94 43.31 40.51 0.97
CA ILE E 94 44.02 41.44 1.83
C ILE E 94 43.26 41.66 3.14
N SER E 95 43.96 41.50 4.26
CA SER E 95 43.37 41.75 5.57
C SER E 95 44.29 42.63 6.41
N GLY E 96 43.81 43.03 7.58
CA GLY E 96 44.56 43.91 8.46
C GLY E 96 45.86 43.32 8.95
N ALA E 97 45.99 42.00 8.84
CA ALA E 97 47.21 41.31 9.24
C ALA E 97 48.30 41.46 8.19
N THR E 98 47.89 41.65 6.94
CA THR E 98 48.83 41.76 5.84
C THR E 98 48.58 43.01 5.00
N ALA E 99 48.00 44.03 5.64
CA ALA E 99 47.58 45.23 4.92
C ALA E 99 48.74 46.21 4.68
N GLU E 100 49.73 46.21 5.56
CA GLU E 100 50.79 47.19 5.50
C GLU E 100 52.11 46.61 5.03
N ASN E 101 53.09 47.48 4.82
CA ASN E 101 54.39 47.12 4.27
C ASN E 101 54.28 46.46 2.90
N VAL E 102 53.18 46.75 2.19
CA VAL E 102 52.94 46.19 0.87
C VAL E 102 52.28 47.22 -0.04
N PRO E 103 52.68 47.22 -1.33
CA PRO E 103 52.07 48.11 -2.31
C PRO E 103 50.73 47.60 -2.83
N VAL E 104 49.65 47.99 -2.16
CA VAL E 104 48.30 47.54 -2.53
C VAL E 104 47.96 47.93 -3.96
N GLU E 105 48.46 49.11 -4.37
CA GLU E 105 48.26 49.62 -5.72
C GLU E 105 48.66 48.62 -6.79
N GLN E 106 49.76 47.92 -6.55
CA GLN E 106 50.25 46.92 -7.50
C GLN E 106 49.63 45.56 -7.24
N ILE E 107 49.27 45.29 -5.99
CA ILE E 107 48.61 44.04 -5.63
C ILE E 107 47.30 43.89 -6.38
N VAL E 108 46.53 44.98 -6.43
CA VAL E 108 45.25 44.96 -7.14
C VAL E 108 45.45 44.75 -8.64
N GLU E 109 46.43 45.45 -9.21
CA GLU E 109 46.68 45.39 -10.64
C GLU E 109 47.09 44.01 -11.14
N ASN E 110 47.79 43.26 -10.29
CA ASN E 110 48.34 41.96 -10.70
C ASN E 110 47.41 40.79 -10.41
N ASN E 111 46.14 41.08 -10.15
CA ASN E 111 45.17 40.04 -9.86
C ASN E 111 43.81 40.30 -10.51
N ASP E 112 43.03 39.24 -10.67
CA ASP E 112 41.72 39.34 -11.29
C ASP E 112 40.61 39.35 -10.24
N ILE E 113 40.85 38.68 -9.13
CA ILE E 113 39.88 38.64 -8.03
C ILE E 113 40.56 39.00 -6.71
N ILE E 114 40.06 40.06 -6.07
CA ILE E 114 40.63 40.51 -4.81
C ILE E 114 39.57 40.51 -3.70
N ILE E 115 39.83 39.76 -2.63
CA ILE E 115 38.92 39.73 -1.50
C ILE E 115 39.41 40.68 -0.41
N LEU E 116 38.58 41.63 -0.04
CA LEU E 116 38.97 42.69 0.89
C LEU E 116 38.06 42.80 2.11
N THR E 117 38.63 43.26 3.21
CA THR E 117 37.84 43.83 4.29
C THR E 117 37.71 45.32 3.97
N PRO E 118 36.48 45.83 3.93
CA PRO E 118 36.14 47.15 3.38
C PRO E 118 37.02 48.29 3.88
N GLN E 119 37.42 48.23 5.14
CA GLN E 119 38.26 49.27 5.74
C GLN E 119 39.58 49.42 5.00
N ILE E 120 40.07 48.33 4.40
CA ILE E 120 41.29 48.36 3.62
C ILE E 120 41.14 49.28 2.42
N LEU E 121 40.08 49.07 1.64
CA LEU E 121 39.82 49.88 0.47
C LEU E 121 39.51 51.32 0.86
N VAL E 122 38.82 51.50 1.97
CA VAL E 122 38.52 52.84 2.48
C VAL E 122 39.82 53.61 2.75
N ASN E 123 40.69 53.01 3.55
CA ASN E 123 41.98 53.60 3.91
C ASN E 123 42.86 53.83 2.69
N ASN E 124 42.82 52.90 1.74
CA ASN E 124 43.63 53.00 0.54
C ASN E 124 43.11 54.05 -0.44
N LEU E 125 41.82 54.35 -0.35
CA LEU E 125 41.23 55.41 -1.16
C LEU E 125 41.51 56.76 -0.52
N LYS E 126 41.50 56.80 0.80
CA LYS E 126 41.80 58.03 1.54
C LYS E 126 43.27 58.41 1.38
N LYS E 127 44.15 57.41 1.45
CA LYS E 127 45.58 57.64 1.33
C LYS E 127 45.99 58.02 -0.09
N GLY E 128 45.16 57.63 -1.05
CA GLY E 128 45.41 57.96 -2.44
C GLY E 128 46.22 56.90 -3.17
N THR E 129 46.46 55.77 -2.51
CA THR E 129 47.18 54.66 -3.14
C THR E 129 46.37 54.10 -4.29
N ILE E 130 45.05 54.22 -4.19
CA ILE E 130 44.14 53.83 -5.26
C ILE E 130 43.37 55.05 -5.74
N PRO E 131 43.56 55.41 -7.03
CA PRO E 131 42.94 56.61 -7.62
C PRO E 131 41.42 56.62 -7.49
N SER E 132 40.77 55.64 -8.14
CA SER E 132 39.31 55.55 -8.09
C SER E 132 38.85 54.10 -8.17
N LEU E 133 37.55 53.89 -8.11
CA LEU E 133 36.97 52.55 -8.19
C LEU E 133 36.87 52.09 -9.64
N SER E 134 37.42 52.87 -10.56
CA SER E 134 37.43 52.53 -11.97
C SER E 134 38.36 51.36 -12.24
N ILE E 135 39.24 51.08 -11.28
CA ILE E 135 40.18 49.96 -11.39
C ILE E 135 39.43 48.64 -11.47
N PHE E 136 38.33 48.54 -10.73
CA PHE E 136 37.50 47.33 -10.74
C PHE E 136 36.44 47.39 -11.83
N THR E 137 35.77 46.26 -12.04
CA THR E 137 34.65 46.20 -12.98
C THR E 137 33.43 45.60 -12.30
N LEU E 138 33.66 44.92 -11.18
CA LEU E 138 32.59 44.29 -10.42
C LEU E 138 32.89 44.29 -8.92
N MET E 139 32.05 44.96 -8.15
CA MET E 139 32.16 44.96 -6.70
C MET E 139 31.01 44.17 -6.08
N ILE E 140 31.34 43.27 -5.15
CA ILE E 140 30.33 42.45 -4.49
C ILE E 140 30.38 42.66 -2.99
N PHE E 141 29.29 43.18 -2.44
CA PHE E 141 29.18 43.43 -1.00
C PHE E 141 28.48 42.28 -0.28
N ASP E 142 29.18 41.66 0.66
CA ASP E 142 28.57 40.66 1.52
C ASP E 142 27.89 41.37 2.68
N GLU E 143 26.65 40.97 2.97
CA GLU E 143 25.81 41.66 3.95
C GLU E 143 25.70 43.14 3.57
N CYS E 144 25.09 43.40 2.41
CA CYS E 144 25.03 44.75 1.86
C CYS E 144 24.04 45.65 2.58
N HIS E 145 23.35 45.09 3.58
CA HIS E 145 22.42 45.87 4.38
C HIS E 145 23.16 46.82 5.32
N ASN E 146 24.47 46.62 5.44
CA ASN E 146 25.31 47.47 6.27
C ASN E 146 25.71 48.74 5.54
N THR E 147 25.46 48.78 4.24
CA THR E 147 25.77 49.96 3.43
C THR E 147 24.90 51.13 3.85
N SER E 148 25.28 51.78 4.94
CA SER E 148 24.52 52.89 5.49
C SER E 148 25.34 53.65 6.52
N LYS E 149 24.99 54.91 6.75
CA LYS E 149 25.65 55.76 7.73
C LYS E 149 27.15 55.87 7.50
N GLN E 150 27.93 55.67 8.56
CA GLN E 150 29.38 55.83 8.48
C GLN E 150 30.11 54.49 8.38
N HIS E 151 29.39 53.45 7.97
CA HIS E 151 29.98 52.14 7.76
C HIS E 151 30.83 52.13 6.49
N PRO E 152 32.02 51.50 6.55
CA PRO E 152 33.00 51.40 5.46
C PRO E 152 32.40 51.15 4.08
N TYR E 153 31.41 50.25 4.00
CA TYR E 153 30.68 50.01 2.77
C TYR E 153 30.13 51.32 2.19
N ASN E 154 29.44 52.06 3.06
CA ASN E 154 28.83 53.31 2.65
C ASN E 154 29.88 54.35 2.27
N MET E 155 31.09 54.22 2.81
CA MET E 155 32.20 55.10 2.44
C MET E 155 32.65 54.80 1.01
N ILE E 156 32.83 53.52 0.74
CA ILE E 156 33.19 53.07 -0.60
C ILE E 156 32.16 53.54 -1.62
N MET E 157 30.89 53.39 -1.26
CA MET E 157 29.82 53.82 -2.13
C MET E 157 29.73 55.34 -2.20
N PHE E 158 30.25 56.03 -1.19
CA PHE E 158 30.34 57.48 -1.24
C PHE E 158 31.35 57.88 -2.31
N ASN E 159 32.45 57.16 -2.37
CA ASN E 159 33.43 57.38 -3.43
C ASN E 159 32.81 57.11 -4.80
N TYR E 160 32.13 55.97 -4.90
CA TYR E 160 31.43 55.58 -6.13
C TYR E 160 30.49 56.67 -6.62
N LEU E 161 29.60 57.13 -5.74
CA LEU E 161 28.63 58.15 -6.08
C LEU E 161 29.28 59.50 -6.38
N ASP E 162 30.36 59.80 -5.67
CA ASP E 162 31.09 61.04 -5.89
C ASP E 162 31.68 61.07 -7.29
N GLN E 163 32.14 59.91 -7.77
CA GLN E 163 32.66 59.84 -9.14
C GLN E 163 31.51 59.79 -10.15
N LYS E 164 30.38 59.23 -9.73
CA LYS E 164 29.22 59.11 -10.62
C LYS E 164 28.58 60.46 -10.91
N LEU E 165 27.99 61.05 -9.88
CA LEU E 165 27.26 62.31 -10.02
C LEU E 165 28.21 63.47 -10.35
N GLY E 166 29.50 63.28 -10.04
CA GLY E 166 30.51 64.28 -10.35
C GLY E 166 30.71 64.44 -11.85
N GLY E 167 31.43 65.47 -12.24
CA GLY E 167 31.66 65.77 -13.64
C GLY E 167 32.47 64.72 -14.38
N SER E 168 33.17 63.88 -13.63
CA SER E 168 33.99 62.83 -14.23
C SER E 168 33.15 61.81 -14.98
N SER E 169 33.70 61.28 -16.06
CA SER E 169 33.00 60.29 -16.87
C SER E 169 33.76 58.97 -16.93
N GLY E 170 34.49 58.67 -15.86
CA GLY E 170 35.23 57.42 -15.77
C GLY E 170 34.30 56.24 -15.59
N PRO E 171 34.67 55.08 -16.16
CA PRO E 171 33.84 53.87 -16.09
C PRO E 171 33.70 53.33 -14.67
N LEU E 172 32.47 53.07 -14.26
CA LEU E 172 32.19 52.57 -12.91
C LEU E 172 31.88 51.07 -12.92
N PRO E 173 32.26 50.37 -11.85
CA PRO E 173 32.03 48.92 -11.73
C PRO E 173 30.58 48.56 -11.40
N GLN E 174 30.17 47.36 -11.81
CA GLN E 174 28.84 46.85 -11.50
C GLN E 174 28.76 46.49 -10.02
N VAL E 175 27.67 46.88 -9.37
CA VAL E 175 27.54 46.65 -7.93
C VAL E 175 26.51 45.57 -7.59
N ILE E 176 26.99 44.49 -6.99
CA ILE E 176 26.10 43.43 -6.53
C ILE E 176 26.14 43.33 -5.01
N GLY E 177 24.97 43.18 -4.40
CA GLY E 177 24.88 43.04 -2.95
C GLY E 177 24.22 41.74 -2.55
N LEU E 178 24.65 41.20 -1.42
CA LEU E 178 24.08 39.94 -0.92
C LEU E 178 23.52 40.15 0.48
N THR E 179 22.28 39.71 0.69
CA THR E 179 21.67 39.84 2.01
C THR E 179 20.49 38.90 2.20
N ALA E 180 19.96 38.87 3.41
CA ALA E 180 18.76 38.10 3.71
C ALA E 180 17.62 39.04 4.09
N SER E 181 17.96 40.31 4.31
CA SER E 181 16.98 41.32 4.69
C SER E 181 17.56 42.72 4.52
N VAL E 182 16.90 43.55 3.74
CA VAL E 182 17.36 44.91 3.49
C VAL E 182 16.98 45.86 4.63
N GLY E 183 16.07 45.41 5.48
CA GLY E 183 15.60 46.21 6.59
C GLY E 183 14.68 47.32 6.14
N VAL E 184 13.92 47.88 7.08
CA VAL E 184 13.00 48.97 6.77
C VAL E 184 13.24 50.16 7.69
N GLY E 185 14.31 50.11 8.45
CA GLY E 185 14.62 51.17 9.40
C GLY E 185 13.55 51.27 10.48
N ASP E 186 12.99 52.46 10.63
CA ASP E 186 11.92 52.67 11.60
C ASP E 186 10.62 53.03 10.90
N ALA E 187 10.29 52.28 9.86
CA ALA E 187 9.09 52.52 9.06
C ALA E 187 7.84 52.04 9.78
N LYS E 188 6.77 52.81 9.67
CA LYS E 188 5.50 52.48 10.32
C LYS E 188 4.47 51.95 9.32
N ASN E 189 4.66 52.30 8.05
CA ASN E 189 3.77 51.82 6.99
C ASN E 189 4.53 51.40 5.73
N THR E 190 3.80 50.95 4.72
CA THR E 190 4.41 50.43 3.50
C THR E 190 5.16 51.48 2.70
N ASP E 191 4.68 52.72 2.74
CA ASP E 191 5.32 53.79 1.98
C ASP E 191 6.70 54.12 2.55
N GLU E 192 6.79 54.19 3.86
CA GLU E 192 8.05 54.49 4.53
C GLU E 192 9.07 53.37 4.31
N ALA E 193 8.60 52.14 4.40
CA ALA E 193 9.43 50.99 4.13
C ALA E 193 9.93 51.03 2.69
N LEU E 194 9.02 51.35 1.78
CA LEU E 194 9.33 51.38 0.36
C LEU E 194 10.39 52.43 0.05
N ASP E 195 10.20 53.65 0.55
CA ASP E 195 11.18 54.68 0.25
C ASP E 195 12.50 54.36 0.93
N TYR E 196 12.46 53.81 2.15
CA TYR E 196 13.70 53.39 2.82
C TYR E 196 14.49 52.42 1.96
N ILE E 197 13.83 51.37 1.48
CA ILE E 197 14.44 50.40 0.58
C ILE E 197 14.99 51.09 -0.66
N CYS E 198 14.26 52.10 -1.14
CA CYS E 198 14.71 52.85 -2.31
C CYS E 198 16.02 53.60 -2.06
N LYS E 199 16.12 54.29 -0.92
CA LYS E 199 17.34 55.02 -0.62
C LYS E 199 18.48 54.06 -0.31
N LEU E 200 18.16 52.85 0.13
CA LEU E 200 19.17 51.82 0.31
C LEU E 200 19.70 51.37 -1.05
N CYS E 201 18.79 51.25 -2.02
CA CYS E 201 19.18 50.94 -3.38
C CYS E 201 20.05 52.06 -3.96
N ALA E 202 19.72 53.29 -3.60
CA ALA E 202 20.46 54.46 -4.04
C ALA E 202 21.84 54.48 -3.40
N SER E 203 21.95 53.92 -2.20
CA SER E 203 23.22 53.83 -1.51
C SER E 203 24.13 52.82 -2.21
N LEU E 204 23.53 51.80 -2.80
CA LEU E 204 24.28 50.77 -3.51
C LEU E 204 24.21 50.93 -5.02
N ASP E 205 23.56 52.02 -5.46
CA ASP E 205 23.36 52.29 -6.88
C ASP E 205 22.73 51.09 -7.58
N ALA E 206 21.73 50.49 -6.94
CA ALA E 206 21.07 49.31 -7.48
C ALA E 206 19.84 49.71 -8.29
N SER E 207 19.46 48.86 -9.22
CA SER E 207 18.27 49.06 -10.02
C SER E 207 17.40 47.82 -10.02
N VAL E 208 17.92 46.75 -9.43
CA VAL E 208 17.22 45.48 -9.39
C VAL E 208 17.33 44.80 -8.03
N ILE E 209 16.21 44.31 -7.51
CA ILE E 209 16.20 43.52 -6.30
C ILE E 209 15.75 42.10 -6.61
N ALA E 210 16.70 41.16 -6.57
CA ALA E 210 16.43 39.77 -6.93
C ALA E 210 15.99 38.95 -5.75
N THR E 211 14.78 38.40 -5.84
CA THR E 211 14.26 37.46 -4.84
C THR E 211 13.74 36.23 -5.57
N VAL E 212 13.58 35.14 -4.84
CA VAL E 212 13.05 33.92 -5.42
C VAL E 212 11.54 34.02 -5.60
N LYS E 213 11.08 33.78 -6.82
CA LYS E 213 9.65 33.88 -7.13
C LYS E 213 9.18 32.73 -8.00
N HIS E 214 10.00 32.35 -8.98
CA HIS E 214 9.64 31.27 -9.89
C HIS E 214 9.89 29.90 -9.27
N ASN E 215 10.92 29.81 -8.44
CA ASN E 215 11.29 28.54 -7.82
C ASN E 215 11.13 28.57 -6.31
N LEU E 216 10.08 29.23 -5.83
CA LEU E 216 9.84 29.37 -4.39
C LEU E 216 9.65 28.02 -3.71
N GLU E 217 9.04 27.08 -4.42
CA GLU E 217 8.80 25.75 -3.88
C GLU E 217 10.11 25.03 -3.56
N GLU E 218 11.10 25.22 -4.42
CA GLU E 218 12.42 24.61 -4.21
C GLU E 218 13.12 25.21 -3.00
N LEU E 219 13.11 26.55 -2.92
CA LEU E 219 13.69 27.26 -1.79
C LEU E 219 13.05 26.85 -0.48
N GLU E 220 11.73 26.63 -0.52
CA GLU E 220 11.00 26.16 0.65
C GLU E 220 11.38 24.71 0.96
N GLN E 221 11.71 23.96 -0.08
CA GLN E 221 12.11 22.56 0.09
C GLN E 221 13.53 22.46 0.64
N VAL E 222 14.28 23.55 0.54
CA VAL E 222 15.66 23.59 1.03
C VAL E 222 15.76 24.23 2.41
N VAL E 223 15.34 25.48 2.52
CA VAL E 223 15.44 26.23 3.77
C VAL E 223 14.10 26.29 4.50
N TYR E 224 14.09 25.84 5.75
CA TYR E 224 12.87 25.79 6.54
C TYR E 224 12.80 26.90 7.58
N LYS E 225 11.67 27.60 7.61
CA LYS E 225 11.42 28.63 8.62
C LYS E 225 11.09 28.00 9.96
N PRO E 226 11.95 28.21 10.96
CA PRO E 226 11.75 27.64 12.30
C PRO E 226 10.55 28.24 13.02
N GLN E 227 9.76 27.42 13.70
CA GLN E 227 8.59 27.89 14.43
C GLN E 227 9.01 28.66 15.68
N LYS E 228 8.40 29.83 15.88
CA LYS E 228 8.78 30.70 16.98
C LYS E 228 7.73 30.67 18.11
N PHE E 229 8.22 30.61 19.34
CA PHE E 229 7.36 30.69 20.52
C PHE E 229 7.81 31.84 21.41
N PHE E 230 6.86 32.44 22.12
CA PHE E 230 7.20 33.49 23.08
C PHE E 230 6.79 33.04 24.48
N ARG E 231 7.67 33.30 25.45
CA ARG E 231 7.42 32.93 26.84
C ARG E 231 7.54 34.14 27.75
N LYS E 232 6.39 34.71 28.11
CA LYS E 232 6.35 35.85 29.01
C LYS E 232 6.05 35.39 30.44
N VAL E 233 7.10 35.26 31.23
CA VAL E 233 6.94 34.95 32.64
C VAL E 233 6.87 36.25 33.44
N GLU E 234 6.70 36.14 34.74
CA GLU E 234 6.75 37.30 35.62
C GLU E 234 8.10 37.31 36.33
N SER E 235 8.46 38.45 36.90
CA SER E 235 9.73 38.54 37.62
C SER E 235 9.57 37.98 39.03
N ARG E 236 10.70 37.64 39.65
CA ARG E 236 10.74 36.91 40.91
C ARG E 236 9.94 37.55 42.05
N ILE E 237 9.08 36.74 42.66
CA ILE E 237 8.28 37.13 43.83
C ILE E 237 7.61 38.49 43.69
N ASP E 239 11.10 40.39 47.07
CA ASP E 239 12.52 40.02 47.12
C ASP E 239 13.22 40.69 48.30
N LYS E 240 13.56 39.90 49.31
CA LYS E 240 14.29 40.41 50.47
C LYS E 240 15.67 40.88 50.06
N PHE E 241 16.27 40.17 49.11
CA PHE E 241 17.59 40.50 48.57
C PHE E 241 17.62 41.93 48.04
N LYS E 242 16.53 42.35 47.40
CA LYS E 242 16.42 43.68 46.83
C LYS E 242 16.69 44.75 47.87
N TYR E 243 15.85 44.82 48.89
CA TYR E 243 16.00 45.81 49.96
C TYR E 243 17.32 45.64 50.71
N ILE E 244 17.66 44.39 51.01
CA ILE E 244 18.87 44.06 51.75
C ILE E 244 20.12 44.64 51.11
N ILE E 245 20.21 44.51 49.79
CA ILE E 245 21.37 45.03 49.07
C ILE E 245 21.14 46.49 48.67
N ALA E 246 19.90 46.96 48.84
CA ALA E 246 19.56 48.34 48.52
C ALA E 246 20.06 49.30 49.59
N GLN E 247 19.77 49.00 50.85
CA GLN E 247 20.19 49.88 51.95
C GLN E 247 21.70 50.03 52.01
N LEU E 248 22.43 49.10 51.39
CA LEU E 248 23.87 49.22 51.24
C LEU E 248 24.24 50.47 50.45
N MET E 249 23.59 50.65 49.30
CA MET E 249 23.88 51.78 48.43
C MET E 249 23.06 53.01 48.82
N ARG E 250 22.07 52.84 49.69
CA ARG E 250 21.41 54.01 50.28
C ARG E 250 22.35 54.59 51.33
N ASP E 251 23.04 53.70 52.04
CA ASP E 251 24.05 54.11 53.00
C ASP E 251 25.26 54.70 52.28
N THR E 252 25.61 54.11 51.14
CA THR E 252 26.72 54.60 50.33
C THR E 252 26.41 55.98 49.76
N GLU E 253 25.18 56.14 49.26
CA GLU E 253 24.73 57.43 48.77
C GLU E 253 24.68 58.46 49.90
N SER E 254 24.37 57.97 51.10
CA SER E 254 24.36 58.83 52.29
C SER E 254 25.78 59.30 52.62
N LEU E 255 26.74 58.41 52.45
CA LEU E 255 28.14 58.74 52.71
C LEU E 255 28.66 59.73 51.67
N ALA E 256 28.29 59.50 50.42
CA ALA E 256 28.73 60.38 49.33
C ALA E 256 28.08 61.76 49.44
N LYS E 257 26.84 61.80 49.92
CA LYS E 257 26.12 63.04 50.08
C LYS E 257 26.61 63.82 51.29
N ARG E 258 27.39 63.15 52.14
CA ARG E 258 27.92 63.76 53.35
C ARG E 258 29.17 64.58 53.06
N ILE E 259 29.67 64.49 51.83
CA ILE E 259 30.86 65.23 51.43
C ILE E 259 30.59 66.18 50.26
N CYS E 260 29.46 65.96 49.59
CA CYS E 260 29.10 66.80 48.45
C CYS E 260 27.73 67.47 48.66
N LYS E 261 27.26 68.18 47.65
CA LYS E 261 25.98 68.86 47.73
C LYS E 261 25.38 69.07 46.34
N ARG E 272 13.46 58.05 43.03
CA ARG E 272 14.08 57.25 41.99
C ARG E 272 14.09 55.76 42.36
N GLU E 273 13.98 54.90 41.36
CA GLU E 273 14.02 53.46 41.58
C GLU E 273 15.44 52.91 41.41
N PHE E 274 15.91 52.21 42.42
CA PHE E 274 17.23 51.60 42.39
C PHE E 274 17.22 50.31 41.58
N GLY E 275 18.27 50.09 40.79
CA GLY E 275 18.41 48.83 40.09
C GLY E 275 18.36 48.92 38.57
N THR E 276 17.73 49.95 38.03
CA THR E 276 17.57 50.03 36.59
C THR E 276 18.47 51.09 35.97
N GLN E 277 18.54 51.08 34.64
CA GLN E 277 19.52 51.82 33.86
C GLN E 277 19.53 53.34 34.10
N LYS E 278 18.37 53.90 34.45
CA LYS E 278 18.27 55.32 34.73
C LYS E 278 19.21 55.70 35.87
N TYR E 279 19.20 54.87 36.91
CA TYR E 279 20.09 55.06 38.05
C TYR E 279 21.54 54.82 37.66
N GLU E 280 21.74 53.96 36.67
CA GLU E 280 23.08 53.66 36.18
C GLU E 280 23.71 54.89 35.54
N GLN E 281 23.05 55.45 34.54
CA GLN E 281 23.59 56.62 33.86
C GLN E 281 23.48 57.86 34.74
N TRP E 282 22.65 57.79 35.78
CA TRP E 282 22.63 58.84 36.80
C TRP E 282 23.94 58.81 37.56
N ILE E 283 24.34 57.62 38.02
CA ILE E 283 25.61 57.44 38.70
C ILE E 283 26.77 57.80 37.79
N VAL E 284 26.62 57.51 36.50
CA VAL E 284 27.65 57.83 35.51
C VAL E 284 27.83 59.33 35.37
N THR E 285 26.72 60.04 35.13
CA THR E 285 26.77 61.49 34.92
C THR E 285 27.21 62.23 36.18
N VAL E 286 26.79 61.72 37.34
CA VAL E 286 27.21 62.30 38.62
C VAL E 286 28.70 62.09 38.84
N GLN E 287 29.17 60.87 38.54
CA GLN E 287 30.60 60.55 38.63
C GLN E 287 31.41 61.45 37.72
N LYS E 288 30.87 61.74 36.54
CA LYS E 288 31.52 62.65 35.60
C LYS E 288 31.40 64.10 36.07
N ALA E 289 30.44 64.35 36.95
CA ALA E 289 30.23 65.69 37.49
C ALA E 289 31.14 65.94 38.69
N CYS E 290 31.66 64.87 39.28
CA CYS E 290 32.58 64.98 40.40
C CYS E 290 34.03 65.02 39.93
N MET E 291 34.25 64.69 38.66
CA MET E 291 35.59 64.74 38.09
C MET E 291 35.99 66.18 37.79
N VAL E 292 35.00 67.08 37.80
CA VAL E 292 35.25 68.49 37.51
C VAL E 292 35.04 69.37 38.74
N PHE E 293 34.82 68.74 39.89
CA PHE E 293 34.71 69.46 41.15
C PHE E 293 36.10 69.90 41.61
N GLN E 294 36.34 71.20 41.63
CA GLN E 294 37.67 71.72 41.90
C GLN E 294 37.87 72.14 43.36
N MET E 295 39.11 72.45 43.70
CA MET E 295 39.47 72.92 45.04
C MET E 295 40.86 73.56 44.99
N PRO E 296 41.07 74.60 45.80
CA PRO E 296 42.36 75.33 45.78
C PRO E 296 43.53 74.53 46.32
N ASP E 297 43.27 73.63 47.26
CA ASP E 297 44.33 72.88 47.92
C ASP E 297 45.04 71.92 46.97
N LYS E 298 44.28 71.32 46.06
CA LYS E 298 44.80 70.33 45.11
C LYS E 298 45.41 69.12 45.82
N ASP E 299 45.08 68.96 47.10
CA ASP E 299 45.50 67.81 47.88
C ASP E 299 44.28 67.21 48.58
N GLU E 300 43.44 68.09 49.11
CA GLU E 300 42.15 67.68 49.66
C GLU E 300 41.19 67.46 48.50
N GLU E 301 41.48 68.12 47.39
CA GLU E 301 40.72 67.93 46.15
C GLU E 301 40.81 66.49 45.67
N SER E 302 42.05 66.01 45.52
CA SER E 302 42.31 64.64 45.11
C SER E 302 41.64 63.65 46.05
N ARG E 303 41.67 63.95 47.34
CA ARG E 303 41.07 63.08 48.35
C ARG E 303 39.55 63.00 48.21
N ILE E 304 38.90 64.16 48.22
CA ILE E 304 37.44 64.19 48.20
C ILE E 304 36.89 63.69 46.86
N CYS E 305 37.65 63.89 45.79
CA CYS E 305 37.20 63.44 44.47
C CYS E 305 37.52 61.96 44.24
N LYS E 306 38.54 61.45 44.93
CA LYS E 306 38.82 60.02 44.89
C LYS E 306 37.77 59.29 45.70
N ALA E 307 37.31 59.93 46.77
CA ALA E 307 36.21 59.39 47.57
C ALA E 307 34.93 59.39 46.75
N LEU E 308 34.63 60.53 46.12
CA LEU E 308 33.45 60.66 45.29
C LEU E 308 33.53 59.74 44.07
N PHE E 309 34.74 59.33 43.72
CA PHE E 309 34.95 58.39 42.62
C PHE E 309 34.68 56.97 43.07
N LEU E 310 35.23 56.60 44.22
CA LEU E 310 35.07 55.26 44.78
C LEU E 310 33.61 54.97 45.09
N TYR E 311 32.92 55.96 45.66
CA TYR E 311 31.50 55.84 45.99
C TYR E 311 30.66 55.47 44.76
N THR E 312 30.84 56.25 43.69
CA THR E 312 30.09 56.04 42.46
C THR E 312 30.47 54.73 41.78
N SER E 313 31.77 54.45 41.70
CA SER E 313 32.27 53.26 41.03
C SER E 313 31.80 51.99 41.76
N HIS E 314 31.59 52.09 43.06
CA HIS E 314 31.05 50.96 43.82
C HIS E 314 29.53 50.86 43.65
N LEU E 315 28.87 52.01 43.67
CA LEU E 315 27.42 52.07 43.50
C LEU E 315 27.00 51.46 42.16
N ARG E 316 27.83 51.68 41.14
CA ARG E 316 27.59 51.10 39.83
C ARG E 316 27.58 49.58 39.90
N LYS E 317 28.62 49.02 40.51
CA LYS E 317 28.75 47.57 40.64
C LYS E 317 27.59 46.98 41.45
N TYR E 318 27.17 47.69 42.49
CA TYR E 318 26.03 47.25 43.29
C TYR E 318 24.76 47.22 42.44
N ASN E 319 24.57 48.26 41.63
CA ASN E 319 23.43 48.33 40.72
C ASN E 319 23.42 47.18 39.71
N ASP E 320 24.55 46.97 39.06
CA ASP E 320 24.69 45.89 38.09
C ASP E 320 24.44 44.54 38.76
N ALA E 321 24.86 44.41 40.01
CA ALA E 321 24.57 43.21 40.80
C ALA E 321 23.06 43.05 40.96
N LEU E 322 22.37 44.15 41.25
CA LEU E 322 20.92 44.14 41.35
C LEU E 322 20.27 43.69 40.05
N ILE E 323 20.91 44.02 38.92
CA ILE E 323 20.39 43.63 37.61
C ILE E 323 20.58 42.14 37.35
N ILE E 324 21.82 41.67 37.51
CA ILE E 324 22.15 40.27 37.31
C ILE E 324 21.32 39.38 38.25
N SER E 325 20.97 39.94 39.40
CA SER E 325 20.07 39.27 40.33
C SER E 325 18.73 38.94 39.68
N GLU E 326 18.20 39.89 38.93
CA GLU E 326 16.92 39.69 38.25
C GLU E 326 17.06 38.77 37.04
N HIS E 327 18.14 38.96 36.28
CA HIS E 327 18.32 38.16 35.06
C HIS E 327 18.95 36.80 35.32
N ALA E 328 19.12 36.45 36.59
CA ALA E 328 19.69 35.15 36.96
C ALA E 328 19.33 34.78 38.40
N ARG E 329 20.20 34.01 39.04
CA ARG E 329 20.03 33.67 40.44
C ARG E 329 20.85 34.63 41.31
N MET E 330 20.49 34.70 42.59
CA MET E 330 21.13 35.65 43.51
C MET E 330 22.61 35.34 43.74
N LYS E 331 22.95 34.05 43.65
CA LYS E 331 24.32 33.61 43.86
C LYS E 331 25.26 34.14 42.76
N ASP E 332 24.73 34.28 41.54
CA ASP E 332 25.52 34.81 40.43
C ASP E 332 25.95 36.25 40.70
N ALA E 333 24.98 37.08 41.08
CA ALA E 333 25.25 38.47 41.42
C ALA E 333 26.16 38.58 42.63
N LEU E 334 25.88 37.75 43.63
CA LEU E 334 26.70 37.71 44.84
C LEU E 334 28.15 37.44 44.49
N ASP E 335 28.38 36.34 43.77
CA ASP E 335 29.72 35.95 43.35
C ASP E 335 30.38 37.02 42.48
N TYR E 336 29.57 37.72 41.71
CA TYR E 336 30.05 38.84 40.92
C TYR E 336 30.61 39.93 41.83
N LEU E 337 29.88 40.26 42.89
CA LEU E 337 30.33 41.25 43.86
C LEU E 337 31.57 40.80 44.63
N LYS E 338 31.59 39.54 45.05
CA LYS E 338 32.73 38.99 45.77
C LYS E 338 33.97 38.93 44.89
N ASP E 339 33.76 38.85 43.59
CA ASP E 339 34.86 38.88 42.64
C ASP E 339 35.35 40.32 42.46
N PHE E 340 34.41 41.26 42.40
CA PHE E 340 34.76 42.67 42.25
C PHE E 340 35.55 43.20 43.44
N PHE E 341 35.04 42.98 44.65
CA PHE E 341 35.67 43.48 45.87
C PHE E 341 37.06 42.88 46.09
N SER E 342 37.28 41.69 45.56
CA SER E 342 38.56 41.01 45.72
C SER E 342 39.48 41.32 44.53
N ASN E 343 38.93 41.89 43.47
CA ASN E 343 39.72 42.30 42.32
C ASN E 343 40.15 43.77 42.44
N VAL E 344 39.40 44.54 43.22
CA VAL E 344 39.67 45.95 43.40
C VAL E 344 40.69 46.17 44.52
N ARG E 345 40.87 45.15 45.34
CA ARG E 345 41.80 45.21 46.47
C ARG E 345 43.24 45.41 45.99
N ALA E 346 43.75 44.43 45.26
CA ALA E 346 45.11 44.49 44.74
C ALA E 346 45.17 45.28 43.43
N PHE E 349 42.66 46.49 50.93
CA PHE E 349 41.60 47.48 51.02
C PHE E 349 42.12 48.82 51.51
N ASP E 350 41.80 49.88 50.77
CA ASP E 350 42.21 51.23 51.14
C ASP E 350 41.45 51.71 52.36
N GLU E 351 41.85 52.87 52.89
CA GLU E 351 41.22 53.43 54.08
C GLU E 351 39.76 53.78 53.82
N ILE E 352 39.49 54.36 52.65
CA ILE E 352 38.13 54.71 52.27
C ILE E 352 37.35 53.48 51.85
N GLU E 353 38.03 52.54 51.19
CA GLU E 353 37.40 51.31 50.72
C GLU E 353 37.17 50.34 51.87
N GLN E 354 37.84 50.58 53.01
CA GLN E 354 37.70 49.73 54.18
C GLN E 354 36.29 49.78 54.74
N ASP E 355 35.68 50.97 54.71
CA ASP E 355 34.32 51.14 55.20
C ASP E 355 33.32 50.42 54.31
N LEU E 356 33.55 50.47 53.00
CA LEU E 356 32.68 49.81 52.04
C LEU E 356 32.79 48.30 52.15
N THR E 357 34.02 47.80 52.25
CA THR E 357 34.28 46.37 52.34
C THR E 357 33.81 45.81 53.68
N GLN E 358 33.85 46.63 54.72
CA GLN E 358 33.37 46.22 56.03
C GLN E 358 31.84 46.22 56.08
N ARG E 359 31.24 47.21 55.43
CA ARG E 359 29.79 47.30 55.35
C ARG E 359 29.23 46.22 54.44
N PHE E 360 30.07 45.71 53.56
CA PHE E 360 29.68 44.63 52.66
C PHE E 360 29.90 43.27 53.31
N GLU E 361 30.97 43.16 54.11
CA GLU E 361 31.21 41.97 54.90
C GLU E 361 30.09 41.85 55.94
N GLU E 362 29.55 43.01 56.32
CA GLU E 362 28.36 43.07 57.16
C GLU E 362 27.10 43.07 56.28
N LYS E 363 27.22 42.49 55.10
CA LYS E 363 26.09 42.27 54.20
C LYS E 363 26.07 40.81 53.75
N LEU E 364 27.25 40.20 53.72
CA LEU E 364 27.41 38.83 53.24
C LEU E 364 26.64 37.79 54.04
N GLN E 365 26.71 37.89 55.37
CA GLN E 365 26.08 36.90 56.24
C GLN E 365 24.56 36.84 56.08
N GLU E 366 23.96 37.99 55.78
CA GLU E 366 22.53 38.07 55.58
C GLU E 366 22.14 37.84 54.13
N LEU E 367 23.07 38.05 53.22
CA LEU E 367 22.79 37.82 51.80
C LEU E 367 22.88 36.34 51.41
N GLU E 368 23.93 35.65 51.88
CA GLU E 368 24.24 34.31 51.41
C GLU E 368 23.31 33.22 51.96
N SER E 369 22.64 33.50 53.07
CA SER E 369 21.69 32.55 53.63
C SER E 369 20.40 32.56 52.83
N VAL E 370 20.28 33.56 51.95
CA VAL E 370 19.15 33.67 51.04
C VAL E 370 19.61 33.35 49.62
N SER E 371 20.90 33.52 49.39
CA SER E 371 21.49 33.26 48.07
C SER E 371 21.73 31.77 47.87
N ARG E 372 21.57 30.99 48.94
CA ARG E 372 21.65 29.55 48.86
C ARG E 372 20.26 28.95 49.07
N ASP E 373 19.32 29.83 49.44
CA ASP E 373 17.94 29.44 49.68
C ASP E 373 17.25 29.00 48.38
N PRO E 374 16.78 27.75 48.34
CA PRO E 374 16.06 27.22 47.18
C PRO E 374 14.69 27.87 46.98
N SER E 375 14.22 28.60 47.99
CA SER E 375 12.90 29.23 47.93
C SER E 375 12.83 30.30 46.83
N ASN E 376 13.65 31.33 46.96
CA ASN E 376 13.67 32.42 45.99
C ASN E 376 14.47 32.07 44.75
N GLU E 377 13.77 31.64 43.69
CA GLU E 377 14.43 31.27 42.44
C GLU E 377 13.81 32.01 41.26
N ASN E 378 14.65 32.40 40.30
CA ASN E 378 14.22 33.16 39.15
C ASN E 378 13.24 32.38 38.26
N PRO E 379 12.03 32.93 38.05
CA PRO E 379 11.01 32.33 37.20
C PRO E 379 11.50 32.07 35.78
N LYS E 380 12.31 32.99 35.25
CA LYS E 380 12.89 32.84 33.93
C LYS E 380 13.74 31.57 33.86
N LEU E 381 14.54 31.37 34.90
CA LEU E 381 15.40 30.19 34.98
C LEU E 381 14.58 28.91 35.10
N GLU E 382 13.46 29.00 35.82
CA GLU E 382 12.57 27.87 35.99
C GLU E 382 11.95 27.47 34.66
N ASP E 383 11.44 28.45 33.92
CA ASP E 383 10.80 28.19 32.64
C ASP E 383 11.80 27.72 31.59
N LEU E 384 13.01 28.28 31.65
CA LEU E 384 14.09 27.88 30.75
C LEU E 384 14.48 26.44 31.00
N CYS E 385 14.65 26.10 32.28
CA CYS E 385 14.95 24.74 32.70
C CYS E 385 13.86 23.79 32.20
N PHE E 386 12.61 24.24 32.34
CA PHE E 386 11.47 23.45 31.88
C PHE E 386 11.54 23.20 30.37
N ILE E 387 11.82 24.24 29.61
CA ILE E 387 11.92 24.14 28.15
C ILE E 387 13.01 23.17 27.73
N LEU E 388 14.19 23.33 28.34
CA LEU E 388 15.31 22.44 28.05
C LEU E 388 14.96 20.99 28.38
N GLN E 389 14.37 20.78 29.55
CA GLN E 389 13.94 19.46 29.98
C GLN E 389 12.98 18.83 28.99
N GLU E 390 11.98 19.59 28.56
CA GLU E 390 10.99 19.10 27.60
C GLU E 390 11.64 18.72 26.27
N GLU E 391 12.33 19.68 25.65
CA GLU E 391 12.90 19.48 24.33
C GLU E 391 13.95 18.37 24.30
N TYR E 392 14.67 18.18 25.41
CA TYR E 392 15.66 17.12 25.46
C TYR E 392 15.03 15.78 25.85
N HIS E 393 13.88 15.85 26.50
CA HIS E 393 13.12 14.65 26.81
C HIS E 393 12.56 14.05 25.53
N LEU E 394 12.10 14.94 24.64
CA LEU E 394 11.59 14.51 23.34
C LEU E 394 12.73 13.98 22.47
N ASN E 395 13.73 14.82 22.24
CA ASN E 395 14.92 14.40 21.50
C ASN E 395 16.17 14.59 22.35
N PRO E 396 16.83 13.47 22.72
CA PRO E 396 18.02 13.50 23.58
C PRO E 396 19.26 14.01 22.86
N GLU E 397 19.22 14.10 21.53
CA GLU E 397 20.36 14.57 20.76
C GLU E 397 20.12 15.96 20.20
N THR E 398 19.49 16.82 21.00
CA THR E 398 19.18 18.18 20.59
C THR E 398 20.40 19.09 20.71
N ILE E 399 20.56 19.98 19.72
CA ILE E 399 21.62 20.99 19.77
C ILE E 399 21.01 22.35 20.06
N THR E 400 21.29 22.89 21.24
CA THR E 400 20.68 24.14 21.68
C THR E 400 21.66 25.31 21.64
N ILE E 401 21.19 26.46 21.20
CA ILE E 401 22.00 27.68 21.27
C ILE E 401 21.24 28.76 22.03
N LEU E 402 21.91 29.39 22.99
CA LEU E 402 21.27 30.32 23.90
C LEU E 402 21.90 31.71 23.83
N PHE E 403 21.14 32.69 23.35
CA PHE E 403 21.62 34.06 23.25
C PHE E 403 21.27 34.87 24.48
N VAL E 404 22.27 35.54 25.04
CA VAL E 404 22.05 36.48 26.14
C VAL E 404 22.72 37.81 25.83
N LYS E 405 22.25 38.87 26.47
CA LYS E 405 22.70 40.23 26.14
C LYS E 405 24.11 40.54 26.62
N THR E 406 24.48 40.05 27.80
CA THR E 406 25.78 40.35 28.37
C THR E 406 26.61 39.08 28.63
N ARG E 407 27.91 39.27 28.85
CA ARG E 407 28.82 38.16 29.14
C ARG E 407 28.66 37.71 30.59
N ALA E 408 28.27 38.64 31.45
CA ALA E 408 27.94 38.31 32.83
C ALA E 408 26.84 37.25 32.85
N LEU E 409 25.84 37.43 31.99
CA LEU E 409 24.76 36.47 31.85
C LEU E 409 25.24 35.17 31.21
N VAL E 410 26.25 35.27 30.34
CA VAL E 410 26.84 34.08 29.75
C VAL E 410 27.40 33.16 30.84
N ASP E 411 28.34 33.71 31.61
CA ASP E 411 28.99 32.93 32.66
C ASP E 411 28.01 32.53 33.76
N ALA E 412 27.05 33.41 34.05
CA ALA E 412 26.04 33.13 35.07
C ALA E 412 25.17 31.96 34.67
N LEU E 413 24.76 31.92 33.41
CA LEU E 413 23.89 30.84 32.94
C LEU E 413 24.67 29.55 32.72
N LYS E 414 25.97 29.67 32.42
CA LYS E 414 26.81 28.48 32.34
C LYS E 414 26.91 27.84 33.73
N ASN E 415 27.21 28.67 34.72
CA ASN E 415 27.28 28.24 36.11
C ASN E 415 25.94 27.66 36.58
N TRP E 416 24.84 28.26 36.12
CA TRP E 416 23.52 27.78 36.50
C TRP E 416 23.21 26.44 35.86
N ILE E 417 23.67 26.25 34.62
CA ILE E 417 23.47 24.98 33.92
C ILE E 417 24.26 23.87 34.60
N GLU E 418 25.54 24.10 34.84
CA GLU E 418 26.39 23.08 35.46
C GLU E 418 26.14 22.94 36.95
N GLY E 419 25.36 23.86 37.51
CA GLY E 419 25.05 23.84 38.93
C GLY E 419 23.72 23.18 39.22
N ASN E 420 22.78 23.29 38.28
CA ASN E 420 21.46 22.71 38.45
C ASN E 420 21.47 21.21 38.20
N PRO E 421 20.97 20.43 39.18
CA PRO E 421 20.95 18.96 39.11
C PRO E 421 20.09 18.43 37.97
N LYS E 422 19.02 19.15 37.64
CA LYS E 422 18.08 18.71 36.62
C LYS E 422 18.68 18.75 35.21
N LEU E 423 19.63 19.65 35.01
CA LEU E 423 20.24 19.82 33.69
C LEU E 423 21.60 19.13 33.62
N SER E 424 21.65 17.90 34.10
CA SER E 424 22.90 17.14 34.13
C SER E 424 23.17 16.43 32.82
N PHE E 425 22.43 16.79 31.79
CA PHE E 425 22.58 16.18 30.46
C PHE E 425 23.15 17.18 29.46
N LEU E 426 23.45 18.39 29.94
CA LEU E 426 23.92 19.46 29.07
C LEU E 426 25.44 19.65 29.15
N LYS E 427 26.05 19.94 28.02
CA LYS E 427 27.48 20.25 27.96
C LYS E 427 27.68 21.66 27.43
N PRO E 428 27.57 22.67 28.32
CA PRO E 428 27.62 24.08 27.93
C PRO E 428 28.97 24.54 27.36
N GLY E 429 28.92 25.23 26.23
CA GLY E 429 30.10 25.81 25.62
C GLY E 429 29.92 27.32 25.49
N ILE E 430 30.96 28.00 25.03
CA ILE E 430 30.94 29.46 24.97
C ILE E 430 31.24 29.99 23.57
N LEU E 431 30.47 30.99 23.15
CA LEU E 431 30.75 31.69 21.89
C LEU E 431 30.62 33.20 22.07
N THR E 432 31.72 33.85 22.41
CA THR E 432 31.72 35.30 22.59
C THR E 432 32.79 35.94 21.68
N ASP E 460 31.95 17.48 20.90
CA ASP E 460 31.93 18.94 21.01
C ASP E 460 31.14 19.38 22.23
N HIS E 461 30.03 20.07 22.01
CA HIS E 461 29.18 20.55 23.10
C HIS E 461 27.71 20.31 22.80
N ASN E 462 26.92 20.20 23.86
CA ASN E 462 25.49 19.92 23.74
C ASN E 462 24.68 21.20 23.58
N ILE E 463 25.14 22.27 24.21
CA ILE E 463 24.48 23.57 24.13
C ILE E 463 25.48 24.71 24.19
N LEU E 464 25.42 25.61 23.21
CA LEU E 464 26.35 26.74 23.16
C LEU E 464 25.70 28.04 23.66
N ILE E 465 26.32 28.65 24.65
CA ILE E 465 25.87 29.93 25.16
C ILE E 465 26.64 31.06 24.47
N ALA E 466 25.90 32.01 23.90
CA ALA E 466 26.52 33.08 23.12
C ALA E 466 25.92 34.44 23.44
N THR E 467 26.70 35.49 23.17
CA THR E 467 26.25 36.86 23.32
C THR E 467 25.51 37.31 22.07
N SER E 468 26.26 37.57 21.01
CA SER E 468 25.68 38.00 19.74
C SER E 468 26.65 37.71 18.59
N VAL E 469 26.10 37.53 17.40
CA VAL E 469 26.91 37.32 16.21
C VAL E 469 26.57 38.36 15.15
N ALA E 470 27.55 39.21 14.83
CA ALA E 470 27.37 40.21 13.79
C ALA E 470 27.07 39.54 12.46
N ASP E 471 25.86 39.76 11.95
CA ASP E 471 25.39 39.17 10.70
C ASP E 471 25.41 37.65 10.76
N GLU E 472 25.33 37.02 9.60
CA GLU E 472 25.21 35.56 9.49
C GLU E 472 26.46 34.85 10.02
N GLY E 473 27.63 35.35 9.65
CA GLY E 473 28.88 34.70 10.01
C GLY E 473 29.15 33.51 9.11
N ILE E 474 30.16 32.72 9.47
CA ILE E 474 30.54 31.56 8.67
C ILE E 474 29.83 30.30 9.14
N ASP E 475 30.39 29.15 8.75
CA ASP E 475 29.87 27.83 9.11
C ASP E 475 29.32 27.76 10.52
N ILE E 476 28.04 27.39 10.61
CA ILE E 476 27.35 27.39 11.88
C ILE E 476 26.94 25.97 12.29
N ALA E 477 27.09 25.67 13.58
CA ALA E 477 26.54 24.44 14.13
C ALA E 477 25.03 24.47 13.96
N GLN E 478 24.52 23.71 13.00
CA GLN E 478 23.08 23.69 12.74
C GLN E 478 22.33 23.14 13.96
N CYS E 479 21.63 24.04 14.64
CA CYS E 479 20.93 23.70 15.87
C CYS E 479 19.48 23.28 15.62
N ASN E 480 18.89 22.67 16.63
CA ASN E 480 17.47 22.31 16.59
C ASN E 480 16.66 23.30 17.43
N LEU E 481 17.30 23.84 18.47
CA LEU E 481 16.63 24.73 19.39
C LEU E 481 17.41 26.03 19.60
N VAL E 482 16.74 27.15 19.30
CA VAL E 482 17.32 28.47 19.56
C VAL E 482 16.54 29.13 20.69
N ILE E 483 17.26 29.71 21.65
CA ILE E 483 16.60 30.37 22.77
C ILE E 483 17.15 31.78 22.96
N LEU E 484 16.24 32.73 23.12
CA LEU E 484 16.62 34.12 23.34
C LEU E 484 16.26 34.55 24.76
N TYR E 485 17.28 34.64 25.62
CA TYR E 485 17.05 35.00 27.01
C TYR E 485 17.09 36.52 27.18
N GLU E 486 15.91 37.14 27.22
CA GLU E 486 15.77 38.59 27.32
C GLU E 486 16.55 39.30 26.22
N TYR E 487 16.54 38.73 25.02
CA TYR E 487 17.35 39.22 23.92
C TYR E 487 16.54 39.41 22.64
N VAL E 488 16.36 40.66 22.24
CA VAL E 488 15.73 40.98 20.97
C VAL E 488 16.43 42.15 20.29
N GLY E 489 16.89 41.91 19.07
CA GLY E 489 17.54 42.95 18.28
C GLY E 489 16.57 43.57 17.28
N ASN E 490 16.96 43.55 16.01
CA ASN E 490 16.11 44.09 14.96
C ASN E 490 15.63 42.99 14.00
N VAL E 491 14.85 43.38 13.01
CA VAL E 491 14.26 42.44 12.05
C VAL E 491 15.34 41.69 11.26
N ILE E 492 16.37 42.42 10.84
CA ILE E 492 17.45 41.83 10.05
C ILE E 492 18.13 40.70 10.80
N LYS E 493 18.50 40.96 12.04
CA LYS E 493 19.19 39.96 12.85
C LYS E 493 18.26 38.80 13.20
N MET E 494 16.96 39.05 13.16
CA MET E 494 15.97 38.00 13.36
C MET E 494 15.95 37.03 12.17
N ILE E 495 15.78 37.59 10.97
CA ILE E 495 15.78 36.81 9.75
C ILE E 495 17.10 36.07 9.59
N GLN E 496 18.19 36.70 10.04
CA GLN E 496 19.49 36.04 10.03
C GLN E 496 19.56 34.94 11.08
N THR E 497 18.87 35.14 12.20
CA THR E 497 18.85 34.16 13.28
C THR E 497 18.07 32.93 12.85
N ARG E 498 17.19 33.10 11.87
CA ARG E 498 16.50 31.94 11.28
C ARG E 498 17.50 30.92 10.72
N GLY E 499 18.68 31.40 10.35
CA GLY E 499 19.71 30.55 9.80
C GLY E 499 20.35 29.61 10.79
N ARG E 500 20.06 29.83 12.08
CA ARG E 500 20.59 28.98 13.13
C ARG E 500 19.98 27.58 13.08
N GLY E 501 18.84 27.47 12.40
CA GLY E 501 18.16 26.20 12.24
C GLY E 501 17.34 26.15 10.97
N ARG E 502 18.02 25.99 9.83
CA ARG E 502 17.35 25.93 8.54
C ARG E 502 16.90 24.52 8.20
N ALA E 503 17.02 23.62 9.17
CA ALA E 503 16.53 22.25 9.01
C ALA E 503 15.09 22.15 9.51
N ARG E 504 14.35 21.16 9.03
CA ARG E 504 12.96 20.99 9.42
C ARG E 504 12.85 20.61 10.90
N GLY E 505 11.82 21.15 11.56
CA GLY E 505 11.55 20.81 12.95
C GLY E 505 12.27 21.71 13.94
N SER E 506 13.11 22.61 13.43
CA SER E 506 13.84 23.54 14.29
C SER E 506 12.88 24.50 14.97
N LYS E 507 13.19 24.86 16.22
CA LYS E 507 12.31 25.72 17.01
C LYS E 507 13.07 26.89 17.62
N CYS E 508 12.33 27.94 17.95
CA CYS E 508 12.90 29.12 18.58
C CYS E 508 12.02 29.59 19.73
N PHE E 509 12.65 30.16 20.76
CA PHE E 509 11.91 30.64 21.93
C PHE E 509 12.37 32.04 22.32
N LEU E 510 11.45 32.83 22.84
CA LEU E 510 11.77 34.17 23.33
C LEU E 510 11.37 34.29 24.80
N LEU E 511 12.35 34.05 25.67
CA LEU E 511 12.09 34.09 27.11
C LEU E 511 12.23 35.50 27.65
N THR E 512 11.19 36.00 28.32
CA THR E 512 11.26 37.34 28.90
C THR E 512 10.22 37.56 30.00
N SER E 513 10.36 38.69 30.70
CA SER E 513 9.40 39.12 31.70
C SER E 513 8.77 40.44 31.27
N ASN E 514 9.53 41.22 30.52
CA ASN E 514 9.05 42.49 29.98
C ASN E 514 8.24 42.28 28.71
N ALA E 515 7.03 42.82 28.69
CA ALA E 515 6.15 42.66 27.54
C ALA E 515 6.63 43.53 26.36
N GLY E 516 7.34 44.60 26.68
CA GLY E 516 7.87 45.50 25.67
C GLY E 516 8.85 44.79 24.75
N VAL E 517 9.45 43.72 25.25
CA VAL E 517 10.35 42.89 24.47
C VAL E 517 9.57 42.10 23.42
N ILE E 518 8.49 41.47 23.87
CA ILE E 518 7.58 40.74 22.99
C ILE E 518 7.04 41.65 21.90
N GLU E 519 6.57 42.83 22.31
CA GLU E 519 6.09 43.83 21.36
C GLU E 519 7.20 44.20 20.38
N LYS E 520 8.41 44.37 20.90
CA LYS E 520 9.57 44.73 20.08
C LYS E 520 9.86 43.65 19.04
N GLU E 521 9.52 42.40 19.35
CA GLU E 521 9.70 41.32 18.37
C GLU E 521 8.57 41.31 17.34
N GLN E 522 7.34 41.46 17.81
CA GLN E 522 6.18 41.45 16.92
C GLN E 522 6.25 42.58 15.89
N ILE E 523 6.68 43.75 16.33
CA ILE E 523 6.82 44.87 15.41
C ILE E 523 7.94 44.60 14.40
N ASN E 524 8.92 43.78 14.78
CA ASN E 524 9.95 43.36 13.85
C ASN E 524 9.37 42.44 12.79
N MET E 525 8.48 41.55 13.21
CA MET E 525 7.81 40.66 12.26
C MET E 525 6.97 41.47 11.27
N TYR E 526 6.20 42.42 11.79
CA TYR E 526 5.40 43.30 10.95
C TYR E 526 6.28 44.07 9.99
N LYS E 527 7.45 44.50 10.48
CA LYS E 527 8.43 45.18 9.64
C LYS E 527 8.91 44.27 8.52
N GLU E 528 9.05 42.98 8.81
CA GLU E 528 9.44 42.01 7.79
C GLU E 528 8.37 41.92 6.72
N LYS E 529 7.11 41.86 7.15
CA LYS E 529 5.99 41.84 6.22
C LYS E 529 6.05 43.05 5.29
N MET E 530 6.23 44.23 5.89
CA MET E 530 6.35 45.47 5.14
C MET E 530 7.50 45.42 4.14
N MET E 531 8.62 44.82 4.55
CA MET E 531 9.78 44.70 3.68
C MET E 531 9.45 43.85 2.46
N ASN E 532 8.92 42.65 2.70
CA ASN E 532 8.54 41.75 1.63
C ASN E 532 7.56 42.40 0.66
N ASP E 533 6.51 43.00 1.20
CA ASP E 533 5.49 43.65 0.38
C ASP E 533 6.08 44.79 -0.46
N SER E 534 6.86 45.66 0.18
CA SER E 534 7.48 46.78 -0.51
C SER E 534 8.40 46.30 -1.63
N ILE E 535 9.12 45.21 -1.38
CA ILE E 535 10.00 44.64 -2.39
C ILE E 535 9.19 44.12 -3.58
N LEU E 536 8.16 43.33 -3.29
CA LEU E 536 7.30 42.78 -4.34
C LEU E 536 6.66 43.89 -5.17
N ARG E 537 6.38 45.02 -4.51
CA ARG E 537 5.77 46.16 -5.20
C ARG E 537 6.82 46.88 -6.05
N LEU E 538 8.07 46.89 -5.57
CA LEU E 538 9.16 47.51 -6.31
C LEU E 538 9.54 46.70 -7.54
N GLN E 539 9.32 45.39 -7.47
CA GLN E 539 9.66 44.51 -8.58
C GLN E 539 8.67 44.63 -9.74
N THR E 540 7.72 45.56 -9.61
CA THR E 540 6.71 45.77 -10.64
C THR E 540 7.01 47.04 -11.44
N TRP E 541 7.79 47.94 -10.86
CA TRP E 541 8.15 49.19 -11.50
C TRP E 541 9.04 48.94 -12.72
N ASP E 542 8.97 49.83 -13.70
CA ASP E 542 9.85 49.73 -14.86
C ASP E 542 11.22 50.28 -14.48
N GLU E 543 12.25 49.72 -15.08
CA GLU E 543 13.62 50.02 -14.69
C GLU E 543 14.02 51.47 -14.90
N ALA E 544 13.44 52.10 -15.91
CA ALA E 544 13.74 53.51 -16.22
C ALA E 544 13.28 54.42 -15.09
N VAL E 545 12.02 54.27 -14.69
CA VAL E 545 11.45 55.06 -13.62
C VAL E 545 12.21 54.85 -12.31
N PHE E 546 12.54 53.60 -12.04
CA PHE E 546 13.30 53.23 -10.86
C PHE E 546 14.66 53.93 -10.87
N ARG E 547 15.33 53.91 -12.02
CA ARG E 547 16.61 54.57 -12.17
C ARG E 547 16.49 56.08 -11.95
N GLU E 548 15.37 56.65 -12.39
CA GLU E 548 15.12 58.08 -12.18
C GLU E 548 15.01 58.39 -10.69
N LYS E 549 14.16 57.64 -10.01
CA LYS E 549 13.96 57.81 -8.57
C LYS E 549 15.29 57.66 -7.82
N ILE E 550 15.99 56.58 -8.11
CA ILE E 550 17.28 56.29 -7.48
C ILE E 550 18.28 57.42 -7.70
N LEU E 551 18.38 57.90 -8.93
CA LEU E 551 19.27 58.99 -9.27
C LEU E 551 18.94 60.25 -8.46
N HIS E 552 17.66 60.59 -8.40
CA HIS E 552 17.23 61.76 -7.63
C HIS E 552 17.58 61.61 -6.16
N ILE E 553 17.36 60.41 -5.61
CA ILE E 553 17.70 60.14 -4.23
C ILE E 553 19.21 60.29 -4.00
N GLN E 554 19.99 59.82 -4.96
CA GLN E 554 21.45 59.88 -4.87
C GLN E 554 21.93 61.33 -4.84
N THR E 555 21.42 62.15 -5.75
CA THR E 555 21.80 63.55 -5.80
C THR E 555 21.34 64.26 -4.52
N HIS E 556 20.17 63.87 -4.03
CA HIS E 556 19.63 64.41 -2.79
C HIS E 556 20.58 64.14 -1.61
N GLU E 557 20.93 62.87 -1.42
CA GLU E 557 21.78 62.45 -0.32
C GLU E 557 23.18 63.03 -0.41
N LYS E 558 23.73 63.08 -1.63
CA LYS E 558 25.03 63.69 -1.84
C LYS E 558 24.99 65.17 -1.48
N PHE E 559 23.92 65.85 -1.87
CA PHE E 559 23.74 67.25 -1.51
C PHE E 559 23.67 67.40 0.00
N ILE E 560 23.02 66.45 0.68
CA ILE E 560 22.92 66.46 2.13
C ILE E 560 24.30 66.32 2.76
N ARG E 561 25.10 65.39 2.25
CA ARG E 561 26.45 65.16 2.78
C ARG E 561 27.36 66.36 2.58
N ASP E 562 27.34 66.92 1.37
CA ASP E 562 28.19 68.06 1.05
C ASP E 562 27.83 69.28 1.89
N SER E 563 26.56 69.42 2.20
CA SER E 563 26.09 70.55 2.99
C SER E 563 26.13 70.25 4.50
N GLN E 564 26.57 69.04 4.83
CA GLN E 564 26.69 68.65 6.23
C GLN E 564 28.13 68.84 6.71
N GLU E 565 29.06 68.86 5.77
CA GLU E 565 30.48 69.01 6.11
C GLU E 565 30.78 70.40 6.66
N LYS E 566 31.06 70.45 7.95
CA LYS E 566 31.42 71.70 8.61
C LYS E 566 32.92 71.94 8.53
N PRO E 567 33.34 73.22 8.53
CA PRO E 567 34.77 73.54 8.48
C PRO E 567 35.50 73.14 9.76
N LYS E 568 36.82 73.11 9.71
CA LYS E 568 37.63 72.73 10.87
C LYS E 568 37.66 73.86 11.91
N PRO E 569 37.43 73.50 13.18
CA PRO E 569 37.43 74.47 14.28
C PRO E 569 38.82 75.04 14.55
N VAL E 570 38.88 76.25 15.09
CA VAL E 570 40.16 76.88 15.41
C VAL E 570 40.81 76.22 16.63
N PRO E 571 41.95 75.54 16.40
CA PRO E 571 42.65 74.84 17.48
C PRO E 571 43.32 75.80 18.46
N ASP E 572 42.85 75.82 19.70
CA ASP E 572 43.42 76.69 20.72
C ASP E 572 44.81 76.20 21.09
N LYS E 573 45.84 76.91 20.63
CA LYS E 573 47.21 76.50 20.83
C LYS E 573 47.69 76.75 22.25
N GLU E 574 46.91 77.51 23.02
CA GLU E 574 47.23 77.79 24.41
C GLU E 574 47.27 76.50 25.22
N ASN E 575 48.29 76.36 26.06
CA ASN E 575 48.54 75.12 26.79
C ASN E 575 47.44 74.77 27.78
N LYS E 576 47.37 73.49 28.14
CA LYS E 576 46.39 72.99 29.10
C LYS E 576 46.96 71.80 29.87
N LYS E 577 46.53 71.65 31.12
CA LYS E 577 47.02 70.57 31.98
C LYS E 577 46.11 69.35 31.92
N LEU E 578 46.60 68.28 31.32
CA LEU E 578 45.90 66.99 31.31
C LEU E 578 46.25 66.19 32.55
N LEU E 579 45.26 65.95 33.40
CA LEU E 579 45.49 65.20 34.62
C LEU E 579 44.48 64.06 34.80
N CYS E 580 44.77 63.16 35.73
CA CYS E 580 43.95 61.96 35.93
C CYS E 580 42.55 62.30 36.44
N ARG E 581 41.64 61.33 36.33
CA ARG E 581 40.25 61.55 36.73
C ARG E 581 39.93 60.89 38.07
N LYS E 582 40.71 59.87 38.42
CA LYS E 582 40.46 59.12 39.65
C LYS E 582 41.02 59.86 40.87
N CYS E 583 42.17 60.49 40.71
CA CYS E 583 42.84 61.16 41.81
C CYS E 583 43.31 62.56 41.44
N LYS E 584 42.85 63.05 40.29
CA LYS E 584 43.14 64.42 39.84
C LYS E 584 44.62 64.73 39.76
N ALA E 585 45.45 63.70 39.60
CA ALA E 585 46.90 63.86 39.59
C ALA E 585 47.40 64.32 38.23
N LEU E 586 48.28 65.32 38.23
CA LEU E 586 48.82 65.89 37.01
C LEU E 586 49.58 64.87 36.18
N ALA E 587 49.02 64.50 35.03
CA ALA E 587 49.66 63.56 34.12
C ALA E 587 50.70 64.27 33.26
N CYS E 588 50.25 65.17 32.40
CA CYS E 588 51.16 65.92 31.54
C CYS E 588 50.49 67.16 30.96
N TYR E 589 51.17 67.81 30.02
CA TYR E 589 50.62 68.98 29.33
C TYR E 589 50.45 68.68 27.84
N THR E 590 49.75 69.55 27.13
CA THR E 590 49.44 69.33 25.72
C THR E 590 50.68 69.37 24.84
N ALA E 591 51.60 70.28 25.16
CA ALA E 591 52.81 70.47 24.35
C ALA E 591 53.66 69.21 24.30
N ASP E 592 53.62 68.43 25.39
CA ASP E 592 54.38 67.19 25.45
C ASP E 592 53.73 66.11 24.58
N VAL E 593 52.40 66.14 24.52
CA VAL E 593 51.64 65.15 23.77
C VAL E 593 51.75 65.36 22.26
N ARG E 594 52.08 64.28 21.54
CA ARG E 594 52.17 64.34 20.09
C ARG E 594 51.33 63.24 19.45
N VAL E 595 50.86 63.49 18.23
CA VAL E 595 49.91 62.61 17.57
C VAL E 595 50.53 61.75 16.46
N ILE E 596 50.22 60.46 16.50
CA ILE E 596 50.68 59.51 15.50
C ILE E 596 49.54 59.10 14.57
N GLU E 597 49.80 59.22 13.26
CA GLU E 597 48.85 58.84 12.21
C GLU E 597 47.49 59.52 12.34
N GLU E 598 47.48 60.70 12.95
CA GLU E 598 46.26 61.49 13.14
C GLU E 598 45.16 60.71 13.85
N CYS E 599 45.54 59.70 14.62
CA CYS E 599 44.57 58.84 15.29
C CYS E 599 44.99 58.50 16.71
N HIS E 600 46.27 58.22 16.91
CA HIS E 600 46.76 57.82 18.21
C HIS E 600 47.56 58.95 18.87
N TYR E 601 47.74 58.88 20.18
CA TYR E 601 48.38 59.97 20.91
C TYR E 601 49.35 59.48 21.96
N THR E 602 50.58 59.96 21.86
CA THR E 602 51.63 59.58 22.79
C THR E 602 52.21 60.79 23.49
N VAL E 603 53.13 60.54 24.42
CA VAL E 603 53.78 61.62 25.17
C VAL E 603 55.30 61.51 25.09
N LEU E 604 55.95 62.59 24.66
CA LEU E 604 57.40 62.64 24.62
C LEU E 604 57.96 63.38 25.83
N GLY E 605 58.25 62.62 26.88
CA GLY E 605 58.79 63.19 28.11
C GLY E 605 59.04 62.14 29.17
N ASP E 606 60.24 62.18 29.76
CA ASP E 606 60.60 61.22 30.79
C ASP E 606 59.85 61.50 32.08
N ALA E 607 59.40 62.74 32.25
CA ALA E 607 58.63 63.14 33.42
C ALA E 607 57.31 62.39 33.47
N PHE E 608 56.72 62.17 32.30
CA PHE E 608 55.47 61.42 32.20
C PHE E 608 55.74 59.93 32.37
N LYS E 609 56.91 59.48 31.94
CA LYS E 609 57.29 58.08 32.01
C LYS E 609 57.34 57.58 33.44
N GLU E 610 57.57 58.48 34.38
CA GLU E 610 57.61 58.14 35.79
C GLU E 610 56.25 58.38 36.45
N CYS E 611 55.29 58.84 35.67
CA CYS E 611 53.95 59.14 36.19
C CYS E 611 52.96 58.01 35.95
N PHE E 612 53.42 56.91 35.37
CA PHE E 612 52.55 55.75 35.15
C PHE E 612 53.28 54.43 35.35
N VAL E 613 52.50 53.37 35.58
CA VAL E 613 53.05 52.03 35.72
C VAL E 613 52.59 51.15 34.56
N SER E 614 53.38 50.12 34.26
CA SER E 614 53.10 49.24 33.12
C SER E 614 52.86 47.80 33.57
N ARG E 615 51.75 47.21 33.12
CA ARG E 615 51.42 45.84 33.48
C ARG E 615 50.86 45.09 32.27
N PRO E 616 51.37 43.86 32.03
CA PRO E 616 51.08 43.00 30.87
C PRO E 616 49.62 43.00 30.41
N HIS E 617 49.42 43.04 29.11
CA HIS E 617 48.09 43.11 28.52
C HIS E 617 47.32 41.81 28.70
N PRO E 618 46.04 41.91 29.09
CA PRO E 618 45.16 40.74 29.29
C PRO E 618 44.98 39.93 28.01
N LYS E 619 45.01 40.59 26.86
CA LYS E 619 44.88 39.92 25.57
C LYS E 619 45.50 40.75 24.46
N PRO E 620 46.84 40.70 24.34
CA PRO E 620 47.59 41.51 23.36
C PRO E 620 47.21 41.19 21.92
N LYS E 621 47.30 42.21 21.06
CA LYS E 621 46.99 42.04 19.64
C LYS E 621 47.73 43.07 18.79
N GLN E 622 47.62 42.94 17.48
CA GLN E 622 48.28 43.86 16.56
C GLN E 622 47.27 44.68 15.76
N PHE E 623 47.47 45.99 15.72
CA PHE E 623 46.64 46.87 14.90
C PHE E 623 47.51 47.86 14.15
N SER E 624 47.17 48.08 12.88
CA SER E 624 47.91 48.99 12.01
C SER E 624 49.40 48.67 11.99
N SER E 625 50.22 49.65 12.35
CA SER E 625 51.66 49.46 12.42
C SER E 625 52.11 49.31 13.87
N PHE E 626 51.15 49.13 14.76
CA PHE E 626 51.44 49.03 16.19
C PHE E 626 51.49 47.58 16.66
N GLU E 627 51.79 47.40 17.94
CA GLU E 627 51.84 46.07 18.54
C GLU E 627 51.74 46.17 20.05
N LYS E 628 50.59 45.76 20.59
CA LYS E 628 50.36 45.81 22.02
C LYS E 628 51.30 44.87 22.78
N ARG E 629 51.59 45.21 24.02
CA ARG E 629 52.47 44.40 24.85
C ARG E 629 52.16 44.60 26.34
N ALA E 630 51.92 45.85 26.72
CA ALA E 630 51.63 46.16 28.11
C ALA E 630 50.41 47.08 28.23
N LYS E 631 50.14 47.53 29.45
CA LYS E 631 49.02 48.41 29.72
C LYS E 631 49.41 49.47 30.75
N ILE E 632 48.87 50.67 30.59
CA ILE E 632 49.25 51.81 31.40
C ILE E 632 48.26 52.09 32.53
N PHE E 633 48.78 52.26 33.74
CA PHE E 633 47.96 52.63 34.88
C PHE E 633 48.56 53.84 35.59
N CYS E 634 47.75 54.49 36.43
CA CYS E 634 48.24 55.62 37.21
C CYS E 634 49.23 55.14 38.27
N ALA E 635 50.38 55.81 38.34
CA ALA E 635 51.48 55.36 39.20
C ALA E 635 51.20 55.58 40.68
N ARG E 636 50.13 56.30 41.00
CA ARG E 636 49.79 56.58 42.39
C ARG E 636 49.52 55.28 43.16
N GLN E 637 49.75 55.31 44.46
CA GLN E 637 49.67 54.12 45.31
C GLN E 637 48.30 53.46 45.28
N ASN E 638 47.27 54.19 45.69
CA ASN E 638 45.92 53.64 45.75
C ASN E 638 45.00 54.21 44.68
N CYS E 639 45.55 54.42 43.48
CA CYS E 639 44.74 54.88 42.36
C CYS E 639 44.51 53.75 41.36
N SER E 640 45.57 53.38 40.64
CA SER E 640 45.54 52.29 39.68
C SER E 640 44.42 52.47 38.64
N HIS E 641 44.45 53.61 37.95
CA HIS E 641 43.44 53.92 36.95
C HIS E 641 43.99 53.74 35.53
N ASP E 642 43.16 53.20 34.65
CA ASP E 642 43.55 52.94 33.27
C ASP E 642 43.83 54.25 32.52
N TRP E 643 45.02 54.34 31.93
CA TRP E 643 45.39 55.53 31.15
C TRP E 643 45.53 55.21 29.67
N GLY E 644 45.89 53.97 29.36
CA GLY E 644 46.05 53.55 27.97
C GLY E 644 46.87 52.28 27.84
N ILE E 645 47.72 52.22 26.81
CA ILE E 645 48.57 51.06 26.59
C ILE E 645 49.96 51.49 26.12
N HIS E 646 50.95 50.65 26.40
CA HIS E 646 52.29 50.87 25.85
C HIS E 646 52.51 49.94 24.67
N VAL E 647 52.96 50.50 23.55
CA VAL E 647 53.11 49.73 22.32
C VAL E 647 54.51 49.84 21.73
N LYS E 648 54.83 48.91 20.82
CA LYS E 648 56.10 48.93 20.12
C LYS E 648 55.91 49.38 18.68
N TYR E 649 55.53 50.63 18.51
CA TYR E 649 55.25 51.19 17.18
C TYR E 649 56.53 51.29 16.33
N LYS E 650 56.59 50.48 15.29
CA LYS E 650 57.70 50.47 14.35
C LYS E 650 59.05 50.26 15.04
N THR E 651 59.81 51.34 15.18
CA THR E 651 61.15 51.27 15.77
C THR E 651 61.13 51.52 17.27
N PHE E 652 60.65 52.70 17.67
CA PHE E 652 60.66 53.09 19.07
C PHE E 652 59.43 52.59 19.82
N GLU E 653 59.64 52.18 21.07
CA GLU E 653 58.54 51.79 21.94
C GLU E 653 57.97 53.02 22.63
N ILE E 654 56.67 53.26 22.44
CA ILE E 654 56.04 54.48 22.93
C ILE E 654 54.71 54.17 23.61
N PRO E 655 54.34 55.00 24.62
CA PRO E 655 53.05 54.85 25.30
C PRO E 655 51.92 55.64 24.64
N VAL E 656 50.90 54.93 24.15
CA VAL E 656 49.72 55.56 23.60
C VAL E 656 48.62 55.66 24.67
N ILE E 657 48.11 56.88 24.86
CA ILE E 657 47.11 57.14 25.88
C ILE E 657 45.74 57.47 25.28
N LYS E 658 44.71 57.44 26.12
CA LYS E 658 43.38 57.82 25.71
C LYS E 658 42.95 59.10 26.42
N ILE E 659 42.09 59.88 25.78
CA ILE E 659 41.60 61.12 26.39
C ILE E 659 40.37 60.81 27.23
N GLU E 660 39.85 59.60 27.07
CA GLU E 660 38.65 59.18 27.81
C GLU E 660 38.97 58.78 29.24
N SER E 661 40.21 59.04 29.66
CA SER E 661 40.62 58.75 31.03
C SER E 661 41.39 59.92 31.61
N PHE E 662 41.32 61.06 30.94
CA PHE E 662 42.00 62.27 31.38
C PHE E 662 41.08 63.48 31.36
N VAL E 663 41.12 64.26 32.43
CA VAL E 663 40.38 65.51 32.49
C VAL E 663 41.35 66.67 32.21
N VAL E 664 40.88 67.64 31.43
CA VAL E 664 41.74 68.73 30.97
C VAL E 664 41.38 70.07 31.64
N GLU E 665 42.34 70.60 32.39
CA GLU E 665 42.19 71.94 32.97
C GLU E 665 42.97 72.95 32.14
N ASP E 666 42.69 74.23 32.33
CA ASP E 666 43.41 75.27 31.60
C ASP E 666 44.49 75.90 32.50
N ILE E 667 45.63 76.21 31.91
CA ILE E 667 46.73 76.80 32.66
C ILE E 667 46.38 78.21 33.16
N ALA E 668 45.43 78.84 32.46
CA ALA E 668 45.01 80.19 32.82
C ALA E 668 43.81 80.18 33.76
N THR E 669 42.63 79.99 33.21
CA THR E 669 41.38 80.06 33.99
C THR E 669 41.25 78.91 35.00
N GLY E 670 41.81 77.75 34.65
CA GLY E 670 41.76 76.60 35.52
C GLY E 670 40.46 75.82 35.41
N VAL E 671 39.69 76.12 34.37
CA VAL E 671 38.42 75.44 34.14
C VAL E 671 38.65 73.99 33.72
N GLN E 672 38.02 73.06 34.43
CA GLN E 672 38.17 71.64 34.14
C GLN E 672 37.09 71.15 33.17
N THR E 673 37.50 70.33 32.20
CA THR E 673 36.59 69.81 31.20
C THR E 673 36.88 68.34 30.89
N LEU E 674 35.83 67.62 30.49
CA LEU E 674 35.94 66.20 30.15
C LEU E 674 35.79 65.98 28.64
N TYR E 675 36.51 64.98 28.12
CA TYR E 675 36.43 64.63 26.71
C TYR E 675 36.54 63.13 26.52
N SER E 676 35.56 62.55 25.83
CA SER E 676 35.53 61.11 25.61
C SER E 676 36.40 60.71 24.42
N LYS E 677 36.21 61.38 23.30
CA LYS E 677 36.98 61.09 22.09
C LYS E 677 37.99 62.19 21.80
N TRP E 678 39.06 61.84 21.11
CA TRP E 678 40.09 62.81 20.73
C TRP E 678 39.60 63.73 19.63
N LYS E 679 38.50 63.35 18.99
CA LYS E 679 37.92 64.17 17.92
C LYS E 679 37.20 65.38 18.49
N ASP E 680 36.73 65.26 19.73
CA ASP E 680 36.01 66.34 20.39
C ASP E 680 36.99 67.33 21.04
N PHE E 681 38.22 66.88 21.25
CA PHE E 681 39.23 67.69 21.92
C PHE E 681 40.17 68.34 20.91
N HIS E 682 39.87 69.59 20.55
CA HIS E 682 40.66 70.31 19.55
C HIS E 682 41.77 71.13 20.20
N PHE E 683 42.99 70.94 19.71
CA PHE E 683 44.15 71.70 20.20
C PHE E 683 45.30 71.62 19.21
N GLU E 684 46.44 72.17 19.59
CA GLU E 684 47.61 72.14 18.72
C GLU E 684 48.11 70.71 18.55
N LYS E 685 47.56 70.03 17.55
CA LYS E 685 47.94 68.65 17.27
C LYS E 685 49.29 68.59 16.56
N ILE E 686 50.35 68.49 17.35
CA ILE E 686 51.70 68.41 16.82
C ILE E 686 51.99 66.98 16.35
N PRO E 687 52.26 66.83 15.04
CA PRO E 687 52.56 65.52 14.46
C PRO E 687 53.80 64.87 15.07
N PHE E 688 53.65 63.64 15.54
CA PHE E 688 54.78 62.85 15.97
C PHE E 688 55.72 62.58 14.80
N ASP E 689 57.02 62.56 15.05
CA ASP E 689 57.95 62.03 14.05
C ASP E 689 59.27 61.59 14.73
N PRO E 690 59.92 60.55 14.19
CA PRO E 690 60.94 59.70 14.82
C PRO E 690 62.00 60.36 15.73
N ALA E 691 62.50 61.55 15.38
CA ALA E 691 63.56 62.16 16.17
C ALA E 691 63.07 62.54 17.57
N GLU E 692 63.30 61.64 18.52
CA GLU E 692 62.86 61.85 19.90
C GLU E 692 63.87 61.29 20.91
N PRO G 10 -12.31 -58.69 14.31
CA PRO G 10 -11.07 -58.45 13.57
C PRO G 10 -10.59 -59.69 12.82
N PHE G 11 -9.35 -59.66 12.35
CA PHE G 11 -8.77 -60.79 11.65
C PHE G 11 -7.41 -61.16 12.23
N LYS G 12 -7.09 -62.45 12.23
CA LYS G 12 -5.82 -62.93 12.77
C LYS G 12 -4.65 -62.45 11.92
N PRO G 13 -3.75 -61.66 12.52
CA PRO G 13 -2.59 -61.11 11.82
C PRO G 13 -1.50 -62.15 11.59
N ARG G 14 -0.80 -62.04 10.47
CA ARG G 14 0.31 -62.94 10.17
C ARG G 14 1.47 -62.68 11.13
N ASN G 15 2.24 -63.72 11.41
CA ASN G 15 3.33 -63.63 12.39
C ASN G 15 4.43 -62.67 11.98
N TYR G 16 4.74 -62.61 10.69
CA TYR G 16 5.81 -61.73 10.22
C TYR G 16 5.40 -60.27 10.38
N GLN G 17 4.09 -60.02 10.37
CA GLN G 17 3.57 -58.67 10.60
C GLN G 17 3.79 -58.26 12.06
N LEU G 18 3.60 -59.22 12.97
CA LEU G 18 3.89 -59.01 14.37
C LEU G 18 5.38 -58.77 14.56
N GLU G 19 6.19 -59.51 13.80
CA GLU G 19 7.64 -59.40 13.87
C GLU G 19 8.12 -58.03 13.38
N LEU G 20 7.48 -57.51 12.35
CA LEU G 20 7.82 -56.19 11.82
C LEU G 20 7.31 -55.09 12.74
N ALA G 21 6.18 -55.34 13.39
CA ALA G 21 5.58 -54.36 14.28
C ALA G 21 6.33 -54.27 15.60
N LEU G 22 6.99 -55.36 15.99
CA LEU G 22 7.64 -55.47 17.29
C LEU G 22 8.66 -54.35 17.58
N PRO G 23 9.60 -54.07 16.66
CA PRO G 23 10.57 -53.01 16.99
C PRO G 23 9.92 -51.65 17.22
N ALA G 24 8.79 -51.41 16.56
CA ALA G 24 8.08 -50.14 16.68
C ALA G 24 7.23 -50.10 17.93
N MET G 25 6.75 -51.26 18.37
CA MET G 25 5.85 -51.34 19.51
C MET G 25 6.57 -51.21 20.86
N LYS G 26 7.90 -51.31 20.84
CA LYS G 26 8.67 -51.08 22.05
C LYS G 26 9.05 -49.61 22.19
N GLY G 27 8.65 -48.81 21.21
CA GLY G 27 8.82 -47.37 21.29
C GLY G 27 10.03 -46.86 20.53
N LYS G 28 10.67 -47.73 19.74
CA LYS G 28 11.84 -47.34 18.98
C LYS G 28 11.47 -46.80 17.61
N ASN G 29 12.18 -45.75 17.18
CA ASN G 29 12.01 -45.22 15.82
C ASN G 29 12.42 -46.26 14.80
N THR G 30 11.44 -46.89 14.17
CA THR G 30 11.70 -48.06 13.33
C THR G 30 11.37 -47.82 11.86
N ILE G 31 12.35 -48.11 10.99
CA ILE G 31 12.10 -48.15 9.56
C ILE G 31 11.78 -49.58 9.16
N ILE G 32 10.52 -49.83 8.80
CA ILE G 32 10.09 -51.17 8.40
C ILE G 32 10.27 -51.38 6.91
N CYS G 33 11.15 -52.32 6.57
CA CYS G 33 11.39 -52.66 5.17
C CYS G 33 10.89 -54.07 4.88
N ALA G 34 9.80 -54.15 4.11
CA ALA G 34 9.16 -55.43 3.81
C ALA G 34 8.64 -55.43 2.37
N PRO G 35 8.49 -56.63 1.78
CA PRO G 35 8.00 -56.77 0.40
C PRO G 35 6.68 -56.05 0.15
N THR G 36 6.51 -55.56 -1.08
CA THR G 36 5.29 -54.84 -1.45
C THR G 36 4.08 -55.76 -1.47
N GLY G 37 3.10 -55.48 -0.61
CA GLY G 37 1.87 -56.23 -0.59
C GLY G 37 1.86 -57.37 0.41
N CYS G 38 2.61 -57.21 1.50
CA CYS G 38 2.64 -58.21 2.56
C CYS G 38 1.72 -57.81 3.69
N GLY G 39 1.04 -56.68 3.52
CA GLY G 39 0.10 -56.18 4.51
C GLY G 39 0.72 -55.19 5.47
N LYS G 40 1.13 -54.03 4.96
CA LYS G 40 1.74 -53.01 5.81
C LYS G 40 0.67 -52.19 6.52
N THR G 41 -0.54 -52.17 5.96
CA THR G 41 -1.66 -51.45 6.57
C THR G 41 -1.99 -52.05 7.93
N PHE G 42 -2.04 -53.37 7.98
CA PHE G 42 -2.33 -54.07 9.23
C PHE G 42 -1.28 -53.79 10.28
N VAL G 43 -0.03 -53.73 9.83
CA VAL G 43 1.09 -53.40 10.72
C VAL G 43 0.92 -51.99 11.26
N SER G 44 0.55 -51.06 10.40
CA SER G 44 0.29 -49.68 10.79
C SER G 44 -0.80 -49.61 11.85
N LEU G 45 -1.89 -50.34 11.62
CA LEU G 45 -2.99 -50.40 12.57
C LEU G 45 -2.56 -50.98 13.90
N LEU G 46 -1.70 -51.99 13.84
CA LEU G 46 -1.17 -52.61 15.06
C LEU G 46 -0.35 -51.64 15.88
N ILE G 47 0.66 -51.05 15.24
CA ILE G 47 1.54 -50.08 15.89
C ILE G 47 0.75 -48.91 16.46
N CYS G 48 -0.21 -48.40 15.69
CA CYS G 48 -1.02 -47.28 16.12
C CYS G 48 -1.90 -47.64 17.31
N GLU G 49 -2.56 -48.80 17.23
CA GLU G 49 -3.43 -49.26 18.31
C GLU G 49 -2.65 -49.44 19.60
N HIS G 50 -1.51 -50.12 19.52
CA HIS G 50 -0.65 -50.32 20.67
C HIS G 50 -0.18 -48.99 21.25
N HIS G 51 0.20 -48.07 20.35
CA HIS G 51 0.69 -46.76 20.75
C HIS G 51 -0.36 -45.97 21.52
N LEU G 52 -1.60 -45.97 21.01
CA LEU G 52 -2.69 -45.24 21.66
C LEU G 52 -3.14 -45.92 22.95
N LYS G 53 -2.98 -47.24 23.01
CA LYS G 53 -3.36 -47.99 24.20
C LYS G 53 -2.30 -47.88 25.30
N LYS G 54 -1.09 -47.50 24.90
CA LYS G 54 0.04 -47.41 25.82
C LYS G 54 -0.14 -46.36 26.90
N PHE G 55 -0.74 -45.23 26.53
CA PHE G 55 -0.91 -44.10 27.44
C PHE G 55 -1.81 -44.44 28.64
N PRO G 56 -1.46 -43.92 29.82
CA PRO G 56 -2.27 -44.08 31.04
C PRO G 56 -3.38 -43.04 31.12
N GLN G 57 -4.00 -42.93 32.30
CA GLN G 57 -5.06 -41.95 32.51
C GLN G 57 -4.47 -40.55 32.66
N GLY G 58 -5.21 -39.56 32.17
CA GLY G 58 -4.77 -38.18 32.25
C GLY G 58 -4.05 -37.71 31.01
N GLN G 59 -3.94 -38.60 30.03
CA GLN G 59 -3.27 -38.27 28.77
C GLN G 59 -3.66 -39.25 27.67
N LYS G 60 -3.94 -38.72 26.47
CA LYS G 60 -4.27 -39.53 25.32
C LYS G 60 -3.35 -39.18 24.14
N GLY G 61 -2.81 -40.19 23.49
CA GLY G 61 -1.86 -39.99 22.41
C GLY G 61 -2.47 -39.37 21.15
N LYS G 62 -1.60 -38.84 20.30
CA LYS G 62 -2.05 -38.22 19.05
C LYS G 62 -1.17 -38.69 17.88
N VAL G 63 -1.70 -39.59 17.07
CA VAL G 63 -0.96 -40.19 15.97
C VAL G 63 -1.22 -39.47 14.65
N VAL G 64 -0.18 -39.32 13.83
CA VAL G 64 -0.32 -38.73 12.51
C VAL G 64 0.26 -39.66 11.44
N PHE G 65 -0.49 -39.87 10.37
CA PHE G 65 -0.06 -40.75 9.28
C PHE G 65 0.14 -39.98 7.98
N PHE G 66 1.36 -39.99 7.47
CA PHE G 66 1.70 -39.27 6.25
C PHE G 66 1.59 -40.15 5.01
N ALA G 67 0.66 -39.80 4.13
CA ALA G 67 0.50 -40.48 2.86
C ALA G 67 0.86 -39.53 1.72
N ASN G 68 1.61 -40.03 0.74
CA ASN G 68 2.07 -39.19 -0.36
C ASN G 68 0.97 -38.83 -1.35
N GLN G 69 0.27 -39.84 -1.85
CA GLN G 69 -0.73 -39.63 -2.89
C GLN G 69 -2.15 -39.65 -2.31
N ILE G 70 -3.06 -38.95 -2.99
CA ILE G 70 -4.45 -38.83 -2.56
C ILE G 70 -5.19 -40.18 -2.46
N PRO G 71 -5.02 -41.09 -3.45
CA PRO G 71 -5.67 -42.40 -3.26
C PRO G 71 -5.26 -43.09 -1.96
N VAL G 72 -3.98 -43.05 -1.64
CA VAL G 72 -3.47 -43.61 -0.39
C VAL G 72 -4.06 -42.88 0.80
N TYR G 73 -4.19 -41.56 0.66
CA TYR G 73 -4.80 -40.71 1.69
C TYR G 73 -6.21 -41.20 2.03
N GLU G 74 -7.02 -41.34 0.99
CA GLU G 74 -8.42 -41.77 1.14
C GLU G 74 -8.51 -43.18 1.70
N GLN G 75 -7.71 -44.10 1.14
CA GLN G 75 -7.69 -45.49 1.60
C GLN G 75 -7.36 -45.58 3.09
N GLN G 76 -6.21 -45.05 3.46
CA GLN G 76 -5.75 -45.11 4.85
C GLN G 76 -6.71 -44.39 5.79
N LYS G 77 -7.24 -43.25 5.35
CA LYS G 77 -8.21 -42.50 6.16
C LYS G 77 -9.43 -43.36 6.45
N SER G 78 -9.95 -44.00 5.39
CA SER G 78 -11.11 -44.87 5.53
C SER G 78 -10.83 -46.02 6.51
N VAL G 79 -9.79 -46.80 6.20
CA VAL G 79 -9.42 -47.94 7.03
C VAL G 79 -9.23 -47.56 8.50
N PHE G 80 -8.40 -46.55 8.74
CA PHE G 80 -8.13 -46.07 10.10
C PHE G 80 -9.40 -45.61 10.80
N SER G 81 -10.26 -44.89 10.07
CA SER G 81 -11.51 -44.40 10.64
C SER G 81 -12.40 -45.56 11.10
N LYS G 82 -12.69 -46.46 10.17
CA LYS G 82 -13.61 -47.57 10.45
C LYS G 82 -13.05 -48.51 11.50
N TYR G 83 -11.72 -48.59 11.59
CA TYR G 83 -11.09 -49.48 12.57
C TYR G 83 -11.06 -48.86 13.97
N PHE G 84 -10.77 -47.57 14.05
CA PHE G 84 -10.46 -46.95 15.33
C PHE G 84 -11.62 -46.18 15.96
N GLU G 85 -12.62 -45.77 15.17
CA GLU G 85 -13.72 -44.99 15.73
C GLU G 85 -14.52 -45.82 16.75
N ARG G 86 -14.64 -47.12 16.49
CA ARG G 86 -15.38 -48.01 17.36
C ARG G 86 -14.73 -48.11 18.74
N HIS G 87 -13.43 -47.82 18.79
CA HIS G 87 -12.69 -47.86 20.04
C HIS G 87 -12.69 -46.49 20.73
N GLY G 88 -13.37 -45.53 20.12
CA GLY G 88 -13.52 -44.21 20.72
C GLY G 88 -12.43 -43.24 20.35
N TYR G 89 -11.76 -43.48 19.22
CA TYR G 89 -10.71 -42.60 18.75
C TYR G 89 -11.17 -41.80 17.53
N ARG G 90 -11.25 -40.48 17.69
CA ARG G 90 -11.70 -39.62 16.61
C ARG G 90 -10.63 -39.48 15.53
N VAL G 91 -10.92 -40.02 14.35
CA VAL G 91 -9.98 -40.00 13.23
C VAL G 91 -10.38 -38.97 12.19
N THR G 92 -9.44 -38.13 11.79
CA THR G 92 -9.68 -37.14 10.76
C THR G 92 -8.58 -37.16 9.71
N GLY G 93 -8.75 -36.35 8.67
CA GLY G 93 -7.77 -36.26 7.61
C GLY G 93 -7.78 -34.89 6.97
N ILE G 94 -6.62 -34.43 6.53
CA ILE G 94 -6.51 -33.13 5.87
C ILE G 94 -5.72 -33.24 4.58
N SER G 95 -6.42 -33.12 3.45
CA SER G 95 -5.77 -33.14 2.14
C SER G 95 -5.70 -31.74 1.57
N GLY G 96 -5.19 -31.62 0.36
CA GLY G 96 -5.01 -30.33 -0.28
C GLY G 96 -6.32 -29.57 -0.49
N ALA G 97 -7.39 -30.31 -0.71
CA ALA G 97 -8.71 -29.71 -0.92
C ALA G 97 -9.26 -29.12 0.38
N THR G 98 -9.30 -29.93 1.43
CA THR G 98 -9.86 -29.52 2.71
C THR G 98 -8.79 -28.98 3.66
N ALA G 99 -7.99 -28.04 3.20
CA ALA G 99 -6.94 -27.45 4.03
C ALA G 99 -6.92 -25.93 3.89
N GLU G 100 -8.03 -25.37 3.42
CA GLU G 100 -8.11 -23.93 3.22
C GLU G 100 -9.19 -23.31 4.09
N ASN G 101 -8.86 -22.16 4.70
CA ASN G 101 -9.78 -21.42 5.56
C ASN G 101 -10.32 -22.26 6.71
N VAL G 102 -9.45 -23.10 7.27
CA VAL G 102 -9.82 -23.93 8.42
C VAL G 102 -8.74 -23.89 9.50
N PRO G 103 -9.17 -23.87 10.76
CA PRO G 103 -8.21 -23.90 11.89
C PRO G 103 -7.53 -25.26 12.01
N VAL G 104 -6.45 -25.45 11.25
CA VAL G 104 -5.73 -26.72 11.24
C VAL G 104 -5.25 -27.13 12.63
N GLU G 105 -4.88 -26.14 13.42
CA GLU G 105 -4.46 -26.35 14.80
C GLU G 105 -5.59 -26.99 15.61
N GLN G 106 -6.77 -26.41 15.48
CA GLN G 106 -7.95 -26.87 16.21
C GLN G 106 -8.37 -28.27 15.74
N ILE G 107 -8.20 -28.53 14.44
CA ILE G 107 -8.52 -29.84 13.88
C ILE G 107 -7.56 -30.89 14.42
N VAL G 108 -6.28 -30.52 14.52
CA VAL G 108 -5.27 -31.42 15.04
C VAL G 108 -5.49 -31.73 16.52
N GLU G 109 -5.79 -30.68 17.31
CA GLU G 109 -5.95 -30.85 18.75
C GLU G 109 -7.21 -31.64 19.11
N ASN G 110 -8.26 -31.47 18.32
CA ASN G 110 -9.55 -32.12 18.59
C ASN G 110 -9.64 -33.54 18.04
N ASN G 111 -8.51 -34.09 17.61
CA ASN G 111 -8.48 -35.43 17.05
C ASN G 111 -7.33 -36.28 17.57
N ASP G 112 -7.54 -37.59 17.61
CA ASP G 112 -6.51 -38.51 18.09
C ASP G 112 -5.64 -38.99 16.93
N ILE G 113 -6.27 -39.34 15.81
CA ILE G 113 -5.54 -39.79 14.64
C ILE G 113 -5.78 -38.84 13.47
N ILE G 114 -4.70 -38.39 12.84
CA ILE G 114 -4.79 -37.43 11.74
C ILE G 114 -4.02 -37.94 10.52
N ILE G 115 -4.73 -38.13 9.41
CA ILE G 115 -4.07 -38.54 8.17
C ILE G 115 -3.77 -37.31 7.32
N LEU G 116 -2.49 -37.11 7.01
CA LEU G 116 -2.03 -35.89 6.36
C LEU G 116 -1.20 -36.14 5.12
N THR G 117 -1.30 -35.22 4.16
CA THR G 117 -0.29 -35.10 3.11
C THR G 117 0.78 -34.15 3.66
N PRO G 118 2.05 -34.46 3.42
CA PRO G 118 3.11 -33.78 4.17
C PRO G 118 3.25 -32.29 3.84
N GLN G 119 2.89 -31.91 2.62
CA GLN G 119 2.98 -30.53 2.20
C GLN G 119 2.15 -29.62 3.11
N ILE G 120 1.02 -30.14 3.58
CA ILE G 120 0.14 -29.40 4.47
C ILE G 120 0.84 -29.08 5.78
N LEU G 121 1.48 -30.10 6.38
CA LEU G 121 2.20 -29.90 7.63
C LEU G 121 3.39 -28.97 7.42
N VAL G 122 4.04 -29.07 6.26
CA VAL G 122 5.14 -28.17 5.94
C VAL G 122 4.69 -26.71 5.93
N ASN G 123 3.67 -26.44 5.12
CA ASN G 123 3.14 -25.08 5.00
C ASN G 123 2.58 -24.55 6.33
N ASN G 124 2.00 -25.44 7.13
CA ASN G 124 1.47 -25.06 8.43
C ASN G 124 2.57 -24.73 9.42
N LEU G 125 3.66 -25.49 9.36
CA LEU G 125 4.81 -25.23 10.22
C LEU G 125 5.49 -23.91 9.84
N LYS G 126 5.61 -23.67 8.54
CA LYS G 126 6.21 -22.42 8.07
C LYS G 126 5.34 -21.21 8.40
N LYS G 127 4.03 -21.37 8.23
CA LYS G 127 3.08 -20.29 8.52
C LYS G 127 2.97 -20.06 10.02
N GLY G 128 3.25 -21.09 10.81
CA GLY G 128 3.26 -20.96 12.25
C GLY G 128 1.97 -21.35 12.92
N THR G 129 1.01 -21.84 12.14
CA THR G 129 -0.27 -22.29 12.69
C THR G 129 -0.04 -23.43 13.66
N ILE G 130 0.92 -24.29 13.32
CA ILE G 130 1.38 -25.33 14.24
C ILE G 130 2.78 -24.97 14.73
N PRO G 131 2.93 -24.76 16.04
CA PRO G 131 4.20 -24.35 16.65
C PRO G 131 5.32 -25.38 16.45
N SER G 132 5.14 -26.57 17.01
CA SER G 132 6.15 -27.62 16.90
C SER G 132 5.50 -28.97 16.66
N LEU G 133 6.32 -30.01 16.53
CA LEU G 133 5.83 -31.36 16.31
C LEU G 133 5.67 -32.10 17.64
N SER G 134 5.79 -31.36 18.74
CA SER G 134 5.61 -31.93 20.07
C SER G 134 4.15 -32.25 20.32
N ILE G 135 3.27 -31.68 19.50
CA ILE G 135 1.84 -31.93 19.60
C ILE G 135 1.53 -33.40 19.34
N PHE G 136 2.30 -34.01 18.44
CA PHE G 136 2.10 -35.42 18.09
C PHE G 136 2.84 -36.34 19.06
N THR G 137 2.48 -37.61 19.05
CA THR G 137 3.13 -38.61 19.88
C THR G 137 3.72 -39.72 19.02
N LEU G 138 3.22 -39.82 17.79
CA LEU G 138 3.68 -40.83 16.84
C LEU G 138 3.47 -40.40 15.39
N MET G 139 4.56 -40.24 14.66
CA MET G 139 4.50 -39.91 13.25
C MET G 139 4.85 -41.13 12.40
N ILE G 140 3.97 -41.47 11.46
CA ILE G 140 4.21 -42.59 10.56
C ILE G 140 4.39 -42.09 9.13
N PHE G 141 5.39 -42.63 8.45
CA PHE G 141 5.69 -42.20 7.08
C PHE G 141 5.44 -43.31 6.08
N ASP G 142 4.37 -43.18 5.30
CA ASP G 142 4.15 -44.12 4.20
C ASP G 142 5.14 -43.80 3.08
N GLU G 143 5.74 -44.85 2.51
CA GLU G 143 6.81 -44.70 1.54
C GLU G 143 7.90 -43.82 2.14
N CYS G 144 8.49 -44.29 3.23
CA CYS G 144 9.43 -43.49 4.02
C CYS G 144 10.65 -43.09 3.21
N HIS G 145 11.20 -44.03 2.45
CA HIS G 145 12.41 -43.81 1.65
C HIS G 145 12.46 -42.48 0.90
N ASN G 146 11.29 -41.88 0.67
CA ASN G 146 11.19 -40.58 0.03
C ASN G 146 11.83 -39.44 0.84
N THR G 147 12.00 -39.65 2.15
CA THR G 147 12.51 -38.60 3.03
C THR G 147 13.99 -38.28 2.76
N SER G 148 14.28 -37.95 1.51
CA SER G 148 15.62 -37.53 1.11
C SER G 148 15.53 -36.28 0.26
N LYS G 149 16.64 -35.56 0.15
CA LYS G 149 16.70 -34.33 -0.62
C LYS G 149 15.69 -33.30 -0.12
N GLN G 150 14.99 -32.64 -1.05
CA GLN G 150 14.04 -31.59 -0.69
C GLN G 150 12.59 -32.08 -0.74
N HIS G 151 12.37 -33.31 -0.31
CA HIS G 151 11.02 -33.85 -0.22
C HIS G 151 10.35 -33.34 1.06
N PRO G 152 9.03 -33.08 1.01
CA PRO G 152 8.25 -32.62 2.16
C PRO G 152 8.50 -33.44 3.43
N TYR G 153 8.58 -34.76 3.27
CA TYR G 153 8.98 -35.65 4.36
C TYR G 153 10.28 -35.16 5.02
N ASN G 154 11.26 -34.89 4.18
CA ASN G 154 12.57 -34.47 4.63
C ASN G 154 12.52 -33.08 5.26
N MET G 155 11.54 -32.28 4.89
CA MET G 155 11.35 -30.95 5.48
C MET G 155 10.80 -31.08 6.90
N ILE G 156 9.76 -31.91 7.03
CA ILE G 156 9.19 -32.22 8.33
C ILE G 156 10.27 -32.76 9.25
N MET G 157 11.09 -33.67 8.71
CA MET G 157 12.19 -34.23 9.47
C MET G 157 13.27 -33.19 9.75
N PHE G 158 13.35 -32.16 8.91
CA PHE G 158 14.28 -31.07 9.14
C PHE G 158 13.84 -30.29 10.37
N ASN G 159 12.54 -30.01 10.46
CA ASN G 159 12.00 -29.35 11.65
C ASN G 159 12.24 -30.22 12.88
N TYR G 160 11.95 -31.51 12.73
CA TYR G 160 12.11 -32.48 13.82
C TYR G 160 13.54 -32.48 14.38
N LEU G 161 14.52 -32.61 13.49
CA LEU G 161 15.92 -32.66 13.89
C LEU G 161 16.42 -31.31 14.40
N ASP G 162 15.91 -30.22 13.82
CA ASP G 162 16.25 -28.89 14.30
C ASP G 162 15.79 -28.69 15.73
N GLN G 163 14.62 -29.24 16.06
CA GLN G 163 14.10 -29.14 17.42
C GLN G 163 14.86 -30.07 18.36
N LYS G 164 15.19 -31.28 17.88
CA LYS G 164 15.97 -32.22 18.68
C LYS G 164 17.36 -31.67 18.99
N LEU G 165 18.07 -31.29 17.94
CA LEU G 165 19.42 -30.78 18.09
C LEU G 165 19.40 -29.35 18.62
N GLY G 166 19.13 -29.22 19.91
CA GLY G 166 19.07 -27.93 20.57
C GLY G 166 18.65 -28.05 22.01
N GLY G 167 19.09 -27.12 22.84
CA GLY G 167 18.77 -27.12 24.26
C GLY G 167 17.27 -26.99 24.50
N SER G 168 16.67 -26.01 23.84
CA SER G 168 15.23 -25.81 23.93
C SER G 168 14.49 -26.93 23.20
N SER G 169 14.40 -28.08 23.85
CA SER G 169 13.80 -29.26 23.23
C SER G 169 12.55 -29.71 23.99
N GLY G 170 11.47 -29.94 23.27
CA GLY G 170 10.25 -30.47 23.84
C GLY G 170 10.12 -31.95 23.55
N PRO G 171 9.08 -32.59 24.12
CA PRO G 171 8.84 -34.02 23.90
C PRO G 171 8.53 -34.33 22.43
N LEU G 172 9.46 -35.02 21.77
CA LEU G 172 9.32 -35.34 20.35
C LEU G 172 8.67 -36.71 20.14
N PRO G 173 7.87 -36.83 19.08
CA PRO G 173 7.13 -38.06 18.79
C PRO G 173 7.98 -39.18 18.21
N GLN G 174 7.55 -40.43 18.41
CA GLN G 174 8.20 -41.59 17.83
C GLN G 174 8.04 -41.58 16.31
N VAL G 175 9.11 -41.85 15.59
CA VAL G 175 9.07 -41.79 14.13
C VAL G 175 9.18 -43.17 13.49
N ILE G 176 8.07 -43.63 12.91
CA ILE G 176 8.03 -44.92 12.22
C ILE G 176 8.03 -44.72 10.71
N GLY G 177 8.79 -45.53 9.99
CA GLY G 177 8.86 -45.43 8.54
C GLY G 177 8.49 -46.74 7.86
N LEU G 178 7.74 -46.63 6.76
CA LEU G 178 7.33 -47.81 6.01
C LEU G 178 7.82 -47.74 4.57
N THR G 179 8.42 -48.82 4.10
CA THR G 179 8.91 -48.88 2.73
C THR G 179 9.16 -50.32 2.29
N ALA G 180 9.38 -50.50 0.99
CA ALA G 180 9.70 -51.80 0.43
C ALA G 180 11.15 -51.83 -0.02
N SER G 181 11.77 -50.66 -0.04
CA SER G 181 13.15 -50.51 -0.45
C SER G 181 13.73 -49.20 0.04
N VAL G 182 14.78 -49.28 0.87
CA VAL G 182 15.41 -48.08 1.41
C VAL G 182 16.32 -47.42 0.38
N GLY G 183 16.70 -48.17 -0.66
CA GLY G 183 17.56 -47.66 -1.70
C GLY G 183 19.01 -47.61 -1.28
N VAL G 184 19.91 -47.42 -2.24
CA VAL G 184 21.34 -47.36 -1.97
C VAL G 184 22.01 -46.18 -2.67
N GLY G 185 21.29 -45.55 -3.57
CA GLY G 185 21.80 -44.37 -4.28
C GLY G 185 22.81 -44.72 -5.35
N ASP G 186 23.83 -43.86 -5.50
CA ASP G 186 24.85 -44.04 -6.52
C ASP G 186 25.95 -45.00 -6.08
N ALA G 187 25.64 -45.86 -5.11
CA ALA G 187 26.62 -46.78 -4.56
C ALA G 187 27.07 -47.81 -5.59
N LYS G 188 28.33 -48.24 -5.47
CA LYS G 188 28.88 -49.26 -6.34
C LYS G 188 29.31 -50.48 -5.53
N ASN G 189 29.53 -50.26 -4.24
CA ASN G 189 29.90 -51.33 -3.32
C ASN G 189 29.07 -51.28 -2.04
N THR G 190 29.18 -52.32 -1.22
CA THR G 190 28.33 -52.47 -0.04
C THR G 190 28.56 -51.39 1.01
N ASP G 191 29.77 -50.85 1.07
CA ASP G 191 30.11 -49.84 2.06
C ASP G 191 29.38 -48.51 1.80
N GLU G 192 29.42 -48.08 0.54
CA GLU G 192 28.71 -46.87 0.13
C GLU G 192 27.21 -47.03 0.36
N ALA G 193 26.71 -48.24 0.10
CA ALA G 193 25.31 -48.57 0.32
C ALA G 193 24.95 -48.44 1.80
N LEU G 194 25.81 -48.98 2.66
CA LEU G 194 25.60 -48.90 4.09
C LEU G 194 25.62 -47.44 4.55
N ASP G 195 26.49 -46.65 3.93
CA ASP G 195 26.56 -45.23 4.21
C ASP G 195 25.25 -44.53 3.84
N TYR G 196 24.71 -44.86 2.67
CA TYR G 196 23.45 -44.29 2.21
C TYR G 196 22.30 -44.66 3.15
N ILE G 197 22.23 -45.94 3.51
CA ILE G 197 21.20 -46.42 4.42
C ILE G 197 21.29 -45.72 5.78
N CYS G 198 22.51 -45.54 6.27
CA CYS G 198 22.72 -44.83 7.53
C CYS G 198 22.30 -43.37 7.42
N LYS G 199 22.53 -42.78 6.24
CA LYS G 199 22.08 -41.41 5.99
C LYS G 199 20.57 -41.33 6.03
N LEU G 200 19.90 -42.34 5.47
CA LEU G 200 18.45 -42.40 5.48
C LEU G 200 17.90 -42.56 6.89
N CYS G 201 18.51 -43.45 7.67
CA CYS G 201 18.11 -43.65 9.05
C CYS G 201 18.34 -42.38 9.87
N ALA G 202 19.35 -41.62 9.47
CA ALA G 202 19.63 -40.33 10.08
C ALA G 202 18.55 -39.32 9.71
N SER G 203 18.05 -39.43 8.49
CA SER G 203 16.99 -38.54 8.02
C SER G 203 15.68 -38.76 8.76
N LEU G 204 15.49 -39.97 9.27
CA LEU G 204 14.25 -40.31 9.97
C LEU G 204 14.44 -40.46 11.47
N ASP G 205 15.66 -40.19 11.94
CA ASP G 205 16.00 -40.36 13.36
C ASP G 205 15.69 -41.79 13.80
N ALA G 206 15.94 -42.74 12.89
CA ALA G 206 15.63 -44.14 13.14
C ALA G 206 16.80 -44.84 13.81
N SER G 207 16.50 -45.79 14.68
CA SER G 207 17.52 -46.55 15.39
C SER G 207 17.43 -48.04 15.08
N VAL G 208 16.30 -48.45 14.51
CA VAL G 208 16.07 -49.86 14.22
C VAL G 208 15.47 -50.06 12.83
N ILE G 209 16.04 -50.99 12.06
CA ILE G 209 15.46 -51.38 10.77
C ILE G 209 14.79 -52.75 10.90
N ALA G 210 13.48 -52.78 10.68
CA ALA G 210 12.71 -54.00 10.85
C ALA G 210 12.53 -54.76 9.53
N THR G 211 13.07 -55.97 9.47
CA THR G 211 12.88 -56.85 8.34
C THR G 211 12.47 -58.23 8.84
N VAL G 212 11.79 -59.00 7.99
CA VAL G 212 11.37 -60.35 8.36
C VAL G 212 12.54 -61.31 8.35
N LYS G 213 12.78 -61.99 9.47
CA LYS G 213 13.90 -62.91 9.60
C LYS G 213 13.47 -64.28 10.08
N HIS G 214 12.68 -64.31 11.16
CA HIS G 214 12.28 -65.56 11.78
C HIS G 214 11.14 -66.24 11.02
N ASN G 215 10.13 -65.46 10.65
CA ASN G 215 8.98 -65.98 9.92
C ASN G 215 9.12 -65.76 8.42
N LEU G 216 10.30 -66.06 7.89
CA LEU G 216 10.59 -65.84 6.48
C LEU G 216 9.70 -66.66 5.56
N GLU G 217 9.58 -67.96 5.84
CA GLU G 217 8.86 -68.87 4.96
C GLU G 217 7.37 -68.54 4.85
N GLU G 218 6.79 -68.06 5.94
CA GLU G 218 5.39 -67.61 5.92
C GLU G 218 5.22 -66.49 4.91
N LEU G 219 6.13 -65.53 4.97
CA LEU G 219 6.15 -64.41 4.04
C LEU G 219 6.39 -64.90 2.61
N GLU G 220 7.18 -65.97 2.49
CA GLU G 220 7.49 -66.55 1.19
C GLU G 220 6.30 -67.34 0.64
N GLN G 221 5.35 -67.63 1.51
CA GLN G 221 4.11 -68.29 1.08
C GLN G 221 2.99 -67.27 0.91
N VAL G 222 3.20 -66.07 1.44
CA VAL G 222 2.24 -64.98 1.23
C VAL G 222 2.60 -64.17 -0.02
N VAL G 223 3.82 -63.68 -0.08
CA VAL G 223 4.29 -62.89 -1.21
C VAL G 223 5.34 -63.65 -2.02
N TYR G 224 5.22 -63.61 -3.35
CA TYR G 224 6.14 -64.32 -4.22
C TYR G 224 6.91 -63.37 -5.13
N LYS G 225 8.16 -63.71 -5.43
CA LYS G 225 8.95 -62.97 -6.40
C LYS G 225 8.77 -63.56 -7.78
N PRO G 226 8.17 -62.80 -8.70
CA PRO G 226 7.95 -63.26 -10.08
C PRO G 226 9.25 -63.46 -10.83
N GLN G 227 9.31 -64.49 -11.66
CA GLN G 227 10.49 -64.76 -12.48
C GLN G 227 10.66 -63.67 -13.54
N LYS G 228 11.86 -63.10 -13.62
CA LYS G 228 12.14 -62.02 -14.56
C LYS G 228 12.86 -62.54 -15.80
N PHE G 229 12.43 -62.07 -16.97
CA PHE G 229 13.02 -62.49 -18.23
C PHE G 229 13.54 -61.29 -19.02
N PHE G 230 14.68 -61.48 -19.67
CA PHE G 230 15.30 -60.42 -20.45
C PHE G 230 15.16 -60.68 -21.95
N ARG G 231 14.48 -59.78 -22.64
CA ARG G 231 14.24 -59.92 -24.07
C ARG G 231 15.02 -58.88 -24.86
N LYS G 232 16.15 -59.32 -25.42
CA LYS G 232 17.01 -58.44 -26.21
C LYS G 232 16.84 -58.68 -27.71
N VAL G 233 16.08 -57.80 -28.35
CA VAL G 233 15.91 -57.85 -29.80
C VAL G 233 16.55 -56.62 -30.43
N GLU G 234 17.10 -56.77 -31.63
CA GLU G 234 17.78 -55.66 -32.29
C GLU G 234 16.78 -54.71 -32.95
N SER G 235 17.29 -53.60 -33.48
CA SER G 235 16.47 -52.55 -34.05
C SER G 235 15.73 -53.00 -35.30
N ARG G 236 14.94 -52.10 -35.87
CA ARG G 236 14.31 -52.34 -37.16
C ARG G 236 15.37 -52.26 -38.26
N ILE G 237 15.35 -53.21 -39.17
CA ILE G 237 16.38 -53.34 -40.20
C ILE G 237 16.46 -52.13 -41.12
N SER G 238 15.36 -51.83 -41.82
CA SER G 238 15.34 -50.73 -42.77
C SER G 238 14.17 -49.80 -42.51
N ASP G 239 14.47 -48.51 -42.36
CA ASP G 239 13.45 -47.51 -42.09
C ASP G 239 13.31 -46.51 -43.24
N LYS G 240 12.30 -46.72 -44.08
CA LYS G 240 12.00 -45.79 -45.16
C LYS G 240 11.38 -44.53 -44.58
N PHE G 241 10.60 -44.72 -43.53
CA PHE G 241 9.95 -43.62 -42.82
C PHE G 241 10.98 -42.60 -42.35
N LYS G 242 12.03 -43.08 -41.67
CA LYS G 242 13.12 -42.22 -41.23
C LYS G 242 13.84 -41.61 -42.41
N TYR G 243 13.89 -42.34 -43.53
CA TYR G 243 14.54 -41.86 -44.74
C TYR G 243 13.77 -40.70 -45.37
N ILE G 244 12.47 -40.63 -45.09
CA ILE G 244 11.66 -39.51 -45.56
C ILE G 244 11.69 -38.34 -44.58
N ILE G 245 11.43 -38.65 -43.32
CA ILE G 245 11.40 -37.64 -42.26
C ILE G 245 12.74 -36.93 -42.14
N ALA G 246 13.83 -37.64 -42.43
CA ALA G 246 15.15 -37.03 -42.43
C ALA G 246 15.22 -35.92 -43.46
N GLN G 247 14.80 -36.22 -44.69
CA GLN G 247 14.81 -35.25 -45.77
C GLN G 247 13.89 -34.07 -45.47
N LEU G 248 12.71 -34.35 -44.93
CA LEU G 248 11.81 -33.27 -44.54
C LEU G 248 12.43 -32.37 -43.47
N MET G 249 13.18 -32.98 -42.57
CA MET G 249 13.82 -32.25 -41.48
C MET G 249 15.04 -31.46 -41.94
N ARG G 250 15.65 -31.90 -43.05
CA ARG G 250 16.77 -31.16 -43.61
C ARG G 250 16.25 -30.02 -44.49
N ASP G 251 15.06 -30.20 -45.03
CA ASP G 251 14.39 -29.13 -45.75
C ASP G 251 13.95 -28.05 -44.76
N THR G 252 13.43 -28.49 -43.62
CA THR G 252 13.06 -27.57 -42.55
C THR G 252 14.30 -26.89 -41.99
N GLU G 253 15.38 -27.65 -41.83
CA GLU G 253 16.65 -27.11 -41.38
C GLU G 253 17.19 -26.09 -42.35
N SER G 254 16.92 -26.30 -43.63
CA SER G 254 17.34 -25.35 -44.66
C SER G 254 16.49 -24.09 -44.61
N LEU G 255 15.19 -24.27 -44.35
CA LEU G 255 14.28 -23.14 -44.22
C LEU G 255 14.67 -22.27 -43.02
N ALA G 256 15.17 -22.92 -41.97
CA ALA G 256 15.59 -22.19 -40.77
C ALA G 256 16.99 -21.61 -40.93
N LYS G 257 17.81 -22.25 -41.76
CA LYS G 257 19.18 -21.80 -41.98
C LYS G 257 19.25 -20.70 -43.03
N ARG G 258 18.10 -20.39 -43.62
CA ARG G 258 18.02 -19.32 -44.62
C ARG G 258 18.05 -17.95 -43.96
N ILE G 259 18.13 -17.95 -42.63
CA ILE G 259 18.08 -16.70 -41.86
C ILE G 259 19.33 -16.51 -40.98
N CYS G 260 19.75 -17.57 -40.29
CA CYS G 260 20.85 -17.46 -39.35
C CYS G 260 21.97 -18.46 -39.60
N LYS G 261 23.01 -18.39 -38.76
CA LYS G 261 24.14 -19.31 -38.85
C LYS G 261 23.88 -20.58 -38.06
N ASP G 262 24.57 -21.66 -38.42
CA ASP G 262 24.38 -22.95 -37.76
C ASP G 262 25.37 -23.16 -36.62
N LEU G 263 25.89 -22.05 -36.08
CA LEU G 263 26.85 -22.07 -34.99
C LEU G 263 28.07 -22.93 -35.32
N ARG G 272 25.22 -33.86 -34.65
CA ARG G 272 23.77 -33.99 -34.51
C ARG G 272 23.23 -35.10 -35.41
N GLU G 273 22.36 -35.93 -34.86
CA GLU G 273 21.74 -37.02 -35.61
C GLU G 273 20.24 -37.06 -35.39
N PHE G 274 19.50 -37.38 -36.45
CA PHE G 274 18.05 -37.39 -36.41
C PHE G 274 17.50 -38.54 -35.56
N GLY G 275 16.39 -38.28 -34.88
CA GLY G 275 15.74 -39.28 -34.05
C GLY G 275 16.41 -39.48 -32.71
N THR G 276 17.40 -38.64 -32.41
CA THR G 276 18.14 -38.74 -31.16
C THR G 276 17.64 -37.75 -30.11
N GLN G 277 18.12 -37.91 -28.88
CA GLN G 277 17.75 -37.01 -27.79
C GLN G 277 18.66 -35.78 -27.81
N LYS G 278 19.89 -35.97 -28.25
CA LYS G 278 20.84 -34.87 -28.40
C LYS G 278 20.30 -33.83 -29.38
N TYR G 279 19.61 -34.32 -30.41
CA TYR G 279 18.97 -33.46 -31.39
C TYR G 279 17.80 -32.71 -30.75
N GLU G 280 17.09 -33.41 -29.86
CA GLU G 280 15.94 -32.83 -29.18
C GLU G 280 16.36 -31.74 -28.20
N GLN G 281 17.58 -31.86 -27.69
CA GLN G 281 18.14 -30.81 -26.83
C GLN G 281 18.66 -29.65 -27.69
N TRP G 282 19.34 -30.01 -28.78
CA TRP G 282 19.91 -29.04 -29.69
C TRP G 282 18.87 -28.12 -30.27
N ILE G 283 17.71 -28.66 -30.63
CA ILE G 283 16.65 -27.85 -31.20
C ILE G 283 16.05 -26.92 -30.15
N VAL G 284 16.05 -27.36 -28.89
CA VAL G 284 15.57 -26.54 -27.80
C VAL G 284 16.49 -25.35 -27.58
N THR G 285 17.79 -25.62 -27.49
CA THR G 285 18.77 -24.55 -27.32
C THR G 285 18.77 -23.61 -28.53
N VAL G 286 18.52 -24.16 -29.71
CA VAL G 286 18.46 -23.38 -30.93
C VAL G 286 17.26 -22.44 -30.93
N GLN G 287 16.10 -22.95 -30.54
CA GLN G 287 14.90 -22.14 -30.45
C GLN G 287 15.09 -21.03 -29.40
N LYS G 288 15.57 -21.43 -28.23
CA LYS G 288 15.86 -20.49 -27.15
C LYS G 288 16.81 -19.40 -27.59
N ALA G 289 17.76 -19.75 -28.45
CA ALA G 289 18.72 -18.78 -28.97
C ALA G 289 18.09 -17.91 -30.04
N CYS G 290 17.07 -18.45 -30.70
CA CYS G 290 16.39 -17.75 -31.79
C CYS G 290 15.45 -16.68 -31.26
N MET G 291 14.82 -16.94 -30.12
CA MET G 291 13.91 -15.96 -29.53
C MET G 291 14.66 -14.88 -28.74
N VAL G 292 15.95 -14.73 -29.01
CA VAL G 292 16.75 -13.66 -28.42
C VAL G 292 17.17 -12.68 -29.52
N PHE G 293 17.00 -13.11 -30.76
CA PHE G 293 17.38 -12.33 -31.94
C PHE G 293 16.79 -10.92 -31.90
N GLN G 294 17.62 -9.94 -32.21
CA GLN G 294 17.25 -8.53 -32.04
C GLN G 294 17.27 -7.76 -33.37
N MET G 295 16.37 -6.80 -33.48
CA MET G 295 16.30 -5.93 -34.65
C MET G 295 15.82 -4.53 -34.26
N PRO G 296 16.33 -3.50 -34.95
CA PRO G 296 15.90 -2.12 -34.69
C PRO G 296 14.48 -1.87 -35.16
N ASP G 297 13.99 -2.72 -36.07
CA ASP G 297 12.64 -2.61 -36.60
C ASP G 297 11.62 -3.06 -35.57
N LYS G 298 11.86 -4.23 -34.98
CA LYS G 298 10.95 -4.85 -34.01
C LYS G 298 9.57 -5.08 -34.61
N ASP G 299 9.53 -5.27 -35.93
CA ASP G 299 8.29 -5.59 -36.63
C ASP G 299 8.51 -6.80 -37.53
N GLU G 300 9.57 -6.74 -38.32
CA GLU G 300 10.00 -7.89 -39.11
C GLU G 300 10.67 -8.89 -38.17
N GLU G 301 11.21 -8.37 -37.06
CA GLU G 301 11.77 -9.19 -36.00
C GLU G 301 10.75 -10.21 -35.52
N SER G 302 9.50 -9.77 -35.43
CA SER G 302 8.40 -10.64 -35.04
C SER G 302 8.22 -11.80 -36.01
N ARG G 303 8.26 -11.49 -37.30
CA ARG G 303 8.10 -12.51 -38.35
C ARG G 303 9.26 -13.50 -38.35
N ILE G 304 10.47 -12.98 -38.23
CA ILE G 304 11.67 -13.82 -38.22
C ILE G 304 11.71 -14.75 -37.00
N CYS G 305 11.42 -14.19 -35.83
CA CYS G 305 11.41 -14.98 -34.60
C CYS G 305 10.28 -16.01 -34.60
N LYS G 306 9.11 -15.60 -35.08
CA LYS G 306 7.96 -16.49 -35.14
C LYS G 306 8.22 -17.64 -36.11
N ALA G 307 8.84 -17.34 -37.24
CA ALA G 307 9.22 -18.38 -38.20
C ALA G 307 10.26 -19.30 -37.60
N LEU G 308 11.19 -18.72 -36.84
CA LEU G 308 12.23 -19.48 -36.16
C LEU G 308 11.72 -20.09 -34.86
N PHE G 309 10.41 -20.02 -34.67
CA PHE G 309 9.73 -20.73 -33.61
C PHE G 309 8.97 -21.91 -34.21
N LEU G 310 8.28 -21.61 -35.31
CA LEU G 310 7.49 -22.61 -36.03
C LEU G 310 8.38 -23.69 -36.65
N TYR G 311 9.50 -23.28 -37.24
CA TYR G 311 10.44 -24.23 -37.82
C TYR G 311 10.96 -25.21 -36.76
N THR G 312 11.49 -24.63 -35.69
CA THR G 312 12.02 -25.40 -34.57
C THR G 312 10.99 -26.36 -33.99
N SER G 313 9.80 -25.85 -33.68
CA SER G 313 8.74 -26.68 -33.11
C SER G 313 8.33 -27.80 -34.07
N HIS G 314 8.27 -27.47 -35.36
CA HIS G 314 7.88 -28.44 -36.39
C HIS G 314 8.88 -29.58 -36.48
N LEU G 315 10.15 -29.27 -36.67
CA LEU G 315 11.14 -30.33 -36.81
C LEU G 315 11.32 -31.07 -35.47
N ARG G 316 10.97 -30.39 -34.37
CA ARG G 316 10.90 -31.04 -33.07
C ARG G 316 9.85 -32.13 -33.06
N LYS G 317 8.65 -31.79 -33.54
CA LYS G 317 7.57 -32.76 -33.69
C LYS G 317 7.98 -33.89 -34.62
N TYR G 318 8.76 -33.56 -35.66
CA TYR G 318 9.30 -34.56 -36.56
C TYR G 318 10.21 -35.54 -35.80
N ASN G 319 11.07 -34.99 -34.94
CA ASN G 319 11.95 -35.81 -34.11
C ASN G 319 11.15 -36.75 -33.21
N ASP G 320 10.15 -36.18 -32.54
CA ASP G 320 9.25 -36.97 -31.71
C ASP G 320 8.63 -38.11 -32.52
N ALA G 321 8.23 -37.80 -33.74
CA ALA G 321 7.66 -38.79 -34.65
C ALA G 321 8.67 -39.89 -34.98
N LEU G 322 9.94 -39.51 -35.08
CA LEU G 322 11.00 -40.48 -35.32
C LEU G 322 11.17 -41.41 -34.12
N ILE G 323 11.10 -40.86 -32.92
CA ILE G 323 11.22 -41.67 -31.71
C ILE G 323 10.05 -42.65 -31.60
N ILE G 324 8.84 -42.14 -31.78
CA ILE G 324 7.63 -42.96 -31.77
C ILE G 324 7.71 -44.06 -32.82
N SER G 325 8.24 -43.72 -33.99
CA SER G 325 8.43 -44.68 -35.07
C SER G 325 9.44 -45.75 -34.67
N GLU G 326 10.45 -45.35 -33.90
CA GLU G 326 11.46 -46.28 -33.43
C GLU G 326 10.90 -47.23 -32.40
N HIS G 327 9.96 -46.75 -31.59
CA HIS G 327 9.40 -47.57 -30.52
C HIS G 327 8.04 -48.18 -30.83
N ALA G 328 7.52 -47.93 -32.02
CA ALA G 328 6.20 -48.45 -32.39
C ALA G 328 6.03 -48.57 -33.91
N ARG G 329 4.78 -48.64 -34.34
CA ARG G 329 4.46 -48.72 -35.77
C ARG G 329 4.80 -47.41 -36.48
N MET G 330 4.99 -47.49 -37.79
CA MET G 330 5.17 -46.30 -38.61
C MET G 330 3.86 -45.54 -38.69
N LYS G 331 2.75 -46.28 -38.65
CA LYS G 331 1.42 -45.69 -38.70
C LYS G 331 1.16 -44.83 -37.47
N ASP G 332 1.76 -45.20 -36.34
CA ASP G 332 1.61 -44.44 -35.12
C ASP G 332 2.30 -43.08 -35.24
N ALA G 333 3.50 -43.08 -35.80
CA ALA G 333 4.25 -41.86 -36.03
C ALA G 333 3.55 -40.97 -37.04
N LEU G 334 3.06 -41.59 -38.12
CA LEU G 334 2.36 -40.87 -39.17
C LEU G 334 1.06 -40.26 -38.63
N ASP G 335 0.41 -40.96 -37.72
CA ASP G 335 -0.80 -40.47 -37.08
C ASP G 335 -0.46 -39.35 -36.11
N TYR G 336 0.72 -39.41 -35.51
CA TYR G 336 1.19 -38.36 -34.62
C TYR G 336 1.42 -37.07 -35.40
N LEU G 337 2.09 -37.20 -36.54
CA LEU G 337 2.34 -36.06 -37.41
C LEU G 337 1.04 -35.49 -37.97
N LYS G 338 0.15 -36.37 -38.43
CA LYS G 338 -1.13 -35.95 -38.97
C LYS G 338 -1.95 -35.22 -37.90
N ASP G 339 -1.89 -35.73 -36.68
CA ASP G 339 -2.57 -35.14 -35.54
C ASP G 339 -2.02 -33.74 -35.30
N PHE G 340 -0.69 -33.63 -35.27
CA PHE G 340 -0.04 -32.34 -35.05
C PHE G 340 -0.44 -31.31 -36.11
N PHE G 341 -0.25 -31.66 -37.38
CA PHE G 341 -0.55 -30.76 -38.48
C PHE G 341 -2.03 -30.40 -38.55
N SER G 342 -2.89 -31.32 -38.12
CA SER G 342 -4.33 -31.05 -38.12
C SER G 342 -4.70 -30.10 -36.99
N ASN G 343 -4.05 -30.25 -35.84
CA ASN G 343 -4.26 -29.32 -34.74
C ASN G 343 -3.70 -27.94 -35.05
N VAL G 344 -2.66 -27.90 -35.88
CA VAL G 344 -2.13 -26.64 -36.37
C VAL G 344 -3.10 -26.01 -37.36
N ARG G 345 -3.71 -26.85 -38.19
CA ARG G 345 -4.66 -26.40 -39.20
C ARG G 345 -5.97 -25.89 -38.58
N ALA G 346 -6.32 -26.46 -37.44
CA ALA G 346 -7.56 -26.08 -36.75
C ALA G 346 -7.41 -24.75 -36.03
N ALA G 347 -6.17 -24.40 -35.69
CA ALA G 347 -5.89 -23.17 -34.95
C ALA G 347 -5.27 -22.12 -35.86
N GLY G 348 -6.10 -21.45 -36.65
CA GLY G 348 -5.65 -20.40 -37.54
C GLY G 348 -4.71 -20.91 -38.61
N PHE G 349 -3.91 -20.01 -39.17
CA PHE G 349 -2.96 -20.38 -40.22
C PHE G 349 -1.88 -19.32 -40.37
N ASP G 350 -0.76 -19.71 -40.99
CA ASP G 350 0.35 -18.80 -41.24
C ASP G 350 0.99 -19.17 -42.57
N GLU G 351 1.75 -18.23 -43.15
CA GLU G 351 2.46 -18.49 -44.40
C GLU G 351 3.47 -19.61 -44.20
N ILE G 352 4.20 -19.53 -43.10
CA ILE G 352 5.16 -20.56 -42.73
C ILE G 352 4.46 -21.90 -42.48
N GLU G 353 3.37 -21.85 -41.72
CA GLU G 353 2.60 -23.04 -41.39
C GLU G 353 2.05 -23.72 -42.65
N GLN G 354 1.43 -22.92 -43.51
CA GLN G 354 0.91 -23.42 -44.78
C GLN G 354 2.02 -23.99 -45.64
N ASP G 355 3.18 -23.34 -45.59
CA ASP G 355 4.35 -23.80 -46.35
C ASP G 355 4.78 -25.20 -45.90
N LEU G 356 5.13 -25.32 -44.62
CA LEU G 356 5.58 -26.59 -44.05
C LEU G 356 4.54 -27.70 -44.20
N THR G 357 3.27 -27.36 -43.98
CA THR G 357 2.18 -28.31 -44.13
C THR G 357 2.13 -28.82 -45.56
N GLN G 358 2.10 -27.88 -46.52
CA GLN G 358 2.08 -28.23 -47.94
C GLN G 358 3.29 -29.08 -48.32
N ARG G 359 4.41 -28.85 -47.64
CA ARG G 359 5.60 -29.67 -47.84
C ARG G 359 5.36 -31.09 -47.33
N PHE G 360 4.64 -31.20 -46.22
CA PHE G 360 4.40 -32.49 -45.58
C PHE G 360 3.41 -33.37 -46.37
N GLU G 361 2.30 -32.78 -46.81
CA GLU G 361 1.28 -33.56 -47.50
C GLU G 361 1.77 -34.06 -48.85
N GLU G 362 2.86 -33.47 -49.35
CA GLU G 362 3.50 -33.97 -50.56
C GLU G 362 4.06 -35.37 -50.31
N LYS G 363 4.73 -35.53 -49.17
CA LYS G 363 5.35 -36.80 -48.81
C LYS G 363 4.36 -37.73 -48.11
N LEU G 364 3.20 -37.20 -47.75
CA LEU G 364 2.19 -37.97 -47.01
C LEU G 364 1.79 -39.29 -47.69
N GLN G 365 1.44 -39.21 -48.97
CA GLN G 365 0.97 -40.38 -49.72
C GLN G 365 2.02 -41.50 -49.73
N GLU G 366 3.28 -41.12 -49.95
CA GLU G 366 4.38 -42.08 -49.91
C GLU G 366 4.55 -42.63 -48.50
N LEU G 367 4.37 -41.75 -47.51
CA LEU G 367 4.51 -42.13 -46.11
C LEU G 367 3.50 -43.19 -45.70
N GLU G 368 2.28 -43.08 -46.20
CA GLU G 368 1.25 -44.08 -45.88
C GLU G 368 1.33 -45.26 -46.84
N SER G 369 2.02 -45.08 -47.96
CA SER G 369 2.32 -46.20 -48.84
C SER G 369 3.35 -47.11 -48.18
N VAL G 370 4.20 -46.50 -47.36
CA VAL G 370 5.20 -47.23 -46.60
C VAL G 370 4.60 -47.77 -45.31
N SER G 371 3.72 -46.99 -44.70
CA SER G 371 3.11 -47.35 -43.41
C SER G 371 2.11 -48.50 -43.55
N ARG G 372 1.41 -48.55 -44.68
CA ARG G 372 0.44 -49.61 -44.91
C ARG G 372 1.10 -50.85 -45.49
N ASP G 373 2.43 -50.84 -45.55
CA ASP G 373 3.19 -51.98 -46.06
C ASP G 373 3.55 -52.95 -44.94
N PRO G 374 3.18 -54.23 -45.12
CA PRO G 374 3.40 -55.29 -44.13
C PRO G 374 4.87 -55.52 -43.78
N SER G 375 5.76 -55.40 -44.77
CA SER G 375 7.19 -55.62 -44.54
C SER G 375 7.77 -54.54 -43.63
N ASN G 376 7.09 -53.40 -43.55
CA ASN G 376 7.51 -52.31 -42.68
C ASN G 376 6.98 -52.49 -41.26
N GLU G 377 7.32 -53.62 -40.64
CA GLU G 377 6.85 -53.92 -39.29
C GLU G 377 7.99 -53.88 -38.28
N ASN G 378 7.64 -53.58 -37.03
CA ASN G 378 8.61 -53.47 -35.95
C ASN G 378 8.82 -54.81 -35.23
N PRO G 379 10.08 -55.29 -35.20
CA PRO G 379 10.41 -56.52 -34.48
C PRO G 379 10.16 -56.43 -32.98
N LYS G 380 10.35 -55.23 -32.41
CA LYS G 380 10.11 -55.01 -30.99
C LYS G 380 8.65 -55.24 -30.63
N LEU G 381 7.76 -54.94 -31.58
CA LEU G 381 6.34 -55.18 -31.39
C LEU G 381 6.01 -56.63 -31.72
N GLU G 382 6.80 -57.22 -32.60
CA GLU G 382 6.60 -58.60 -33.02
C GLU G 382 6.88 -59.56 -31.86
N ASP G 383 7.95 -59.29 -31.13
CA ASP G 383 8.30 -60.13 -29.98
C ASP G 383 7.31 -59.94 -28.85
N LEU G 384 6.79 -58.73 -28.69
CA LEU G 384 5.76 -58.45 -27.70
C LEU G 384 4.50 -59.24 -28.04
N CYS G 385 4.16 -59.24 -29.32
CA CYS G 385 3.02 -60.01 -29.81
C CYS G 385 3.24 -61.51 -29.57
N PHE G 386 4.49 -61.93 -29.70
CA PHE G 386 4.87 -63.33 -29.46
C PHE G 386 4.61 -63.70 -28.00
N ILE G 387 5.17 -62.91 -27.09
CA ILE G 387 5.04 -63.13 -25.66
C ILE G 387 3.56 -63.11 -25.24
N LEU G 388 2.82 -62.14 -25.74
CA LEU G 388 1.40 -62.03 -25.45
C LEU G 388 0.64 -63.26 -25.93
N GLN G 389 0.86 -63.64 -27.18
CA GLN G 389 0.20 -64.80 -27.77
C GLN G 389 0.47 -66.07 -26.99
N GLU G 390 1.75 -66.32 -26.68
CA GLU G 390 2.14 -67.51 -25.95
C GLU G 390 1.57 -67.54 -24.55
N GLU G 391 1.76 -66.45 -23.81
CA GLU G 391 1.32 -66.38 -22.42
C GLU G 391 -0.19 -66.40 -22.28
N TYR G 392 -0.90 -65.95 -23.31
CA TYR G 392 -2.36 -66.00 -23.30
C TYR G 392 -2.86 -67.33 -23.88
N HIS G 393 -1.97 -68.05 -24.55
CA HIS G 393 -2.30 -69.39 -25.04
C HIS G 393 -2.20 -70.40 -23.90
N LEU G 394 -1.12 -70.31 -23.14
CA LEU G 394 -0.91 -71.19 -21.99
C LEU G 394 -1.95 -70.91 -20.90
N ASN G 395 -2.36 -69.65 -20.81
CA ASN G 395 -3.32 -69.22 -19.79
C ASN G 395 -4.18 -68.05 -20.30
N PRO G 396 -5.38 -68.36 -20.78
CA PRO G 396 -6.30 -67.35 -21.32
C PRO G 396 -6.94 -66.46 -20.25
N GLU G 397 -6.64 -66.71 -18.98
CA GLU G 397 -7.13 -65.87 -17.89
C GLU G 397 -6.05 -64.90 -17.42
N THR G 398 -5.09 -64.61 -18.29
CA THR G 398 -3.95 -63.78 -17.94
C THR G 398 -4.31 -62.30 -17.80
N ILE G 399 -3.89 -61.70 -16.69
CA ILE G 399 -4.01 -60.25 -16.50
C ILE G 399 -2.64 -59.60 -16.68
N THR G 400 -2.54 -58.75 -17.70
CA THR G 400 -1.26 -58.16 -18.07
C THR G 400 -1.18 -56.68 -17.68
N ILE G 401 0.03 -56.23 -17.36
CA ILE G 401 0.29 -54.80 -17.21
C ILE G 401 1.51 -54.48 -18.07
N LEU G 402 1.52 -53.29 -18.67
CA LEU G 402 2.55 -52.92 -19.62
C LEU G 402 3.06 -51.51 -19.37
N PHE G 403 4.31 -51.40 -18.93
CA PHE G 403 4.89 -50.10 -18.62
C PHE G 403 5.70 -49.54 -19.79
N VAL G 404 5.45 -48.27 -20.10
CA VAL G 404 6.17 -47.58 -21.17
C VAL G 404 6.65 -46.20 -20.71
N LYS G 405 7.50 -45.57 -21.51
CA LYS G 405 8.07 -44.29 -21.14
C LYS G 405 7.07 -43.14 -21.25
N THR G 406 6.49 -42.97 -22.44
CA THR G 406 5.64 -41.82 -22.71
C THR G 406 4.17 -42.18 -22.94
N ARG G 407 3.33 -41.16 -23.01
CA ARG G 407 1.90 -41.35 -23.27
C ARG G 407 1.65 -41.69 -24.74
N ALA G 408 2.49 -41.13 -25.61
CA ALA G 408 2.42 -41.40 -27.04
C ALA G 408 2.54 -42.90 -27.30
N LEU G 409 3.42 -43.55 -26.53
CA LEU G 409 3.60 -44.99 -26.64
C LEU G 409 2.41 -45.74 -26.06
N VAL G 410 1.74 -45.12 -25.08
CA VAL G 410 0.52 -45.71 -24.53
C VAL G 410 -0.55 -45.78 -25.60
N ASP G 411 -0.82 -44.63 -26.22
CA ASP G 411 -1.83 -44.56 -27.28
C ASP G 411 -1.45 -45.44 -28.46
N ALA G 412 -0.18 -45.38 -28.84
CA ALA G 412 0.32 -46.15 -29.99
C ALA G 412 0.17 -47.65 -29.76
N LEU G 413 0.55 -48.12 -28.58
CA LEU G 413 0.46 -49.54 -28.25
C LEU G 413 -0.99 -49.98 -28.08
N LYS G 414 -1.83 -49.09 -27.59
CA LYS G 414 -3.25 -49.39 -27.44
C LYS G 414 -3.90 -49.58 -28.81
N ASN G 415 -3.61 -48.66 -29.72
CA ASN G 415 -4.12 -48.74 -31.08
C ASN G 415 -3.53 -49.92 -31.83
N TRP G 416 -2.30 -50.29 -31.48
CA TRP G 416 -1.63 -51.44 -32.08
C TRP G 416 -2.31 -52.73 -31.63
N ILE G 417 -2.64 -52.80 -30.34
CA ILE G 417 -3.35 -53.95 -29.79
C ILE G 417 -4.74 -54.07 -30.42
N GLU G 418 -5.48 -52.96 -30.43
CA GLU G 418 -6.82 -52.96 -31.00
C GLU G 418 -6.80 -53.19 -32.51
N GLY G 419 -5.69 -52.82 -33.16
CA GLY G 419 -5.57 -52.97 -34.59
C GLY G 419 -4.64 -54.10 -35.00
N ASN G 420 -4.83 -55.26 -34.39
CA ASN G 420 -4.00 -56.44 -34.68
C ASN G 420 -4.83 -57.71 -34.69
N PRO G 421 -4.87 -58.40 -35.84
CA PRO G 421 -5.56 -59.68 -35.97
C PRO G 421 -4.97 -60.74 -35.03
N LYS G 422 -3.67 -60.65 -34.79
CA LYS G 422 -2.97 -61.59 -33.92
C LYS G 422 -3.47 -61.52 -32.48
N LEU G 423 -3.77 -60.32 -32.02
CA LEU G 423 -4.14 -60.09 -30.62
C LEU G 423 -5.61 -59.70 -30.47
N SER G 424 -6.50 -60.49 -31.05
CA SER G 424 -7.94 -60.21 -30.99
C SER G 424 -8.54 -60.65 -29.66
N PHE G 425 -7.70 -61.17 -28.78
CA PHE G 425 -8.14 -61.66 -27.47
C PHE G 425 -7.84 -60.65 -26.37
N LEU G 426 -7.32 -59.49 -26.76
CA LEU G 426 -6.89 -58.47 -25.81
C LEU G 426 -7.84 -57.27 -25.76
N LYS G 427 -8.29 -56.95 -24.56
CA LYS G 427 -9.08 -55.74 -24.33
C LYS G 427 -8.27 -54.77 -23.48
N PRO G 428 -7.58 -53.82 -24.14
CA PRO G 428 -6.64 -52.90 -23.48
C PRO G 428 -7.31 -51.83 -22.62
N GLY G 429 -6.58 -51.36 -21.61
CA GLY G 429 -7.02 -50.28 -20.75
C GLY G 429 -5.89 -49.28 -20.58
N ILE G 430 -6.19 -48.14 -19.95
CA ILE G 430 -5.20 -47.08 -19.81
C ILE G 430 -4.98 -46.70 -18.35
N LEU G 431 -3.72 -46.51 -17.98
CA LEU G 431 -3.37 -46.00 -16.65
C LEU G 431 -2.32 -44.91 -16.78
N THR G 432 -2.78 -43.72 -17.18
CA THR G 432 -1.89 -42.58 -17.37
C THR G 432 -2.11 -41.55 -16.26
N GLY G 433 -1.02 -40.93 -15.80
CA GLY G 433 -1.08 -39.94 -14.74
C GLY G 433 -1.97 -38.75 -15.04
N ARG G 434 -2.52 -38.14 -13.99
CA ARG G 434 -3.41 -37.00 -14.13
C ARG G 434 -2.65 -35.75 -14.57
N ASP G 460 -12.92 -56.00 -15.86
CA ASP G 460 -12.87 -54.85 -16.74
C ASP G 460 -12.12 -55.15 -18.03
N HIS G 461 -10.81 -55.35 -17.91
CA HIS G 461 -9.95 -55.51 -19.08
C HIS G 461 -9.01 -56.71 -18.94
N ASN G 462 -8.17 -56.91 -19.95
CA ASN G 462 -7.14 -57.94 -19.93
C ASN G 462 -5.78 -57.34 -19.63
N ILE G 463 -5.40 -56.35 -20.41
CA ILE G 463 -4.09 -55.74 -20.29
C ILE G 463 -4.17 -54.23 -20.05
N LEU G 464 -3.55 -53.78 -18.97
CA LEU G 464 -3.45 -52.35 -18.67
C LEU G 464 -2.19 -51.77 -19.30
N ILE G 465 -2.30 -50.57 -19.85
CA ILE G 465 -1.13 -49.89 -20.41
C ILE G 465 -0.85 -48.61 -19.64
N ALA G 466 0.29 -48.57 -18.96
CA ALA G 466 0.60 -47.45 -18.07
C ALA G 466 1.96 -46.84 -18.37
N THR G 467 2.09 -45.56 -18.04
CA THR G 467 3.37 -44.88 -18.16
C THR G 467 4.25 -45.24 -16.96
N SER G 468 3.87 -44.76 -15.79
CA SER G 468 4.59 -45.07 -14.57
C SER G 468 3.72 -44.81 -13.36
N VAL G 469 4.03 -45.50 -12.25
CA VAL G 469 3.31 -45.28 -11.01
C VAL G 469 4.29 -44.94 -9.89
N ALA G 470 4.13 -43.76 -9.31
CA ALA G 470 4.96 -43.35 -8.19
C ALA G 470 4.70 -44.25 -7.00
N ASP G 471 5.79 -44.79 -6.44
CA ASP G 471 5.72 -45.69 -5.29
C ASP G 471 4.83 -46.90 -5.57
N GLU G 472 4.20 -47.43 -4.52
CA GLU G 472 3.32 -48.57 -4.66
C GLU G 472 1.91 -48.13 -5.06
N GLY G 473 1.37 -47.16 -4.33
CA GLY G 473 0.04 -46.65 -4.61
C GLY G 473 -1.05 -47.58 -4.11
N ILE G 474 -2.29 -47.25 -4.45
CA ILE G 474 -3.43 -48.08 -4.07
C ILE G 474 -3.33 -49.46 -4.73
N ASP G 475 -3.43 -50.51 -3.93
CA ASP G 475 -3.28 -51.88 -4.42
C ASP G 475 -4.30 -52.20 -5.50
N ILE G 476 -3.82 -52.32 -6.73
CA ILE G 476 -4.68 -52.62 -7.88
C ILE G 476 -4.87 -54.11 -8.05
N ALA G 477 -5.62 -54.49 -9.07
CA ALA G 477 -5.86 -55.90 -9.39
C ALA G 477 -4.54 -56.60 -9.71
N GLN G 478 -4.46 -57.88 -9.38
CA GLN G 478 -3.22 -58.63 -9.55
C GLN G 478 -2.95 -58.98 -11.01
N CYS G 479 -1.75 -58.64 -11.47
CA CYS G 479 -1.31 -58.97 -12.82
C CYS G 479 -0.28 -60.08 -12.80
N ASN G 480 -0.64 -61.24 -13.35
CA ASN G 480 0.29 -62.37 -13.39
C ASN G 480 1.27 -62.25 -14.55
N LEU G 481 1.25 -61.09 -15.21
CA LEU G 481 2.20 -60.81 -16.28
C LEU G 481 2.54 -59.33 -16.33
N VAL G 482 3.77 -58.99 -15.93
CA VAL G 482 4.27 -57.63 -16.05
C VAL G 482 5.19 -57.56 -17.27
N ILE G 483 5.03 -56.52 -18.08
CA ILE G 483 5.87 -56.34 -19.25
C ILE G 483 6.45 -54.93 -19.28
N LEU G 484 7.78 -54.84 -19.33
CA LEU G 484 8.45 -53.57 -19.37
C LEU G 484 8.94 -53.27 -20.79
N TYR G 485 8.33 -52.27 -21.41
CA TYR G 485 8.62 -51.92 -22.80
C TYR G 485 9.50 -50.67 -22.86
N GLU G 486 10.81 -50.88 -22.96
CA GLU G 486 11.80 -49.81 -22.94
C GLU G 486 11.69 -48.99 -21.66
N TYR G 487 11.27 -49.66 -20.58
CA TYR G 487 10.98 -48.99 -19.32
C TYR G 487 11.80 -49.59 -18.19
N VAL G 488 12.77 -48.83 -17.68
CA VAL G 488 13.59 -49.28 -16.57
C VAL G 488 13.88 -48.12 -15.61
N GLY G 489 13.57 -48.33 -14.33
CA GLY G 489 13.80 -47.33 -13.32
C GLY G 489 14.86 -47.75 -12.32
N ASN G 490 14.81 -47.16 -11.13
CA ASN G 490 15.79 -47.46 -10.09
C ASN G 490 15.48 -48.76 -9.35
N VAL G 491 16.24 -49.03 -8.30
CA VAL G 491 16.09 -50.26 -7.53
C VAL G 491 14.77 -50.30 -6.77
N ILE G 492 14.41 -49.18 -6.15
CA ILE G 492 13.19 -49.09 -5.36
C ILE G 492 11.95 -49.36 -6.22
N LYS G 493 11.90 -48.72 -7.38
CA LYS G 493 10.79 -48.93 -8.31
C LYS G 493 10.75 -50.38 -8.79
N MET G 494 11.93 -50.97 -8.98
CA MET G 494 12.03 -52.35 -9.40
C MET G 494 11.43 -53.28 -8.35
N ILE G 495 11.77 -53.04 -7.08
CA ILE G 495 11.26 -53.86 -5.99
C ILE G 495 9.76 -53.66 -5.82
N GLN G 496 9.30 -52.43 -5.93
CA GLN G 496 7.88 -52.11 -5.80
C GLN G 496 7.05 -52.75 -6.92
N THR G 497 7.65 -52.85 -8.10
CA THR G 497 6.97 -53.39 -9.27
C THR G 497 6.61 -54.86 -9.08
N ARG G 498 7.34 -55.54 -8.21
CA ARG G 498 7.06 -56.95 -7.91
C ARG G 498 5.72 -57.11 -7.21
N GLY G 499 5.18 -56.01 -6.69
CA GLY G 499 3.89 -56.02 -6.01
C GLY G 499 2.75 -56.29 -6.95
N ARG G 500 2.93 -55.97 -8.24
CA ARG G 500 1.90 -56.18 -9.24
C ARG G 500 1.57 -57.66 -9.40
N GLY G 501 2.58 -58.50 -9.29
CA GLY G 501 2.40 -59.94 -9.39
C GLY G 501 3.01 -60.68 -8.22
N ARG G 502 2.37 -60.59 -7.06
CA ARG G 502 2.86 -61.27 -5.86
C ARG G 502 2.21 -62.64 -5.71
N ALA G 503 1.64 -63.15 -6.80
CA ALA G 503 1.06 -64.48 -6.82
C ALA G 503 2.04 -65.47 -7.43
N ARG G 504 1.87 -66.75 -7.10
CA ARG G 504 2.75 -67.79 -7.63
C ARG G 504 2.62 -67.91 -9.15
N GLY G 505 3.76 -68.05 -9.83
CA GLY G 505 3.77 -68.23 -11.26
C GLY G 505 3.78 -66.94 -12.04
N SER G 506 3.79 -65.82 -11.33
CA SER G 506 3.84 -64.51 -11.97
C SER G 506 5.15 -64.33 -12.72
N LYS G 507 5.10 -63.62 -13.84
CA LYS G 507 6.28 -63.42 -14.68
C LYS G 507 6.45 -61.95 -15.05
N CYS G 508 7.69 -61.53 -15.27
CA CYS G 508 7.98 -60.15 -15.62
C CYS G 508 9.02 -60.06 -16.73
N PHE G 509 8.56 -59.72 -17.94
CA PHE G 509 9.44 -59.62 -19.10
C PHE G 509 9.98 -58.21 -19.27
N LEU G 510 11.14 -58.10 -19.91
CA LEU G 510 11.76 -56.81 -20.19
C LEU G 510 12.21 -56.74 -21.65
N LEU G 511 11.39 -56.13 -22.49
CA LEU G 511 11.68 -56.04 -23.91
C LEU G 511 12.49 -54.78 -24.23
N THR G 512 13.61 -54.94 -24.92
CA THR G 512 14.41 -53.78 -25.29
C THR G 512 15.30 -53.99 -26.51
N SER G 513 15.66 -52.88 -27.14
CA SER G 513 16.59 -52.89 -28.27
C SER G 513 17.83 -52.08 -27.90
N ASN G 514 18.10 -52.01 -26.61
CA ASN G 514 19.23 -51.25 -26.08
C ASN G 514 19.89 -52.00 -24.93
N ALA G 515 21.14 -52.41 -25.13
CA ALA G 515 21.87 -53.19 -24.14
C ALA G 515 22.06 -52.42 -22.84
N GLY G 516 22.19 -51.10 -22.95
CA GLY G 516 22.35 -50.24 -21.79
C GLY G 516 21.18 -50.34 -20.85
N VAL G 517 20.00 -50.62 -21.39
CA VAL G 517 18.80 -50.83 -20.59
C VAL G 517 18.92 -52.12 -19.79
N ILE G 518 19.28 -53.19 -20.49
CA ILE G 518 19.50 -54.50 -19.86
C ILE G 518 20.49 -54.39 -18.72
N GLU G 519 21.62 -53.74 -18.98
CA GLU G 519 22.64 -53.56 -17.94
C GLU G 519 22.14 -52.67 -16.81
N LYS G 520 21.33 -51.68 -17.16
CA LYS G 520 20.78 -50.76 -16.17
C LYS G 520 19.82 -51.47 -15.23
N GLU G 521 19.19 -52.53 -15.73
CA GLU G 521 18.33 -53.35 -14.88
C GLU G 521 19.16 -54.40 -14.15
N GLN G 522 20.28 -54.79 -14.74
CA GLN G 522 21.16 -55.77 -14.15
C GLN G 522 21.83 -55.22 -12.89
N ILE G 523 22.28 -53.96 -12.97
CA ILE G 523 22.95 -53.35 -11.83
C ILE G 523 22.00 -53.15 -10.66
N ASN G 524 20.71 -52.94 -10.96
CA ASN G 524 19.71 -52.71 -9.92
C ASN G 524 19.56 -53.89 -8.97
N MET G 525 19.70 -55.10 -9.51
CA MET G 525 19.60 -56.31 -8.70
C MET G 525 20.82 -56.43 -7.79
N TYR G 526 21.98 -56.04 -8.30
CA TYR G 526 23.21 -56.04 -7.51
C TYR G 526 23.10 -55.01 -6.40
N LYS G 527 22.43 -53.91 -6.69
CA LYS G 527 22.23 -52.85 -5.72
C LYS G 527 21.20 -53.26 -4.67
N GLU G 528 20.28 -54.14 -5.07
CA GLU G 528 19.34 -54.73 -4.11
C GLU G 528 20.07 -55.69 -3.19
N LYS G 529 20.99 -56.47 -3.76
CA LYS G 529 21.83 -57.36 -2.98
C LYS G 529 22.63 -56.57 -1.96
N MET G 530 23.27 -55.51 -2.43
CA MET G 530 24.02 -54.59 -1.57
C MET G 530 23.12 -54.00 -0.50
N MET G 531 21.87 -53.72 -0.87
CA MET G 531 20.91 -53.16 0.07
C MET G 531 20.62 -54.13 1.22
N ASN G 532 20.19 -55.33 0.87
CA ASN G 532 19.86 -56.35 1.87
C ASN G 532 21.06 -56.75 2.72
N ASP G 533 22.24 -56.81 2.10
CA ASP G 533 23.45 -57.17 2.82
C ASP G 533 23.85 -56.05 3.79
N SER G 534 23.76 -54.81 3.34
CA SER G 534 24.08 -53.67 4.19
C SER G 534 23.12 -53.59 5.37
N ILE G 535 21.84 -53.83 5.10
CA ILE G 535 20.84 -53.87 6.15
C ILE G 535 21.13 -54.98 7.14
N LEU G 536 21.58 -56.12 6.61
CA LEU G 536 21.85 -57.29 7.44
C LEU G 536 23.08 -57.09 8.32
N ARG G 537 24.04 -56.32 7.83
N ARG G 537 24.03 -56.31 7.83
CA ARG G 537 25.21 -55.99 8.63
CA ARG G 537 25.22 -55.98 8.61
C ARG G 537 24.88 -54.91 9.66
C ARG G 537 24.91 -54.88 9.63
N LEU G 538 23.96 -54.03 9.28
CA LEU G 538 23.54 -52.94 10.17
C LEU G 538 22.67 -53.43 11.32
N GLN G 539 22.06 -54.59 11.13
CA GLN G 539 21.23 -55.18 12.18
C GLN G 539 22.08 -55.87 13.23
N THR G 540 23.37 -56.02 12.94
CA THR G 540 24.30 -56.67 13.86
C THR G 540 24.83 -55.67 14.88
N TRP G 541 24.82 -54.39 14.53
CA TRP G 541 25.28 -53.34 15.43
C TRP G 541 24.37 -53.24 16.64
N ASP G 542 24.90 -52.70 17.74
CA ASP G 542 24.11 -52.47 18.93
C ASP G 542 23.58 -51.04 18.94
N GLU G 543 22.48 -50.83 19.66
CA GLU G 543 21.74 -49.57 19.63
C GLU G 543 22.59 -48.33 19.90
N ALA G 544 23.51 -48.43 20.85
CA ALA G 544 24.34 -47.30 21.26
C ALA G 544 25.17 -46.76 20.10
N VAL G 545 25.92 -47.65 19.45
CA VAL G 545 26.78 -47.26 18.33
C VAL G 545 25.98 -46.66 17.19
N PHE G 546 24.90 -47.33 16.82
CA PHE G 546 24.08 -46.88 15.71
C PHE G 546 23.46 -45.51 15.99
N ARG G 547 22.94 -45.32 17.20
CA ARG G 547 22.34 -44.05 17.57
C ARG G 547 23.39 -42.93 17.63
N GLU G 548 24.59 -43.29 18.07
CA GLU G 548 25.69 -42.33 18.10
C GLU G 548 26.06 -41.87 16.70
N LYS G 549 26.16 -42.83 15.79
CA LYS G 549 26.48 -42.53 14.40
C LYS G 549 25.38 -41.66 13.81
N ILE G 550 24.12 -42.06 14.02
CA ILE G 550 22.97 -41.31 13.55
C ILE G 550 23.00 -39.86 14.01
N LEU G 551 23.22 -39.66 15.31
CA LEU G 551 23.31 -38.32 15.86
C LEU G 551 24.44 -37.54 15.23
N HIS G 552 25.58 -38.21 15.02
CA HIS G 552 26.73 -37.60 14.39
C HIS G 552 26.41 -37.07 12.99
N ILE G 553 25.80 -37.93 12.17
CA ILE G 553 25.45 -37.57 10.80
C ILE G 553 24.43 -36.42 10.82
N GLN G 554 23.37 -36.58 11.61
CA GLN G 554 22.34 -35.54 11.78
C GLN G 554 22.97 -34.19 12.08
N THR G 555 23.88 -34.18 13.04
CA THR G 555 24.61 -32.95 13.38
C THR G 555 25.40 -32.47 12.17
N HIS G 556 25.95 -33.41 11.40
CA HIS G 556 26.72 -33.04 10.23
C HIS G 556 25.88 -32.26 9.21
N GLU G 557 24.82 -32.85 8.67
CA GLU G 557 24.07 -32.08 7.66
C GLU G 557 23.24 -30.96 8.27
N LYS G 558 23.04 -30.97 9.58
CA LYS G 558 22.42 -29.80 10.19
C LYS G 558 23.41 -28.65 10.08
N PHE G 559 24.68 -28.94 10.39
CA PHE G 559 25.75 -27.96 10.22
C PHE G 559 25.86 -27.52 8.77
N ILE G 560 25.63 -28.46 7.85
CA ILE G 560 25.65 -28.14 6.42
C ILE G 560 24.51 -27.19 6.05
N ARG G 561 23.33 -27.43 6.59
CA ARG G 561 22.15 -26.61 6.33
C ARG G 561 22.30 -25.20 6.88
N ASP G 562 22.72 -25.11 8.14
CA ASP G 562 22.82 -23.81 8.82
C ASP G 562 23.88 -22.92 8.20
N SER G 563 25.01 -23.51 7.82
CA SER G 563 26.13 -22.75 7.27
C SER G 563 25.90 -22.36 5.81
N GLN G 564 24.84 -22.88 5.22
CA GLN G 564 24.52 -22.60 3.82
C GLN G 564 24.00 -21.18 3.63
N GLU G 565 22.94 -20.84 4.34
CA GLU G 565 22.32 -19.52 4.23
C GLU G 565 23.25 -18.42 4.74
N PRO G 569 19.07 -12.06 -4.40
CA PRO G 569 19.43 -11.25 -3.23
C PRO G 569 19.59 -9.77 -3.57
N VAL G 570 20.08 -9.48 -4.77
CA VAL G 570 20.24 -8.10 -5.22
C VAL G 570 19.27 -7.80 -6.38
N PRO G 571 18.16 -7.11 -6.07
CA PRO G 571 17.12 -6.81 -7.06
C PRO G 571 17.44 -5.55 -7.87
N ASP G 572 17.69 -5.71 -9.16
CA ASP G 572 17.83 -4.55 -10.03
C ASP G 572 16.45 -3.94 -10.26
N LYS G 573 16.22 -2.77 -9.66
CA LYS G 573 14.90 -2.15 -9.68
C LYS G 573 14.57 -1.54 -11.05
N GLU G 574 15.49 -1.66 -11.99
CA GLU G 574 15.28 -1.14 -13.34
C GLU G 574 14.11 -1.84 -14.02
N ASN G 575 13.32 -1.07 -14.76
CA ASN G 575 12.16 -1.62 -15.46
C ASN G 575 12.58 -2.42 -16.69
N LYS G 576 11.87 -3.52 -16.94
CA LYS G 576 12.14 -4.37 -18.09
C LYS G 576 10.84 -4.77 -18.77
N LYS G 577 10.87 -4.80 -20.11
CA LYS G 577 9.71 -5.19 -20.89
C LYS G 577 9.59 -6.71 -21.01
N LEU G 578 8.42 -7.24 -20.67
CA LEU G 578 8.12 -8.65 -20.88
C LEU G 578 7.45 -8.84 -22.23
N LEU G 579 8.11 -9.60 -23.10
CA LEU G 579 7.64 -9.83 -24.46
C LEU G 579 7.20 -11.27 -24.68
N CYS G 580 6.46 -11.50 -25.75
CA CYS G 580 6.01 -12.85 -26.11
C CYS G 580 7.15 -13.64 -26.73
N ARG G 581 7.40 -14.85 -26.21
CA ARG G 581 8.51 -15.67 -26.69
C ARG G 581 8.31 -16.21 -28.10
N LYS G 582 7.17 -15.89 -28.72
CA LYS G 582 6.88 -16.34 -30.07
C LYS G 582 6.70 -15.16 -31.02
N CYS G 583 6.18 -14.05 -30.49
CA CYS G 583 5.89 -12.87 -31.30
C CYS G 583 6.86 -11.73 -31.05
N LYS G 584 7.56 -11.77 -29.91
CA LYS G 584 8.42 -10.68 -29.46
C LYS G 584 7.62 -9.38 -29.31
N ALA G 585 6.32 -9.52 -29.10
CA ALA G 585 5.44 -8.37 -28.91
C ALA G 585 5.34 -8.01 -27.43
N LEU G 586 5.11 -6.73 -27.17
CA LEU G 586 5.06 -6.24 -25.80
C LEU G 586 3.89 -6.83 -25.02
N ALA G 587 4.18 -7.71 -24.08
CA ALA G 587 3.15 -8.27 -23.21
C ALA G 587 2.90 -7.33 -22.04
N CYS G 588 3.97 -6.98 -21.33
CA CYS G 588 3.81 -6.05 -20.20
C CYS G 588 5.14 -5.45 -19.73
N TYR G 589 5.12 -4.89 -18.52
CA TYR G 589 6.31 -4.36 -17.88
C TYR G 589 6.48 -4.96 -16.49
N THR G 590 7.72 -5.02 -16.01
CA THR G 590 8.01 -5.59 -14.70
C THR G 590 7.37 -4.78 -13.57
N ALA G 591 7.11 -3.50 -13.83
CA ALA G 591 6.49 -2.63 -12.85
C ALA G 591 5.02 -2.98 -12.67
N ASP G 592 4.38 -3.40 -13.75
CA ASP G 592 2.97 -3.77 -13.71
C ASP G 592 2.76 -5.11 -13.04
N VAL G 593 3.83 -5.89 -12.92
CA VAL G 593 3.75 -7.23 -12.36
C VAL G 593 3.70 -7.21 -10.83
N ARG G 594 2.69 -7.86 -10.27
CA ARG G 594 2.57 -7.98 -8.82
C ARG G 594 2.71 -9.44 -8.40
N VAL G 595 3.31 -9.68 -7.23
CA VAL G 595 3.59 -11.03 -6.79
C VAL G 595 2.68 -11.47 -5.63
N ILE G 596 2.02 -12.60 -5.80
CA ILE G 596 1.12 -13.16 -4.80
C ILE G 596 1.74 -14.39 -4.13
N GLU G 597 1.71 -14.39 -2.80
CA GLU G 597 2.19 -15.52 -1.99
C GLU G 597 3.65 -15.86 -2.26
N GLU G 598 4.40 -14.87 -2.77
CA GLU G 598 5.82 -15.02 -3.06
C GLU G 598 6.11 -16.20 -3.99
N CYS G 599 5.14 -16.56 -4.82
CA CYS G 599 5.29 -17.69 -5.73
C CYS G 599 4.57 -17.46 -7.06
N HIS G 600 3.41 -16.83 -7.00
CA HIS G 600 2.61 -16.59 -8.20
C HIS G 600 2.75 -15.15 -8.65
N TYR G 601 2.47 -14.88 -9.93
CA TYR G 601 2.70 -13.56 -10.49
C TYR G 601 1.59 -13.12 -11.44
N THR G 602 1.09 -11.92 -11.23
CA THR G 602 0.00 -11.37 -12.04
C THR G 602 0.40 -10.04 -12.68
N VAL G 603 -0.44 -9.53 -13.57
CA VAL G 603 -0.20 -8.27 -14.25
C VAL G 603 -1.32 -7.27 -13.95
N LEU G 604 -0.94 -6.02 -13.72
CA LEU G 604 -1.90 -4.97 -13.39
C LEU G 604 -2.18 -4.05 -14.59
N GLY G 605 -3.30 -3.36 -14.56
CA GLY G 605 -3.64 -2.38 -15.59
C GLY G 605 -4.55 -2.92 -16.68
N ASP G 606 -5.35 -2.03 -17.25
CA ASP G 606 -6.25 -2.39 -18.33
C ASP G 606 -5.50 -2.51 -19.67
N ALA G 607 -4.24 -2.11 -19.66
CA ALA G 607 -3.42 -2.16 -20.87
C ALA G 607 -3.10 -3.60 -21.24
N PHE G 608 -2.90 -4.44 -20.22
CA PHE G 608 -2.55 -5.84 -20.43
C PHE G 608 -3.74 -6.66 -20.92
N LYS G 609 -4.94 -6.23 -20.57
CA LYS G 609 -6.16 -6.97 -20.90
C LYS G 609 -6.40 -7.06 -22.41
N GLU G 610 -5.77 -6.18 -23.18
CA GLU G 610 -5.96 -6.17 -24.62
C GLU G 610 -4.96 -7.09 -25.32
N CYS G 611 -3.95 -7.53 -24.57
CA CYS G 611 -2.84 -8.26 -25.17
C CYS G 611 -3.03 -9.78 -25.18
N PHE G 612 -4.04 -10.28 -24.48
CA PHE G 612 -4.25 -11.72 -24.40
C PHE G 612 -5.69 -12.15 -24.70
N VAL G 613 -5.86 -13.45 -24.92
CA VAL G 613 -7.17 -14.04 -25.11
C VAL G 613 -7.34 -15.23 -24.17
N SER G 614 -8.58 -15.65 -23.95
CA SER G 614 -8.86 -16.71 -22.98
C SER G 614 -9.68 -17.85 -23.57
N ARG G 615 -9.38 -19.07 -23.14
CA ARG G 615 -10.18 -20.23 -23.49
C ARG G 615 -10.38 -21.13 -22.27
N PRO G 616 -11.64 -21.47 -21.97
CA PRO G 616 -12.01 -22.23 -20.76
C PRO G 616 -11.11 -23.44 -20.52
N HIS G 617 -10.47 -23.46 -19.35
CA HIS G 617 -9.48 -24.47 -19.00
C HIS G 617 -10.01 -25.89 -19.14
N PRO G 618 -9.31 -26.73 -19.92
CA PRO G 618 -9.69 -28.13 -20.13
C PRO G 618 -9.63 -28.94 -18.84
N LYS G 619 -8.73 -28.57 -17.94
CA LYS G 619 -8.61 -29.24 -16.66
C LYS G 619 -8.50 -28.24 -15.51
N PRO G 620 -9.64 -27.64 -15.13
CA PRO G 620 -9.67 -26.66 -14.04
C PRO G 620 -9.38 -27.30 -12.68
N LYS G 621 -8.81 -26.54 -11.77
CA LYS G 621 -8.41 -27.08 -10.47
C LYS G 621 -8.46 -26.01 -9.39
N GLN G 622 -8.84 -26.41 -8.17
CA GLN G 622 -8.90 -25.50 -7.04
C GLN G 622 -7.69 -25.68 -6.15
N PHE G 623 -6.52 -25.27 -6.65
CA PHE G 623 -5.27 -25.42 -5.91
C PHE G 623 -5.04 -24.24 -4.96
N SER G 624 -4.59 -24.55 -3.74
CA SER G 624 -4.32 -23.54 -2.72
C SER G 624 -5.50 -22.60 -2.51
N SER G 625 -5.26 -21.31 -2.74
CA SER G 625 -6.32 -20.30 -2.63
C SER G 625 -6.68 -19.75 -4.01
N PHE G 626 -6.51 -20.58 -5.03
CA PHE G 626 -6.79 -20.17 -6.40
C PHE G 626 -7.80 -21.13 -7.06
N GLU G 627 -8.47 -20.64 -8.10
CA GLU G 627 -9.38 -21.48 -8.86
C GLU G 627 -9.21 -21.25 -10.37
N LYS G 628 -8.62 -22.23 -11.06
CA LYS G 628 -8.39 -22.12 -12.49
C LYS G 628 -9.70 -21.97 -13.27
N ARG G 629 -9.83 -20.86 -13.98
CA ARG G 629 -11.02 -20.62 -14.78
C ARG G 629 -10.77 -20.85 -16.28
N ALA G 630 -9.62 -20.38 -16.76
CA ALA G 630 -9.31 -20.51 -18.18
C ALA G 630 -7.82 -20.37 -18.47
N LYS G 631 -7.44 -20.79 -19.68
CA LYS G 631 -6.09 -20.62 -20.19
C LYS G 631 -5.96 -19.30 -20.93
N ILE G 632 -4.77 -18.71 -20.87
CA ILE G 632 -4.51 -17.41 -21.47
C ILE G 632 -3.41 -17.50 -22.54
N PHE G 633 -3.72 -17.01 -23.74
CA PHE G 633 -2.78 -17.06 -24.85
C PHE G 633 -2.54 -15.67 -25.44
N CYS G 634 -1.52 -15.57 -26.30
CA CYS G 634 -1.22 -14.32 -26.98
C CYS G 634 -2.35 -13.96 -27.94
N ALA G 635 -2.49 -12.68 -28.24
CA ALA G 635 -3.61 -12.21 -29.04
C ALA G 635 -3.21 -11.67 -30.41
N ARG G 636 -1.92 -11.33 -30.56
CA ARG G 636 -1.44 -10.74 -31.80
C ARG G 636 -1.49 -11.73 -32.96
N GLN G 637 -2.47 -11.54 -33.83
CA GLN G 637 -2.63 -12.33 -35.06
C GLN G 637 -2.70 -13.84 -34.77
N ASN G 638 -2.28 -14.63 -35.75
CA ASN G 638 -2.28 -16.07 -35.61
C ASN G 638 -1.10 -16.57 -34.76
N CYS G 639 -1.11 -16.21 -33.49
CA CYS G 639 -0.06 -16.63 -32.57
C CYS G 639 -0.60 -17.59 -31.51
N SER G 640 -1.32 -17.02 -30.54
CA SER G 640 -1.93 -17.80 -29.46
C SER G 640 -0.91 -18.66 -28.71
N HIS G 641 0.16 -18.03 -28.24
CA HIS G 641 1.17 -18.74 -27.47
C HIS G 641 0.80 -18.76 -25.98
N ASP G 642 1.04 -19.90 -25.33
CA ASP G 642 0.68 -20.09 -23.94
C ASP G 642 1.40 -19.14 -23.00
N TRP G 643 0.72 -18.08 -22.57
CA TRP G 643 1.27 -17.12 -21.63
C TRP G 643 1.06 -17.55 -20.19
N GLY G 644 -0.17 -17.97 -19.88
CA GLY G 644 -0.50 -18.40 -18.54
C GLY G 644 -1.98 -18.75 -18.41
N ILE G 645 -2.52 -18.60 -17.20
CA ILE G 645 -3.91 -18.94 -16.94
C ILE G 645 -4.67 -17.76 -16.37
N HIS G 646 -5.98 -17.93 -16.21
CA HIS G 646 -6.80 -16.90 -15.57
C HIS G 646 -7.57 -17.53 -14.42
N VAL G 647 -7.29 -17.06 -13.20
CA VAL G 647 -7.85 -17.69 -12.01
C VAL G 647 -8.69 -16.76 -11.15
N LYS G 648 -9.46 -17.38 -10.27
CA LYS G 648 -10.19 -16.67 -9.23
C LYS G 648 -9.43 -16.80 -7.91
N TYR G 649 -8.98 -15.66 -7.39
CA TYR G 649 -8.24 -15.62 -6.15
C TYR G 649 -8.86 -14.64 -5.17
N LYS G 650 -9.30 -15.15 -4.03
CA LYS G 650 -9.99 -14.35 -3.02
C LYS G 650 -11.21 -13.65 -3.61
N THR G 651 -11.11 -12.33 -3.77
CA THR G 651 -12.21 -11.55 -4.33
C THR G 651 -11.83 -10.88 -5.64
N PHE G 652 -10.89 -11.48 -6.36
CA PHE G 652 -10.41 -10.93 -7.62
C PHE G 652 -10.31 -11.99 -8.72
N GLU G 653 -10.78 -11.65 -9.91
CA GLU G 653 -10.56 -12.48 -11.09
C GLU G 653 -9.33 -11.97 -11.84
N ILE G 654 -8.21 -12.68 -11.69
CA ILE G 654 -6.93 -12.16 -12.16
C ILE G 654 -6.18 -13.12 -13.08
N PRO G 655 -5.40 -12.56 -14.02
CA PRO G 655 -4.51 -13.35 -14.90
C PRO G 655 -3.17 -13.65 -14.25
N VAL G 656 -2.76 -14.91 -14.27
CA VAL G 656 -1.46 -15.32 -13.74
C VAL G 656 -0.58 -15.84 -14.87
N ILE G 657 0.65 -15.33 -14.94
CA ILE G 657 1.56 -15.67 -16.02
C ILE G 657 2.76 -16.50 -15.56
N LYS G 658 3.41 -17.17 -16.51
CA LYS G 658 4.65 -17.88 -16.24
C LYS G 658 5.78 -17.30 -17.09
N ILE G 659 6.93 -17.05 -16.46
CA ILE G 659 8.04 -16.38 -17.12
C ILE G 659 8.73 -17.29 -18.12
N GLU G 660 8.33 -18.56 -18.15
CA GLU G 660 8.90 -19.54 -19.06
C GLU G 660 8.46 -19.28 -20.50
N SER G 661 7.53 -18.36 -20.68
CA SER G 661 7.02 -18.03 -22.01
C SER G 661 7.12 -16.53 -22.29
N PHE G 662 8.05 -15.87 -21.63
CA PHE G 662 8.26 -14.44 -21.84
C PHE G 662 9.74 -14.09 -21.94
N VAL G 663 10.05 -13.11 -22.80
CA VAL G 663 11.41 -12.60 -22.95
C VAL G 663 11.58 -11.32 -22.14
N VAL G 664 12.63 -11.26 -21.34
CA VAL G 664 12.88 -10.08 -20.52
C VAL G 664 13.87 -9.13 -21.20
N GLU G 665 13.41 -7.92 -21.52
CA GLU G 665 14.26 -6.94 -22.20
C GLU G 665 14.45 -5.67 -21.38
N ASP G 666 15.66 -5.46 -20.87
CA ASP G 666 15.98 -4.21 -20.20
C ASP G 666 15.96 -3.09 -21.23
N ILE G 667 15.19 -2.04 -20.93
CA ILE G 667 15.02 -0.93 -21.85
C ILE G 667 16.33 -0.17 -22.08
N ALA G 668 17.12 -0.05 -21.01
CA ALA G 668 18.39 0.65 -21.08
C ALA G 668 19.41 -0.09 -21.92
N THR G 669 19.82 -1.26 -21.46
CA THR G 669 20.84 -2.06 -22.15
C THR G 669 20.34 -2.55 -23.50
N GLY G 670 19.07 -2.95 -23.56
CA GLY G 670 18.48 -3.41 -24.80
C GLY G 670 18.55 -4.92 -24.99
N VAL G 671 19.55 -5.54 -24.35
CA VAL G 671 19.77 -6.97 -24.50
C VAL G 671 18.62 -7.78 -23.90
N GLN G 672 18.23 -8.84 -24.59
CA GLN G 672 17.13 -9.70 -24.16
C GLN G 672 17.64 -10.96 -23.47
N THR G 673 16.93 -11.40 -22.44
CA THR G 673 17.30 -12.61 -21.70
C THR G 673 16.09 -13.51 -21.44
N LEU G 674 16.36 -14.80 -21.23
CA LEU G 674 15.32 -15.79 -20.98
C LEU G 674 15.44 -16.38 -19.59
N TYR G 675 14.30 -16.64 -18.96
CA TYR G 675 14.29 -17.23 -17.62
C TYR G 675 13.30 -18.39 -17.52
N SER G 676 13.71 -19.44 -16.82
CA SER G 676 12.86 -20.60 -16.59
C SER G 676 12.01 -20.39 -15.33
N LYS G 677 12.61 -20.62 -14.17
CA LYS G 677 11.92 -20.37 -12.91
C LYS G 677 11.74 -18.87 -12.68
N TRP G 678 10.65 -18.51 -12.01
CA TRP G 678 10.40 -17.12 -11.66
C TRP G 678 11.42 -16.61 -10.64
N LYS G 679 12.02 -17.54 -9.91
CA LYS G 679 12.94 -17.20 -8.84
C LYS G 679 14.30 -16.80 -9.41
N ASP G 680 14.56 -17.22 -10.64
CA ASP G 680 15.78 -16.85 -11.34
C ASP G 680 15.69 -15.41 -11.84
N PHE G 681 14.46 -14.94 -12.02
CA PHE G 681 14.20 -13.58 -12.47
C PHE G 681 14.16 -12.63 -11.28
N HIS G 682 15.33 -12.14 -10.87
CA HIS G 682 15.41 -11.21 -9.75
C HIS G 682 15.12 -9.78 -10.18
N PHE G 683 14.12 -9.16 -9.56
CA PHE G 683 13.81 -7.77 -9.81
C PHE G 683 12.96 -7.19 -8.67
N GLU G 684 12.54 -5.95 -8.83
CA GLU G 684 11.70 -5.29 -7.82
C GLU G 684 10.31 -5.93 -7.78
N LYS G 685 10.21 -7.08 -7.11
CA LYS G 685 8.96 -7.81 -7.02
C LYS G 685 7.99 -7.13 -6.07
N ILE G 686 7.15 -6.26 -6.62
CA ILE G 686 6.15 -5.53 -5.83
C ILE G 686 5.02 -6.46 -5.41
N PRO G 687 4.82 -6.63 -4.09
CA PRO G 687 3.77 -7.48 -3.54
C PRO G 687 2.36 -7.07 -3.97
N PHE G 688 1.41 -7.99 -3.84
CA PHE G 688 0.04 -7.75 -4.25
C PHE G 688 -0.77 -7.07 -3.16
N ASP G 689 -1.51 -6.02 -3.52
CA ASP G 689 -2.36 -5.31 -2.58
C ASP G 689 -3.80 -5.30 -3.06
N PRO G 690 -4.75 -5.46 -2.13
CA PRO G 690 -6.19 -5.45 -2.43
C PRO G 690 -6.72 -4.08 -2.83
N ALA G 691 -5.91 -3.04 -2.63
CA ALA G 691 -6.35 -1.67 -2.90
C ALA G 691 -6.03 -1.24 -4.33
N GLU G 692 -6.05 -2.19 -5.25
CA GLU G 692 -5.77 -1.89 -6.65
C GLU G 692 -6.45 -2.90 -7.58
N PRO I 10 48.68 25.13 18.21
CA PRO I 10 48.21 24.65 16.90
C PRO I 10 47.88 23.17 16.91
N PHE I 11 48.20 22.47 15.82
CA PHE I 11 48.02 21.02 15.76
C PHE I 11 49.18 20.33 16.47
N LYS I 12 48.85 19.33 17.28
CA LYS I 12 49.87 18.60 18.04
C LYS I 12 50.82 17.85 17.12
N PRO I 13 52.10 18.26 17.11
CA PRO I 13 53.11 17.67 16.24
C PRO I 13 53.59 16.31 16.75
N ARG I 14 53.85 15.39 15.82
CA ARG I 14 54.42 14.09 16.18
C ARG I 14 55.93 14.25 16.36
N ASN I 15 56.47 13.59 17.38
CA ASN I 15 57.85 13.81 17.80
C ASN I 15 58.91 13.38 16.78
N TYR I 16 58.51 12.69 15.73
CA TYR I 16 59.47 12.32 14.69
C TYR I 16 59.51 13.37 13.59
N GLN I 17 58.45 14.16 13.48
CA GLN I 17 58.41 15.25 12.51
C GLN I 17 59.36 16.36 12.93
N LEU I 18 59.40 16.62 14.23
CA LEU I 18 60.33 17.59 14.80
C LEU I 18 61.76 17.13 14.56
N GLU I 19 61.97 15.82 14.67
CA GLU I 19 63.28 15.22 14.41
C GLU I 19 63.67 15.38 12.95
N LEU I 20 62.71 15.15 12.05
CA LEU I 20 62.95 15.28 10.62
C LEU I 20 63.19 16.74 10.23
N ALA I 21 62.67 17.66 11.03
CA ALA I 21 62.76 19.09 10.70
C ALA I 21 63.92 19.78 11.40
N LEU I 22 64.50 19.10 12.39
CA LEU I 22 65.59 19.68 13.18
C LEU I 22 66.83 20.09 12.37
N PRO I 23 67.28 19.24 11.43
CA PRO I 23 68.44 19.69 10.63
C PRO I 23 68.15 20.93 9.80
N ALA I 24 66.92 21.05 9.32
CA ALA I 24 66.53 22.18 8.47
C ALA I 24 66.41 23.47 9.26
N MET I 25 65.91 23.37 10.49
CA MET I 25 65.69 24.54 11.33
C MET I 25 67.01 25.15 11.80
N LYS I 26 68.07 24.35 11.80
CA LYS I 26 69.39 24.83 12.20
C LYS I 26 70.06 25.61 11.09
N GLY I 27 69.46 25.58 9.90
CA GLY I 27 69.90 26.40 8.80
C GLY I 27 70.70 25.68 7.72
N LYS I 28 70.86 24.37 7.89
CA LYS I 28 71.65 23.59 6.94
C LYS I 28 70.75 22.96 5.87
N ASN I 29 71.21 23.02 4.63
CA ASN I 29 70.50 22.42 3.51
C ASN I 29 70.29 20.93 3.76
N THR I 30 69.06 20.46 3.59
CA THR I 30 68.72 19.11 4.04
C THR I 30 67.80 18.36 3.10
N ILE I 31 68.09 17.06 2.92
CA ILE I 31 67.17 16.17 2.23
C ILE I 31 66.42 15.31 3.25
N ILE I 32 65.16 15.64 3.46
CA ILE I 32 64.33 14.86 4.39
C ILE I 32 63.73 13.65 3.68
N CYS I 33 64.16 12.46 4.11
CA CYS I 33 63.68 11.22 3.53
C CYS I 33 62.85 10.45 4.56
N ALA I 34 61.55 10.35 4.28
CA ALA I 34 60.63 9.70 5.20
C ALA I 34 59.55 8.96 4.40
N PRO I 35 58.99 7.88 4.98
CA PRO I 35 57.99 7.08 4.26
C PRO I 35 56.73 7.89 3.92
N THR I 36 56.06 7.49 2.85
CA THR I 36 54.87 8.18 2.38
C THR I 36 53.73 8.11 3.41
N GLY I 37 53.23 9.27 3.81
CA GLY I 37 52.07 9.34 4.67
C GLY I 37 52.35 9.72 6.11
N CYS I 38 53.59 10.09 6.40
CA CYS I 38 53.96 10.45 7.76
C CYS I 38 53.70 11.93 8.03
N GLY I 39 53.17 12.63 7.02
CA GLY I 39 52.82 14.04 7.17
C GLY I 39 53.99 14.97 6.94
N LYS I 40 54.44 15.04 5.69
CA LYS I 40 55.55 15.92 5.33
C LYS I 40 55.10 17.37 5.28
N THR I 41 53.80 17.57 5.09
CA THR I 41 53.24 18.92 4.97
C THR I 41 53.46 19.73 6.25
N PHE I 42 53.18 19.12 7.39
CA PHE I 42 53.34 19.80 8.67
C PHE I 42 54.81 20.09 8.94
N VAL I 43 55.68 19.17 8.51
CA VAL I 43 57.12 19.38 8.59
C VAL I 43 57.50 20.64 7.83
N SER I 44 57.01 20.73 6.59
CA SER I 44 57.22 21.92 5.77
C SER I 44 56.72 23.17 6.45
N LEU I 45 55.56 23.04 7.11
CA LEU I 45 54.91 24.17 7.76
C LEU I 45 55.74 24.71 8.93
N LEU I 46 56.23 23.82 9.78
CA LEU I 46 56.97 24.27 10.96
C LEU I 46 58.40 24.67 10.58
N ILE I 47 58.92 24.09 9.52
CA ILE I 47 60.22 24.50 8.99
C ILE I 47 60.12 25.93 8.45
N CYS I 48 59.10 26.19 7.66
CA CYS I 48 58.88 27.51 7.08
C CYS I 48 58.54 28.53 8.17
N GLU I 49 57.78 28.10 9.16
CA GLU I 49 57.39 28.96 10.27
C GLU I 49 58.61 29.36 11.09
N HIS I 50 59.48 28.39 11.36
CA HIS I 50 60.70 28.66 12.11
C HIS I 50 61.66 29.51 11.29
N HIS I 51 61.59 29.35 9.97
CA HIS I 51 62.47 30.09 9.06
C HIS I 51 62.07 31.57 8.98
N LEU I 52 60.78 31.82 8.86
CA LEU I 52 60.29 33.19 8.75
C LEU I 52 60.38 33.94 10.07
N LYS I 53 60.19 33.22 11.17
CA LYS I 53 60.26 33.82 12.50
C LYS I 53 61.69 33.88 13.01
N LYS I 54 62.65 33.60 12.13
CA LYS I 54 64.06 33.61 12.49
C LYS I 54 64.70 34.98 12.20
N PHE I 55 64.24 35.62 11.14
CA PHE I 55 64.74 36.93 10.75
C PHE I 55 64.44 37.97 11.81
N PRO I 56 65.36 38.94 11.99
CA PRO I 56 65.19 40.00 12.99
C PRO I 56 64.09 41.00 12.64
N GLN I 57 63.99 42.07 13.42
CA GLN I 57 62.94 43.08 13.21
C GLN I 57 63.19 43.91 11.96
N GLY I 58 64.41 43.83 11.44
CA GLY I 58 64.78 44.58 10.26
C GLY I 58 64.74 43.77 8.98
N GLN I 59 65.26 42.54 9.05
CA GLN I 59 65.31 41.67 7.88
C GLN I 59 64.05 40.83 7.74
N LYS I 60 63.77 40.39 6.52
CA LYS I 60 62.60 39.56 6.23
C LYS I 60 62.98 38.40 5.33
N GLY I 61 62.18 37.34 5.36
CA GLY I 61 62.46 36.16 4.56
C GLY I 61 61.50 35.98 3.39
N LYS I 62 61.87 35.09 2.47
CA LYS I 62 61.03 34.82 1.30
C LYS I 62 61.16 33.36 0.89
N VAL I 63 60.19 32.55 1.30
CA VAL I 63 60.20 31.12 1.04
C VAL I 63 59.46 30.76 -0.25
N VAL I 64 60.04 29.86 -1.03
CA VAL I 64 59.38 29.37 -2.24
C VAL I 64 59.22 27.85 -2.18
N PHE I 65 58.00 27.39 -2.43
CA PHE I 65 57.68 25.96 -2.38
C PHE I 65 57.36 25.44 -3.77
N PHE I 66 58.00 24.34 -4.16
CA PHE I 66 57.80 23.78 -5.49
C PHE I 66 56.84 22.59 -5.48
N ALA I 67 56.13 22.41 -6.60
CA ALA I 67 55.20 21.29 -6.76
C ALA I 67 55.15 20.86 -8.21
N ASN I 68 55.32 19.56 -8.44
CA ASN I 68 55.40 19.04 -9.81
C ASN I 68 54.03 18.80 -10.45
N GLN I 69 52.97 18.90 -9.66
CA GLN I 69 51.63 18.67 -10.18
C GLN I 69 50.62 19.69 -9.65
N ILE I 70 49.65 20.02 -10.49
CA ILE I 70 48.60 20.98 -10.16
C ILE I 70 47.82 20.64 -8.87
N PRO I 71 47.45 19.36 -8.65
CA PRO I 71 46.75 19.08 -7.39
C PRO I 71 47.58 19.39 -6.15
N VAL I 72 48.84 18.96 -6.16
CA VAL I 72 49.76 19.24 -5.07
C VAL I 72 49.96 20.76 -4.93
N TYR I 73 50.05 21.43 -6.07
CA TYR I 73 50.17 22.89 -6.11
C TYR I 73 49.03 23.55 -5.35
N GLU I 74 47.79 23.24 -5.75
CA GLU I 74 46.61 23.83 -5.15
C GLU I 74 46.50 23.49 -3.68
N GLN I 75 46.80 22.24 -3.33
CA GLN I 75 46.71 21.80 -1.94
C GLN I 75 47.70 22.56 -1.06
N GLN I 76 48.96 22.57 -1.46
CA GLN I 76 50.01 23.24 -0.71
C GLN I 76 49.72 24.74 -0.57
N LYS I 77 49.31 25.36 -1.68
CA LYS I 77 48.98 26.78 -1.67
C LYS I 77 47.84 27.04 -0.69
N SER I 78 46.84 26.17 -0.71
CA SER I 78 45.69 26.30 0.19
C SER I 78 46.12 26.20 1.65
N VAL I 79 46.97 25.22 1.96
CA VAL I 79 47.43 25.01 3.33
C VAL I 79 48.26 26.18 3.84
N PHE I 80 49.27 26.57 3.06
CA PHE I 80 50.14 27.68 3.44
C PHE I 80 49.36 28.98 3.58
N SER I 81 48.42 29.21 2.67
CA SER I 81 47.58 30.40 2.73
C SER I 81 46.72 30.39 3.98
N LYS I 82 46.14 29.23 4.30
CA LYS I 82 45.27 29.12 5.46
C LYS I 82 46.04 29.01 6.77
N TYR I 83 47.37 28.97 6.67
CA TYR I 83 48.19 28.83 7.86
C TYR I 83 48.93 30.12 8.23
N PHE I 84 49.46 30.81 7.23
CA PHE I 84 50.30 31.99 7.48
C PHE I 84 49.56 33.30 7.28
N GLU I 85 48.30 33.24 6.87
CA GLU I 85 47.49 34.44 6.71
C GLU I 85 47.28 35.12 8.05
N ARG I 86 46.99 34.32 9.07
CA ARG I 86 46.69 34.82 10.40
C ARG I 86 47.90 35.53 11.03
N HIS I 87 49.09 35.03 10.73
CA HIS I 87 50.31 35.59 11.30
C HIS I 87 50.67 36.92 10.68
N GLY I 88 50.73 36.97 9.35
CA GLY I 88 51.01 38.21 8.66
C GLY I 88 51.83 38.05 7.40
N TYR I 89 52.05 36.80 7.00
CA TYR I 89 52.82 36.53 5.79
C TYR I 89 51.90 36.33 4.60
N ARG I 90 52.16 37.07 3.52
CA ARG I 90 51.33 37.00 2.33
C ARG I 90 51.71 35.80 1.46
N VAL I 91 50.82 34.81 1.42
CA VAL I 91 51.05 33.60 0.63
C VAL I 91 50.41 33.72 -0.74
N THR I 92 51.11 33.22 -1.76
CA THR I 92 50.59 33.27 -3.13
C THR I 92 51.04 32.06 -3.92
N GLY I 93 50.57 31.95 -5.16
CA GLY I 93 50.93 30.85 -6.02
C GLY I 93 50.88 31.21 -7.49
N ILE I 94 51.76 30.61 -8.29
CA ILE I 94 51.76 30.80 -9.73
C ILE I 94 51.87 29.47 -10.46
N SER I 95 50.91 29.20 -11.34
CA SER I 95 50.95 27.99 -12.16
C SER I 95 50.92 28.38 -13.63
N GLY I 96 50.96 27.38 -14.51
CA GLY I 96 51.00 27.62 -15.94
C GLY I 96 49.74 28.25 -16.50
N ALA I 97 48.65 28.16 -15.74
CA ALA I 97 47.38 28.71 -16.17
C ALA I 97 47.28 30.20 -15.85
N THR I 98 48.07 30.64 -14.88
CA THR I 98 48.02 32.04 -14.44
C THR I 98 49.40 32.69 -14.46
N ALA I 99 50.20 32.37 -15.47
CA ALA I 99 51.56 32.90 -15.56
C ALA I 99 51.75 33.83 -16.74
N GLU I 100 50.65 34.35 -17.28
CA GLU I 100 50.72 35.23 -18.44
C GLU I 100 50.24 36.64 -18.11
N ASN I 101 50.85 37.63 -18.74
CA ASN I 101 50.52 39.04 -18.54
C ASN I 101 50.57 39.47 -17.08
N VAL I 102 51.58 38.98 -16.36
CA VAL I 102 51.74 39.32 -14.95
C VAL I 102 53.20 39.60 -14.60
N PRO I 103 53.45 40.66 -13.83
CA PRO I 103 54.81 40.97 -13.38
C PRO I 103 55.29 39.99 -12.32
N VAL I 104 55.90 38.90 -12.77
CA VAL I 104 56.38 37.85 -11.88
C VAL I 104 57.36 38.41 -10.85
N GLU I 105 58.25 39.27 -11.31
CA GLU I 105 59.15 40.06 -10.46
C GLU I 105 58.40 40.66 -9.28
N GLN I 106 57.40 41.48 -9.60
CA GLN I 106 56.58 42.15 -8.61
C GLN I 106 55.88 41.17 -7.69
N ILE I 107 55.27 40.13 -8.26
CA ILE I 107 54.54 39.14 -7.48
C ILE I 107 55.43 38.48 -6.43
N VAL I 108 56.62 38.06 -6.86
CA VAL I 108 57.59 37.45 -5.96
C VAL I 108 58.02 38.45 -4.88
N GLU I 109 58.17 39.71 -5.26
CA GLU I 109 58.62 40.73 -4.32
C GLU I 109 57.56 41.15 -3.29
N ASN I 110 56.30 41.05 -3.67
CA ASN I 110 55.20 41.52 -2.83
C ASN I 110 54.74 40.47 -1.82
N ASN I 111 55.17 39.23 -2.02
CA ASN I 111 54.75 38.13 -1.16
C ASN I 111 55.90 37.57 -0.33
N ASP I 112 55.55 36.82 0.71
CA ASP I 112 56.55 36.21 1.58
C ASP I 112 56.72 34.73 1.27
N ILE I 113 55.61 34.07 0.96
CA ILE I 113 55.62 32.66 0.60
C ILE I 113 55.03 32.46 -0.79
N ILE I 114 55.80 31.88 -1.70
CA ILE I 114 55.36 31.71 -3.07
C ILE I 114 55.41 30.26 -3.51
N ILE I 115 54.26 29.71 -3.88
CA ILE I 115 54.20 28.34 -4.36
C ILE I 115 54.24 28.34 -5.89
N LEU I 116 55.21 27.62 -6.45
CA LEU I 116 55.43 27.60 -7.89
C LEU I 116 55.49 26.20 -8.47
N THR I 117 55.18 26.09 -9.76
CA THR I 117 55.55 24.91 -10.53
C THR I 117 56.92 25.23 -11.14
N PRO I 118 57.81 24.23 -11.17
CA PRO I 118 59.22 24.43 -11.51
C PRO I 118 59.45 25.14 -12.86
N GLN I 119 58.67 24.77 -13.86
CA GLN I 119 58.84 25.30 -15.21
C GLN I 119 58.66 26.82 -15.24
N ILE I 120 57.85 27.34 -14.32
CA ILE I 120 57.64 28.77 -14.21
C ILE I 120 58.95 29.48 -13.82
N LEU I 121 59.58 29.00 -12.76
CA LEU I 121 60.84 29.59 -12.30
C LEU I 121 61.94 29.38 -13.34
N VAL I 122 61.93 28.23 -14.01
CA VAL I 122 62.89 27.97 -15.07
C VAL I 122 62.78 29.00 -16.20
N ASN I 123 61.57 29.13 -16.75
CA ASN I 123 61.33 30.06 -17.83
C ASN I 123 61.57 31.52 -17.43
N ASN I 124 61.28 31.84 -16.17
CA ASN I 124 61.45 33.20 -15.69
C ASN I 124 62.86 33.46 -15.16
N LEU I 125 63.70 32.43 -15.21
CA LEU I 125 65.13 32.61 -14.99
C LEU I 125 65.80 32.79 -16.34
N LYS I 126 65.35 32.01 -17.32
CA LYS I 126 65.88 32.11 -18.68
C LYS I 126 65.48 33.42 -19.34
N LYS I 127 64.37 34.00 -18.89
CA LYS I 127 63.87 35.25 -19.45
C LYS I 127 64.53 36.46 -18.80
N GLY I 128 65.20 36.23 -17.67
CA GLY I 128 65.89 37.30 -16.98
C GLY I 128 64.96 38.17 -16.15
N THR I 129 63.69 37.78 -16.08
CA THR I 129 62.71 38.49 -15.27
C THR I 129 63.09 38.43 -13.81
N ILE I 130 63.71 37.31 -13.43
CA ILE I 130 64.32 37.17 -12.12
C ILE I 130 65.81 36.86 -12.30
N PRO I 131 66.66 37.83 -11.97
CA PRO I 131 68.12 37.73 -12.17
C PRO I 131 68.73 36.52 -11.48
N SER I 132 68.59 36.45 -10.16
CA SER I 132 69.15 35.35 -9.39
C SER I 132 68.17 34.83 -8.36
N LEU I 133 68.53 33.72 -7.72
CA LEU I 133 67.71 33.13 -6.67
C LEU I 133 68.00 33.77 -5.33
N SER I 134 68.79 34.84 -5.36
CA SER I 134 69.19 35.54 -4.14
C SER I 134 68.01 36.24 -3.48
N ILE I 135 66.97 36.48 -4.26
CA ILE I 135 65.74 37.08 -3.76
C ILE I 135 65.08 36.15 -2.75
N PHE I 136 65.25 34.85 -2.95
CA PHE I 136 64.72 33.83 -2.05
C PHE I 136 65.62 33.67 -0.83
N THR I 137 65.04 33.15 0.26
CA THR I 137 65.81 32.87 1.47
C THR I 137 65.66 31.42 1.85
N LEU I 138 64.76 30.71 1.15
CA LEU I 138 64.52 29.30 1.39
C LEU I 138 63.76 28.65 0.23
N MET I 139 64.40 27.68 -0.41
CA MET I 139 63.75 26.90 -1.46
C MET I 139 63.39 25.51 -0.95
N ILE I 140 62.14 25.11 -1.19
CA ILE I 140 61.68 23.79 -0.77
C ILE I 140 61.21 22.98 -1.97
N PHE I 141 61.81 21.81 -2.16
CA PHE I 141 61.47 20.95 -3.28
C PHE I 141 60.65 19.75 -2.83
N ASP I 142 59.40 19.69 -3.27
CA ASP I 142 58.55 18.53 -3.00
C ASP I 142 58.90 17.43 -4.00
N GLU I 143 59.05 16.20 -3.50
CA GLU I 143 59.52 15.07 -4.29
C GLU I 143 60.86 15.41 -4.94
N CYS I 144 61.86 15.65 -4.10
CA CYS I 144 63.14 16.18 -4.55
C CYS I 144 64.01 15.14 -5.27
N HIS I 145 63.56 13.90 -5.32
CA HIS I 145 64.31 12.84 -5.99
C HIS I 145 64.31 13.03 -7.50
N ASN I 146 63.51 13.97 -7.98
CA ASN I 146 63.46 14.29 -9.40
C ASN I 146 64.62 15.17 -9.83
N THR I 147 65.34 15.73 -8.86
CA THR I 147 66.49 16.59 -9.15
C THR I 147 67.62 15.82 -9.81
N SER I 148 67.41 15.46 -11.07
CA SER I 148 68.42 14.75 -11.85
C SER I 148 68.08 14.88 -13.34
N LYS I 149 69.07 14.60 -14.18
CA LYS I 149 68.91 14.69 -15.64
C LYS I 149 68.44 16.08 -16.08
N GLN I 150 67.44 16.12 -16.96
CA GLN I 150 66.97 17.38 -17.51
C GLN I 150 65.61 17.81 -16.94
N HIS I 151 65.36 17.44 -15.68
CA HIS I 151 64.15 17.86 -14.99
C HIS I 151 64.26 19.33 -14.59
N PRO I 152 63.15 20.07 -14.69
CA PRO I 152 63.09 21.50 -14.33
C PRO I 152 63.72 21.80 -12.97
N TYR I 153 63.50 20.92 -12.00
CA TYR I 153 64.18 20.99 -10.71
C TYR I 153 65.68 21.13 -10.89
N ASN I 154 66.24 20.21 -11.69
CA ASN I 154 67.67 20.18 -11.95
C ASN I 154 68.13 21.44 -12.67
N MET I 155 67.25 22.02 -13.48
CA MET I 155 67.57 23.27 -14.18
C MET I 155 67.70 24.42 -13.18
N ILE I 156 66.74 24.50 -12.26
CA ILE I 156 66.77 25.49 -11.20
C ILE I 156 68.03 25.34 -10.38
N MET I 157 68.39 24.09 -10.08
CA MET I 157 69.60 23.82 -9.30
C MET I 157 70.87 24.12 -10.11
N PHE I 158 70.76 24.07 -11.43
CA PHE I 158 71.86 24.47 -12.29
C PHE I 158 72.08 25.97 -12.14
N ASN I 159 70.99 26.72 -12.23
CA ASN I 159 71.04 28.17 -12.03
C ASN I 159 71.51 28.52 -10.61
N TYR I 160 71.29 27.58 -9.69
CA TYR I 160 71.74 27.76 -8.31
C TYR I 160 73.25 27.58 -8.18
N LEU I 161 73.75 26.47 -8.72
CA LEU I 161 75.15 26.12 -8.58
C LEU I 161 76.05 27.00 -9.43
N ASP I 162 75.54 27.48 -10.56
CA ASP I 162 76.30 28.39 -11.41
C ASP I 162 76.63 29.68 -10.66
N GLN I 163 75.72 30.09 -9.79
CA GLN I 163 75.92 31.26 -8.94
C GLN I 163 76.75 30.89 -7.71
N LYS I 164 76.53 29.69 -7.20
CA LYS I 164 77.27 29.20 -6.03
C LYS I 164 78.72 28.93 -6.36
N LEU I 165 78.96 27.94 -7.21
CA LEU I 165 80.30 27.54 -7.58
C LEU I 165 80.94 28.49 -8.59
N GLY I 166 80.97 29.77 -8.23
CA GLY I 166 81.56 30.79 -9.08
C GLY I 166 82.02 31.99 -8.28
N GLY I 167 82.18 33.12 -8.97
CA GLY I 167 82.60 34.34 -8.31
C GLY I 167 81.43 35.24 -7.98
N SER I 168 80.21 34.75 -8.24
CA SER I 168 79.01 35.55 -8.06
C SER I 168 78.78 35.95 -6.61
N SER I 169 78.58 37.24 -6.38
CA SER I 169 78.56 37.76 -5.03
C SER I 169 77.30 37.35 -4.29
N GLY I 170 76.23 37.10 -5.05
CA GLY I 170 74.91 36.87 -4.48
C GLY I 170 74.76 35.75 -3.48
N PRO I 171 74.20 36.06 -2.30
CA PRO I 171 73.89 35.06 -1.28
C PRO I 171 72.79 34.11 -1.76
N LEU I 172 72.74 32.90 -1.22
CA LEU I 172 71.81 31.89 -1.71
C LEU I 172 70.88 31.38 -0.63
N PRO I 173 69.66 30.97 -1.02
CA PRO I 173 68.66 30.45 -0.08
C PRO I 173 69.00 29.04 0.43
N GLN I 174 68.58 28.76 1.66
CA GLN I 174 68.70 27.42 2.22
C GLN I 174 67.86 26.45 1.39
N VAL I 175 68.39 25.26 1.14
CA VAL I 175 67.69 24.31 0.27
C VAL I 175 67.22 23.06 1.00
N ILE I 176 65.90 22.84 0.97
CA ILE I 176 65.31 21.66 1.57
C ILE I 176 64.66 20.81 0.49
N GLY I 177 64.73 19.50 0.66
CA GLY I 177 64.16 18.59 -0.32
C GLY I 177 63.45 17.43 0.33
N LEU I 178 62.13 17.38 0.17
CA LEU I 178 61.34 16.29 0.74
C LEU I 178 61.26 15.13 -0.25
N THR I 179 61.42 13.91 0.25
CA THR I 179 61.30 12.73 -0.59
C THR I 179 60.97 11.46 0.20
N ALA I 180 60.34 10.50 -0.49
CA ALA I 180 60.02 9.22 0.12
C ALA I 180 61.18 8.25 -0.08
N SER I 181 61.92 8.44 -1.17
CA SER I 181 63.07 7.60 -1.49
C SER I 181 64.02 8.34 -2.43
N VAL I 182 65.29 8.42 -2.04
CA VAL I 182 66.28 9.15 -2.82
C VAL I 182 66.75 8.35 -4.04
N GLY I 183 66.37 7.09 -4.11
CA GLY I 183 66.74 6.24 -5.23
C GLY I 183 68.21 5.85 -5.23
N VAL I 184 68.56 4.87 -6.06
CA VAL I 184 69.95 4.43 -6.15
C VAL I 184 70.38 4.25 -7.60
N GLY I 185 69.42 4.36 -8.51
CA GLY I 185 69.71 4.19 -9.93
C GLY I 185 69.99 2.74 -10.29
N ASP I 186 70.97 2.53 -11.16
CA ASP I 186 71.32 1.19 -11.60
C ASP I 186 72.51 0.63 -10.81
N ALA I 187 72.64 1.06 -9.56
CA ALA I 187 73.71 0.58 -8.70
C ALA I 187 73.52 -0.89 -8.33
N LYS I 188 74.61 -1.64 -8.31
CA LYS I 188 74.55 -3.07 -8.02
C LYS I 188 75.13 -3.40 -6.64
N ASN I 189 75.67 -2.38 -5.96
CA ASN I 189 76.22 -2.56 -4.63
C ASN I 189 76.15 -1.28 -3.80
N THR I 190 76.35 -1.42 -2.49
CA THR I 190 76.24 -0.29 -1.57
C THR I 190 77.22 0.84 -1.89
N ASP I 191 78.40 0.48 -2.36
CA ASP I 191 79.43 1.47 -2.67
C ASP I 191 78.99 2.41 -3.80
N GLU I 192 78.37 1.85 -4.84
CA GLU I 192 77.90 2.66 -5.96
C GLU I 192 76.71 3.52 -5.55
N ALA I 193 75.77 2.90 -4.83
CA ALA I 193 74.60 3.60 -4.34
C ALA I 193 74.99 4.76 -3.45
N LEU I 194 76.10 4.60 -2.73
CA LEU I 194 76.62 5.63 -1.85
C LEU I 194 76.92 6.92 -2.62
N ASP I 195 77.67 6.81 -3.70
CA ASP I 195 78.02 7.96 -4.51
C ASP I 195 76.88 8.41 -5.41
N TYR I 196 75.89 7.54 -5.62
CA TYR I 196 74.68 7.97 -6.31
C TYR I 196 73.93 8.95 -5.41
N ILE I 197 73.68 8.53 -4.18
CA ILE I 197 73.03 9.38 -3.18
C ILE I 197 73.84 10.65 -2.97
N CYS I 198 75.16 10.52 -2.91
CA CYS I 198 76.03 11.68 -2.75
C CYS I 198 75.88 12.63 -3.93
N LYS I 199 75.77 12.08 -5.14
CA LYS I 199 75.57 12.88 -6.33
C LYS I 199 74.25 13.63 -6.26
N LEU I 200 73.23 12.96 -5.72
CA LEU I 200 71.93 13.59 -5.52
C LEU I 200 72.02 14.75 -4.54
N CYS I 201 72.72 14.52 -3.43
CA CYS I 201 72.89 15.54 -2.40
C CYS I 201 73.67 16.73 -2.93
N ALA I 202 74.57 16.47 -3.87
CA ALA I 202 75.32 17.53 -4.52
C ALA I 202 74.44 18.28 -5.53
N SER I 203 73.50 17.57 -6.12
CA SER I 203 72.55 18.18 -7.06
C SER I 203 71.58 19.11 -6.32
N LEU I 204 71.49 18.94 -5.01
CA LEU I 204 70.60 19.76 -4.20
C LEU I 204 71.37 20.58 -3.17
N ASP I 205 72.70 20.48 -3.22
CA ASP I 205 73.59 21.20 -2.31
C ASP I 205 73.25 20.91 -0.86
N ALA I 206 72.84 19.66 -0.58
CA ALA I 206 72.47 19.27 0.76
C ALA I 206 73.64 18.64 1.51
N SER I 207 73.84 19.06 2.76
CA SER I 207 74.93 18.54 3.57
C SER I 207 74.41 17.57 4.63
N VAL I 208 73.09 17.52 4.79
CA VAL I 208 72.47 16.65 5.78
C VAL I 208 71.29 15.88 5.17
N ILE I 209 71.18 14.60 5.51
CA ILE I 209 70.03 13.80 5.10
C ILE I 209 69.20 13.42 6.32
N ALA I 210 68.09 14.14 6.52
CA ALA I 210 67.24 13.92 7.69
C ALA I 210 66.40 12.65 7.55
N THR I 211 66.65 11.71 8.44
CA THR I 211 65.86 10.47 8.50
C THR I 211 65.49 10.18 9.95
N VAL I 212 64.48 9.34 10.14
CA VAL I 212 64.00 9.01 11.48
C VAL I 212 64.90 8.00 12.16
N LYS I 213 65.28 8.28 13.40
CA LYS I 213 66.13 7.38 14.18
C LYS I 213 65.64 7.25 15.62
N HIS I 214 65.57 8.39 16.31
CA HIS I 214 65.19 8.40 17.72
C HIS I 214 63.74 8.00 17.92
N ASN I 215 62.85 8.59 17.12
CA ASN I 215 61.43 8.30 17.21
C ASN I 215 60.97 7.33 16.13
N LEU I 216 61.72 6.26 15.95
CA LEU I 216 61.40 5.26 14.93
C LEU I 216 60.13 4.49 15.27
N GLU I 217 59.98 4.15 16.54
CA GLU I 217 58.81 3.39 17.00
C GLU I 217 57.53 4.21 16.88
N GLU I 218 57.65 5.52 17.09
CA GLU I 218 56.51 6.41 16.93
C GLU I 218 56.06 6.44 15.48
N LEU I 219 57.03 6.44 14.56
CA LEU I 219 56.74 6.44 13.14
C LEU I 219 56.12 5.12 12.70
N GLU I 220 56.64 4.01 13.23
CA GLU I 220 56.15 2.70 12.85
C GLU I 220 54.75 2.42 13.39
N GLN I 221 54.29 3.26 14.30
CA GLN I 221 52.95 3.12 14.86
C GLN I 221 51.94 3.95 14.07
N VAL I 222 52.44 4.82 13.20
CA VAL I 222 51.60 5.65 12.35
C VAL I 222 51.52 5.09 10.94
N VAL I 223 52.68 4.84 10.34
CA VAL I 223 52.75 4.27 9.01
C VAL I 223 53.11 2.78 9.08
N TYR I 224 52.31 1.94 8.43
CA TYR I 224 52.55 0.50 8.44
C TYR I 224 52.97 -0.01 7.06
N LYS I 225 53.88 -0.96 7.05
CA LYS I 225 54.35 -1.55 5.80
C LYS I 225 53.42 -2.68 5.35
N PRO I 226 52.78 -2.50 4.18
CA PRO I 226 51.86 -3.50 3.64
C PRO I 226 52.54 -4.83 3.35
N GLN I 227 51.91 -5.92 3.79
CA GLN I 227 52.43 -7.25 3.50
C GLN I 227 52.37 -7.51 2.00
N LYS I 228 53.53 -7.70 1.39
CA LYS I 228 53.60 -7.92 -0.06
C LYS I 228 53.51 -9.39 -0.40
N PHE I 229 52.77 -9.69 -1.48
CA PHE I 229 52.61 -11.06 -1.94
C PHE I 229 52.93 -11.19 -3.43
N PHE I 230 53.49 -12.33 -3.81
CA PHE I 230 53.86 -12.57 -5.20
C PHE I 230 53.08 -13.75 -5.76
N ARG I 231 52.44 -13.53 -6.91
CA ARG I 231 51.64 -14.57 -7.54
C ARG I 231 52.15 -14.88 -8.95
N LYS I 232 52.94 -15.94 -9.06
CA LYS I 232 53.47 -16.35 -10.35
C LYS I 232 52.57 -17.38 -11.01
N VAL I 233 51.71 -16.91 -11.91
CA VAL I 233 50.79 -17.79 -12.62
C VAL I 233 51.37 -18.23 -13.96
N GLU I 234 50.70 -19.17 -14.61
CA GLU I 234 51.14 -19.64 -15.93
C GLU I 234 50.52 -18.79 -17.03
N SER I 235 50.94 -19.05 -18.27
CA SER I 235 50.41 -18.31 -19.41
C SER I 235 49.22 -19.05 -20.03
N ARG I 236 48.60 -18.44 -21.03
CA ARG I 236 47.46 -19.03 -21.71
C ARG I 236 47.86 -20.32 -22.44
N ILE I 237 46.99 -21.33 -22.37
CA ILE I 237 47.28 -22.61 -22.99
C ILE I 237 46.34 -22.88 -24.17
N SER I 238 45.43 -21.94 -24.43
CA SER I 238 44.50 -22.07 -25.54
C SER I 238 44.70 -20.95 -26.55
N ASP I 239 45.36 -21.27 -27.66
CA ASP I 239 45.67 -20.27 -28.68
C ASP I 239 44.69 -20.30 -29.85
N LYS I 240 43.40 -20.18 -29.54
CA LYS I 240 42.38 -20.10 -30.58
C LYS I 240 42.42 -18.73 -31.25
N PHE I 241 42.29 -17.69 -30.43
CA PHE I 241 42.34 -16.31 -30.89
C PHE I 241 43.68 -16.02 -31.58
N LYS I 242 44.76 -16.44 -30.93
CA LYS I 242 46.11 -16.21 -31.43
C LYS I 242 46.35 -16.86 -32.79
N TYR I 243 45.91 -18.11 -32.94
CA TYR I 243 46.07 -18.81 -34.21
C TYR I 243 45.16 -18.21 -35.27
N ILE I 244 44.00 -17.72 -34.85
CA ILE I 244 43.04 -17.10 -35.75
C ILE I 244 43.56 -15.76 -36.30
N ILE I 245 44.39 -15.08 -35.52
CA ILE I 245 44.88 -13.76 -35.89
C ILE I 245 46.25 -13.77 -36.58
N ALA I 246 47.14 -14.66 -36.12
CA ALA I 246 48.56 -14.71 -36.52
C ALA I 246 48.85 -14.41 -38.00
N GLN I 247 48.21 -15.12 -38.92
CA GLN I 247 48.30 -14.65 -40.29
C GLN I 247 46.99 -14.29 -40.94
N LEU I 248 46.11 -13.67 -40.18
CA LEU I 248 45.34 -12.57 -40.72
C LEU I 248 46.40 -11.47 -40.84
N MET I 249 47.27 -11.43 -39.83
CA MET I 249 48.44 -10.56 -39.83
C MET I 249 49.35 -10.88 -41.00
N ARG I 250 49.92 -12.08 -41.02
CA ARG I 250 50.81 -12.38 -42.17
C ARG I 250 50.03 -12.58 -43.49
N ASP I 251 48.71 -12.71 -43.44
CA ASP I 251 47.93 -12.50 -44.66
C ASP I 251 48.14 -11.07 -45.15
N THR I 252 47.99 -10.13 -44.22
CA THR I 252 48.21 -8.72 -44.51
C THR I 252 49.66 -8.47 -44.94
N GLU I 253 50.57 -9.29 -44.43
CA GLU I 253 51.98 -9.18 -44.79
C GLU I 253 52.21 -9.69 -46.20
N SER I 254 51.41 -10.67 -46.62
CA SER I 254 51.44 -11.13 -48.00
C SER I 254 50.89 -10.04 -48.91
N LEU I 255 49.81 -9.41 -48.48
CA LEU I 255 49.21 -8.29 -49.19
C LEU I 255 50.22 -7.14 -49.35
N ALA I 256 51.03 -6.94 -48.32
CA ALA I 256 52.05 -5.90 -48.34
C ALA I 256 53.21 -6.32 -49.24
N LYS I 257 53.48 -7.61 -49.29
CA LYS I 257 54.52 -8.15 -50.15
C LYS I 257 54.11 -8.05 -51.61
N ARG I 258 52.80 -8.00 -51.84
CA ARG I 258 52.26 -7.82 -53.19
C ARG I 258 52.52 -6.41 -53.70
N ILE I 259 52.70 -5.47 -52.77
CA ILE I 259 52.97 -4.08 -53.13
C ILE I 259 54.44 -3.74 -52.90
N CYS I 260 55.01 -4.26 -51.81
CA CYS I 260 56.40 -4.00 -51.49
C CYS I 260 57.29 -5.15 -51.93
N LYS I 261 58.29 -4.83 -52.76
CA LYS I 261 59.21 -5.84 -53.30
C LYS I 261 60.39 -6.06 -52.34
N ASP I 262 60.76 -5.02 -51.62
CA ASP I 262 61.87 -5.11 -50.66
C ASP I 262 61.55 -6.09 -49.54
N LEU I 263 60.26 -6.20 -49.22
CA LEU I 263 59.77 -7.15 -48.23
C LEU I 263 60.40 -6.98 -46.85
N GLU I 264 61.11 -8.02 -46.40
CA GLU I 264 61.69 -8.04 -45.07
C GLU I 264 62.95 -7.20 -44.96
N ASN I 265 62.81 -5.88 -45.08
CA ASN I 265 63.92 -4.96 -44.92
C ASN I 265 63.46 -3.58 -44.47
N ASN I 271 62.97 -13.11 -38.31
CA ASN I 271 63.30 -12.99 -36.89
C ASN I 271 62.10 -12.51 -36.08
N ARG I 272 61.06 -12.06 -36.78
CA ARG I 272 59.88 -11.52 -36.14
C ARG I 272 58.99 -12.61 -35.55
N GLU I 273 58.44 -12.34 -34.37
CA GLU I 273 57.48 -13.24 -33.74
C GLU I 273 56.19 -12.50 -33.42
N PHE I 274 55.06 -13.13 -33.73
CA PHE I 274 53.77 -12.47 -33.58
C PHE I 274 53.37 -12.31 -32.10
N GLY I 275 52.92 -11.12 -31.75
CA GLY I 275 52.43 -10.85 -30.41
C GLY I 275 53.47 -10.27 -29.47
N THR I 276 54.72 -10.20 -29.93
CA THR I 276 55.81 -9.74 -29.09
C THR I 276 56.00 -8.22 -29.17
N GLN I 277 57.05 -7.74 -28.49
CA GLN I 277 57.37 -6.32 -28.49
C GLN I 277 58.30 -5.97 -29.64
N LYS I 278 59.06 -6.96 -30.10
CA LYS I 278 59.97 -6.78 -31.22
C LYS I 278 59.21 -6.54 -32.52
N TYR I 279 58.05 -7.19 -32.63
CA TYR I 279 57.19 -7.05 -33.80
C TYR I 279 56.68 -5.62 -33.90
N GLU I 280 56.50 -4.97 -32.76
CA GLU I 280 56.09 -3.57 -32.72
C GLU I 280 57.17 -2.67 -33.30
N GLN I 281 58.39 -2.83 -32.82
CA GLN I 281 59.53 -2.05 -33.32
C GLN I 281 59.74 -2.30 -34.80
N TRP I 282 59.51 -3.55 -35.22
CA TRP I 282 59.63 -3.92 -36.63
C TRP I 282 58.60 -3.19 -37.49
N ILE I 283 57.33 -3.28 -37.09
CA ILE I 283 56.24 -2.61 -37.81
C ILE I 283 56.43 -1.09 -37.82
N VAL I 284 57.03 -0.57 -36.75
CA VAL I 284 57.31 0.86 -36.65
C VAL I 284 58.39 1.27 -37.64
N THR I 285 59.49 0.52 -37.68
CA THR I 285 60.57 0.80 -38.62
C THR I 285 60.08 0.69 -40.06
N VAL I 286 59.26 -0.32 -40.33
CA VAL I 286 58.65 -0.49 -41.66
C VAL I 286 57.77 0.70 -42.02
N GLN I 287 56.93 1.11 -41.07
CA GLN I 287 56.02 2.23 -41.29
C GLN I 287 56.77 3.54 -41.54
N LYS I 288 57.91 3.71 -40.87
CA LYS I 288 58.74 4.89 -41.07
C LYS I 288 59.82 4.66 -42.13
N ALA I 289 59.69 3.54 -42.85
CA ALA I 289 60.55 3.29 -44.01
C ALA I 289 59.73 3.29 -45.30
N CYS I 290 58.41 3.24 -45.14
CA CYS I 290 57.51 3.32 -46.29
C CYS I 290 57.21 4.78 -46.62
N MET I 291 57.36 5.64 -45.63
CA MET I 291 57.12 7.07 -45.81
C MET I 291 58.27 7.72 -46.57
N VAL I 292 59.39 7.00 -46.68
CA VAL I 292 60.56 7.50 -47.40
C VAL I 292 60.63 6.86 -48.79
N PHE I 293 59.73 5.91 -49.04
CA PHE I 293 59.66 5.25 -50.34
C PHE I 293 59.25 6.23 -51.44
N GLN I 294 60.20 6.55 -52.31
CA GLN I 294 59.98 7.55 -53.36
C GLN I 294 59.80 6.88 -54.73
N MET I 295 58.90 7.43 -55.54
CA MET I 295 58.63 6.91 -56.87
C MET I 295 58.37 8.06 -57.84
N PRO I 296 59.00 8.00 -59.03
CA PRO I 296 58.90 9.06 -60.05
C PRO I 296 57.47 9.39 -60.48
N ASP I 297 56.55 8.44 -60.39
CA ASP I 297 55.18 8.65 -60.85
C ASP I 297 54.44 9.67 -59.99
N LYS I 298 54.79 9.71 -58.71
CA LYS I 298 54.22 10.67 -57.75
C LYS I 298 52.71 10.52 -57.56
N ASP I 299 51.96 10.56 -58.65
CA ASP I 299 50.50 10.48 -58.60
C ASP I 299 50.01 9.16 -58.02
N GLU I 300 50.73 8.08 -58.31
CA GLU I 300 50.34 6.76 -57.83
C GLU I 300 51.20 6.33 -56.64
N GLU I 301 52.38 6.96 -56.52
CA GLU I 301 53.24 6.81 -55.35
C GLU I 301 52.43 6.99 -54.07
N SER I 302 51.54 7.96 -54.09
CA SER I 302 50.61 8.21 -53.00
C SER I 302 49.78 6.98 -52.67
N ARG I 303 49.27 6.31 -53.70
CA ARG I 303 48.44 5.13 -53.52
C ARG I 303 49.21 3.98 -52.87
N ILE I 304 50.43 3.75 -53.36
CA ILE I 304 51.28 2.69 -52.82
C ILE I 304 51.65 2.95 -51.37
N CYS I 305 52.14 4.16 -51.10
CA CYS I 305 52.55 4.53 -49.75
C CYS I 305 51.39 4.51 -48.76
N LYS I 306 50.21 4.95 -49.22
CA LYS I 306 49.02 4.93 -48.38
C LYS I 306 48.58 3.50 -48.10
N ALA I 307 48.69 2.65 -49.12
CA ALA I 307 48.34 1.24 -48.96
C ALA I 307 49.24 0.57 -47.93
N LEU I 308 50.55 0.81 -48.05
CA LEU I 308 51.50 0.26 -47.10
C LEU I 308 51.28 0.83 -45.69
N PHE I 309 50.88 2.09 -45.62
CA PHE I 309 50.59 2.74 -44.34
C PHE I 309 49.40 2.07 -43.65
N LEU I 310 48.32 1.87 -44.41
CA LEU I 310 47.13 1.21 -43.89
C LEU I 310 47.46 -0.22 -43.47
N TYR I 311 48.30 -0.89 -44.26
CA TYR I 311 48.73 -2.25 -43.93
C TYR I 311 49.49 -2.31 -42.61
N THR I 312 50.50 -1.45 -42.47
CA THR I 312 51.32 -1.42 -41.26
C THR I 312 50.51 -1.00 -40.03
N SER I 313 49.55 -0.11 -40.23
CA SER I 313 48.70 0.34 -39.13
C SER I 313 47.74 -0.77 -38.69
N HIS I 314 47.23 -1.53 -39.66
CA HIS I 314 46.38 -2.67 -39.36
C HIS I 314 47.17 -3.76 -38.64
N LEU I 315 48.39 -4.00 -39.08
CA LEU I 315 49.27 -4.97 -38.43
C LEU I 315 49.57 -4.54 -37.00
N ARG I 316 49.77 -3.23 -36.82
CA ARG I 316 49.90 -2.65 -35.49
C ARG I 316 48.70 -3.04 -34.63
N LYS I 317 47.52 -2.57 -35.06
CA LYS I 317 46.26 -2.82 -34.36
C LYS I 317 46.08 -4.29 -33.97
N TYR I 318 46.34 -5.18 -34.91
CA TYR I 318 46.30 -6.61 -34.64
C TYR I 318 47.30 -6.98 -33.56
N ASN I 319 48.49 -6.38 -33.61
CA ASN I 319 49.53 -6.71 -32.66
C ASN I 319 49.17 -6.34 -31.23
N ASP I 320 48.65 -5.13 -31.00
CA ASP I 320 48.24 -4.81 -29.63
C ASP I 320 46.92 -5.50 -29.29
N ALA I 321 46.23 -6.04 -30.30
CA ALA I 321 45.08 -6.90 -30.02
C ALA I 321 45.56 -8.21 -29.38
N LEU I 322 46.61 -8.79 -29.95
CA LEU I 322 47.22 -9.99 -29.37
C LEU I 322 47.83 -9.70 -28.00
N ILE I 323 48.53 -8.57 -27.90
CA ILE I 323 49.18 -8.19 -26.65
C ILE I 323 48.15 -7.88 -25.55
N ILE I 324 46.95 -7.47 -25.96
CA ILE I 324 45.88 -7.21 -25.01
C ILE I 324 45.19 -8.51 -24.60
N SER I 325 45.05 -9.43 -25.54
CA SER I 325 44.43 -10.72 -25.26
C SER I 325 45.29 -11.56 -24.32
N GLU I 326 46.59 -11.30 -24.32
CA GLU I 326 47.54 -12.03 -23.47
C GLU I 326 47.36 -11.68 -21.99
N HIS I 327 46.77 -10.53 -21.71
CA HIS I 327 46.64 -10.07 -20.34
C HIS I 327 45.19 -10.00 -19.86
N ALA I 328 44.25 -10.21 -20.76
CA ALA I 328 42.84 -10.15 -20.40
C ALA I 328 41.99 -11.11 -21.21
N ARG I 329 40.69 -10.82 -21.31
CA ARG I 329 39.76 -11.65 -22.06
C ARG I 329 40.04 -11.59 -23.55
N MET I 330 39.54 -12.59 -24.28
CA MET I 330 39.60 -12.58 -25.72
C MET I 330 38.53 -11.64 -26.26
N LYS I 331 37.46 -11.49 -25.49
CA LYS I 331 36.37 -10.57 -25.82
C LYS I 331 36.88 -9.13 -25.87
N ASP I 332 37.77 -8.79 -24.94
CA ASP I 332 38.35 -7.45 -24.87
C ASP I 332 39.12 -7.12 -26.14
N ALA I 333 39.92 -8.08 -26.62
CA ALA I 333 40.70 -7.89 -27.82
C ALA I 333 39.80 -7.86 -29.06
N LEU I 334 38.81 -8.75 -29.08
CA LEU I 334 37.88 -8.84 -30.20
C LEU I 334 37.09 -7.55 -30.38
N ASP I 335 36.70 -6.94 -29.27
CA ASP I 335 35.96 -5.68 -29.30
C ASP I 335 36.90 -4.47 -29.39
N TYR I 336 38.18 -4.71 -29.14
CA TYR I 336 39.19 -3.69 -29.40
C TYR I 336 39.36 -3.55 -30.90
N LEU I 337 39.47 -4.68 -31.59
CA LEU I 337 39.51 -4.68 -33.04
C LEU I 337 38.18 -4.21 -33.63
N LYS I 338 37.08 -4.64 -33.01
CA LYS I 338 35.75 -4.24 -33.45
C LYS I 338 35.60 -2.72 -33.38
N ASP I 339 36.02 -2.13 -32.27
CA ASP I 339 35.94 -0.69 -32.11
C ASP I 339 36.99 0.02 -32.96
N PHE I 340 38.04 -0.70 -33.35
CA PHE I 340 39.03 -0.15 -34.27
C PHE I 340 38.42 0.04 -35.64
N PHE I 341 37.86 -1.04 -36.18
CA PHE I 341 37.24 -1.01 -37.50
C PHE I 341 35.98 -0.14 -37.52
N SER I 342 35.34 0.00 -36.36
CA SER I 342 34.17 0.88 -36.27
C SER I 342 34.60 2.30 -35.95
N ASN I 343 35.88 2.49 -35.64
CA ASN I 343 36.44 3.83 -35.51
C ASN I 343 36.89 4.32 -36.88
N VAL I 344 37.29 3.38 -37.72
CA VAL I 344 37.52 3.68 -39.12
C VAL I 344 36.19 4.08 -39.76
N ARG I 345 35.10 3.51 -39.24
CA ARG I 345 33.76 3.84 -39.70
C ARG I 345 33.45 5.32 -39.52
N ALA I 346 32.66 5.85 -40.45
CA ALA I 346 32.32 7.28 -40.48
C ALA I 346 33.58 8.14 -40.53
N ALA I 347 34.52 7.76 -41.40
CA ALA I 347 35.75 8.50 -41.57
C ALA I 347 36.36 8.26 -42.95
N GLY I 348 35.51 7.83 -43.89
CA GLY I 348 35.96 7.56 -45.25
C GLY I 348 36.59 6.19 -45.38
N PHE I 349 36.04 5.37 -46.27
CA PHE I 349 36.55 4.01 -46.48
C PHE I 349 37.31 3.86 -47.78
N ASP I 350 38.61 3.59 -47.67
CA ASP I 350 39.43 3.25 -48.82
C ASP I 350 38.94 1.92 -49.38
N GLU I 351 39.16 1.70 -50.67
CA GLU I 351 38.81 0.43 -51.30
C GLU I 351 39.70 -0.68 -50.76
N ILE I 352 40.87 -0.30 -50.24
CA ILE I 352 41.80 -1.26 -49.67
C ILE I 352 41.58 -1.38 -48.16
N GLU I 353 40.93 -0.37 -47.58
CA GLU I 353 40.53 -0.44 -46.17
C GLU I 353 39.29 -1.33 -46.08
N GLN I 354 38.34 -1.09 -46.97
CA GLN I 354 37.17 -1.94 -47.15
C GLN I 354 37.62 -3.38 -47.42
N ASP I 355 38.78 -3.53 -48.03
CA ASP I 355 39.37 -4.84 -48.34
C ASP I 355 39.89 -5.53 -47.07
N LEU I 356 40.73 -4.82 -46.32
CA LEU I 356 41.27 -5.35 -45.07
C LEU I 356 40.15 -5.74 -44.11
N THR I 357 39.14 -4.89 -44.02
CA THR I 357 37.93 -5.24 -43.28
C THR I 357 37.34 -6.51 -43.87
N GLN I 358 37.16 -6.53 -45.19
CA GLN I 358 36.54 -7.66 -45.89
C GLN I 358 37.19 -8.99 -45.54
N ARG I 359 38.48 -8.97 -45.23
CA ARG I 359 39.16 -10.17 -44.75
C ARG I 359 39.04 -10.31 -43.23
N PHE I 360 38.75 -9.21 -42.53
CA PHE I 360 38.55 -9.28 -41.08
C PHE I 360 37.19 -9.86 -40.71
N GLU I 361 36.12 -9.32 -41.28
CA GLU I 361 34.76 -9.71 -40.86
C GLU I 361 34.41 -11.14 -41.24
N GLU I 362 35.22 -11.75 -42.11
CA GLU I 362 35.01 -13.13 -42.50
C GLU I 362 35.27 -14.08 -41.33
N LYS I 363 36.21 -13.70 -40.48
CA LYS I 363 36.64 -14.55 -39.36
C LYS I 363 35.84 -14.27 -38.08
N LEU I 364 35.13 -13.15 -38.04
CA LEU I 364 34.45 -12.70 -36.83
C LEU I 364 33.46 -13.73 -36.28
N GLN I 365 32.86 -14.51 -37.18
CA GLN I 365 31.88 -15.53 -36.78
C GLN I 365 32.53 -16.64 -35.95
N GLU I 366 33.84 -16.80 -36.09
CA GLU I 366 34.59 -17.78 -35.32
C GLU I 366 35.15 -17.18 -34.04
N LEU I 367 35.77 -16.01 -34.17
CA LEU I 367 36.43 -15.36 -33.05
C LEU I 367 35.42 -14.89 -32.01
N GLU I 368 34.18 -14.65 -32.44
CA GLU I 368 33.10 -14.34 -31.51
C GLU I 368 32.82 -15.55 -30.63
N SER I 369 32.96 -16.74 -31.23
CA SER I 369 32.75 -17.99 -30.50
C SER I 369 33.92 -18.29 -29.55
N VAL I 370 35.14 -18.08 -30.04
CA VAL I 370 36.31 -18.32 -29.19
C VAL I 370 36.44 -17.26 -28.11
N SER I 371 35.74 -16.14 -28.28
CA SER I 371 35.69 -15.11 -27.26
C SER I 371 34.56 -15.39 -26.28
N ARG I 372 33.50 -16.02 -26.77
CA ARG I 372 32.38 -16.42 -25.92
C ARG I 372 32.64 -17.80 -25.32
N ASP I 373 33.77 -18.39 -25.70
CA ASP I 373 34.14 -19.72 -25.20
C ASP I 373 34.51 -19.67 -23.71
N PRO I 374 33.88 -20.55 -22.92
CA PRO I 374 34.11 -20.61 -21.47
C PRO I 374 35.40 -21.33 -21.09
N SER I 375 35.80 -22.32 -21.88
CA SER I 375 36.97 -23.13 -21.57
C SER I 375 38.26 -22.29 -21.63
N ASN I 376 38.31 -21.34 -22.57
CA ASN I 376 39.49 -20.51 -22.73
C ASN I 376 39.42 -19.25 -21.89
N GLU I 377 39.85 -19.36 -20.63
CA GLU I 377 39.92 -18.21 -19.73
C GLU I 377 41.34 -18.07 -19.18
N ASN I 378 41.87 -16.86 -19.23
CA ASN I 378 43.23 -16.59 -18.81
C ASN I 378 43.44 -16.86 -17.32
N PRO I 379 44.48 -17.65 -16.98
CA PRO I 379 44.82 -17.98 -15.60
C PRO I 379 45.11 -16.74 -14.76
N LYS I 380 45.55 -15.67 -15.42
CA LYS I 380 45.74 -14.38 -14.76
C LYS I 380 44.43 -13.91 -14.15
N LEU I 381 43.39 -13.85 -14.97
CA LEU I 381 42.07 -13.42 -14.53
C LEU I 381 41.44 -14.44 -13.60
N GLU I 382 41.73 -15.71 -13.85
CA GLU I 382 41.18 -16.80 -13.05
C GLU I 382 41.73 -16.75 -11.63
N ASP I 383 42.96 -16.27 -11.48
CA ASP I 383 43.59 -16.17 -10.17
C ASP I 383 43.29 -14.82 -9.53
N LEU I 384 43.15 -13.79 -10.35
CA LEU I 384 42.81 -12.45 -9.87
C LEU I 384 41.42 -12.44 -9.26
N CYS I 385 40.48 -13.07 -9.95
CA CYS I 385 39.13 -13.23 -9.46
C CYS I 385 39.14 -13.94 -8.10
N PHE I 386 39.97 -14.98 -8.02
CA PHE I 386 40.14 -15.74 -6.79
C PHE I 386 40.62 -14.85 -5.65
N ILE I 387 41.70 -14.11 -5.87
CA ILE I 387 42.26 -13.21 -4.87
C ILE I 387 41.21 -12.19 -4.39
N LEU I 388 40.57 -11.53 -5.35
CA LEU I 388 39.57 -10.52 -5.04
C LEU I 388 38.41 -11.07 -4.22
N GLN I 389 37.83 -12.17 -4.69
CA GLN I 389 36.66 -12.74 -4.04
C GLN I 389 37.01 -13.32 -2.67
N GLU I 390 38.24 -13.78 -2.51
CA GLU I 390 38.69 -14.28 -1.21
C GLU I 390 38.86 -13.12 -0.22
N GLU I 391 39.54 -12.08 -0.66
CA GLU I 391 39.77 -10.90 0.18
C GLU I 391 38.46 -10.22 0.57
N TYR I 392 37.50 -10.21 -0.34
CA TYR I 392 36.21 -9.62 -0.05
C TYR I 392 35.32 -10.58 0.73
N HIS I 393 35.65 -11.87 0.68
CA HIS I 393 34.99 -12.86 1.52
C HIS I 393 35.41 -12.62 2.97
N LEU I 394 36.70 -12.33 3.15
CA LEU I 394 37.24 -12.04 4.47
C LEU I 394 36.74 -10.70 4.99
N ASN I 395 36.84 -9.67 4.14
CA ASN I 395 36.38 -8.34 4.50
C ASN I 395 35.58 -7.71 3.36
N PRO I 396 34.27 -7.54 3.58
CA PRO I 396 33.36 -6.99 2.56
C PRO I 396 33.60 -5.52 2.25
N GLU I 397 33.88 -4.72 3.28
CA GLU I 397 34.09 -3.29 3.10
C GLU I 397 35.53 -2.96 2.70
N THR I 398 36.12 -3.80 1.87
CA THR I 398 37.50 -3.62 1.44
C THR I 398 37.60 -2.61 0.29
N ILE I 399 38.53 -1.67 0.41
CA ILE I 399 38.78 -0.71 -0.65
C ILE I 399 40.01 -1.12 -1.46
N THR I 400 39.79 -1.51 -2.71
CA THR I 400 40.86 -2.04 -3.55
C THR I 400 41.32 -1.02 -4.58
N ILE I 401 42.61 -1.04 -4.90
CA ILE I 401 43.14 -0.24 -6.00
C ILE I 401 43.94 -1.15 -6.93
N LEU I 402 43.76 -0.97 -8.23
CA LEU I 402 44.38 -1.85 -9.22
C LEU I 402 45.25 -1.06 -10.20
N PHE I 403 46.50 -1.50 -10.36
CA PHE I 403 47.42 -0.84 -11.27
C PHE I 403 47.71 -1.71 -12.50
N VAL I 404 47.57 -1.11 -13.68
CA VAL I 404 47.93 -1.77 -14.92
C VAL I 404 48.84 -0.84 -15.73
N LYS I 405 49.52 -1.39 -16.74
CA LYS I 405 50.45 -0.59 -17.52
C LYS I 405 49.72 0.31 -18.52
N THR I 406 48.94 -0.31 -19.40
CA THR I 406 48.29 0.43 -20.47
C THR I 406 46.92 0.99 -20.06
N ARG I 407 46.44 1.97 -20.82
CA ARG I 407 45.13 2.55 -20.57
C ARG I 407 44.04 1.68 -21.19
N ALA I 408 44.45 0.76 -22.05
CA ALA I 408 43.52 -0.18 -22.68
C ALA I 408 43.11 -1.27 -21.69
N LEU I 409 44.08 -1.75 -20.92
CA LEU I 409 43.83 -2.76 -19.90
C LEU I 409 42.90 -2.23 -18.82
N VAL I 410 42.88 -0.91 -18.66
CA VAL I 410 41.96 -0.26 -17.72
C VAL I 410 40.52 -0.55 -18.11
N ASP I 411 40.15 -0.16 -19.33
CA ASP I 411 38.81 -0.40 -19.84
C ASP I 411 38.54 -1.91 -19.92
N ALA I 412 39.55 -2.67 -20.28
CA ALA I 412 39.43 -4.12 -20.39
C ALA I 412 38.97 -4.75 -19.08
N LEU I 413 39.75 -4.52 -18.02
CA LEU I 413 39.44 -5.09 -16.71
C LEU I 413 38.18 -4.48 -16.11
N LYS I 414 37.96 -3.19 -16.39
CA LYS I 414 36.76 -2.52 -15.91
C LYS I 414 35.52 -3.16 -16.49
N ASN I 415 35.62 -3.62 -17.73
CA ASN I 415 34.51 -4.34 -18.37
C ASN I 415 34.44 -5.79 -17.89
N TRP I 416 35.60 -6.39 -17.63
CA TRP I 416 35.65 -7.77 -17.19
C TRP I 416 35.03 -7.97 -15.82
N ILE I 417 35.23 -6.99 -14.93
CA ILE I 417 34.66 -7.06 -13.59
C ILE I 417 33.15 -7.09 -13.62
N GLU I 418 32.55 -6.14 -14.33
CA GLU I 418 31.10 -6.07 -14.45
C GLU I 418 30.58 -7.13 -15.41
N GLY I 419 31.49 -7.74 -16.16
CA GLY I 419 31.15 -8.84 -17.04
C GLY I 419 31.37 -10.18 -16.36
N ASN I 420 31.56 -10.13 -15.04
CA ASN I 420 31.80 -11.33 -14.25
C ASN I 420 30.80 -11.42 -13.10
N PRO I 421 30.01 -12.51 -13.05
CA PRO I 421 29.01 -12.71 -12.01
C PRO I 421 29.62 -12.94 -10.63
N LYS I 422 30.81 -13.51 -10.60
CA LYS I 422 31.50 -13.77 -9.33
C LYS I 422 31.86 -12.46 -8.63
N LEU I 423 32.38 -11.51 -9.40
CA LEU I 423 32.81 -10.23 -8.85
C LEU I 423 31.68 -9.20 -8.83
N SER I 424 30.45 -9.68 -8.65
CA SER I 424 29.27 -8.82 -8.67
C SER I 424 29.27 -7.81 -7.53
N PHE I 425 30.08 -8.07 -6.52
CA PHE I 425 30.18 -7.19 -5.36
C PHE I 425 31.08 -6.00 -5.64
N LEU I 426 31.80 -6.04 -6.75
CA LEU I 426 32.76 -4.99 -7.10
C LEU I 426 32.12 -3.85 -7.89
N LYS I 427 32.63 -2.65 -7.67
CA LYS I 427 32.17 -1.47 -8.40
C LYS I 427 33.37 -0.68 -8.92
N PRO I 428 33.80 -1.00 -10.15
CA PRO I 428 35.01 -0.45 -10.79
C PRO I 428 35.10 1.07 -10.78
N GLY I 429 36.33 1.58 -10.84
CA GLY I 429 36.61 3.00 -10.91
C GLY I 429 37.75 3.27 -11.86
N ILE I 430 37.82 4.50 -12.39
CA ILE I 430 38.83 4.84 -13.39
C ILE I 430 39.71 6.00 -12.94
N LEU I 431 41.01 5.87 -13.14
CA LEU I 431 41.95 6.93 -12.86
C LEU I 431 43.02 7.00 -13.97
N THR I 432 42.59 7.43 -15.15
CA THR I 432 43.50 7.52 -16.30
C THR I 432 43.65 8.96 -16.77
N ASP I 460 31.69 6.21 -2.66
CA ASP I 460 31.75 6.13 -4.11
C ASP I 460 31.82 4.68 -4.59
N HIS I 461 33.04 4.17 -4.72
CA HIS I 461 33.26 2.82 -5.21
C HIS I 461 33.90 1.93 -4.15
N ASN I 462 34.36 0.75 -4.57
CA ASN I 462 35.10 -0.15 -3.70
C ASN I 462 36.42 -0.58 -4.33
N ILE I 463 36.49 -0.50 -5.65
CA ILE I 463 37.72 -0.80 -6.37
C ILE I 463 38.00 0.28 -7.42
N LEU I 464 39.26 0.69 -7.51
CA LEU I 464 39.66 1.75 -8.43
C LEU I 464 40.81 1.30 -9.34
N ILE I 465 40.54 1.26 -10.64
CA ILE I 465 41.56 0.85 -11.61
C ILE I 465 42.30 2.07 -12.16
N ALA I 466 43.63 2.00 -12.16
CA ALA I 466 44.46 3.09 -12.65
C ALA I 466 45.63 2.60 -13.48
N THR I 467 46.34 3.53 -14.11
CA THR I 467 47.54 3.19 -14.86
C THR I 467 48.78 3.43 -14.01
N SER I 468 49.08 4.71 -13.76
CA SER I 468 50.21 5.08 -12.93
C SER I 468 50.04 6.51 -12.43
N VAL I 469 50.55 6.77 -11.23
CA VAL I 469 50.51 8.11 -10.66
C VAL I 469 51.92 8.56 -10.26
N ALA I 470 52.45 9.53 -10.99
CA ALA I 470 53.78 10.05 -10.72
C ALA I 470 53.89 10.58 -9.30
N ASP I 471 54.90 10.12 -8.58
CA ASP I 471 55.13 10.49 -7.18
C ASP I 471 53.94 10.14 -6.29
N GLU I 472 53.92 10.69 -5.08
CA GLU I 472 52.86 10.42 -4.12
C GLU I 472 51.54 11.00 -4.59
N GLY I 473 51.51 12.32 -4.77
CA GLY I 473 50.29 13.01 -5.18
C GLY I 473 49.32 13.17 -4.03
N ILE I 474 48.10 13.61 -4.36
CA ILE I 474 47.05 13.76 -3.36
C ILE I 474 46.57 12.40 -2.88
N ASP I 475 46.46 12.24 -1.56
CA ASP I 475 46.04 10.98 -0.99
C ASP I 475 44.57 10.68 -1.26
N ILE I 476 44.32 9.55 -1.90
CA ILE I 476 42.96 9.05 -2.04
C ILE I 476 42.62 8.33 -0.74
N ALA I 477 41.39 7.81 -0.63
CA ALA I 477 41.01 7.06 0.56
C ALA I 477 41.93 5.86 0.76
N GLN I 478 42.07 5.43 2.02
CA GLN I 478 42.96 4.33 2.35
C GLN I 478 42.50 3.02 1.72
N CYS I 479 43.47 2.19 1.34
CA CYS I 479 43.18 0.89 0.74
C CYS I 479 43.65 -0.24 1.64
N ASN I 480 42.98 -1.38 1.54
CA ASN I 480 43.38 -2.57 2.27
C ASN I 480 43.90 -3.63 1.31
N LEU I 481 43.88 -3.29 0.01
CA LEU I 481 44.32 -4.21 -1.02
C LEU I 481 44.87 -3.47 -2.22
N VAL I 482 46.14 -3.72 -2.53
CA VAL I 482 46.79 -3.10 -3.69
C VAL I 482 47.27 -4.19 -4.64
N ILE I 483 46.71 -4.21 -5.85
CA ILE I 483 47.06 -5.23 -6.82
C ILE I 483 47.84 -4.64 -7.99
N LEU I 484 49.03 -5.17 -8.22
CA LEU I 484 49.88 -4.71 -9.31
C LEU I 484 49.83 -5.70 -10.48
N TYR I 485 48.90 -5.46 -11.40
CA TYR I 485 48.71 -6.34 -12.55
C TYR I 485 49.79 -6.10 -13.60
N GLU I 486 50.83 -6.93 -13.57
CA GLU I 486 51.98 -6.81 -14.48
C GLU I 486 52.62 -5.42 -14.37
N TYR I 487 52.56 -4.84 -13.18
CA TYR I 487 53.02 -3.47 -12.97
C TYR I 487 54.31 -3.44 -12.15
N VAL I 488 55.44 -3.47 -12.85
CA VAL I 488 56.74 -3.42 -12.20
C VAL I 488 57.41 -2.05 -12.39
N GLY I 489 57.45 -1.26 -11.33
CA GLY I 489 58.06 0.06 -11.38
C GLY I 489 59.43 0.09 -10.77
N ASN I 490 59.89 1.28 -10.40
CA ASN I 490 61.19 1.43 -9.76
C ASN I 490 61.07 1.48 -8.24
N VAL I 491 62.22 1.51 -7.56
CA VAL I 491 62.26 1.46 -6.10
C VAL I 491 61.49 2.63 -5.47
N ILE I 492 61.68 3.82 -6.01
CA ILE I 492 60.99 5.01 -5.51
C ILE I 492 59.48 4.87 -5.72
N LYS I 493 59.08 4.41 -6.90
CA LYS I 493 57.67 4.21 -7.21
C LYS I 493 57.08 3.14 -6.28
N MET I 494 57.92 2.22 -5.85
CA MET I 494 57.52 1.15 -4.95
C MET I 494 57.26 1.68 -3.54
N ILE I 495 58.25 2.37 -2.98
CA ILE I 495 58.12 2.94 -1.63
C ILE I 495 56.99 3.97 -1.59
N GLN I 496 56.77 4.65 -2.71
CA GLN I 496 55.64 5.57 -2.82
C GLN I 496 54.32 4.81 -2.86
N THR I 497 54.28 3.73 -3.64
CA THR I 497 53.08 2.91 -3.77
C THR I 497 52.66 2.33 -2.42
N ARG I 498 53.65 2.06 -1.57
CA ARG I 498 53.37 1.58 -0.22
C ARG I 498 52.47 2.54 0.57
N GLY I 499 52.49 3.81 0.20
CA GLY I 499 51.71 4.82 0.88
C GLY I 499 50.21 4.70 0.65
N ARG I 500 49.83 3.88 -0.31
CA ARG I 500 48.42 3.66 -0.62
C ARG I 500 47.71 2.92 0.52
N GLY I 501 48.43 2.02 1.16
CA GLY I 501 47.86 1.26 2.26
C GLY I 501 48.76 1.30 3.48
N ARG I 502 48.94 2.48 4.06
CA ARG I 502 49.77 2.64 5.25
C ARG I 502 49.02 2.26 6.52
N ALA I 503 47.80 1.79 6.36
CA ALA I 503 47.00 1.33 7.49
C ALA I 503 47.37 -0.11 7.86
N ARG I 504 47.18 -0.46 9.13
CA ARG I 504 47.52 -1.79 9.62
C ARG I 504 46.69 -2.88 8.95
N GLY I 505 47.37 -3.89 8.44
CA GLY I 505 46.69 -5.05 7.87
C GLY I 505 46.56 -5.00 6.36
N SER I 506 46.92 -3.85 5.77
CA SER I 506 46.85 -3.68 4.33
C SER I 506 47.77 -4.65 3.60
N LYS I 507 47.26 -5.25 2.52
CA LYS I 507 48.04 -6.20 1.74
C LYS I 507 48.32 -5.65 0.34
N CYS I 508 49.35 -6.20 -0.31
CA CYS I 508 49.72 -5.77 -1.64
C CYS I 508 50.18 -6.94 -2.50
N PHE I 509 49.34 -7.37 -3.42
CA PHE I 509 49.65 -8.50 -4.29
C PHE I 509 50.37 -8.07 -5.57
N LEU I 510 50.85 -9.05 -6.32
CA LEU I 510 51.57 -8.80 -7.56
C LEU I 510 51.39 -9.98 -8.52
N LEU I 511 50.44 -9.84 -9.46
CA LEU I 511 50.17 -10.88 -10.42
C LEU I 511 50.96 -10.70 -11.71
N THR I 512 51.50 -11.79 -12.22
CA THR I 512 52.28 -11.76 -13.46
C THR I 512 52.48 -13.16 -14.02
N SER I 513 52.81 -13.23 -15.31
CA SER I 513 53.16 -14.48 -15.96
C SER I 513 54.59 -14.40 -16.47
N ASN I 514 55.40 -13.61 -15.77
CA ASN I 514 56.78 -13.39 -16.18
C ASN I 514 57.69 -13.25 -14.95
N ALA I 515 58.69 -14.14 -14.87
CA ALA I 515 59.59 -14.16 -13.73
C ALA I 515 60.43 -12.88 -13.63
N GLY I 516 60.61 -12.21 -14.77
CA GLY I 516 61.36 -10.98 -14.81
C GLY I 516 60.75 -9.89 -13.95
N VAL I 517 59.43 -9.92 -13.83
CA VAL I 517 58.71 -8.95 -12.98
C VAL I 517 59.04 -9.19 -11.51
N ILE I 518 58.97 -10.45 -11.10
CA ILE I 518 59.31 -10.86 -9.74
C ILE I 518 60.74 -10.47 -9.40
N GLU I 519 61.66 -10.82 -10.30
CA GLU I 519 63.07 -10.50 -10.13
C GLU I 519 63.27 -9.00 -10.00
N LYS I 520 62.59 -8.24 -10.85
CA LYS I 520 62.68 -6.78 -10.85
C LYS I 520 62.21 -6.18 -9.53
N GLU I 521 61.08 -6.69 -9.04
CA GLU I 521 60.52 -6.18 -7.79
C GLU I 521 61.44 -6.52 -6.61
N GLN I 522 61.98 -7.73 -6.62
CA GLN I 522 62.83 -8.16 -5.52
C GLN I 522 64.14 -7.40 -5.50
N ILE I 523 64.74 -7.19 -6.67
CA ILE I 523 65.98 -6.41 -6.73
C ILE I 523 65.67 -4.94 -6.44
N ASN I 524 64.42 -4.55 -6.62
CA ASN I 524 63.98 -3.23 -6.17
C ASN I 524 64.02 -3.15 -4.65
N MET I 525 63.54 -4.22 -4.00
CA MET I 525 63.59 -4.28 -2.54
C MET I 525 65.03 -4.27 -2.03
N TYR I 526 65.90 -5.03 -2.69
CA TYR I 526 67.30 -5.07 -2.34
C TYR I 526 67.94 -3.70 -2.54
N LYS I 527 67.47 -2.99 -3.57
CA LYS I 527 67.92 -1.63 -3.83
C LYS I 527 67.48 -0.69 -2.72
N GLU I 528 66.31 -0.94 -2.16
CA GLU I 528 65.84 -0.16 -1.02
C GLU I 528 66.73 -0.41 0.19
N LYS I 529 67.09 -1.69 0.40
CA LYS I 529 68.03 -2.04 1.46
C LYS I 529 69.33 -1.29 1.30
N MET I 530 69.88 -1.34 0.08
CA MET I 530 71.10 -0.61 -0.27
C MET I 530 70.95 0.88 0.03
N MET I 531 69.78 1.42 -0.27
CA MET I 531 69.53 2.84 -0.06
C MET I 531 69.58 3.21 1.41
N ASN I 532 68.78 2.52 2.22
CA ASN I 532 68.73 2.77 3.65
C ASN I 532 70.09 2.56 4.34
N ASP I 533 70.81 1.54 3.89
CA ASP I 533 72.12 1.24 4.46
C ASP I 533 73.15 2.31 4.07
N SER I 534 73.09 2.76 2.82
CA SER I 534 74.00 3.79 2.34
C SER I 534 73.75 5.11 3.04
N ILE I 535 72.47 5.41 3.30
CA ILE I 535 72.10 6.59 4.05
C ILE I 535 72.61 6.47 5.48
N LEU I 536 72.41 5.31 6.09
CA LEU I 536 72.88 5.04 7.45
C LEU I 536 74.39 5.19 7.55
N ARG I 537 75.10 4.86 6.47
CA ARG I 537 76.55 4.97 6.43
C ARG I 537 76.98 6.43 6.22
N LEU I 538 76.20 7.16 5.44
CA LEU I 538 76.48 8.57 5.18
C LEU I 538 76.28 9.43 6.43
N GLN I 539 75.25 9.11 7.20
CA GLN I 539 74.90 9.89 8.37
C GLN I 539 75.90 9.71 9.51
N THR I 540 76.88 8.85 9.31
CA THR I 540 77.93 8.63 10.29
C THR I 540 79.13 9.53 9.99
N TRP I 541 79.14 10.12 8.80
CA TRP I 541 80.23 11.02 8.40
C TRP I 541 80.09 12.36 9.09
N ASP I 542 81.22 13.03 9.29
CA ASP I 542 81.21 14.43 9.69
C ASP I 542 80.98 15.26 8.43
N GLU I 543 80.15 16.30 8.55
CA GLU I 543 79.69 17.03 7.37
C GLU I 543 80.80 17.81 6.67
N ALA I 544 82.00 17.83 7.25
CA ALA I 544 83.13 18.49 6.62
C ALA I 544 83.58 17.72 5.37
N VAL I 545 83.97 16.46 5.58
CA VAL I 545 84.39 15.60 4.49
C VAL I 545 83.27 15.43 3.47
N PHE I 546 82.04 15.33 3.98
CA PHE I 546 80.88 15.20 3.12
C PHE I 546 80.70 16.44 2.25
N ARG I 547 80.88 17.63 2.83
CA ARG I 547 80.81 18.86 2.06
C ARG I 547 81.93 18.93 1.05
N GLU I 548 83.07 18.33 1.37
CA GLU I 548 84.19 18.27 0.45
C GLU I 548 83.83 17.45 -0.78
N LYS I 549 83.32 16.24 -0.55
CA LYS I 549 82.90 15.35 -1.62
C LYS I 549 81.81 16.00 -2.46
N ILE I 550 80.82 16.58 -1.77
CA ILE I 550 79.71 17.28 -2.41
C ILE I 550 80.22 18.38 -3.32
N LEU I 551 81.11 19.22 -2.80
CA LEU I 551 81.66 20.33 -3.57
C LEU I 551 82.43 19.83 -4.78
N HIS I 552 83.14 18.72 -4.62
CA HIS I 552 83.84 18.11 -5.74
C HIS I 552 82.87 17.67 -6.83
N ILE I 553 81.78 17.03 -6.42
CA ILE I 553 80.77 16.57 -7.37
C ILE I 553 80.12 17.75 -8.08
N GLN I 554 79.83 18.81 -7.33
CA GLN I 554 79.20 20.01 -7.88
C GLN I 554 80.07 20.67 -8.92
N THR I 555 81.35 20.90 -8.57
CA THR I 555 82.27 21.55 -9.48
C THR I 555 82.59 20.69 -10.70
N HIS I 556 82.66 19.37 -10.48
CA HIS I 556 82.93 18.43 -11.56
C HIS I 556 81.78 18.41 -12.56
N GLU I 557 80.56 18.35 -12.04
CA GLU I 557 79.37 18.33 -12.89
C GLU I 557 79.16 19.65 -13.60
N LYS I 558 79.46 20.75 -12.91
CA LYS I 558 79.36 22.08 -13.51
C LYS I 558 80.37 22.23 -14.64
N PHE I 559 81.58 21.71 -14.41
CA PHE I 559 82.61 21.73 -15.43
C PHE I 559 82.21 20.88 -16.63
N ILE I 560 81.60 19.74 -16.35
CA ILE I 560 81.15 18.82 -17.40
C ILE I 560 80.02 19.45 -18.22
N ARG I 561 79.18 20.25 -17.57
CA ARG I 561 78.09 20.93 -18.24
C ARG I 561 78.59 22.07 -19.10
N ASP I 562 79.44 22.91 -18.53
CA ASP I 562 80.02 24.04 -19.25
C ASP I 562 80.90 23.58 -20.41
N SER I 563 81.46 22.38 -20.28
CA SER I 563 82.26 21.80 -21.35
C SER I 563 81.35 21.26 -22.45
N GLN I 564 80.15 20.84 -22.07
CA GLN I 564 79.18 20.29 -23.02
C GLN I 564 78.38 21.40 -23.69
N PRO I 569 75.20 22.30 -35.33
CA PRO I 569 74.07 23.16 -35.68
C PRO I 569 74.42 24.20 -36.74
N VAL I 570 74.63 23.76 -37.98
CA VAL I 570 74.82 24.66 -39.10
C VAL I 570 73.68 24.46 -40.09
N PRO I 571 72.60 25.24 -39.95
CA PRO I 571 71.37 25.07 -40.73
C PRO I 571 71.54 25.42 -42.20
N ASP I 572 71.02 24.56 -43.07
CA ASP I 572 71.05 24.82 -44.51
C ASP I 572 69.89 25.72 -44.92
N LYS I 573 70.13 26.62 -45.87
CA LYS I 573 69.11 27.57 -46.28
C LYS I 573 68.35 27.08 -47.51
N GLU I 574 68.54 25.81 -47.85
CA GLU I 574 67.85 25.22 -49.00
C GLU I 574 66.37 25.00 -48.70
N ASN I 575 65.52 25.24 -49.69
CA ASN I 575 64.08 25.09 -49.53
C ASN I 575 63.65 23.63 -49.71
N LYS I 576 62.87 23.13 -48.76
CA LYS I 576 62.42 21.74 -48.80
C LYS I 576 60.90 21.65 -48.73
N LYS I 577 60.34 20.68 -49.46
CA LYS I 577 58.90 20.47 -49.48
C LYS I 577 58.47 19.45 -48.42
N LEU I 578 57.40 19.75 -47.71
CA LEU I 578 56.90 18.87 -46.66
C LEU I 578 55.71 18.05 -47.15
N LEU I 579 55.90 16.75 -47.26
CA LEU I 579 54.85 15.85 -47.72
C LEU I 579 54.10 15.22 -46.55
N CYS I 580 53.04 14.48 -46.87
CA CYS I 580 52.26 13.79 -45.85
C CYS I 580 52.75 12.35 -45.69
N ARG I 581 52.84 11.87 -44.45
CA ARG I 581 53.35 10.53 -44.20
C ARG I 581 52.37 9.45 -44.64
N LYS I 582 51.16 9.84 -45.01
CA LYS I 582 50.14 8.90 -45.45
C LYS I 582 49.71 9.19 -46.89
N CYS I 583 49.83 10.46 -47.30
CA CYS I 583 49.38 10.87 -48.62
C CYS I 583 50.51 11.16 -49.59
N LYS I 584 51.69 11.47 -49.07
CA LYS I 584 52.83 11.91 -49.87
C LYS I 584 52.45 13.13 -50.70
N ALA I 585 51.53 13.92 -50.17
CA ALA I 585 51.05 15.12 -50.85
C ALA I 585 51.67 16.36 -50.24
N LEU I 586 51.92 17.37 -51.07
CA LEU I 586 52.55 18.60 -50.62
C LEU I 586 51.67 19.35 -49.63
N ALA I 587 52.20 19.59 -48.43
CA ALA I 587 51.50 20.36 -47.42
C ALA I 587 51.95 21.81 -47.48
N CYS I 588 53.27 22.01 -47.43
CA CYS I 588 53.85 23.35 -47.47
C CYS I 588 55.35 23.28 -47.74
N TYR I 589 56.00 24.43 -47.72
CA TYR I 589 57.44 24.52 -47.85
C TYR I 589 58.05 25.06 -46.57
N THR I 590 59.36 24.94 -46.44
CA THR I 590 60.05 25.43 -45.25
C THR I 590 60.04 26.96 -45.19
N ALA I 591 59.81 27.59 -46.33
CA ALA I 591 59.75 29.05 -46.41
C ALA I 591 58.41 29.56 -45.89
N ASP I 592 57.37 28.75 -46.05
CA ASP I 592 56.03 29.12 -45.58
C ASP I 592 55.88 28.86 -44.08
N VAL I 593 56.70 27.95 -43.56
CA VAL I 593 56.69 27.62 -42.14
C VAL I 593 57.48 28.66 -41.34
N ARG I 594 56.89 29.16 -40.27
CA ARG I 594 57.56 30.12 -39.39
C ARG I 594 57.51 29.65 -37.94
N VAL I 595 58.57 29.90 -37.19
CA VAL I 595 58.67 29.39 -35.83
C VAL I 595 58.28 30.43 -34.77
N ILE I 596 57.51 29.98 -33.78
CA ILE I 596 57.03 30.84 -32.69
C ILE I 596 57.60 30.38 -31.35
N GLU I 597 58.13 31.33 -30.59
CA GLU I 597 58.72 31.08 -29.28
C GLU I 597 59.81 30.01 -29.32
N GLU I 598 60.47 29.90 -30.48
CA GLU I 598 61.53 28.93 -30.70
C GLU I 598 61.08 27.50 -30.40
N CYS I 599 59.79 27.22 -30.58
CA CYS I 599 59.24 25.91 -30.24
C CYS I 599 58.14 25.47 -31.21
N HIS I 600 57.13 26.31 -31.38
CA HIS I 600 55.94 25.89 -32.11
C HIS I 600 55.93 26.41 -33.55
N TYR I 601 55.91 25.49 -34.51
CA TYR I 601 56.03 25.87 -35.91
C TYR I 601 54.65 25.98 -36.59
N THR I 602 54.40 27.14 -37.18
CA THR I 602 53.14 27.40 -37.89
C THR I 602 53.37 27.55 -39.38
N VAL I 603 52.29 27.68 -40.14
CA VAL I 603 52.38 27.85 -41.60
C VAL I 603 51.60 29.08 -42.05
N LEU I 604 52.18 29.86 -42.96
CA LEU I 604 51.55 31.07 -43.47
C LEU I 604 50.94 30.86 -44.86
N GLY I 605 50.29 31.90 -45.37
CA GLY I 605 49.70 31.87 -46.69
C GLY I 605 48.37 31.15 -46.74
N ASP I 606 47.45 31.66 -47.54
CA ASP I 606 46.15 31.05 -47.73
C ASP I 606 46.22 29.89 -48.71
N ALA I 607 47.39 29.68 -49.30
CA ALA I 607 47.62 28.56 -50.19
C ALA I 607 47.61 27.26 -49.41
N PHE I 608 48.08 27.33 -48.16
CA PHE I 608 48.10 26.18 -47.28
C PHE I 608 46.74 25.99 -46.60
N LYS I 609 45.97 27.06 -46.53
CA LYS I 609 44.67 27.04 -45.86
C LYS I 609 43.70 26.06 -46.51
N GLU I 610 43.80 25.91 -47.83
CA GLU I 610 42.91 25.03 -48.57
C GLU I 610 43.48 23.62 -48.67
N CYS I 611 44.54 23.35 -47.90
CA CYS I 611 45.24 22.08 -47.99
C CYS I 611 44.93 21.15 -46.82
N PHE I 612 43.91 21.49 -46.03
CA PHE I 612 43.55 20.67 -44.87
C PHE I 612 42.11 20.85 -44.43
N VAL I 613 41.64 19.91 -43.62
CA VAL I 613 40.36 20.03 -42.93
C VAL I 613 40.63 20.19 -41.44
N SER I 614 39.61 20.59 -40.68
CA SER I 614 39.78 20.76 -39.25
C SER I 614 38.53 20.39 -38.47
N ARG I 615 38.69 19.52 -37.47
CA ARG I 615 37.59 19.13 -36.60
C ARG I 615 37.79 19.75 -35.22
N PRO I 616 36.70 20.09 -34.53
CA PRO I 616 36.84 20.73 -33.21
C PRO I 616 37.58 19.85 -32.20
N HIS I 617 38.52 20.46 -31.49
CA HIS I 617 39.38 19.73 -30.55
C HIS I 617 38.59 19.13 -29.40
N PRO I 618 38.87 17.86 -29.07
CA PRO I 618 38.21 17.15 -27.96
C PRO I 618 38.55 17.74 -26.59
N LYS I 619 39.83 17.90 -26.30
CA LYS I 619 40.25 18.45 -25.01
C LYS I 619 41.13 19.69 -25.19
N PRO I 620 40.51 20.85 -25.45
CA PRO I 620 41.24 22.10 -25.70
C PRO I 620 41.90 22.66 -24.44
N LYS I 621 43.22 22.57 -24.38
CA LYS I 621 43.98 23.14 -23.27
C LYS I 621 44.44 24.55 -23.59
N GLN I 622 45.08 25.19 -22.63
CA GLN I 622 45.72 26.48 -22.88
C GLN I 622 47.12 26.50 -22.28
N PHE I 623 48.12 26.59 -23.15
CA PHE I 623 49.51 26.61 -22.71
C PHE I 623 50.17 27.93 -23.09
N SER I 624 50.82 28.56 -22.12
CA SER I 624 51.48 29.85 -22.31
C SER I 624 50.54 30.88 -22.94
N SER I 625 50.93 31.38 -24.11
CA SER I 625 50.14 32.40 -24.81
C SER I 625 49.27 31.78 -25.90
N PHE I 626 49.20 30.46 -25.94
CA PHE I 626 48.40 29.76 -26.94
C PHE I 626 47.07 29.30 -26.36
N GLU I 627 46.23 28.73 -27.23
CA GLU I 627 44.94 28.19 -26.81
C GLU I 627 44.37 27.29 -27.89
N LYS I 628 44.27 25.99 -27.59
CA LYS I 628 43.77 25.02 -28.55
C LYS I 628 42.32 25.30 -28.95
N ARG I 629 42.01 25.04 -30.22
CA ARG I 629 40.65 25.23 -30.71
C ARG I 629 40.18 24.04 -31.55
N ALA I 630 41.07 23.50 -32.38
CA ALA I 630 40.70 22.41 -33.27
C ALA I 630 41.90 21.57 -33.73
N LYS I 631 41.65 20.30 -33.98
CA LYS I 631 42.62 19.39 -34.59
C LYS I 631 42.58 19.51 -36.11
N ILE I 632 43.76 19.36 -36.72
CA ILE I 632 43.91 19.51 -38.16
C ILE I 632 44.21 18.18 -38.84
N PHE I 633 43.53 17.91 -39.95
CA PHE I 633 43.73 16.68 -40.70
C PHE I 633 43.95 16.95 -42.18
N CYS I 634 44.51 15.98 -42.89
CA CYS I 634 44.74 16.11 -44.32
C CYS I 634 43.41 16.09 -45.08
N ALA I 635 43.37 16.79 -46.22
CA ALA I 635 42.14 16.92 -46.98
C ALA I 635 42.14 16.05 -48.24
N ARG I 636 43.33 15.62 -48.66
CA ARG I 636 43.49 14.84 -49.88
C ARG I 636 42.72 13.51 -49.81
N GLN I 637 41.78 13.34 -50.74
CA GLN I 637 40.91 12.17 -50.78
C GLN I 637 40.22 11.98 -49.44
N ASN I 638 40.29 10.77 -48.90
CA ASN I 638 39.81 10.50 -47.55
C ASN I 638 40.93 9.92 -46.69
N CYS I 639 41.94 10.75 -46.46
CA CYS I 639 43.11 10.38 -45.67
C CYS I 639 42.91 10.73 -44.20
N SER I 640 42.80 12.03 -43.93
CA SER I 640 42.61 12.55 -42.58
C SER I 640 43.73 12.10 -41.63
N HIS I 641 44.94 12.61 -41.87
CA HIS I 641 46.08 12.30 -41.01
C HIS I 641 46.36 13.47 -40.08
N ASP I 642 46.72 13.15 -38.84
CA ASP I 642 46.98 14.16 -37.81
C ASP I 642 48.19 15.03 -38.16
N TRP I 643 47.94 16.21 -38.70
CA TRP I 643 49.02 17.13 -39.06
C TRP I 643 49.41 18.02 -37.88
N GLY I 644 48.43 18.39 -37.06
CA GLY I 644 48.68 19.24 -35.92
C GLY I 644 47.41 19.78 -35.28
N ILE I 645 47.48 21.01 -34.80
CA ILE I 645 46.32 21.64 -34.16
C ILE I 645 46.10 23.07 -34.65
N HIS I 646 44.91 23.59 -34.42
CA HIS I 646 44.59 24.96 -34.77
C HIS I 646 44.35 25.75 -33.48
N VAL I 647 45.19 26.75 -33.24
CA VAL I 647 45.14 27.50 -31.98
C VAL I 647 44.91 28.98 -32.19
N LYS I 648 44.50 29.65 -31.12
CA LYS I 648 44.37 31.11 -31.13
C LYS I 648 45.54 31.71 -30.37
N TYR I 649 46.44 32.39 -31.09
CA TYR I 649 47.62 32.98 -30.50
C TYR I 649 47.65 34.49 -30.72
N LYS I 650 47.54 35.24 -29.63
CA LYS I 650 47.46 36.71 -29.68
C LYS I 650 46.31 37.16 -30.58
N THR I 651 46.64 37.92 -31.62
CA THR I 651 45.64 38.40 -32.56
C THR I 651 45.45 37.44 -33.72
N PHE I 652 46.34 36.45 -33.82
CA PHE I 652 46.29 35.48 -34.91
C PHE I 652 45.63 34.18 -34.46
N GLU I 653 45.07 33.45 -35.43
CA GLU I 653 44.58 32.10 -35.20
C GLU I 653 45.23 31.15 -36.19
N ILE I 654 46.56 31.04 -36.09
CA ILE I 654 47.35 30.28 -37.03
C ILE I 654 47.41 28.79 -36.69
N PRO I 655 47.57 27.94 -37.72
CA PRO I 655 47.72 26.50 -37.54
C PRO I 655 49.14 26.08 -37.13
N VAL I 656 49.26 25.28 -36.08
CA VAL I 656 50.55 24.77 -35.65
C VAL I 656 50.68 23.29 -36.04
N ILE I 657 51.79 22.93 -36.68
CA ILE I 657 51.94 21.59 -37.25
C ILE I 657 52.92 20.69 -36.51
N LYS I 658 53.07 19.48 -37.02
CA LYS I 658 53.92 18.47 -36.43
C LYS I 658 54.90 17.91 -37.46
N ILE I 659 56.19 17.91 -37.13
CA ILE I 659 57.19 17.34 -38.03
C ILE I 659 57.18 15.82 -37.92
N GLU I 660 56.55 15.32 -36.86
CA GLU I 660 56.45 13.88 -36.64
C GLU I 660 55.26 13.28 -37.38
N SER I 661 54.80 14.00 -38.41
CA SER I 661 53.69 13.53 -39.22
C SER I 661 53.87 13.94 -40.68
N PHE I 662 55.06 14.40 -41.02
CA PHE I 662 55.38 14.82 -42.37
C PHE I 662 56.62 14.11 -42.91
N VAL I 663 56.83 14.21 -44.22
CA VAL I 663 58.03 13.67 -44.85
C VAL I 663 58.79 14.78 -45.57
N VAL I 664 59.96 15.12 -45.04
CA VAL I 664 60.76 16.20 -45.60
C VAL I 664 61.44 15.77 -46.90
N GLU I 665 60.78 16.05 -48.02
CA GLU I 665 61.38 15.80 -49.33
C GLU I 665 62.06 17.07 -49.84
N ASP I 666 63.38 17.02 -49.95
CA ASP I 666 64.15 18.14 -50.47
C ASP I 666 63.77 18.38 -51.93
N ILE I 667 63.56 19.65 -52.28
CA ILE I 667 63.10 20.00 -53.62
C ILE I 667 64.08 19.59 -54.70
N ALA I 668 65.33 20.03 -54.56
CA ALA I 668 66.36 19.76 -55.57
C ALA I 668 66.80 18.29 -55.56
N THR I 669 67.29 17.84 -54.40
CA THR I 669 67.83 16.49 -54.28
C THR I 669 66.77 15.42 -54.49
N GLY I 670 65.61 15.60 -53.86
CA GLY I 670 64.54 14.62 -53.93
C GLY I 670 64.59 13.66 -52.76
N VAL I 671 65.77 13.52 -52.17
CA VAL I 671 65.97 12.61 -51.04
C VAL I 671 65.07 12.97 -49.86
N GLN I 672 64.10 12.10 -49.59
CA GLN I 672 63.15 12.32 -48.51
C GLN I 672 63.74 11.91 -47.17
N THR I 673 63.38 12.63 -46.12
CA THR I 673 63.85 12.32 -44.76
C THR I 673 62.70 12.40 -43.76
N LEU I 674 62.82 11.67 -42.65
CA LEU I 674 61.82 11.69 -41.59
C LEU I 674 62.42 12.20 -40.29
N TYR I 675 61.61 12.91 -39.51
CA TYR I 675 62.06 13.42 -38.22
C TYR I 675 61.07 13.11 -37.11
N SER I 676 61.58 12.90 -35.91
CA SER I 676 60.74 12.64 -34.75
C SER I 676 60.41 13.95 -34.04
N LYS I 677 61.43 14.78 -33.81
CA LYS I 677 61.25 16.06 -33.16
C LYS I 677 61.66 17.21 -34.07
N TRP I 678 61.24 18.42 -33.73
CA TRP I 678 61.60 19.60 -34.50
C TRP I 678 63.05 20.01 -34.26
N LYS I 679 63.59 19.59 -33.12
CA LYS I 679 64.97 19.90 -32.77
C LYS I 679 65.94 19.10 -33.64
N ASP I 680 65.46 17.99 -34.18
CA ASP I 680 66.28 17.13 -35.04
C ASP I 680 66.48 17.77 -36.42
N PHE I 681 65.41 18.31 -36.97
CA PHE I 681 65.46 18.92 -38.29
C PHE I 681 66.19 20.27 -38.25
N HIS I 682 67.35 20.33 -38.88
CA HIS I 682 68.11 21.57 -38.99
C HIS I 682 67.81 22.28 -40.31
N PHE I 683 67.26 23.48 -40.22
CA PHE I 683 67.01 24.30 -41.40
C PHE I 683 66.96 25.77 -41.01
N GLU I 684 66.94 26.65 -42.01
CA GLU I 684 66.86 28.08 -41.77
C GLU I 684 65.53 28.45 -41.14
N LYS I 685 65.48 28.36 -39.81
CA LYS I 685 64.25 28.66 -39.07
C LYS I 685 64.10 30.16 -38.85
N ILE I 686 63.18 30.76 -39.60
CA ILE I 686 62.93 32.19 -39.47
C ILE I 686 61.90 32.48 -38.40
N PRO I 687 62.18 33.46 -37.52
CA PRO I 687 61.28 33.85 -36.44
C PRO I 687 59.94 34.36 -36.94
N PHE I 688 58.87 34.03 -36.22
CA PHE I 688 57.55 34.51 -36.58
C PHE I 688 57.45 36.01 -36.37
N ASP I 689 56.85 36.70 -37.33
CA ASP I 689 56.69 38.15 -37.23
C ASP I 689 55.28 38.57 -37.65
N PRO I 690 54.63 39.41 -36.83
CA PRO I 690 53.29 39.93 -37.11
C PRO I 690 53.23 40.72 -38.41
N ALA I 691 54.35 41.26 -38.85
CA ALA I 691 54.41 42.04 -40.09
C ALA I 691 54.67 41.13 -41.29
N GLU I 692 54.21 39.88 -41.20
CA GLU I 692 54.34 38.90 -42.26
C GLU I 692 55.78 38.74 -42.73
N PHE K 11 -19.97 -42.52 -11.63
CA PHE K 11 -21.21 -43.22 -11.33
C PHE K 11 -22.33 -42.80 -12.30
N LYS K 12 -23.05 -43.79 -12.82
CA LYS K 12 -24.16 -43.52 -13.73
C LYS K 12 -25.49 -43.53 -12.97
N PRO K 13 -26.09 -42.35 -12.78
CA PRO K 13 -27.33 -42.19 -12.02
C PRO K 13 -28.57 -42.65 -12.76
N ARG K 14 -29.62 -42.98 -12.02
CA ARG K 14 -30.91 -43.30 -12.63
C ARG K 14 -31.75 -42.04 -12.76
N ASN K 15 -32.92 -42.17 -13.38
CA ASN K 15 -33.78 -41.01 -13.60
C ASN K 15 -34.70 -40.71 -12.42
N TYR K 16 -35.25 -41.75 -11.82
CA TYR K 16 -36.17 -41.58 -10.71
C TYR K 16 -35.46 -40.99 -9.49
N GLN K 17 -34.15 -41.22 -9.41
CA GLN K 17 -33.34 -40.63 -8.35
C GLN K 17 -33.30 -39.11 -8.51
N LEU K 18 -33.07 -38.67 -9.74
CA LEU K 18 -33.08 -37.25 -10.07
C LEU K 18 -34.46 -36.64 -9.85
N GLU K 19 -35.50 -37.40 -10.19
CA GLU K 19 -36.88 -36.96 -10.00
C GLU K 19 -37.20 -36.80 -8.52
N LEU K 20 -36.65 -37.68 -7.69
CA LEU K 20 -36.86 -37.62 -6.25
C LEU K 20 -36.05 -36.50 -5.60
N ALA K 21 -34.88 -36.22 -6.17
CA ALA K 21 -33.99 -35.21 -5.61
C ALA K 21 -34.37 -33.79 -6.02
N LEU K 22 -35.00 -33.67 -7.18
CA LEU K 22 -35.30 -32.36 -7.76
C LEU K 22 -36.12 -31.41 -6.87
N PRO K 23 -37.19 -31.90 -6.21
CA PRO K 23 -37.92 -30.98 -5.33
C PRO K 23 -37.06 -30.47 -4.17
N ALA K 24 -36.16 -31.32 -3.68
CA ALA K 24 -35.28 -30.96 -2.59
C ALA K 24 -34.22 -29.97 -3.03
N MET K 25 -33.79 -30.08 -4.28
CA MET K 25 -32.77 -29.20 -4.83
C MET K 25 -33.31 -27.81 -5.10
N LYS K 26 -34.63 -27.69 -5.22
CA LYS K 26 -35.27 -26.40 -5.43
C LYS K 26 -35.41 -25.63 -4.11
N GLY K 27 -34.98 -26.26 -3.03
CA GLY K 27 -34.95 -25.59 -1.73
C GLY K 27 -36.12 -25.95 -0.83
N LYS K 28 -37.12 -26.62 -1.40
CA LYS K 28 -38.30 -27.00 -0.65
C LYS K 28 -38.00 -28.12 0.34
N ASN K 29 -38.51 -28.00 1.56
CA ASN K 29 -38.43 -29.08 2.53
C ASN K 29 -39.24 -30.27 2.04
N THR K 30 -38.58 -31.43 1.91
CA THR K 30 -39.18 -32.53 1.17
C THR K 30 -39.13 -33.87 1.89
N ILE K 31 -40.26 -34.56 1.94
CA ILE K 31 -40.29 -35.94 2.41
C ILE K 31 -40.23 -36.89 1.22
N ILE K 32 -39.07 -37.50 1.01
CA ILE K 32 -38.87 -38.40 -0.11
C ILE K 32 -39.31 -39.82 0.26
N CYS K 33 -40.36 -40.29 -0.41
CA CYS K 33 -40.91 -41.61 -0.17
C CYS K 33 -40.70 -42.52 -1.37
N ALA K 34 -39.79 -43.46 -1.24
CA ALA K 34 -39.45 -44.38 -2.34
C ALA K 34 -39.11 -45.76 -1.80
N PRO K 35 -39.48 -46.82 -2.54
CA PRO K 35 -39.27 -48.22 -2.15
C PRO K 35 -37.85 -48.52 -1.70
N THR K 36 -37.71 -49.38 -0.69
CA THR K 36 -36.41 -49.75 -0.15
C THR K 36 -35.56 -50.46 -1.20
N GLY K 37 -34.40 -49.89 -1.49
CA GLY K 37 -33.47 -50.49 -2.43
C GLY K 37 -33.33 -49.70 -3.72
N CYS K 38 -34.15 -48.65 -3.85
CA CYS K 38 -34.12 -47.81 -5.05
C CYS K 38 -32.82 -47.04 -5.16
N GLY K 39 -32.23 -46.72 -4.01
CA GLY K 39 -30.98 -45.98 -3.97
C GLY K 39 -31.15 -44.57 -3.46
N LYS K 40 -31.50 -44.44 -2.18
CA LYS K 40 -31.67 -43.14 -1.55
C LYS K 40 -30.33 -42.51 -1.22
N THR K 41 -29.29 -43.32 -1.25
CA THR K 41 -27.93 -42.86 -0.95
C THR K 41 -27.48 -41.81 -1.96
N PHE K 42 -27.63 -42.13 -3.25
CA PHE K 42 -27.22 -41.22 -4.31
C PHE K 42 -28.12 -39.99 -4.34
N VAL K 43 -29.36 -40.15 -3.88
CA VAL K 43 -30.28 -39.02 -3.77
C VAL K 43 -29.73 -38.07 -2.71
N SER K 44 -29.31 -38.63 -1.58
CA SER K 44 -28.70 -37.85 -0.51
C SER K 44 -27.45 -37.13 -1.00
N LEU K 45 -26.59 -37.85 -1.69
CA LEU K 45 -25.34 -37.29 -2.21
C LEU K 45 -25.61 -36.15 -3.19
N LEU K 46 -26.61 -36.35 -4.04
CA LEU K 46 -26.97 -35.36 -5.06
C LEU K 46 -27.51 -34.09 -4.41
N ILE K 47 -28.45 -34.26 -3.49
CA ILE K 47 -29.03 -33.14 -2.75
C ILE K 47 -27.96 -32.36 -2.00
N CYS K 48 -27.09 -33.08 -1.31
CA CYS K 48 -25.99 -32.45 -0.56
C CYS K 48 -25.05 -31.69 -1.47
N GLU K 49 -24.68 -32.31 -2.59
CA GLU K 49 -23.76 -31.68 -3.54
C GLU K 49 -24.34 -30.39 -4.10
N HIS K 50 -25.57 -30.46 -4.58
CA HIS K 50 -26.22 -29.29 -5.14
C HIS K 50 -26.44 -28.20 -4.08
N HIS K 51 -26.71 -28.63 -2.85
CA HIS K 51 -26.95 -27.68 -1.77
C HIS K 51 -25.68 -26.93 -1.36
N LEU K 52 -24.57 -27.66 -1.29
CA LEU K 52 -23.30 -27.07 -0.87
C LEU K 52 -22.70 -26.22 -1.98
N LYS K 53 -22.73 -26.74 -3.21
CA LYS K 53 -22.15 -26.02 -4.34
C LYS K 53 -23.13 -25.04 -4.96
N LYS K 54 -23.84 -24.29 -4.12
CA LYS K 54 -24.76 -23.27 -4.60
C LYS K 54 -24.55 -21.96 -3.86
N PHE K 55 -23.91 -22.04 -2.69
CA PHE K 55 -23.65 -20.87 -1.88
C PHE K 55 -22.56 -19.99 -2.48
N PRO K 56 -22.72 -18.65 -2.35
CA PRO K 56 -21.71 -17.71 -2.83
C PRO K 56 -20.42 -17.79 -2.01
N GLN K 57 -19.47 -16.90 -2.30
CA GLN K 57 -18.17 -16.96 -1.65
C GLN K 57 -18.21 -16.50 -0.20
N GLY K 58 -19.05 -15.50 0.08
CA GLY K 58 -19.13 -14.93 1.41
C GLY K 58 -19.88 -15.79 2.41
N GLN K 59 -20.46 -16.89 1.93
CA GLN K 59 -21.22 -17.80 2.79
C GLN K 59 -20.83 -19.26 2.55
N LYS K 60 -21.16 -20.11 3.51
CA LYS K 60 -20.87 -21.53 3.40
C LYS K 60 -22.06 -22.36 3.87
N GLY K 61 -22.14 -23.59 3.39
CA GLY K 61 -23.23 -24.48 3.77
C GLY K 61 -22.80 -25.52 4.79
N LYS K 62 -23.74 -25.95 5.62
CA LYS K 62 -23.45 -26.95 6.63
C LYS K 62 -24.56 -28.00 6.69
N VAL K 63 -24.27 -29.19 6.19
CA VAL K 63 -25.23 -30.28 6.14
C VAL K 63 -25.09 -31.20 7.34
N VAL K 64 -26.23 -31.63 7.90
CA VAL K 64 -26.21 -32.61 8.98
C VAL K 64 -27.07 -33.82 8.62
N PHE K 65 -26.46 -35.00 8.69
CA PHE K 65 -27.15 -36.24 8.34
C PHE K 65 -27.47 -37.07 9.58
N PHE K 66 -28.73 -37.44 9.71
CA PHE K 66 -29.20 -38.20 10.86
C PHE K 66 -29.45 -39.66 10.52
N ALA K 67 -28.69 -40.55 11.15
CA ALA K 67 -28.89 -41.99 11.04
C ALA K 67 -29.21 -42.59 12.40
N ASN K 68 -30.22 -43.46 12.45
CA ASN K 68 -30.68 -44.02 13.72
C ASN K 68 -29.87 -45.24 14.17
N GLN K 69 -29.15 -45.85 13.25
CA GLN K 69 -28.35 -47.03 13.56
C GLN K 69 -26.88 -46.79 13.28
N ILE K 70 -26.02 -47.43 14.08
CA ILE K 70 -24.57 -47.30 13.92
C ILE K 70 -24.05 -47.83 12.57
N PRO K 71 -24.53 -49.01 12.11
CA PRO K 71 -24.07 -49.44 10.78
C PRO K 71 -24.40 -48.45 9.66
N VAL K 72 -25.62 -47.93 9.69
CA VAL K 72 -26.04 -46.91 8.72
C VAL K 72 -25.19 -45.66 8.87
N TYR K 73 -24.90 -45.30 10.12
CA TYR K 73 -24.05 -44.15 10.43
C TYR K 73 -22.68 -44.25 9.80
N GLU K 74 -21.98 -45.35 10.07
CA GLU K 74 -20.62 -45.54 9.57
C GLU K 74 -20.61 -45.73 8.05
N GLN K 75 -21.67 -46.34 7.52
CA GLN K 75 -21.80 -46.51 6.08
C GLN K 75 -21.90 -45.17 5.38
N GLN K 76 -22.87 -44.36 5.81
CA GLN K 76 -23.09 -43.04 5.25
C GLN K 76 -21.86 -42.14 5.44
N LYS K 77 -21.22 -42.24 6.60
CA LYS K 77 -20.01 -41.47 6.86
C LYS K 77 -18.92 -41.86 5.88
N SER K 78 -18.78 -43.16 5.64
CA SER K 78 -17.80 -43.67 4.69
C SER K 78 -18.06 -43.12 3.29
N VAL K 79 -19.32 -43.21 2.85
CA VAL K 79 -19.70 -42.73 1.52
C VAL K 79 -19.43 -41.24 1.36
N PHE K 80 -20.01 -40.43 2.25
CA PHE K 80 -19.87 -38.98 2.18
C PHE K 80 -18.42 -38.52 2.31
N SER K 81 -17.62 -39.23 3.10
CA SER K 81 -16.22 -38.89 3.24
C SER K 81 -15.43 -39.24 1.98
N LYS K 82 -15.76 -40.37 1.37
CA LYS K 82 -15.06 -40.82 0.18
C LYS K 82 -15.55 -40.09 -1.07
N TYR K 83 -16.62 -39.33 -0.94
CA TYR K 83 -17.22 -38.65 -2.08
C TYR K 83 -17.04 -37.13 -2.06
N PHE K 84 -17.11 -36.53 -0.87
CA PHE K 84 -17.05 -35.08 -0.75
C PHE K 84 -15.67 -34.56 -0.38
N GLU K 85 -14.72 -35.46 -0.16
CA GLU K 85 -13.35 -35.05 0.13
C GLU K 85 -12.72 -34.40 -1.10
N ARG K 86 -13.08 -34.93 -2.28
CA ARG K 86 -12.51 -34.47 -3.54
C ARG K 86 -12.92 -33.03 -3.85
N HIS K 87 -14.18 -32.71 -3.62
CA HIS K 87 -14.73 -31.40 -3.98
C HIS K 87 -14.29 -30.31 -3.01
N GLY K 88 -13.75 -30.70 -1.86
CA GLY K 88 -13.25 -29.75 -0.89
C GLY K 88 -14.24 -29.44 0.22
N TYR K 89 -14.82 -30.48 0.80
CA TYR K 89 -15.74 -30.32 1.92
C TYR K 89 -15.34 -31.26 3.06
N ARG K 90 -15.19 -30.70 4.26
CA ARG K 90 -14.75 -31.49 5.41
C ARG K 90 -15.92 -32.29 5.98
N VAL K 91 -15.84 -33.61 5.85
CA VAL K 91 -16.88 -34.51 6.35
C VAL K 91 -16.43 -35.20 7.63
N THR K 92 -17.26 -35.11 8.67
CA THR K 92 -16.95 -35.74 9.94
C THR K 92 -18.18 -36.42 10.54
N GLY K 93 -17.96 -37.21 11.59
CA GLY K 93 -19.05 -37.92 12.23
C GLY K 93 -18.95 -37.94 13.74
N ILE K 94 -20.10 -37.94 14.41
CA ILE K 94 -20.16 -38.04 15.86
C ILE K 94 -21.12 -39.14 16.29
N SER K 95 -20.62 -40.08 17.08
CA SER K 95 -21.46 -41.15 17.61
C SER K 95 -21.33 -41.22 19.14
N GLY K 96 -22.04 -42.16 19.75
CA GLY K 96 -22.02 -42.31 21.20
C GLY K 96 -20.65 -42.61 21.77
N ALA K 97 -19.77 -43.17 20.95
CA ALA K 97 -18.42 -43.51 21.37
C ALA K 97 -17.53 -42.27 21.46
N THR K 98 -17.62 -41.42 20.44
CA THR K 98 -16.73 -40.26 20.35
C THR K 98 -17.32 -39.01 20.98
N ALA K 99 -18.64 -39.01 21.22
CA ALA K 99 -19.33 -37.83 21.72
C ALA K 99 -18.84 -37.39 23.10
N GLU K 100 -18.40 -38.35 23.91
CA GLU K 100 -17.94 -38.05 25.26
C GLU K 100 -16.60 -37.33 25.25
N ASN K 101 -16.47 -36.32 26.09
CA ASN K 101 -15.22 -35.59 26.30
C ASN K 101 -14.65 -34.95 25.04
N VAL K 102 -15.51 -34.42 24.17
CA VAL K 102 -15.06 -33.69 22.98
C VAL K 102 -15.85 -32.41 22.79
N PRO K 103 -15.21 -31.37 22.23
CA PRO K 103 -15.89 -30.11 21.91
C PRO K 103 -16.77 -30.23 20.67
N VAL K 104 -18.07 -30.38 20.87
CA VAL K 104 -18.99 -30.64 19.77
C VAL K 104 -19.14 -29.46 18.81
N GLU K 105 -19.28 -28.25 19.36
CA GLU K 105 -19.52 -27.06 18.54
C GLU K 105 -18.33 -26.76 17.64
N GLN K 106 -17.14 -27.12 18.11
CA GLN K 106 -15.92 -26.91 17.34
C GLN K 106 -15.87 -27.88 16.16
N ILE K 107 -16.25 -29.13 16.42
CA ILE K 107 -16.30 -30.15 15.37
C ILE K 107 -17.36 -29.79 14.33
N VAL K 108 -18.48 -29.25 14.80
CA VAL K 108 -19.56 -28.85 13.90
C VAL K 108 -19.16 -27.66 13.03
N GLU K 109 -18.59 -26.63 13.65
CA GLU K 109 -18.24 -25.41 12.92
C GLU K 109 -17.06 -25.62 11.98
N ASN K 110 -16.13 -26.50 12.35
CA ASN K 110 -14.94 -26.75 11.55
C ASN K 110 -15.18 -27.75 10.41
N ASN K 111 -16.42 -28.19 10.28
CA ASN K 111 -16.76 -29.15 9.23
C ASN K 111 -17.98 -28.72 8.41
N ASP K 112 -18.10 -29.27 7.21
CA ASP K 112 -19.15 -28.88 6.29
C ASP K 112 -20.29 -29.90 6.27
N ILE K 113 -19.93 -31.18 6.40
CA ILE K 113 -20.92 -32.25 6.49
C ILE K 113 -20.71 -33.05 7.76
N ILE K 114 -21.74 -33.11 8.60
CA ILE K 114 -21.63 -33.79 9.88
C ILE K 114 -22.69 -34.89 10.00
N ILE K 115 -22.22 -36.14 10.08
CA ILE K 115 -23.12 -37.28 10.24
C ILE K 115 -23.18 -37.69 11.70
N LEU K 116 -24.39 -37.82 12.24
CA LEU K 116 -24.53 -38.17 13.65
C LEU K 116 -25.85 -38.86 13.96
N THR K 117 -25.89 -39.54 15.10
CA THR K 117 -27.14 -40.10 15.63
C THR K 117 -27.89 -38.98 16.34
N PRO K 118 -29.22 -38.96 16.20
CA PRO K 118 -30.05 -37.85 16.69
C PRO K 118 -29.90 -37.58 18.19
N GLN K 119 -29.70 -38.64 18.97
CA GLN K 119 -29.56 -38.52 20.41
C GLN K 119 -28.42 -37.57 20.79
N ILE K 120 -27.37 -37.58 19.98
CA ILE K 120 -26.22 -36.70 20.18
C ILE K 120 -26.64 -35.23 20.13
N LEU K 121 -27.28 -34.85 19.02
CA LEU K 121 -27.71 -33.48 18.83
C LEU K 121 -28.74 -33.08 19.89
N VAL K 122 -29.60 -34.02 20.27
CA VAL K 122 -30.56 -33.77 21.33
C VAL K 122 -29.85 -33.41 22.63
N ASN K 123 -28.88 -34.24 23.01
CA ASN K 123 -28.10 -34.02 24.23
C ASN K 123 -27.34 -32.71 24.21
N ASN K 124 -26.75 -32.38 23.06
CA ASN K 124 -25.96 -31.16 22.96
C ASN K 124 -26.83 -29.89 22.85
N LEU K 125 -28.09 -30.07 22.47
CA LEU K 125 -29.03 -28.96 22.45
C LEU K 125 -29.59 -28.73 23.85
N LYS K 126 -29.80 -29.82 24.59
CA LYS K 126 -30.25 -29.71 25.97
C LYS K 126 -29.15 -29.15 26.86
N LYS K 127 -27.91 -29.52 26.58
CA LYS K 127 -26.77 -29.06 27.35
C LYS K 127 -26.43 -27.61 27.03
N GLY K 128 -26.87 -27.15 25.88
CA GLY K 128 -26.65 -25.77 25.47
C GLY K 128 -25.32 -25.55 24.79
N THR K 129 -24.59 -26.63 24.55
CA THR K 129 -23.30 -26.54 23.87
C THR K 129 -23.48 -26.06 22.44
N ILE K 130 -24.65 -26.31 21.89
CA ILE K 130 -25.03 -25.77 20.58
C ILE K 130 -26.17 -24.78 20.75
N PRO K 131 -25.94 -23.52 20.33
CA PRO K 131 -26.92 -22.44 20.51
C PRO K 131 -28.26 -22.74 19.83
N SER K 132 -28.22 -23.07 18.54
CA SER K 132 -29.44 -23.38 17.80
C SER K 132 -29.12 -24.17 16.54
N LEU K 133 -30.16 -24.48 15.78
CA LEU K 133 -30.00 -25.22 14.53
C LEU K 133 -29.65 -24.30 13.38
N SER K 134 -29.57 -23.00 13.67
CA SER K 134 -29.24 -21.99 12.67
C SER K 134 -27.83 -22.20 12.12
N ILE K 135 -27.01 -22.95 12.86
CA ILE K 135 -25.66 -23.26 12.44
C ILE K 135 -25.70 -24.20 11.22
N PHE K 136 -26.81 -24.90 11.06
CA PHE K 136 -27.01 -25.78 9.91
C PHE K 136 -27.77 -25.07 8.79
N THR K 137 -27.62 -25.58 7.58
CA THR K 137 -28.33 -25.04 6.42
C THR K 137 -29.17 -26.12 5.76
N LEU K 138 -28.87 -27.38 6.10
CA LEU K 138 -29.60 -28.52 5.54
C LEU K 138 -29.59 -29.70 6.51
N MET K 139 -30.77 -30.14 6.92
CA MET K 139 -30.89 -31.32 7.77
C MET K 139 -31.49 -32.47 6.97
N ILE K 140 -30.95 -33.67 7.16
CA ILE K 140 -31.48 -34.85 6.46
C ILE K 140 -31.77 -36.00 7.42
N PHE K 141 -33.05 -36.29 7.64
CA PHE K 141 -33.45 -37.39 8.51
C PHE K 141 -33.58 -38.70 7.74
N ASP K 142 -32.71 -39.66 8.02
CA ASP K 142 -32.84 -40.98 7.42
C ASP K 142 -33.89 -41.76 8.20
N GLU K 143 -34.77 -42.46 7.48
CA GLU K 143 -35.94 -43.11 8.06
C GLU K 143 -36.77 -42.08 8.83
N CYS K 144 -37.22 -41.05 8.12
CA CYS K 144 -37.87 -39.91 8.73
C CYS K 144 -39.28 -40.22 9.24
N HIS K 145 -39.75 -41.44 9.00
CA HIS K 145 -41.04 -41.86 9.52
C HIS K 145 -40.99 -41.99 11.03
N ASN K 146 -39.78 -42.09 11.58
CA ASN K 146 -39.58 -42.15 13.02
C ASN K 146 -39.85 -40.81 13.70
N THR K 147 -39.95 -39.75 12.91
CA THR K 147 -40.21 -38.42 13.45
C THR K 147 -41.64 -38.34 13.98
N SER K 148 -41.85 -38.88 15.18
CA SER K 148 -43.15 -38.86 15.83
C SER K 148 -42.99 -39.19 17.30
N LYS K 149 -43.98 -38.81 18.11
CA LYS K 149 -43.98 -39.07 19.54
C LYS K 149 -42.74 -38.50 20.21
N GLN K 150 -42.13 -39.28 21.09
CA GLN K 150 -40.98 -38.81 21.87
C GLN K 150 -39.64 -39.24 21.26
N HIS K 151 -39.68 -39.70 20.01
CA HIS K 151 -38.46 -40.10 19.31
C HIS K 151 -37.56 -38.88 19.08
N PRO K 152 -36.25 -39.06 19.28
CA PRO K 152 -35.22 -38.01 19.13
C PRO K 152 -35.39 -37.12 17.90
N TYR K 153 -35.81 -37.71 16.79
CA TYR K 153 -36.12 -36.94 15.58
C TYR K 153 -37.15 -35.87 15.87
N ASN K 154 -38.24 -36.29 16.50
CA ASN K 154 -39.33 -35.39 16.82
C ASN K 154 -38.91 -34.37 17.89
N MET K 155 -37.89 -34.70 18.66
CA MET K 155 -37.36 -33.78 19.68
C MET K 155 -36.58 -32.66 19.02
N ILE K 156 -35.67 -33.04 18.12
CA ILE K 156 -34.92 -32.08 17.32
C ILE K 156 -35.88 -31.17 16.55
N MET K 157 -36.91 -31.79 15.97
CA MET K 157 -37.91 -31.04 15.24
C MET K 157 -38.76 -30.18 16.18
N PHE K 158 -38.85 -30.57 17.44
CA PHE K 158 -39.54 -29.77 18.44
C PHE K 158 -38.74 -28.51 18.70
N ASN K 159 -37.42 -28.64 18.76
CA ASN K 159 -36.54 -27.48 18.88
C ASN K 159 -36.70 -26.57 17.66
N TYR K 160 -36.69 -27.19 16.48
CA TYR K 160 -36.86 -26.48 15.22
C TYR K 160 -38.15 -25.65 15.17
N LEU K 161 -39.26 -26.29 15.55
CA LEU K 161 -40.56 -25.64 15.52
C LEU K 161 -40.70 -24.60 16.64
N ASP K 162 -40.02 -24.85 17.77
CA ASP K 162 -40.03 -23.89 18.86
C ASP K 162 -39.33 -22.61 18.45
N GLN K 163 -38.24 -22.75 17.71
CA GLN K 163 -37.52 -21.59 17.20
C GLN K 163 -38.29 -20.94 16.05
N LYS K 164 -39.01 -21.74 15.29
CA LYS K 164 -39.75 -21.27 14.13
C LYS K 164 -40.96 -20.43 14.51
N LEU K 165 -41.87 -21.03 15.27
CA LEU K 165 -43.11 -20.37 15.66
C LEU K 165 -42.91 -19.36 16.78
N GLY K 166 -41.73 -19.39 17.39
CA GLY K 166 -41.41 -18.49 18.48
C GLY K 166 -41.11 -17.08 18.00
N GLY K 167 -40.81 -16.20 18.94
CA GLY K 167 -40.50 -14.82 18.61
C GLY K 167 -39.18 -14.68 17.88
N SER K 168 -38.27 -15.61 18.12
CA SER K 168 -36.96 -15.61 17.47
C SER K 168 -37.09 -15.83 15.96
N SER K 169 -36.21 -15.20 15.20
CA SER K 169 -36.25 -15.32 13.74
C SER K 169 -34.89 -15.68 13.17
N GLY K 170 -34.30 -16.76 13.68
CA GLY K 170 -33.02 -17.23 13.19
C GLY K 170 -33.17 -17.97 11.87
N PRO K 171 -32.14 -17.90 11.02
CA PRO K 171 -32.15 -18.59 9.72
C PRO K 171 -32.17 -20.11 9.88
N LEU K 172 -33.32 -20.71 9.65
CA LEU K 172 -33.49 -22.15 9.83
C LEU K 172 -33.07 -22.95 8.60
N PRO K 173 -32.52 -24.15 8.81
CA PRO K 173 -32.10 -25.05 7.73
C PRO K 173 -33.29 -25.73 7.05
N GLN K 174 -33.13 -26.12 5.79
CA GLN K 174 -34.20 -26.83 5.10
C GLN K 174 -34.17 -28.31 5.48
N VAL K 175 -35.35 -28.94 5.53
CA VAL K 175 -35.47 -30.29 6.03
C VAL K 175 -35.83 -31.31 4.95
N ILE K 176 -34.96 -32.29 4.79
CA ILE K 176 -35.21 -33.40 3.87
C ILE K 176 -35.33 -34.70 4.64
N GLY K 177 -36.43 -35.41 4.44
CA GLY K 177 -36.63 -36.70 5.07
C GLY K 177 -36.54 -37.81 4.04
N LEU K 178 -36.09 -38.98 4.48
CA LEU K 178 -35.98 -40.12 3.58
C LEU K 178 -36.70 -41.33 4.16
N THR K 179 -37.57 -41.95 3.37
CA THR K 179 -38.31 -43.11 3.83
C THR K 179 -38.90 -43.94 2.69
N ALA K 180 -39.42 -45.10 3.03
CA ALA K 180 -40.11 -45.96 2.06
C ALA K 180 -41.60 -45.96 2.37
N SER K 181 -41.93 -45.57 3.59
CA SER K 181 -43.32 -45.48 4.03
C SER K 181 -43.46 -44.40 5.08
N VAL K 182 -44.62 -43.74 5.10
CA VAL K 182 -44.87 -42.68 6.06
C VAL K 182 -45.82 -43.14 7.15
N GLY K 183 -46.57 -44.20 6.87
CA GLY K 183 -47.56 -44.71 7.79
C GLY K 183 -48.87 -43.95 7.74
N VAL K 184 -49.92 -44.53 8.30
CA VAL K 184 -51.22 -43.89 8.34
C VAL K 184 -51.81 -43.95 9.75
N GLY K 185 -51.07 -44.55 10.67
CA GLY K 185 -51.52 -44.69 12.05
C GLY K 185 -52.66 -45.68 12.18
N ASP K 186 -53.64 -45.34 12.99
CA ASP K 186 -54.81 -46.19 13.18
C ASP K 186 -55.99 -45.68 12.35
N ALA K 187 -55.67 -45.17 11.17
CA ALA K 187 -56.69 -44.62 10.27
C ALA K 187 -57.55 -45.73 9.67
N LYS K 188 -58.80 -45.39 9.34
CA LYS K 188 -59.71 -46.35 8.74
C LYS K 188 -59.99 -46.03 7.28
N ASN K 189 -60.01 -44.73 6.95
CA ASN K 189 -60.25 -44.30 5.58
C ASN K 189 -59.14 -43.39 5.06
N THR K 190 -59.28 -42.96 3.81
CA THR K 190 -58.23 -42.20 3.14
C THR K 190 -58.04 -40.79 3.69
N ASP K 191 -59.09 -40.25 4.29
CA ASP K 191 -59.05 -38.88 4.79
C ASP K 191 -58.32 -38.78 6.13
N GLU K 192 -58.56 -39.75 7.01
CA GLU K 192 -57.82 -39.83 8.26
C GLU K 192 -56.34 -40.07 8.00
N ALA K 193 -56.05 -40.94 7.03
CA ALA K 193 -54.69 -41.20 6.61
C ALA K 193 -54.06 -39.93 6.04
N LEU K 194 -54.85 -39.18 5.29
CA LEU K 194 -54.41 -37.92 4.71
C LEU K 194 -54.02 -36.93 5.81
N ASP K 195 -54.87 -36.81 6.82
CA ASP K 195 -54.61 -35.87 7.91
C ASP K 195 -53.42 -36.31 8.77
N TYR K 196 -53.24 -37.61 8.93
CA TYR K 196 -52.09 -38.12 9.66
C TYR K 196 -50.80 -37.83 8.89
N ILE K 197 -50.83 -38.05 7.59
CA ILE K 197 -49.69 -37.76 6.73
C ILE K 197 -49.36 -36.27 6.78
N CYS K 198 -50.39 -35.44 6.78
CA CYS K 198 -50.21 -34.00 6.91
C CYS K 198 -49.58 -33.65 8.25
N LYS K 199 -49.96 -34.38 9.29
CA LYS K 199 -49.38 -34.21 10.61
C LYS K 199 -47.89 -34.55 10.59
N LEU K 200 -47.54 -35.59 9.83
CA LEU K 200 -46.13 -35.97 9.68
C LEU K 200 -45.35 -34.90 8.94
N CYS K 201 -45.94 -34.38 7.87
CA CYS K 201 -45.32 -33.29 7.10
C CYS K 201 -45.11 -32.08 8.00
N ALA K 202 -46.05 -31.84 8.91
CA ALA K 202 -45.94 -30.75 9.86
C ALA K 202 -44.82 -31.05 10.87
N SER K 203 -44.62 -32.33 11.17
CA SER K 203 -43.57 -32.72 12.11
C SER K 203 -42.19 -32.46 11.54
N LEU K 204 -42.07 -32.53 10.22
CA LEU K 204 -40.78 -32.34 9.55
C LEU K 204 -40.72 -31.00 8.81
N ASP K 205 -41.76 -30.19 8.97
CA ASP K 205 -41.86 -28.89 8.31
C ASP K 205 -41.65 -29.01 6.81
N ALA K 206 -42.19 -30.08 6.22
CA ALA K 206 -42.07 -30.30 4.79
C ALA K 206 -43.29 -29.80 4.06
N SER K 207 -43.12 -29.42 2.80
CA SER K 207 -44.22 -28.90 2.00
C SER K 207 -44.41 -29.72 0.73
N VAL K 208 -43.48 -30.64 0.47
CA VAL K 208 -43.54 -31.46 -0.73
C VAL K 208 -43.21 -32.93 -0.41
N ILE K 209 -44.07 -33.83 -0.86
CA ILE K 209 -43.81 -35.26 -0.74
C ILE K 209 -43.32 -35.82 -2.08
N ALA K 210 -42.05 -36.17 -2.13
CA ALA K 210 -41.44 -36.64 -3.37
C ALA K 210 -41.71 -38.13 -3.61
N THR K 211 -42.35 -38.43 -4.73
CA THR K 211 -42.57 -39.81 -5.14
C THR K 211 -42.26 -39.96 -6.62
N VAL K 212 -41.88 -41.16 -7.04
CA VAL K 212 -41.60 -41.43 -8.44
C VAL K 212 -42.90 -41.47 -9.24
N LYS K 213 -42.95 -40.71 -10.33
CA LYS K 213 -44.16 -40.64 -11.14
C LYS K 213 -43.86 -40.81 -12.63
N HIS K 214 -42.96 -39.99 -13.15
CA HIS K 214 -42.68 -39.98 -14.59
C HIS K 214 -41.58 -40.96 -14.96
N ASN K 215 -41.12 -41.74 -13.98
CA ASN K 215 -40.09 -42.74 -14.23
C ASN K 215 -40.36 -44.03 -13.48
N LEU K 216 -41.61 -44.46 -13.48
CA LEU K 216 -42.01 -45.70 -12.82
C LEU K 216 -41.59 -46.91 -13.63
N GLU K 217 -41.56 -46.76 -14.95
CA GLU K 217 -41.18 -47.85 -15.84
C GLU K 217 -39.74 -48.30 -15.59
N GLU K 218 -38.92 -47.39 -15.10
CA GLU K 218 -37.53 -47.68 -14.78
C GLU K 218 -37.42 -48.22 -13.36
N LEU K 219 -38.18 -47.61 -12.45
CA LEU K 219 -38.18 -48.01 -11.05
C LEU K 219 -38.61 -49.47 -10.89
N GLU K 220 -39.58 -49.88 -11.70
CA GLU K 220 -40.07 -51.25 -11.68
C GLU K 220 -39.04 -52.19 -12.31
N GLN K 221 -38.20 -51.64 -13.18
CA GLN K 221 -37.12 -52.41 -13.80
C GLN K 221 -35.98 -52.59 -12.81
N VAL K 222 -35.88 -51.68 -11.84
CA VAL K 222 -34.86 -51.78 -10.81
C VAL K 222 -35.33 -52.61 -9.63
N VAL K 223 -36.23 -52.04 -8.83
CA VAL K 223 -36.73 -52.72 -7.62
C VAL K 223 -38.05 -53.43 -7.88
N TYR K 224 -38.04 -54.75 -7.79
CA TYR K 224 -39.24 -55.55 -8.03
C TYR K 224 -39.99 -55.84 -6.72
N LYS K 225 -41.28 -56.13 -6.85
CA LYS K 225 -42.14 -56.41 -5.71
C LYS K 225 -42.40 -57.91 -5.57
N PRO K 226 -42.00 -58.49 -4.43
CA PRO K 226 -42.14 -59.93 -4.18
C PRO K 226 -43.58 -60.37 -4.01
N GLN K 227 -43.92 -61.54 -4.53
CA GLN K 227 -45.27 -62.09 -4.40
C GLN K 227 -45.47 -62.68 -3.02
N LYS K 228 -46.65 -62.44 -2.44
CA LYS K 228 -46.94 -62.87 -1.08
C LYS K 228 -47.95 -64.01 -1.04
N PHE K 229 -47.74 -64.94 -0.10
CA PHE K 229 -48.66 -66.05 0.12
C PHE K 229 -49.02 -66.17 1.59
N PHE K 230 -50.24 -66.59 1.87
CA PHE K 230 -50.71 -66.71 3.24
C PHE K 230 -51.01 -68.18 3.58
N ARG K 231 -50.42 -68.66 4.67
CA ARG K 231 -50.60 -70.04 5.08
C ARG K 231 -51.28 -70.14 6.44
N LYS K 232 -52.58 -70.44 6.40
CA LYS K 232 -53.39 -70.60 7.60
C LYS K 232 -53.57 -72.08 7.95
N VAL K 233 -52.76 -72.55 8.87
CA VAL K 233 -52.85 -73.95 9.31
C VAL K 233 -53.53 -74.04 10.66
N GLU K 234 -53.71 -75.27 11.16
CA GLU K 234 -54.39 -75.48 12.42
C GLU K 234 -53.40 -75.64 13.57
N SER K 235 -53.90 -75.55 14.80
CA SER K 235 -53.09 -75.81 15.99
C SER K 235 -53.08 -77.30 16.30
N ARG K 236 -52.01 -77.76 16.93
CA ARG K 236 -51.87 -79.19 17.25
C ARG K 236 -52.98 -79.63 18.20
N ILE K 237 -53.53 -80.82 17.94
CA ILE K 237 -54.71 -81.30 18.65
C ILE K 237 -54.35 -82.07 19.93
N SER K 238 -53.09 -82.50 20.03
CA SER K 238 -52.65 -83.26 21.20
C SER K 238 -52.38 -82.33 22.38
N ASP K 239 -53.20 -82.46 23.42
CA ASP K 239 -53.07 -81.63 24.61
C ASP K 239 -52.43 -82.40 25.77
N LYS K 240 -51.79 -83.52 25.46
CA LYS K 240 -51.16 -84.37 26.47
C LYS K 240 -50.01 -83.65 27.18
N PHE K 241 -49.11 -83.08 26.40
CA PHE K 241 -48.02 -82.24 26.90
C PHE K 241 -48.62 -81.12 27.75
N LYS K 242 -49.58 -80.43 27.14
CA LYS K 242 -50.32 -79.36 27.79
C LYS K 242 -51.05 -79.85 29.03
N TYR K 243 -51.41 -81.13 29.05
CA TYR K 243 -52.08 -81.72 30.20
C TYR K 243 -51.11 -81.92 31.36
N ILE K 244 -49.90 -82.40 31.04
CA ILE K 244 -48.85 -82.54 32.05
C ILE K 244 -48.54 -81.19 32.67
N ILE K 245 -48.27 -80.21 31.81
CA ILE K 245 -47.97 -78.87 32.29
C ILE K 245 -49.17 -78.25 33.01
N ALA K 246 -50.38 -78.70 32.66
CA ALA K 246 -51.59 -78.21 33.32
C ALA K 246 -51.69 -78.73 34.75
N GLN K 247 -51.44 -80.03 34.92
CA GLN K 247 -51.44 -80.63 36.25
C GLN K 247 -50.37 -79.99 37.13
N LEU K 248 -49.17 -79.86 36.57
CA LEU K 248 -48.08 -79.23 37.31
C LEU K 248 -48.40 -77.79 37.67
N MET K 249 -49.06 -77.09 36.76
CA MET K 249 -49.42 -75.68 36.95
C MET K 249 -50.47 -75.51 38.04
N ARG K 250 -51.50 -76.37 38.01
CA ARG K 250 -52.53 -76.33 39.03
C ARG K 250 -51.93 -76.66 40.40
N ASP K 251 -51.02 -77.62 40.41
CA ASP K 251 -50.32 -77.99 41.63
C ASP K 251 -49.53 -76.82 42.21
N THR K 252 -48.67 -76.22 41.40
CA THR K 252 -47.86 -75.08 41.84
C THR K 252 -48.72 -73.89 42.23
N GLU K 253 -49.86 -73.75 41.55
CA GLU K 253 -50.82 -72.70 41.85
C GLU K 253 -51.44 -72.92 43.22
N SER K 254 -51.65 -74.19 43.57
CA SER K 254 -52.14 -74.54 44.90
C SER K 254 -51.07 -74.26 45.95
N LEU K 255 -49.82 -74.56 45.61
CA LEU K 255 -48.69 -74.28 46.49
C LEU K 255 -48.58 -72.79 46.76
N ALA K 256 -48.88 -71.98 45.75
CA ALA K 256 -48.90 -70.53 45.92
C ALA K 256 -50.15 -70.11 46.68
N LYS K 257 -51.20 -70.93 46.60
CA LYS K 257 -52.45 -70.64 47.30
C LYS K 257 -52.34 -71.01 48.77
N ARG K 258 -51.29 -71.74 49.13
CA ARG K 258 -51.05 -72.11 50.52
C ARG K 258 -50.78 -70.88 51.38
N ILE K 259 -49.94 -69.98 50.89
CA ILE K 259 -49.64 -68.74 51.60
C ILE K 259 -50.58 -67.62 51.16
N CYS K 260 -51.55 -67.31 52.02
CA CYS K 260 -52.57 -66.28 51.77
C CYS K 260 -53.47 -66.61 50.58
N LYS K 261 -54.57 -65.87 50.47
CA LYS K 261 -55.56 -66.13 49.43
C LYS K 261 -55.28 -65.35 48.16
N ASP K 262 -55.80 -65.84 47.03
CA ASP K 262 -55.59 -65.21 45.74
C ASP K 262 -56.44 -63.95 45.59
N LEU K 263 -56.30 -63.26 44.47
CA LEU K 263 -57.04 -62.03 44.22
C LEU K 263 -58.29 -62.31 43.38
N ASN K 271 -61.27 -63.16 34.46
CA ASN K 271 -61.02 -64.60 34.51
C ASN K 271 -59.55 -64.91 34.26
N ARG K 272 -59.27 -66.14 33.85
CA ARG K 272 -57.90 -66.57 33.60
C ARG K 272 -57.84 -67.71 32.56
N GLU K 273 -56.65 -68.00 32.07
CA GLU K 273 -56.44 -69.04 31.07
C GLU K 273 -54.96 -69.41 30.94
N PHE K 274 -54.67 -70.71 31.00
CA PHE K 274 -53.30 -71.20 30.91
C PHE K 274 -52.71 -71.04 29.50
N GLY K 275 -51.40 -70.84 29.44
CA GLY K 275 -50.69 -70.80 28.17
C GLY K 275 -50.98 -69.59 27.30
N THR K 276 -51.35 -68.48 27.92
CA THR K 276 -51.65 -67.26 27.18
C THR K 276 -50.90 -66.05 27.71
N GLN K 277 -51.11 -64.90 27.08
CA GLN K 277 -50.47 -63.66 27.49
C GLN K 277 -51.21 -63.02 28.66
N LYS K 278 -52.53 -63.21 28.68
CA LYS K 278 -53.36 -62.73 29.76
C LYS K 278 -52.90 -63.33 31.08
N TYR K 279 -52.51 -64.60 31.04
CA TYR K 279 -51.98 -65.26 32.22
C TYR K 279 -50.61 -64.70 32.57
N GLU K 280 -49.86 -64.29 31.55
CA GLU K 280 -48.55 -63.71 31.78
C GLU K 280 -48.67 -62.42 32.58
N GLN K 281 -49.50 -61.50 32.10
CA GLN K 281 -49.66 -60.24 32.82
C GLN K 281 -50.43 -60.44 34.13
N TRP K 282 -51.23 -61.51 34.20
CA TRP K 282 -51.90 -61.83 35.46
C TRP K 282 -50.87 -62.19 36.52
N ILE K 283 -49.98 -63.13 36.20
CA ILE K 283 -48.98 -63.58 37.15
C ILE K 283 -47.94 -62.48 37.38
N VAL K 284 -47.82 -61.56 36.43
CA VAL K 284 -46.97 -60.40 36.61
C VAL K 284 -47.57 -59.49 37.69
N THR K 285 -48.86 -59.21 37.56
CA THR K 285 -49.55 -58.38 38.55
C THR K 285 -49.60 -59.07 39.91
N VAL K 286 -49.64 -60.40 39.90
CA VAL K 286 -49.64 -61.18 41.14
C VAL K 286 -48.28 -61.09 41.83
N GLN K 287 -47.22 -61.27 41.06
CA GLN K 287 -45.86 -61.15 41.58
C GLN K 287 -45.60 -59.74 42.10
N LYS K 288 -46.14 -58.74 41.40
CA LYS K 288 -46.05 -57.36 41.84
C LYS K 288 -46.89 -57.13 43.10
N ALA K 289 -47.93 -57.95 43.27
CA ALA K 289 -48.82 -57.80 44.41
C ALA K 289 -48.32 -58.56 45.63
N CYS K 290 -47.42 -59.51 45.41
CA CYS K 290 -46.86 -60.29 46.50
C CYS K 290 -45.67 -59.56 47.12
N MET K 291 -45.29 -58.44 46.51
CA MET K 291 -44.21 -57.62 47.04
C MET K 291 -44.75 -56.51 47.94
N VAL K 292 -46.07 -56.31 47.89
CA VAL K 292 -46.73 -55.32 48.74
C VAL K 292 -47.05 -55.95 50.10
N PHE K 293 -47.13 -57.27 50.13
CA PHE K 293 -47.44 -58.00 51.36
C PHE K 293 -46.36 -57.81 52.42
N GLN K 294 -46.77 -57.61 53.67
CA GLN K 294 -45.80 -57.39 54.74
C GLN K 294 -46.30 -57.89 56.09
N MET K 295 -45.45 -58.68 56.74
CA MET K 295 -45.72 -59.20 58.08
C MET K 295 -44.72 -58.61 59.08
N PRO K 296 -45.18 -58.35 60.31
CA PRO K 296 -44.40 -57.69 61.38
C PRO K 296 -43.00 -58.27 61.64
N ASP K 297 -42.85 -59.60 61.52
CA ASP K 297 -41.59 -60.25 61.89
C ASP K 297 -40.56 -60.18 60.77
N LYS K 298 -40.90 -59.51 59.68
CA LYS K 298 -39.98 -59.28 58.56
C LYS K 298 -39.46 -60.56 57.92
N ASP K 299 -38.77 -61.41 58.69
CA ASP K 299 -38.20 -62.63 58.15
C ASP K 299 -39.28 -63.62 57.71
N GLU K 300 -40.41 -63.60 58.39
CA GLU K 300 -41.56 -64.40 58.00
C GLU K 300 -42.13 -63.87 56.70
N GLU K 301 -42.19 -62.54 56.61
CA GLU K 301 -42.61 -61.87 55.37
C GLU K 301 -41.60 -62.17 54.27
N SER K 302 -40.34 -62.29 54.65
CA SER K 302 -39.28 -62.65 53.71
C SER K 302 -39.52 -64.05 53.16
N ARG K 303 -39.87 -64.98 54.04
CA ARG K 303 -40.14 -66.35 53.65
C ARG K 303 -41.34 -66.43 52.73
N ILE K 304 -42.44 -65.78 53.12
CA ILE K 304 -43.66 -65.78 52.33
C ILE K 304 -43.45 -65.16 50.95
N CYS K 305 -42.83 -63.98 50.93
CA CYS K 305 -42.60 -63.26 49.67
C CYS K 305 -41.62 -64.00 48.76
N LYS K 306 -40.62 -64.65 49.34
CA LYS K 306 -39.66 -65.42 48.55
C LYS K 306 -40.33 -66.66 47.97
N ALA K 307 -41.15 -67.32 48.77
CA ALA K 307 -41.89 -68.49 48.32
C ALA K 307 -42.82 -68.13 47.18
N LEU K 308 -43.61 -67.08 47.36
CA LEU K 308 -44.52 -66.63 46.32
C LEU K 308 -43.77 -66.14 45.09
N PHE K 309 -42.57 -65.60 45.29
CA PHE K 309 -41.73 -65.15 44.18
C PHE K 309 -41.31 -66.34 43.33
N LEU K 310 -40.77 -67.36 43.98
CA LEU K 310 -40.34 -68.57 43.29
C LEU K 310 -41.52 -69.24 42.58
N TYR K 311 -42.67 -69.28 43.27
CA TYR K 311 -43.90 -69.84 42.71
C TYR K 311 -44.30 -69.11 41.44
N THR K 312 -44.37 -67.79 41.52
CA THR K 312 -44.79 -66.98 40.38
C THR K 312 -43.82 -67.09 39.20
N SER K 313 -42.53 -67.05 39.49
CA SER K 313 -41.52 -67.16 38.44
C SER K 313 -41.58 -68.53 37.76
N HIS K 314 -41.84 -69.57 38.55
CA HIS K 314 -41.96 -70.92 38.02
C HIS K 314 -43.21 -71.05 37.14
N LEU K 315 -44.32 -70.46 37.60
CA LEU K 315 -45.55 -70.45 36.82
C LEU K 315 -45.34 -69.74 35.49
N ARG K 316 -44.68 -68.59 35.54
CA ARG K 316 -44.37 -67.82 34.33
C ARG K 316 -43.50 -68.62 33.37
N LYS K 317 -42.45 -69.25 33.89
CA LYS K 317 -41.57 -70.06 33.06
C LYS K 317 -42.33 -71.23 32.41
N TYR K 318 -43.24 -71.82 33.18
CA TYR K 318 -44.08 -72.89 32.66
C TYR K 318 -44.95 -72.38 31.51
N ASN K 319 -45.50 -71.17 31.68
CA ASN K 319 -46.30 -70.56 30.63
C ASN K 319 -45.48 -70.31 29.37
N ASP K 320 -44.26 -69.83 29.56
CA ASP K 320 -43.32 -69.62 28.45
C ASP K 320 -43.10 -70.92 27.71
N ALA K 321 -42.90 -71.99 28.47
CA ALA K 321 -42.73 -73.32 27.89
C ALA K 321 -43.94 -73.74 27.07
N LEU K 322 -45.14 -73.46 27.58
CA LEU K 322 -46.36 -73.77 26.87
C LEU K 322 -46.43 -73.00 25.55
N ILE K 323 -46.07 -71.73 25.59
CA ILE K 323 -46.06 -70.88 24.40
C ILE K 323 -45.11 -71.44 23.35
N ILE K 324 -43.90 -71.80 23.78
CA ILE K 324 -42.92 -72.39 22.87
C ILE K 324 -43.44 -73.70 22.29
N SER K 325 -44.15 -74.47 23.12
CA SER K 325 -44.76 -75.71 22.67
C SER K 325 -45.80 -75.46 21.59
N GLU K 326 -46.52 -74.33 21.72
CA GLU K 326 -47.52 -73.95 20.74
C GLU K 326 -46.88 -73.50 19.43
N HIS K 327 -45.74 -72.81 19.54
CA HIS K 327 -45.09 -72.24 18.36
C HIS K 327 -43.96 -73.09 17.80
N ALA K 328 -43.55 -74.13 18.52
CA ALA K 328 -42.45 -74.97 18.06
C ALA K 328 -42.54 -76.39 18.62
N ARG K 329 -41.42 -77.10 18.61
CA ARG K 329 -41.35 -78.46 19.11
C ARG K 329 -41.55 -78.52 20.62
N MET K 330 -42.01 -79.67 21.10
CA MET K 330 -42.14 -79.89 22.54
C MET K 330 -40.77 -80.06 23.16
N LYS K 331 -39.85 -80.61 22.38
CA LYS K 331 -38.48 -80.82 22.82
C LYS K 331 -37.85 -79.51 23.26
N ASP K 332 -37.99 -78.46 22.45
CA ASP K 332 -37.37 -77.17 22.73
C ASP K 332 -37.92 -76.53 24.01
N ALA K 333 -39.22 -76.72 24.24
CA ALA K 333 -39.84 -76.24 25.47
C ALA K 333 -39.28 -77.01 26.66
N LEU K 334 -39.12 -78.31 26.49
CA LEU K 334 -38.59 -79.16 27.54
C LEU K 334 -37.15 -78.78 27.88
N ASP K 335 -36.36 -78.46 26.87
CA ASP K 335 -34.98 -78.03 27.08
C ASP K 335 -34.93 -76.64 27.68
N TYR K 336 -35.97 -75.85 27.40
CA TYR K 336 -36.10 -74.53 28.00
C TYR K 336 -36.30 -74.66 29.50
N LEU K 337 -37.25 -75.51 29.87
CA LEU K 337 -37.53 -75.77 31.29
C LEU K 337 -36.35 -76.42 31.99
N LYS K 338 -35.68 -77.35 31.32
CA LYS K 338 -34.53 -78.03 31.90
C LYS K 338 -33.35 -77.08 32.08
N ASP K 339 -33.19 -76.16 31.13
CA ASP K 339 -32.14 -75.15 31.22
C ASP K 339 -32.48 -74.13 32.30
N PHE K 340 -33.77 -73.97 32.58
CA PHE K 340 -34.21 -73.08 33.64
C PHE K 340 -33.98 -73.67 35.02
N PHE K 341 -34.43 -74.90 35.22
CA PHE K 341 -34.29 -75.58 36.52
C PHE K 341 -32.83 -75.84 36.86
N SER K 342 -32.00 -76.05 35.84
CA SER K 342 -30.57 -76.25 36.05
C SER K 342 -29.89 -74.90 36.30
N ASN K 343 -30.59 -73.82 35.98
CA ASN K 343 -30.10 -72.48 36.26
C ASN K 343 -30.73 -71.93 37.54
N VAL K 344 -31.03 -72.82 38.47
CA VAL K 344 -31.62 -72.44 39.75
C VAL K 344 -30.56 -72.40 40.84
N ARG K 345 -29.55 -73.27 40.74
CA ARG K 345 -28.48 -73.33 41.71
C ARG K 345 -27.51 -72.17 41.55
N GLU K 351 -34.24 -75.30 49.44
CA GLU K 351 -35.36 -74.39 49.65
C GLU K 351 -36.63 -74.94 49.03
N ILE K 352 -37.59 -74.06 48.78
CA ILE K 352 -38.83 -74.44 48.11
C ILE K 352 -38.54 -74.78 46.65
N GLU K 353 -37.45 -74.22 46.13
CA GLU K 353 -37.02 -74.51 44.77
C GLU K 353 -36.69 -75.98 44.60
N GLN K 354 -36.18 -76.59 45.66
CA GLN K 354 -35.89 -78.02 45.65
C GLN K 354 -37.17 -78.83 45.52
N ASP K 355 -38.19 -78.43 46.26
CA ASP K 355 -39.49 -79.08 46.21
C ASP K 355 -40.12 -78.92 44.83
N LEU K 356 -39.99 -77.74 44.25
CA LEU K 356 -40.54 -77.47 42.92
C LEU K 356 -39.83 -78.29 41.84
N THR K 357 -38.50 -78.30 41.90
CA THR K 357 -37.70 -79.09 40.96
C THR K 357 -38.05 -80.57 41.08
N GLN K 358 -38.25 -81.04 42.31
CA GLN K 358 -38.68 -82.41 42.54
C GLN K 358 -40.04 -82.66 41.89
N ARG K 359 -40.97 -81.73 42.10
CA ARG K 359 -42.30 -81.81 41.50
C ARG K 359 -42.24 -81.86 39.98
N PHE K 360 -41.20 -81.25 39.42
CA PHE K 360 -41.00 -81.28 37.97
C PHE K 360 -40.43 -82.62 37.53
N GLU K 361 -39.47 -83.15 38.29
CA GLU K 361 -38.84 -84.42 37.96
C GLU K 361 -39.81 -85.59 38.17
N GLU K 362 -40.89 -85.34 38.90
CA GLU K 362 -41.92 -86.36 39.10
C GLU K 362 -42.71 -86.62 37.83
N LYS K 363 -42.64 -85.68 36.88
CA LYS K 363 -43.36 -85.81 35.61
C LYS K 363 -42.40 -85.73 34.43
N LEU K 364 -41.13 -85.46 34.72
CA LEU K 364 -40.11 -85.30 33.68
C LEU K 364 -39.97 -86.55 32.81
N GLN K 365 -40.06 -87.72 33.44
CA GLN K 365 -39.95 -89.00 32.72
C GLN K 365 -41.09 -89.15 31.73
N GLU K 366 -42.26 -88.60 32.07
CA GLU K 366 -43.42 -88.64 31.19
C GLU K 366 -43.31 -87.56 30.12
N LEU K 367 -42.57 -86.51 30.44
CA LEU K 367 -42.38 -85.40 29.50
C LEU K 367 -41.39 -85.73 28.40
N GLU K 368 -40.34 -86.47 28.74
CA GLU K 368 -39.30 -86.83 27.76
C GLU K 368 -39.78 -87.87 26.76
N SER K 369 -40.96 -88.43 26.99
CA SER K 369 -41.53 -89.42 26.10
C SER K 369 -42.23 -88.77 24.92
N VAL K 370 -43.11 -87.82 25.22
CA VAL K 370 -43.87 -87.12 24.19
C VAL K 370 -43.00 -86.10 23.45
N SER K 371 -41.94 -85.64 24.10
CA SER K 371 -41.02 -84.68 23.49
C SER K 371 -40.16 -85.35 22.44
N ARG K 372 -39.93 -86.65 22.61
CA ARG K 372 -39.16 -87.42 21.65
C ARG K 372 -40.08 -88.24 20.74
N ASP K 373 -41.39 -88.07 20.95
CA ASP K 373 -42.39 -88.77 20.14
C ASP K 373 -42.42 -88.22 18.73
N PRO K 374 -42.38 -89.11 17.73
CA PRO K 374 -42.32 -88.72 16.31
C PRO K 374 -43.67 -88.31 15.73
N SER K 375 -44.76 -88.81 16.31
CA SER K 375 -46.09 -88.57 15.75
C SER K 375 -46.54 -87.13 15.90
N ASN K 376 -46.51 -86.60 17.12
CA ASN K 376 -47.01 -85.27 17.39
C ASN K 376 -46.06 -84.16 16.94
N GLU K 377 -45.94 -83.99 15.64
CA GLU K 377 -45.12 -82.92 15.08
C GLU K 377 -45.96 -81.67 14.86
N ASN K 378 -45.36 -80.51 15.11
CA ASN K 378 -46.05 -79.24 14.97
C ASN K 378 -46.50 -79.01 13.52
N PRO K 379 -47.81 -78.82 13.31
CA PRO K 379 -48.40 -78.58 11.99
C PRO K 379 -47.76 -77.39 11.28
N LYS K 380 -47.45 -76.34 12.03
CA LYS K 380 -46.77 -75.19 11.46
C LYS K 380 -45.38 -75.57 10.98
N LEU K 381 -44.70 -76.43 11.76
CA LEU K 381 -43.38 -76.90 11.38
C LEU K 381 -43.45 -77.83 10.18
N GLU K 382 -44.55 -78.57 10.05
CA GLU K 382 -44.74 -79.46 8.93
C GLU K 382 -44.97 -78.67 7.65
N ASP K 383 -45.83 -77.65 7.72
CA ASP K 383 -46.11 -76.81 6.56
C ASP K 383 -44.86 -76.00 6.20
N LEU K 384 -44.10 -75.59 7.20
CA LEU K 384 -42.86 -74.85 6.99
C LEU K 384 -41.83 -75.73 6.28
N CYS K 385 -41.68 -76.96 6.75
CA CYS K 385 -40.77 -77.92 6.14
C CYS K 385 -41.19 -78.21 4.70
N PHE K 386 -42.51 -78.25 4.48
CA PHE K 386 -43.06 -78.44 3.14
C PHE K 386 -42.67 -77.31 2.21
N ILE K 387 -42.91 -76.07 2.67
CA ILE K 387 -42.56 -74.88 1.90
C ILE K 387 -41.07 -74.85 1.56
N LEU K 388 -40.24 -75.08 2.57
CA LEU K 388 -38.80 -75.09 2.38
C LEU K 388 -38.37 -76.15 1.37
N GLN K 389 -38.87 -77.36 1.55
CA GLN K 389 -38.53 -78.47 0.64
C GLN K 389 -38.92 -78.16 -0.80
N GLU K 390 -40.12 -77.61 -0.98
CA GLU K 390 -40.58 -77.24 -2.31
C GLU K 390 -39.68 -76.17 -2.94
N GLU K 391 -39.58 -75.04 -2.25
CA GLU K 391 -38.84 -73.90 -2.77
C GLU K 391 -37.36 -74.21 -3.02
N TYR K 392 -36.83 -75.18 -2.30
CA TYR K 392 -35.44 -75.57 -2.49
C TYR K 392 -35.29 -76.67 -3.54
N HIS K 393 -36.37 -77.42 -3.78
CA HIS K 393 -36.36 -78.40 -4.86
C HIS K 393 -36.42 -77.68 -6.20
N LEU K 394 -37.23 -76.63 -6.25
CA LEU K 394 -37.35 -75.81 -7.45
C LEU K 394 -36.03 -75.09 -7.74
N ASN K 395 -35.35 -74.69 -6.66
CA ASN K 395 -34.06 -74.02 -6.78
C ASN K 395 -33.20 -74.26 -5.54
N PRO K 396 -32.14 -75.07 -5.68
CA PRO K 396 -31.25 -75.39 -4.58
C PRO K 396 -30.37 -74.22 -4.17
N GLU K 397 -30.25 -73.22 -5.03
CA GLU K 397 -29.43 -72.04 -4.75
C GLU K 397 -30.24 -70.98 -4.01
N THR K 398 -31.30 -71.40 -3.35
CA THR K 398 -32.23 -70.50 -2.68
C THR K 398 -31.66 -69.95 -1.37
N ILE K 399 -31.67 -68.62 -1.24
CA ILE K 399 -31.32 -67.97 0.01
C ILE K 399 -32.59 -67.61 0.77
N THR K 400 -32.70 -68.08 2.00
CA THR K 400 -33.92 -67.90 2.78
C THR K 400 -33.68 -67.05 4.02
N ILE K 401 -34.66 -66.23 4.39
CA ILE K 401 -34.60 -65.50 5.65
C ILE K 401 -35.91 -65.68 6.43
N LEU K 402 -35.79 -66.07 7.69
CA LEU K 402 -36.95 -66.41 8.52
C LEU K 402 -37.10 -65.48 9.71
N PHE K 403 -38.31 -65.00 9.94
CA PHE K 403 -38.59 -64.09 11.06
C PHE K 403 -39.50 -64.72 12.11
N VAL K 404 -39.05 -64.67 13.35
CA VAL K 404 -39.86 -65.09 14.49
C VAL K 404 -39.82 -64.00 15.55
N LYS K 405 -40.77 -64.03 16.48
CA LYS K 405 -40.90 -62.93 17.43
C LYS K 405 -39.81 -62.95 18.52
N THR K 406 -39.68 -64.07 19.21
CA THR K 406 -38.72 -64.16 20.32
C THR K 406 -37.44 -64.89 19.93
N ARG K 407 -36.39 -64.69 20.72
CA ARG K 407 -35.10 -65.36 20.49
C ARG K 407 -35.19 -66.85 20.85
N ALA K 408 -36.10 -67.17 21.76
CA ALA K 408 -36.38 -68.54 22.12
C ALA K 408 -36.78 -69.32 20.87
N LEU K 409 -37.65 -68.73 20.06
CA LEU K 409 -38.07 -69.33 18.81
C LEU K 409 -36.93 -69.38 17.81
N VAL K 410 -36.02 -68.42 17.88
CA VAL K 410 -34.86 -68.41 17.00
C VAL K 410 -34.00 -69.64 17.24
N ASP K 411 -33.57 -69.81 18.48
CA ASP K 411 -32.73 -70.96 18.83
C ASP K 411 -33.48 -72.28 18.67
N ALA K 412 -34.77 -72.27 19.01
CA ALA K 412 -35.60 -73.48 18.87
C ALA K 412 -35.70 -73.93 17.43
N LEU K 413 -35.98 -73.01 16.52
CA LEU K 413 -36.10 -73.34 15.11
C LEU K 413 -34.74 -73.68 14.51
N LYS K 414 -33.67 -73.08 15.05
CA LYS K 414 -32.33 -73.44 14.62
C LYS K 414 -32.06 -74.91 14.95
N ASN K 415 -32.39 -75.29 16.18
CA ASN K 415 -32.24 -76.67 16.61
C ASN K 415 -33.12 -77.62 15.82
N TRP K 416 -34.32 -77.15 15.45
CA TRP K 416 -35.26 -77.94 14.67
C TRP K 416 -34.74 -78.19 13.26
N ILE K 417 -34.10 -77.19 12.68
CA ILE K 417 -33.51 -77.32 11.35
C ILE K 417 -32.29 -78.24 11.39
N GLU K 418 -31.41 -78.00 12.37
CA GLU K 418 -30.21 -78.81 12.50
C GLU K 418 -30.51 -80.23 12.99
N GLY K 419 -31.74 -80.44 13.46
CA GLY K 419 -32.14 -81.74 13.97
C GLY K 419 -33.28 -82.37 13.19
N ASN K 420 -33.40 -82.02 11.92
CA ASN K 420 -34.43 -82.59 11.06
C ASN K 420 -33.83 -83.41 9.93
N PRO K 421 -34.32 -84.64 9.74
CA PRO K 421 -33.85 -85.56 8.69
C PRO K 421 -34.02 -84.98 7.28
N LYS K 422 -35.16 -84.35 7.03
CA LYS K 422 -35.46 -83.80 5.72
C LYS K 422 -34.64 -82.54 5.43
N LEU K 423 -34.62 -81.62 6.38
CA LEU K 423 -33.85 -80.39 6.25
C LEU K 423 -32.36 -80.67 6.48
N SER K 424 -31.76 -81.41 5.55
CA SER K 424 -30.34 -81.76 5.60
C SER K 424 -29.52 -80.83 4.72
N PHE K 425 -30.21 -80.00 3.95
CA PHE K 425 -29.56 -79.14 2.96
C PHE K 425 -29.50 -77.69 3.42
N LEU K 426 -29.96 -77.44 4.64
CA LEU K 426 -29.99 -76.09 5.18
C LEU K 426 -28.87 -75.84 6.19
N LYS K 427 -28.22 -74.70 6.08
CA LYS K 427 -27.18 -74.29 7.03
C LYS K 427 -27.61 -73.03 7.76
N PRO K 428 -28.41 -73.18 8.83
CA PRO K 428 -29.02 -72.06 9.54
C PRO K 428 -28.02 -71.14 10.22
N GLY K 429 -28.31 -69.84 10.17
CA GLY K 429 -27.50 -68.83 10.83
C GLY K 429 -28.37 -67.97 11.73
N ILE K 430 -27.73 -67.16 12.57
CA ILE K 430 -28.47 -66.34 13.52
C ILE K 430 -28.20 -64.85 13.35
N LEU K 431 -29.27 -64.06 13.31
CA LEU K 431 -29.16 -62.61 13.26
C LEU K 431 -29.99 -62.00 14.39
N THR K 432 -29.36 -61.86 15.56
CA THR K 432 -30.04 -61.33 16.73
C THR K 432 -29.57 -59.92 17.06
N GLY K 433 -30.36 -59.21 17.86
CA GLY K 433 -30.02 -57.86 18.26
C GLY K 433 -28.99 -57.84 19.37
N ARG K 434 -28.11 -56.83 19.34
CA ARG K 434 -27.07 -56.68 20.34
C ARG K 434 -27.65 -56.27 21.70
N ASP K 460 -21.67 -69.67 3.08
CA ASP K 460 -21.69 -70.17 4.44
C ASP K 460 -23.09 -70.59 4.87
N HIS K 461 -23.90 -69.63 5.28
CA HIS K 461 -25.25 -69.91 5.75
C HIS K 461 -26.26 -69.84 4.62
N ASN K 462 -27.12 -70.86 4.55
CA ASN K 462 -28.13 -70.95 3.51
C ASN K 462 -29.40 -70.20 3.90
N ILE K 463 -29.83 -70.37 5.14
CA ILE K 463 -31.00 -69.68 5.67
C ILE K 463 -30.63 -68.90 6.93
N LEU K 464 -31.08 -67.65 7.03
CA LEU K 464 -30.77 -66.82 8.17
C LEU K 464 -32.02 -66.58 9.04
N ILE K 465 -31.93 -66.98 10.31
CA ILE K 465 -33.04 -66.78 11.23
C ILE K 465 -32.82 -65.52 12.07
N ALA K 466 -33.80 -64.62 12.04
CA ALA K 466 -33.70 -63.36 12.76
C ALA K 466 -34.99 -63.01 13.49
N THR K 467 -34.90 -62.05 14.39
CA THR K 467 -36.06 -61.58 15.14
C THR K 467 -36.80 -60.50 14.36
N SER K 468 -36.26 -59.28 14.40
CA SER K 468 -36.83 -58.17 13.64
C SER K 468 -35.83 -57.02 13.52
N VAL K 469 -35.54 -56.62 12.30
CA VAL K 469 -34.60 -55.53 12.05
C VAL K 469 -35.29 -54.17 12.06
N ALA K 470 -34.81 -53.26 12.89
CA ALA K 470 -35.39 -51.93 12.98
C ALA K 470 -35.17 -51.15 11.69
N ASP K 471 -36.24 -50.54 11.18
CA ASP K 471 -36.20 -49.75 9.96
C ASP K 471 -35.65 -50.57 8.79
N GLU K 472 -34.84 -49.93 7.96
CA GLU K 472 -34.24 -50.61 6.82
C GLU K 472 -32.86 -51.16 7.18
N GLY K 473 -32.05 -50.33 7.82
CA GLY K 473 -30.71 -50.72 8.24
C GLY K 473 -29.81 -51.03 7.07
N ILE K 474 -28.66 -51.65 7.35
CA ILE K 474 -27.74 -52.05 6.29
C ILE K 474 -28.35 -53.18 5.47
N ASP K 475 -28.14 -53.13 4.16
CA ASP K 475 -28.72 -54.12 3.26
C ASP K 475 -27.97 -55.44 3.31
N ILE K 476 -28.73 -56.52 3.40
CA ILE K 476 -28.17 -57.87 3.40
C ILE K 476 -28.18 -58.45 2.00
N ALA K 477 -27.68 -59.67 1.86
CA ALA K 477 -27.75 -60.39 0.59
C ALA K 477 -29.21 -60.63 0.22
N GLN K 478 -29.54 -60.40 -1.05
CA GLN K 478 -30.92 -60.50 -1.50
C GLN K 478 -31.46 -61.93 -1.40
N CYS K 479 -32.37 -62.14 -0.46
CA CYS K 479 -32.99 -63.45 -0.26
C CYS K 479 -34.18 -63.61 -1.19
N ASN K 480 -34.17 -64.65 -2.02
CA ASN K 480 -35.29 -64.92 -2.91
C ASN K 480 -36.40 -65.67 -2.19
N LEU K 481 -36.31 -65.73 -0.87
CA LEU K 481 -37.32 -66.38 -0.05
C LEU K 481 -37.39 -65.77 1.35
N VAL K 482 -38.53 -65.19 1.68
CA VAL K 482 -38.76 -64.61 3.00
C VAL K 482 -39.91 -65.32 3.68
N ILE K 483 -39.71 -65.79 4.91
CA ILE K 483 -40.77 -66.48 5.63
C ILE K 483 -41.06 -65.82 6.97
N LEU K 484 -42.32 -65.45 7.17
CA LEU K 484 -42.75 -64.86 8.43
C LEU K 484 -43.49 -65.88 9.26
N TYR K 485 -42.85 -66.33 10.34
CA TYR K 485 -43.43 -67.33 11.22
C TYR K 485 -44.11 -66.67 12.41
N GLU K 486 -45.43 -66.52 12.32
CA GLU K 486 -46.23 -65.86 13.35
C GLU K 486 -45.71 -64.45 13.64
N TYR K 487 -45.26 -63.76 12.60
CA TYR K 487 -44.66 -62.44 12.76
C TYR K 487 -45.39 -61.39 11.93
N VAL K 488 -45.94 -60.38 12.60
CA VAL K 488 -46.64 -59.29 11.93
C VAL K 488 -46.32 -57.94 12.55
N GLY K 489 -45.77 -57.03 11.74
CA GLY K 489 -45.50 -55.68 12.18
C GLY K 489 -46.53 -54.72 11.62
N ASN K 490 -46.12 -53.49 11.34
CA ASN K 490 -47.02 -52.51 10.73
C ASN K 490 -46.77 -52.37 9.24
N VAL K 491 -47.44 -51.40 8.62
CA VAL K 491 -47.34 -51.19 7.18
C VAL K 491 -45.91 -50.79 6.77
N ILE K 492 -45.29 -49.92 7.55
CA ILE K 492 -43.94 -49.46 7.29
C ILE K 492 -42.96 -50.62 7.31
N LYS K 493 -43.08 -51.47 8.34
CA LYS K 493 -42.22 -52.65 8.47
C LYS K 493 -42.37 -53.56 7.26
N MET K 494 -43.58 -53.63 6.72
CA MET K 494 -43.87 -54.44 5.54
C MET K 494 -43.18 -53.89 4.29
N ILE K 495 -43.47 -52.63 3.98
CA ILE K 495 -42.90 -51.98 2.81
C ILE K 495 -41.38 -51.99 2.86
N GLN K 496 -40.82 -51.87 4.06
CA GLN K 496 -39.38 -51.99 4.25
C GLN K 496 -38.92 -53.43 4.02
N THR K 497 -39.72 -54.39 4.49
CA THR K 497 -39.37 -55.81 4.37
C THR K 497 -39.35 -56.25 2.91
N ARG K 498 -40.09 -55.53 2.06
CA ARG K 498 -40.03 -55.78 0.63
C ARG K 498 -38.61 -55.71 0.07
N GLY K 499 -37.78 -54.90 0.71
CA GLY K 499 -36.41 -54.69 0.26
C GLY K 499 -35.51 -55.89 0.44
N ARG K 500 -35.92 -56.82 1.31
CA ARG K 500 -35.12 -58.01 1.59
C ARG K 500 -35.01 -58.90 0.37
N GLY K 501 -35.97 -58.77 -0.55
CA GLY K 501 -35.95 -59.51 -1.79
C GLY K 501 -36.50 -58.69 -2.94
N ARG K 502 -35.73 -57.70 -3.38
CA ARG K 502 -36.15 -56.84 -4.49
C ARG K 502 -35.68 -57.40 -5.82
N ALA K 503 -35.33 -58.67 -5.84
CA ALA K 503 -34.97 -59.36 -7.08
C ALA K 503 -36.22 -59.98 -7.71
N ARG K 504 -36.16 -60.21 -9.02
CA ARG K 504 -37.29 -60.80 -9.73
C ARG K 504 -37.53 -62.25 -9.31
N GLY K 505 -38.76 -62.55 -8.89
CA GLY K 505 -39.14 -63.90 -8.54
C GLY K 505 -39.09 -64.18 -7.05
N SER K 506 -38.75 -63.17 -6.26
CA SER K 506 -38.68 -63.30 -4.81
C SER K 506 -40.06 -63.58 -4.24
N LYS K 507 -40.11 -64.43 -3.22
CA LYS K 507 -41.38 -64.83 -2.62
C LYS K 507 -41.41 -64.54 -1.12
N CYS K 508 -42.60 -64.33 -0.59
CA CYS K 508 -42.76 -64.11 0.85
C CYS K 508 -43.98 -64.84 1.39
N PHE K 509 -43.75 -65.79 2.29
CA PHE K 509 -44.82 -66.56 2.90
C PHE K 509 -45.13 -66.08 4.30
N LEU K 510 -46.39 -66.21 4.71
CA LEU K 510 -46.80 -65.85 6.06
C LEU K 510 -47.51 -67.01 6.75
N LEU K 511 -46.76 -67.73 7.59
CA LEU K 511 -47.29 -68.91 8.27
C LEU K 511 -47.93 -68.55 9.60
N THR K 512 -49.14 -69.05 9.85
CA THR K 512 -49.79 -68.81 11.13
C THR K 512 -50.93 -69.78 11.40
N SER K 513 -51.35 -69.85 12.66
CA SER K 513 -52.48 -70.68 13.06
C SER K 513 -53.62 -69.78 13.54
N ASN K 514 -53.39 -68.47 13.53
CA ASN K 514 -54.39 -67.51 13.93
C ASN K 514 -54.78 -66.60 12.76
N ALA K 515 -56.08 -66.41 12.57
CA ALA K 515 -56.58 -65.61 11.45
C ALA K 515 -56.27 -64.13 11.65
N GLY K 516 -56.35 -63.67 12.90
CA GLY K 516 -56.07 -62.29 13.25
C GLY K 516 -54.69 -61.87 12.79
N VAL K 517 -53.76 -62.82 12.77
CA VAL K 517 -52.42 -62.60 12.25
C VAL K 517 -52.47 -62.24 10.76
N ILE K 518 -53.33 -62.93 10.02
CA ILE K 518 -53.49 -62.68 8.59
C ILE K 518 -54.16 -61.34 8.31
N GLU K 519 -55.30 -61.11 8.97
CA GLU K 519 -56.04 -59.86 8.75
C GLU K 519 -55.26 -58.65 9.23
N LYS K 520 -54.40 -58.84 10.23
CA LYS K 520 -53.56 -57.74 10.72
C LYS K 520 -52.53 -57.33 9.67
N GLU K 521 -52.36 -58.17 8.65
CA GLU K 521 -51.45 -57.86 7.54
C GLU K 521 -52.24 -57.37 6.33
N GLN K 522 -53.42 -57.94 6.13
CA GLN K 522 -54.31 -57.48 5.06
C GLN K 522 -54.69 -56.02 5.27
N ILE K 523 -54.96 -55.65 6.53
CA ILE K 523 -55.23 -54.27 6.86
C ILE K 523 -54.01 -53.40 6.60
N ASN K 524 -52.82 -54.00 6.66
CA ASN K 524 -51.60 -53.27 6.35
C ASN K 524 -51.51 -53.01 4.86
N MET K 525 -51.98 -53.97 4.06
CA MET K 525 -52.05 -53.77 2.61
C MET K 525 -53.01 -52.63 2.27
N TYR K 526 -54.19 -52.67 2.89
CA TYR K 526 -55.19 -51.63 2.67
C TYR K 526 -54.68 -50.27 3.14
N LYS K 527 -53.94 -50.27 4.24
CA LYS K 527 -53.34 -49.04 4.77
C LYS K 527 -52.28 -48.50 3.83
N GLU K 528 -51.57 -49.41 3.16
CA GLU K 528 -50.61 -49.02 2.13
C GLU K 528 -51.33 -48.32 0.99
N LYS K 529 -52.44 -48.92 0.54
CA LYS K 529 -53.25 -48.31 -0.51
C LYS K 529 -53.71 -46.90 -0.11
N MET K 530 -54.24 -46.80 1.11
CA MET K 530 -54.66 -45.52 1.67
C MET K 530 -53.53 -44.50 1.65
N MET K 531 -52.32 -44.96 1.99
CA MET K 531 -51.14 -44.11 2.01
C MET K 531 -50.82 -43.56 0.62
N ASN K 532 -50.70 -44.47 -0.34
CA ASN K 532 -50.39 -44.08 -1.71
C ASN K 532 -51.42 -43.12 -2.30
N ASP K 533 -52.70 -43.41 -2.08
CA ASP K 533 -53.77 -42.57 -2.58
C ASP K 533 -53.75 -41.20 -1.90
N SER K 534 -53.46 -41.19 -0.61
CA SER K 534 -53.36 -39.94 0.15
C SER K 534 -52.24 -39.06 -0.38
N ILE K 535 -51.08 -39.66 -0.64
CA ILE K 535 -49.95 -38.92 -1.20
C ILE K 535 -50.31 -38.38 -2.59
N LEU K 536 -50.90 -39.25 -3.42
CA LEU K 536 -51.33 -38.88 -4.76
C LEU K 536 -52.27 -37.69 -4.74
N ARG K 537 -53.13 -37.64 -3.74
CA ARG K 537 -54.09 -36.55 -3.60
C ARG K 537 -53.42 -35.29 -3.08
N LEU K 538 -52.46 -35.45 -2.16
CA LEU K 538 -51.74 -34.32 -1.59
C LEU K 538 -50.86 -33.62 -2.61
N GLN K 539 -50.35 -34.39 -3.57
CA GLN K 539 -49.44 -33.82 -4.57
C GLN K 539 -50.18 -33.01 -5.64
N THR K 540 -51.50 -32.92 -5.49
CA THR K 540 -52.30 -32.10 -6.40
C THR K 540 -52.65 -30.76 -5.75
N TRP K 541 -52.38 -30.65 -4.45
CA TRP K 541 -52.64 -29.42 -3.72
C TRP K 541 -51.74 -28.29 -4.18
N ASP K 542 -52.26 -27.07 -4.14
CA ASP K 542 -51.44 -25.88 -4.36
C ASP K 542 -50.55 -25.67 -3.15
N GLU K 543 -49.26 -25.42 -3.38
CA GLU K 543 -48.27 -25.39 -2.31
C GLU K 543 -48.57 -24.35 -1.24
N ALA K 544 -49.17 -23.23 -1.63
CA ALA K 544 -49.49 -22.17 -0.67
C ALA K 544 -50.50 -22.65 0.36
N VAL K 545 -51.60 -23.22 -0.12
CA VAL K 545 -52.66 -23.74 0.76
C VAL K 545 -52.11 -24.84 1.67
N PHE K 546 -51.34 -25.74 1.07
CA PHE K 546 -50.75 -26.85 1.80
C PHE K 546 -49.85 -26.34 2.92
N ARG K 547 -48.98 -25.40 2.59
CA ARG K 547 -48.08 -24.81 3.58
C ARG K 547 -48.85 -24.08 4.68
N GLU K 548 -49.96 -23.46 4.31
CA GLU K 548 -50.83 -22.80 5.28
C GLU K 548 -51.39 -23.80 6.28
N LYS K 549 -51.97 -24.88 5.77
CA LYS K 549 -52.53 -25.91 6.63
C LYS K 549 -51.45 -26.54 7.51
N ILE K 550 -50.29 -26.80 6.91
CA ILE K 550 -49.15 -27.33 7.64
C ILE K 550 -48.79 -26.42 8.81
N LEU K 551 -48.70 -25.12 8.54
CA LEU K 551 -48.40 -24.13 9.58
C LEU K 551 -49.44 -24.19 10.70
N HIS K 552 -50.72 -24.27 10.31
CA HIS K 552 -51.80 -24.36 11.28
C HIS K 552 -51.65 -25.60 12.17
N ILE K 553 -51.24 -26.71 11.57
CA ILE K 553 -51.07 -27.96 12.31
C ILE K 553 -49.88 -27.86 13.27
N GLN K 554 -48.79 -27.27 12.78
CA GLN K 554 -47.60 -27.07 13.62
C GLN K 554 -47.93 -26.23 14.84
N THR K 555 -48.62 -25.11 14.62
CA THR K 555 -49.02 -24.23 15.71
C THR K 555 -49.96 -24.95 16.67
N HIS K 556 -50.88 -25.71 16.09
CA HIS K 556 -51.85 -26.48 16.88
C HIS K 556 -51.16 -27.45 17.83
N GLU K 557 -50.32 -28.32 17.28
CA GLU K 557 -49.67 -29.35 18.09
C GLU K 557 -48.60 -28.77 19.00
N LYS K 558 -48.04 -27.62 18.64
CA LYS K 558 -47.13 -26.93 19.55
C LYS K 558 -47.91 -26.42 20.75
N PHE K 559 -49.12 -25.93 20.48
CA PHE K 559 -50.01 -25.49 21.54
C PHE K 559 -50.37 -26.67 22.45
N ILE K 560 -50.66 -27.82 21.83
CA ILE K 560 -50.96 -29.04 22.58
C ILE K 560 -49.78 -29.44 23.46
N ARG K 561 -48.58 -29.31 22.91
CA ARG K 561 -47.36 -29.63 23.64
C ARG K 561 -47.15 -28.72 24.85
N ASP K 562 -47.25 -27.41 24.62
CA ASP K 562 -47.02 -26.44 25.67
C ASP K 562 -48.12 -26.45 26.72
N SER K 563 -49.30 -26.94 26.34
CA SER K 563 -50.41 -27.07 27.27
C SER K 563 -50.40 -28.44 27.94
N GLN K 564 -49.22 -29.03 28.04
CA GLN K 564 -49.04 -30.32 28.68
C GLN K 564 -47.72 -30.36 29.45
N GLU K 565 -47.40 -29.26 30.11
CA GLU K 565 -46.14 -29.15 30.85
C GLU K 565 -46.40 -28.88 32.33
N LYS K 566 -46.17 -29.89 33.16
CA LYS K 566 -46.38 -29.77 34.60
C LYS K 566 -45.06 -29.78 35.36
N PRO K 567 -44.68 -28.62 35.93
CA PRO K 567 -43.45 -28.49 36.71
C PRO K 567 -43.43 -29.39 37.93
N PRO K 569 -42.31 -32.65 40.00
CA PRO K 569 -43.05 -31.87 41.00
C PRO K 569 -42.16 -31.39 42.14
N VAL K 570 -42.60 -31.61 43.38
CA VAL K 570 -41.80 -31.25 44.54
C VAL K 570 -41.37 -32.51 45.30
N PRO K 571 -40.14 -32.50 45.84
CA PRO K 571 -39.54 -33.70 46.42
C PRO K 571 -40.11 -34.11 47.78
N ASP K 572 -40.30 -35.42 47.96
CA ASP K 572 -40.66 -35.97 49.26
C ASP K 572 -39.42 -35.99 50.14
N LYS K 573 -39.31 -35.00 51.03
CA LYS K 573 -38.13 -34.84 51.87
C LYS K 573 -37.96 -35.98 52.87
N GLU K 574 -39.05 -36.63 53.23
CA GLU K 574 -39.03 -37.74 54.19
C GLU K 574 -38.21 -38.92 53.66
N ASN K 575 -37.32 -39.43 54.49
CA ASN K 575 -36.47 -40.55 54.12
C ASN K 575 -37.29 -41.85 54.04
N LYS K 576 -36.98 -42.67 53.04
CA LYS K 576 -37.65 -43.94 52.86
C LYS K 576 -36.63 -45.08 52.74
N LYS K 577 -37.09 -46.31 52.93
CA LYS K 577 -36.21 -47.46 52.88
C LYS K 577 -36.33 -48.22 51.57
N LEU K 578 -35.18 -48.49 50.94
CA LEU K 578 -35.13 -49.32 49.75
C LEU K 578 -34.76 -50.75 50.13
N LEU K 579 -35.67 -51.67 49.81
CA LEU K 579 -35.50 -53.08 50.14
C LEU K 579 -35.45 -53.93 48.87
N CYS K 580 -35.02 -55.17 49.00
CA CYS K 580 -35.11 -56.12 47.90
C CYS K 580 -36.58 -56.52 47.72
N ARG K 581 -36.88 -57.21 46.62
CA ARG K 581 -38.26 -57.46 46.23
C ARG K 581 -38.67 -58.93 46.29
N LYS K 582 -37.67 -59.81 46.37
CA LYS K 582 -37.97 -61.23 46.50
C LYS K 582 -37.70 -61.69 47.93
N CYS K 583 -36.68 -61.15 48.56
CA CYS K 583 -36.35 -61.53 49.93
C CYS K 583 -36.74 -60.43 50.92
N LYS K 584 -37.13 -59.28 50.38
CA LYS K 584 -37.61 -58.14 51.17
C LYS K 584 -36.61 -57.70 52.25
N ALA K 585 -35.33 -57.96 52.01
CA ALA K 585 -34.29 -57.58 52.95
C ALA K 585 -33.91 -56.11 52.78
N LEU K 586 -33.39 -55.50 53.85
CA LEU K 586 -32.99 -54.10 53.80
C LEU K 586 -31.78 -53.90 52.90
N ALA K 587 -31.90 -53.02 51.92
CA ALA K 587 -30.79 -52.70 51.03
C ALA K 587 -30.14 -51.38 51.44
N CYS K 588 -30.91 -50.29 51.38
CA CYS K 588 -30.37 -48.99 51.77
C CYS K 588 -31.47 -47.97 52.07
N TYR K 589 -31.10 -46.70 52.10
CA TYR K 589 -32.06 -45.62 52.34
C TYR K 589 -31.93 -44.54 51.28
N THR K 590 -32.93 -43.66 51.20
CA THR K 590 -32.95 -42.61 50.19
C THR K 590 -31.88 -41.55 50.45
N ALA K 591 -31.44 -41.44 51.69
CA ALA K 591 -30.40 -40.48 52.05
C ALA K 591 -29.06 -40.89 51.46
N ASP K 592 -28.82 -42.20 51.39
CA ASP K 592 -27.57 -42.72 50.84
C ASP K 592 -27.56 -42.61 49.31
N VAL K 593 -28.69 -42.94 48.70
CA VAL K 593 -28.82 -42.94 47.24
C VAL K 593 -28.67 -41.53 46.67
N ARG K 594 -27.79 -41.39 45.67
CA ARG K 594 -27.57 -40.11 45.02
C ARG K 594 -27.59 -40.24 43.51
N VAL K 595 -28.04 -39.18 42.83
CA VAL K 595 -28.27 -39.22 41.39
C VAL K 595 -27.07 -38.70 40.58
N ILE K 596 -26.78 -39.39 39.48
CA ILE K 596 -25.70 -39.02 38.57
C ILE K 596 -26.25 -38.66 37.19
N GLU K 597 -25.94 -37.45 36.74
CA GLU K 597 -26.34 -36.98 35.41
C GLU K 597 -27.84 -37.08 35.17
N GLU K 598 -28.63 -36.80 36.20
CA GLU K 598 -30.08 -36.72 36.12
C GLU K 598 -30.79 -38.04 35.77
N CYS K 599 -30.02 -39.10 35.52
CA CYS K 599 -30.61 -40.34 35.05
C CYS K 599 -30.15 -41.57 35.82
N HIS K 600 -28.87 -41.62 36.19
CA HIS K 600 -28.32 -42.79 36.86
C HIS K 600 -28.40 -42.62 38.37
N TYR K 601 -28.26 -43.73 39.11
CA TYR K 601 -28.42 -43.69 40.56
C TYR K 601 -27.44 -44.61 41.27
N THR K 602 -26.67 -44.03 42.20
CA THR K 602 -25.68 -44.78 42.95
C THR K 602 -25.98 -44.74 44.45
N VAL K 603 -25.22 -45.51 45.22
CA VAL K 603 -25.39 -45.56 46.67
C VAL K 603 -24.08 -45.30 47.39
N LEU K 604 -24.11 -44.41 48.38
CA LEU K 604 -22.91 -44.12 49.18
C LEU K 604 -23.00 -44.78 50.54
N GLY K 605 -21.84 -44.96 51.18
CA GLY K 605 -21.77 -45.67 52.44
C GLY K 605 -21.59 -47.15 52.21
N ASP K 606 -20.64 -47.76 52.93
CA ASP K 606 -20.32 -49.17 52.74
C ASP K 606 -21.20 -50.09 53.59
N ALA K 607 -22.24 -49.52 54.18
CA ALA K 607 -23.27 -50.31 54.81
C ALA K 607 -24.03 -51.07 53.73
N PHE K 608 -24.05 -50.48 52.55
CA PHE K 608 -24.67 -51.09 51.37
C PHE K 608 -23.65 -51.91 50.58
N LYS K 609 -22.38 -51.53 50.67
CA LYS K 609 -21.33 -52.20 49.91
C LYS K 609 -21.15 -53.65 50.35
N GLU K 610 -21.44 -53.92 51.62
CA GLU K 610 -21.36 -55.28 52.14
C GLU K 610 -22.71 -55.98 52.01
N CYS K 611 -23.67 -55.29 51.41
CA CYS K 611 -25.02 -55.82 51.27
C CYS K 611 -25.26 -56.40 49.88
N PHE K 612 -24.28 -56.27 49.00
CA PHE K 612 -24.37 -56.84 47.65
C PHE K 612 -23.08 -57.51 47.22
N VAL K 613 -23.19 -58.42 46.25
CA VAL K 613 -22.03 -59.10 45.69
C VAL K 613 -21.86 -58.74 44.22
N SER K 614 -20.81 -59.28 43.59
CA SER K 614 -20.52 -58.96 42.19
C SER K 614 -20.36 -60.20 41.32
N ARG K 615 -20.25 -59.96 40.02
CA ARG K 615 -20.03 -60.98 39.01
C ARG K 615 -19.67 -60.27 37.72
N PRO K 616 -18.88 -60.92 36.84
CA PRO K 616 -18.50 -60.24 35.59
C PRO K 616 -19.61 -60.22 34.55
N HIS K 617 -19.90 -59.02 34.05
CA HIS K 617 -21.01 -58.77 33.14
C HIS K 617 -20.91 -59.59 31.85
N PRO K 618 -22.04 -60.18 31.41
CA PRO K 618 -22.12 -60.95 30.17
C PRO K 618 -21.72 -60.14 28.94
N LYS K 619 -22.36 -58.99 28.74
CA LYS K 619 -22.06 -58.15 27.60
C LYS K 619 -21.58 -56.77 28.04
N PRO K 620 -20.27 -56.65 28.32
CA PRO K 620 -19.69 -55.39 28.79
C PRO K 620 -19.66 -54.30 27.72
N LYS K 621 -20.35 -53.20 27.98
CA LYS K 621 -20.37 -52.07 27.07
C LYS K 621 -19.83 -50.82 27.75
N GLN K 622 -20.08 -49.66 27.14
CA GLN K 622 -19.61 -48.40 27.69
C GLN K 622 -20.48 -47.23 27.21
N PHE K 623 -21.64 -47.06 27.81
CA PHE K 623 -22.54 -45.98 27.44
C PHE K 623 -22.06 -44.64 28.00
N SER K 624 -22.10 -43.62 27.15
CA SER K 624 -21.67 -42.27 27.51
C SER K 624 -20.31 -42.27 28.21
N SER K 625 -20.26 -41.68 29.40
CA SER K 625 -19.03 -41.63 30.18
C SER K 625 -19.00 -42.72 31.24
N PHE K 626 -19.32 -43.95 30.84
CA PHE K 626 -19.32 -45.09 31.75
C PHE K 626 -18.56 -46.28 31.17
N GLU K 627 -18.50 -47.35 31.95
CA GLU K 627 -17.86 -48.60 31.52
C GLU K 627 -18.30 -49.74 32.43
N LYS K 628 -19.31 -50.49 31.99
CA LYS K 628 -19.86 -51.56 32.81
C LYS K 628 -18.91 -52.75 32.93
N ARG K 629 -18.47 -53.01 34.16
CA ARG K 629 -17.57 -54.13 34.42
C ARG K 629 -18.30 -55.28 35.10
N ALA K 630 -18.90 -54.98 36.26
CA ALA K 630 -19.55 -56.02 37.06
C ALA K 630 -21.07 -55.82 37.15
N LYS K 631 -21.73 -56.80 37.75
CA LYS K 631 -23.19 -56.76 37.92
C LYS K 631 -23.57 -56.96 39.38
N ILE K 632 -24.52 -56.17 39.85
CA ILE K 632 -24.90 -56.17 41.27
C ILE K 632 -25.94 -57.23 41.61
N PHE K 633 -25.68 -57.99 42.68
CA PHE K 633 -26.62 -58.99 43.16
C PHE K 633 -26.76 -58.95 44.67
N CYS K 634 -27.88 -59.44 45.19
CA CYS K 634 -28.13 -59.46 46.62
C CYS K 634 -27.16 -60.39 47.34
N ALA K 635 -26.66 -59.94 48.49
CA ALA K 635 -25.66 -60.72 49.24
C ALA K 635 -26.32 -61.80 50.09
N ARG K 636 -27.59 -61.63 50.40
CA ARG K 636 -28.32 -62.59 51.22
C ARG K 636 -28.39 -63.96 50.53
N GLN K 637 -28.31 -65.02 51.32
CA GLN K 637 -28.36 -66.38 50.79
C GLN K 637 -29.73 -66.68 50.18
N ASN K 638 -29.82 -67.81 49.48
CA ASN K 638 -31.02 -68.25 48.77
C ASN K 638 -31.78 -67.13 48.06
N CYS K 639 -31.04 -66.16 47.53
CA CYS K 639 -31.64 -65.01 46.86
C CYS K 639 -30.89 -64.65 45.58
N SER K 640 -29.82 -63.87 45.73
CA SER K 640 -29.00 -63.41 44.60
C SER K 640 -29.84 -62.73 43.52
N HIS K 641 -30.61 -61.73 43.93
CA HIS K 641 -31.50 -61.03 43.02
C HIS K 641 -30.78 -59.90 42.28
N ASP K 642 -31.18 -59.68 41.02
CA ASP K 642 -30.61 -58.61 40.21
C ASP K 642 -30.95 -57.26 40.82
N TRP K 643 -29.92 -56.46 41.10
CA TRP K 643 -30.11 -55.14 41.69
C TRP K 643 -29.63 -54.02 40.77
N GLY K 644 -28.55 -54.27 40.03
CA GLY K 644 -28.02 -53.28 39.13
C GLY K 644 -26.70 -53.69 38.49
N ILE K 645 -25.82 -52.72 38.31
CA ILE K 645 -24.51 -52.97 37.70
C ILE K 645 -23.40 -52.16 38.37
N HIS K 646 -22.29 -52.82 38.70
CA HIS K 646 -21.14 -52.13 39.26
C HIS K 646 -20.24 -51.64 38.12
N VAL K 647 -20.23 -50.33 37.90
CA VAL K 647 -19.57 -49.79 36.71
C VAL K 647 -18.42 -48.85 37.04
N LYS K 648 -17.56 -48.63 36.04
CA LYS K 648 -16.44 -47.71 36.19
C LYS K 648 -16.78 -46.34 35.61
N TYR K 649 -17.10 -45.39 36.48
CA TYR K 649 -17.40 -44.03 36.07
C TYR K 649 -16.28 -43.06 36.45
N LYS K 650 -15.79 -42.34 35.45
CA LYS K 650 -14.75 -41.33 35.64
C LYS K 650 -13.51 -41.89 36.34
N THR K 651 -13.44 -41.71 37.65
CA THR K 651 -12.28 -42.11 38.42
C THR K 651 -12.59 -43.28 39.36
N PHE K 652 -13.86 -43.48 39.66
CA PHE K 652 -14.25 -44.49 40.64
C PHE K 652 -15.04 -45.63 40.03
N GLU K 653 -15.10 -46.75 40.75
CA GLU K 653 -15.98 -47.85 40.38
C GLU K 653 -17.13 -47.94 41.37
N ILE K 654 -18.31 -47.52 40.93
CA ILE K 654 -19.44 -47.38 41.82
C ILE K 654 -20.61 -48.28 41.42
N PRO K 655 -21.47 -48.63 42.39
CA PRO K 655 -22.70 -49.37 42.11
C PRO K 655 -23.78 -48.49 41.48
N VAL K 656 -24.49 -49.04 40.51
CA VAL K 656 -25.59 -48.34 39.86
C VAL K 656 -26.84 -49.21 39.90
N ILE K 657 -27.78 -48.86 40.76
CA ILE K 657 -28.97 -49.67 40.97
C ILE K 657 -30.17 -49.12 40.21
N LYS K 658 -31.17 -49.98 40.00
CA LYS K 658 -32.41 -49.57 39.37
C LYS K 658 -33.57 -49.76 40.35
N ILE K 659 -34.49 -48.81 40.36
CA ILE K 659 -35.65 -48.87 41.25
C ILE K 659 -36.59 -49.99 40.81
N GLU K 660 -36.34 -50.52 39.62
CA GLU K 660 -37.07 -51.69 39.12
C GLU K 660 -36.57 -52.97 39.77
N SER K 661 -35.75 -52.82 40.82
CA SER K 661 -35.22 -53.95 41.56
C SER K 661 -35.26 -53.68 43.06
N PHE K 662 -36.00 -52.64 43.46
CA PHE K 662 -36.13 -52.29 44.87
C PHE K 662 -37.54 -51.81 45.21
N VAL K 663 -38.03 -52.22 46.38
CA VAL K 663 -39.33 -51.78 46.87
C VAL K 663 -39.12 -50.68 47.93
N VAL K 664 -39.98 -49.67 47.90
CA VAL K 664 -39.82 -48.52 48.78
C VAL K 664 -40.85 -48.51 49.91
N GLU K 665 -40.36 -48.47 51.14
CA GLU K 665 -41.24 -48.43 52.31
C GLU K 665 -40.94 -47.23 53.19
N ASP K 666 -41.96 -46.42 53.46
CA ASP K 666 -41.77 -45.22 54.27
C ASP K 666 -41.46 -45.57 55.72
N ILE K 667 -40.73 -44.69 56.39
CA ILE K 667 -40.24 -44.96 57.74
C ILE K 667 -41.34 -45.13 58.78
N ALA K 668 -42.40 -44.34 58.66
CA ALA K 668 -43.48 -44.37 59.65
C ALA K 668 -44.83 -44.75 59.04
N THR K 669 -45.01 -44.43 57.76
CA THR K 669 -46.27 -44.71 57.09
C THR K 669 -46.53 -46.21 56.99
N GLY K 670 -45.50 -46.96 56.65
CA GLY K 670 -45.60 -48.41 56.57
C GLY K 670 -46.09 -48.92 55.23
N VAL K 671 -46.40 -48.00 54.32
CA VAL K 671 -46.89 -48.36 52.99
C VAL K 671 -45.73 -48.74 52.07
N GLN K 672 -45.73 -49.99 51.59
CA GLN K 672 -44.70 -50.46 50.68
C GLN K 672 -45.15 -50.36 49.24
N THR K 673 -44.59 -49.40 48.51
CA THR K 673 -44.97 -49.15 47.12
C THR K 673 -43.88 -49.58 46.15
N LEU K 674 -44.30 -49.90 44.94
CA LEU K 674 -43.44 -50.44 43.91
C LEU K 674 -43.29 -49.42 42.78
N TYR K 675 -42.13 -49.40 42.12
CA TYR K 675 -41.89 -48.44 41.03
C TYR K 675 -41.22 -49.10 39.83
N SER K 676 -41.54 -48.61 38.64
CA SER K 676 -40.95 -49.14 37.41
C SER K 676 -39.69 -48.36 37.03
N LYS K 677 -39.85 -47.07 36.78
CA LYS K 677 -38.74 -46.21 36.44
C LYS K 677 -38.42 -45.26 37.59
N TRP K 678 -37.21 -44.70 37.58
CA TRP K 678 -36.78 -43.77 38.62
C TRP K 678 -37.52 -42.45 38.54
N LYS K 679 -37.98 -42.09 37.35
CA LYS K 679 -38.69 -40.84 37.13
C LYS K 679 -40.03 -40.82 37.85
N ASP K 680 -40.63 -42.00 37.98
CA ASP K 680 -41.92 -42.13 38.67
C ASP K 680 -41.73 -42.00 40.18
N PHE K 681 -40.54 -42.39 40.65
CA PHE K 681 -40.24 -42.34 42.07
C PHE K 681 -39.77 -40.95 42.48
N HIS K 682 -40.58 -40.26 43.28
CA HIS K 682 -40.29 -38.89 43.69
C HIS K 682 -39.76 -38.81 45.12
N PHE K 683 -38.58 -38.23 45.27
CA PHE K 683 -37.98 -37.99 46.57
C PHE K 683 -36.95 -36.87 46.46
N GLU K 684 -36.27 -36.57 47.56
CA GLU K 684 -35.21 -35.58 47.54
C GLU K 684 -34.00 -36.09 46.79
N LYS K 685 -34.01 -35.93 45.47
CA LYS K 685 -32.92 -36.43 44.63
C LYS K 685 -31.62 -35.65 44.86
N ILE K 686 -30.79 -36.20 45.75
CA ILE K 686 -29.51 -35.61 46.06
C ILE K 686 -28.51 -35.85 44.94
N PRO K 687 -27.92 -34.77 44.39
CA PRO K 687 -26.89 -34.89 43.35
C PRO K 687 -25.68 -35.69 43.84
N PHE K 688 -24.91 -36.25 42.92
CA PHE K 688 -23.76 -37.07 43.28
C PHE K 688 -22.54 -36.21 43.62
N ASP K 689 -21.91 -36.54 44.75
CA ASP K 689 -20.73 -35.82 45.20
C ASP K 689 -19.45 -36.61 44.92
N PRO K 690 -18.45 -35.95 44.32
CA PRO K 690 -17.17 -36.57 43.97
C PRO K 690 -16.23 -36.75 45.15
N ALA K 691 -16.36 -35.89 46.16
CA ALA K 691 -15.47 -35.93 47.32
C ALA K 691 -15.68 -37.19 48.15
N GLU K 692 -16.95 -37.56 48.34
CA GLU K 692 -17.28 -38.76 49.12
C GLU K 692 -16.85 -40.02 48.41
#